data_6ZBY
#
_entry.id   6ZBY
#
_entity_poly.entity_id   1
_entity_poly.type   'polypeptide(L)'
_entity_poly.pdbx_seq_one_letter_code
;MTVHKKQYKVAAVQAAPAFLDLEAGVAKAIGLIAQAAAEGASLVAFPEAWLPGYPWWIWLDSPAGGMRFVQRNFDNALEV
GSEPFERLCRAAAQHKIYVVLGFTERSGGTLYLAQAIIDDCGRVVATRRKLKPTHVERSVYGEGDGSDLAVHDTTLGRLG
ALCCAEHIQPLSKYAMYAQHEQVHIAAWPSFSVYRGAAFQLSAQANNAASQVYALEGQCFVLAPCATVSKEMLDELIDSP
AKAELLLEGGGFAMIYGPDGAPLCTPLAETEEGILYADIDLGVIGVAKAAYDPVGHYSRPDVLRLLVNREPMTRVHYVQP
QSLPETSVLAFGAGADAIRSEENPEEQGDK
;
_entity_poly.pdbx_strand_id   A,B,C,D,E,F,G,H,I,J,K,L
#
# COMPACT_ATOMS: atom_id res chain seq x y z
N LYS A 5 30.77 19.46 -25.84
CA LYS A 5 31.64 19.03 -26.97
C LYS A 5 32.07 20.25 -27.79
N LYS A 6 33.37 20.53 -27.86
CA LYS A 6 33.88 21.84 -28.33
C LYS A 6 33.97 21.99 -29.86
N GLN A 7 34.15 20.89 -30.60
CA GLN A 7 34.20 20.87 -32.08
C GLN A 7 33.54 19.61 -32.67
N TYR A 8 32.92 19.70 -33.86
CA TYR A 8 32.27 18.56 -34.54
C TYR A 8 31.89 18.93 -36.00
N LYS A 9 31.58 17.94 -36.85
CA LYS A 9 30.95 18.17 -38.18
C LYS A 9 29.43 18.26 -38.04
N VAL A 10 28.77 18.99 -38.94
CA VAL A 10 27.29 19.11 -38.98
C VAL A 10 26.75 18.97 -40.40
N ALA A 11 25.47 18.63 -40.52
CA ALA A 11 24.78 18.29 -41.75
C ALA A 11 23.49 19.11 -41.91
N ALA A 12 23.36 19.89 -42.97
CA ALA A 12 22.06 20.41 -43.40
C ALA A 12 21.58 19.58 -44.60
N VAL A 13 20.40 18.98 -44.51
CA VAL A 13 19.79 18.23 -45.59
C VAL A 13 19.21 19.19 -46.65
N GLN A 14 19.62 19.05 -47.91
CA GLN A 14 18.85 19.52 -49.07
C GLN A 14 18.21 18.31 -49.76
N ALA A 15 16.88 18.13 -49.69
CA ALA A 15 16.28 16.90 -50.22
C ALA A 15 14.81 17.05 -50.63
N ALA A 16 14.37 16.23 -51.58
CA ALA A 16 12.98 16.07 -51.98
C ALA A 16 12.25 15.09 -51.03
N PRO A 17 11.23 15.53 -50.27
CA PRO A 17 10.44 14.67 -49.40
C PRO A 17 9.57 13.72 -50.23
N ALA A 18 9.25 12.55 -49.66
CA ALA A 18 8.18 11.71 -50.18
C ALA A 18 6.85 12.42 -49.88
N PHE A 19 6.28 13.08 -50.88
CA PHE A 19 5.23 14.08 -50.72
C PHE A 19 3.87 13.46 -50.37
N LEU A 20 3.33 13.82 -49.19
CA LEU A 20 2.04 13.34 -48.66
C LEU A 20 1.91 11.80 -48.63
N ASP A 21 2.91 11.16 -48.05
CA ASP A 21 2.93 9.77 -47.60
C ASP A 21 3.92 9.69 -46.42
N LEU A 22 3.44 9.69 -45.19
CA LEU A 22 4.29 9.87 -44.01
C LEU A 22 5.38 8.79 -43.90
N GLU A 23 5.04 7.55 -44.24
CA GLU A 23 5.93 6.38 -44.06
C GLU A 23 7.13 6.42 -45.00
N ALA A 24 6.97 6.90 -46.24
CA ALA A 24 8.09 7.05 -47.16
C ALA A 24 8.95 8.25 -46.82
N GLY A 25 8.37 9.29 -46.22
CA GLY A 25 9.11 10.40 -45.63
C GLY A 25 9.96 9.93 -44.45
N VAL A 26 9.36 9.16 -43.53
CA VAL A 26 10.09 8.62 -42.37
C VAL A 26 11.17 7.64 -42.82
N ALA A 27 10.89 6.79 -43.82
CA ALA A 27 11.88 5.88 -44.39
C ALA A 27 13.08 6.62 -44.98
N LYS A 28 12.85 7.71 -45.73
CA LYS A 28 13.94 8.52 -46.29
C LYS A 28 14.63 9.38 -45.22
N ALA A 29 13.91 9.81 -44.18
CA ALA A 29 14.53 10.54 -43.08
C ALA A 29 15.54 9.66 -42.34
N ILE A 30 15.19 8.40 -42.05
CA ILE A 30 16.10 7.42 -41.47
C ILE A 30 17.34 7.22 -42.37
N GLY A 31 17.16 7.23 -43.70
CA GLY A 31 18.23 7.16 -44.70
C GLY A 31 19.18 8.37 -44.72
N LEU A 32 18.68 9.58 -44.40
CA LEU A 32 19.48 10.81 -44.34
C LEU A 32 20.14 11.02 -42.98
N ILE A 33 19.47 10.65 -41.87
CA ILE A 33 20.09 10.49 -40.55
C ILE A 33 21.30 9.57 -40.66
N ALA A 34 21.14 8.44 -41.36
CA ALA A 34 22.20 7.49 -41.63
C ALA A 34 23.34 8.08 -42.47
N GLN A 35 23.05 8.77 -43.57
CA GLN A 35 24.07 9.42 -44.39
C GLN A 35 24.89 10.45 -43.59
N ALA A 36 24.25 11.24 -42.74
CA ALA A 36 24.94 12.24 -41.94
C ALA A 36 25.95 11.63 -40.95
N ALA A 37 25.56 10.58 -40.22
CA ALA A 37 26.46 9.87 -39.30
C ALA A 37 27.48 8.97 -40.02
N ALA A 38 27.16 8.42 -41.19
CA ALA A 38 28.13 7.77 -42.05
C ALA A 38 29.26 8.74 -42.48
N GLU A 39 28.93 9.97 -42.87
CA GLU A 39 29.91 11.04 -43.10
C GLU A 39 30.45 11.71 -41.82
N GLY A 40 30.03 11.28 -40.63
CA GLY A 40 30.57 11.70 -39.33
C GLY A 40 30.08 13.04 -38.77
N ALA A 41 29.01 13.62 -39.32
CA ALA A 41 28.32 14.75 -38.69
C ALA A 41 27.67 14.32 -37.36
N SER A 42 27.79 15.16 -36.34
CA SER A 42 27.17 14.99 -35.02
C SER A 42 25.77 15.60 -34.91
N LEU A 43 25.37 16.43 -35.89
CA LEU A 43 24.07 17.09 -35.98
C LEU A 43 23.58 16.98 -37.42
N VAL A 44 22.32 16.64 -37.60
CA VAL A 44 21.63 16.73 -38.88
C VAL A 44 20.40 17.63 -38.72
N ALA A 45 20.13 18.48 -39.72
CA ALA A 45 18.97 19.35 -39.74
C ALA A 45 18.15 19.12 -41.01
N PHE A 46 16.85 18.88 -40.84
CA PHE A 46 15.91 18.66 -41.94
C PHE A 46 15.19 19.95 -42.34
N PRO A 47 14.75 20.09 -43.61
CA PRO A 47 13.97 21.22 -44.10
C PRO A 47 12.63 21.40 -43.37
N GLU A 48 11.96 22.51 -43.59
CA GLU A 48 10.65 22.78 -43.00
C GLU A 48 9.55 21.83 -43.54
N ALA A 49 8.65 21.41 -42.65
CA ALA A 49 7.48 20.57 -42.95
C ALA A 49 7.79 19.23 -43.68
N TRP A 50 9.04 18.78 -43.70
CA TRP A 50 9.55 17.77 -44.63
C TRP A 50 8.97 16.37 -44.37
N LEU A 51 8.43 16.12 -43.18
CA LEU A 51 7.50 15.03 -42.91
C LEU A 51 6.08 15.61 -42.70
N PRO A 52 5.07 15.33 -43.57
CA PRO A 52 5.09 14.53 -44.80
C PRO A 52 5.45 15.34 -46.08
N GLY A 53 6.02 16.54 -45.94
CA GLY A 53 6.30 17.45 -47.04
C GLY A 53 5.47 18.72 -47.00
N TYR A 54 6.11 19.84 -47.39
CA TYR A 54 5.56 21.17 -47.27
C TYR A 54 4.29 21.37 -48.13
N PRO A 55 3.24 22.02 -47.61
CA PRO A 55 1.90 22.02 -48.20
C PRO A 55 1.73 22.95 -49.41
N TRP A 56 2.44 22.70 -50.50
CA TRP A 56 2.47 23.52 -51.72
C TRP A 56 1.14 23.90 -52.41
N TRP A 57 0.07 23.12 -52.29
CA TRP A 57 -1.21 23.44 -52.95
C TRP A 57 -1.77 24.81 -52.57
N ILE A 58 -1.48 25.28 -51.37
CA ILE A 58 -1.92 26.61 -50.89
C ILE A 58 -1.37 27.77 -51.72
N TRP A 59 -0.17 27.64 -52.29
CA TRP A 59 0.48 28.63 -53.14
C TRP A 59 0.01 28.55 -54.59
N LEU A 60 -0.72 27.49 -54.97
CA LEU A 60 -1.00 27.10 -56.34
C LEU A 60 -2.48 27.16 -56.75
N ASP A 61 -3.40 27.08 -55.78
CA ASP A 61 -4.83 26.91 -55.95
C ASP A 61 -5.61 27.69 -54.88
N SER A 62 -6.92 27.86 -55.10
CA SER A 62 -7.84 28.25 -54.04
C SER A 62 -7.98 27.15 -52.97
N PRO A 63 -8.60 27.43 -51.81
CA PRO A 63 -9.03 26.40 -50.87
C PRO A 63 -9.79 25.23 -51.51
N ALA A 64 -10.75 25.49 -52.42
CA ALA A 64 -11.46 24.42 -53.12
C ALA A 64 -10.51 23.55 -53.94
N GLY A 65 -9.58 24.15 -54.67
CA GLY A 65 -8.55 23.42 -55.42
C GLY A 65 -7.55 22.67 -54.54
N GLY A 66 -7.46 23.01 -53.25
CA GLY A 66 -6.62 22.32 -52.27
C GLY A 66 -7.29 21.14 -51.55
N MET A 67 -8.62 21.08 -51.45
CA MET A 67 -9.35 20.10 -50.60
C MET A 67 -8.92 18.64 -50.78
N ARG A 68 -8.52 18.24 -51.98
CA ARG A 68 -8.09 16.86 -52.26
C ARG A 68 -6.88 16.43 -51.46
N PHE A 69 -5.96 17.37 -51.19
CA PHE A 69 -4.76 17.18 -50.38
C PHE A 69 -5.00 17.33 -48.88
N VAL A 70 -6.02 18.08 -48.46
CA VAL A 70 -6.19 18.44 -47.04
C VAL A 70 -6.40 17.22 -46.15
N GLN A 71 -7.22 16.26 -46.57
CA GLN A 71 -7.36 15.00 -45.82
C GLN A 71 -6.06 14.20 -45.80
N ARG A 72 -5.34 14.10 -46.93
CA ARG A 72 -4.05 13.42 -47.02
C ARG A 72 -3.02 14.03 -46.08
N ASN A 73 -2.96 15.35 -46.02
CA ASN A 73 -2.04 16.10 -45.17
C ASN A 73 -2.35 15.92 -43.66
N PHE A 74 -3.62 15.85 -43.26
CA PHE A 74 -4.04 15.51 -41.90
C PHE A 74 -3.84 14.03 -41.53
N ASP A 75 -4.17 13.12 -42.43
CA ASP A 75 -3.96 11.68 -42.27
C ASP A 75 -2.49 11.26 -42.32
N ASN A 76 -1.61 12.13 -42.83
CA ASN A 76 -0.16 11.91 -42.94
C ASN A 76 0.63 12.90 -42.06
N ALA A 77 -0.01 13.59 -41.09
CA ALA A 77 0.66 14.42 -40.10
C ALA A 77 1.40 13.58 -39.04
N LEU A 78 2.60 13.99 -38.67
CA LEU A 78 3.47 13.28 -37.72
C LEU A 78 3.15 13.62 -36.25
N GLU A 79 2.38 12.79 -35.54
CA GLU A 79 2.12 12.92 -34.12
C GLU A 79 3.34 12.53 -33.29
N VAL A 80 3.76 13.36 -32.33
CA VAL A 80 4.91 13.11 -31.44
C VAL A 80 4.59 12.07 -30.38
N GLY A 81 5.46 11.08 -30.25
CA GLY A 81 5.21 9.88 -29.49
C GLY A 81 4.46 8.80 -30.27
N SER A 82 4.06 9.06 -31.52
CA SER A 82 3.55 8.03 -32.43
C SER A 82 4.67 7.15 -32.97
N GLU A 83 4.38 5.95 -33.43
CA GLU A 83 5.37 5.04 -34.00
C GLU A 83 6.19 5.63 -35.15
N PRO A 84 5.65 6.32 -36.17
CA PRO A 84 6.46 7.02 -37.18
C PRO A 84 7.32 8.17 -36.64
N PHE A 85 7.13 8.61 -35.39
CA PHE A 85 8.02 9.54 -34.70
C PHE A 85 9.09 8.81 -33.91
N GLU A 86 8.72 7.72 -33.22
CA GLU A 86 9.66 6.86 -32.50
C GLU A 86 10.65 6.18 -33.44
N ARG A 87 10.24 5.81 -34.66
CA ARG A 87 11.09 5.27 -35.72
C ARG A 87 12.23 6.23 -36.10
N LEU A 88 12.08 7.54 -35.85
CA LEU A 88 13.10 8.58 -36.01
C LEU A 88 13.93 8.76 -34.75
N CYS A 89 13.30 8.76 -33.57
CA CYS A 89 13.99 8.86 -32.29
C CYS A 89 14.99 7.71 -32.09
N ARG A 90 14.61 6.50 -32.50
CA ARG A 90 15.43 5.29 -32.48
C ARG A 90 16.48 5.31 -33.59
N ALA A 91 16.19 5.75 -34.80
CA ALA A 91 17.19 5.90 -35.85
C ALA A 91 18.27 6.96 -35.53
N ALA A 92 17.94 7.99 -34.73
CA ALA A 92 18.87 8.97 -34.20
C ALA A 92 19.82 8.39 -33.14
N ALA A 93 19.33 7.41 -32.35
CA ALA A 93 20.12 6.64 -31.39
C ALA A 93 21.02 5.63 -32.11
N GLN A 94 20.45 4.86 -33.05
CA GLN A 94 21.13 3.88 -33.89
C GLN A 94 22.29 4.49 -34.73
N HIS A 95 22.43 5.82 -34.73
CA HIS A 95 23.51 6.58 -35.36
C HIS A 95 24.27 7.57 -34.44
N LYS A 96 23.91 7.70 -33.16
CA LYS A 96 24.53 8.63 -32.18
C LYS A 96 24.70 10.05 -32.74
N ILE A 97 23.60 10.63 -33.22
CA ILE A 97 23.56 11.93 -33.92
C ILE A 97 22.39 12.76 -33.39
N TYR A 98 22.57 14.08 -33.26
CA TYR A 98 21.47 14.99 -32.99
C TYR A 98 20.63 15.18 -34.25
N VAL A 99 19.34 14.90 -34.17
CA VAL A 99 18.44 15.06 -35.32
C VAL A 99 17.50 16.22 -35.04
N VAL A 100 17.53 17.22 -35.91
CA VAL A 100 16.57 18.33 -35.88
C VAL A 100 15.58 18.13 -37.02
N LEU A 101 14.48 17.44 -36.73
CA LEU A 101 13.38 17.18 -37.66
C LEU A 101 12.63 18.48 -38.01
N GLY A 102 12.05 18.55 -39.21
CA GLY A 102 11.08 19.57 -39.58
C GLY A 102 9.85 18.88 -40.13
N PHE A 103 8.68 19.14 -39.54
CA PHE A 103 7.49 18.31 -39.76
C PHE A 103 6.15 19.04 -39.60
N THR A 104 5.07 18.44 -40.09
CA THR A 104 3.69 18.76 -39.72
C THR A 104 3.34 17.94 -38.50
N GLU A 105 3.22 18.56 -37.33
CA GLU A 105 2.57 17.92 -36.19
C GLU A 105 1.06 17.93 -36.40
N ARG A 106 0.32 16.96 -35.84
CA ARG A 106 -1.10 17.17 -35.49
C ARG A 106 -1.30 17.04 -33.98
N SER A 107 -2.20 17.82 -33.39
CA SER A 107 -2.68 17.67 -32.03
C SER A 107 -4.19 17.48 -32.05
N GLY A 108 -4.62 16.23 -32.17
CA GLY A 108 -6.00 15.75 -32.21
C GLY A 108 -6.79 16.12 -33.46
N GLY A 109 -6.66 17.36 -33.91
CA GLY A 109 -7.48 17.97 -34.92
C GLY A 109 -6.88 19.25 -35.54
N THR A 110 -5.89 19.87 -34.92
CA THR A 110 -5.14 21.02 -35.50
C THR A 110 -3.81 20.50 -36.05
N LEU A 111 -3.41 20.97 -37.23
CA LEU A 111 -2.03 20.89 -37.66
C LEU A 111 -1.20 22.01 -37.05
N TYR A 112 0.07 21.73 -36.78
CA TYR A 112 1.07 22.68 -36.38
C TYR A 112 2.35 22.48 -37.18
N LEU A 113 3.10 23.55 -37.34
CA LEU A 113 4.33 23.53 -38.14
C LEU A 113 5.53 23.40 -37.20
N ALA A 114 6.12 22.21 -37.16
CA ALA A 114 6.86 21.72 -36.01
C ALA A 114 8.31 21.38 -36.31
N GLN A 115 9.12 21.40 -35.26
CA GLN A 115 10.50 20.93 -35.25
C GLN A 115 10.80 20.19 -33.95
N ALA A 116 11.67 19.20 -33.96
CA ALA A 116 12.08 18.48 -32.76
C ALA A 116 13.57 18.20 -32.79
N ILE A 117 14.24 18.48 -31.67
CA ILE A 117 15.66 18.20 -31.47
C ILE A 117 15.79 16.90 -30.66
N ILE A 118 16.37 15.86 -31.26
CA ILE A 118 16.56 14.55 -30.63
C ILE A 118 18.02 14.38 -30.22
N ASP A 119 18.24 13.95 -28.98
CA ASP A 119 19.55 13.69 -28.38
C ASP A 119 20.23 12.42 -28.92
N ASP A 120 21.55 12.31 -28.73
CA ASP A 120 22.34 11.09 -29.00
C ASP A 120 21.80 9.82 -28.34
N CYS A 121 21.42 9.89 -27.07
CA CYS A 121 20.84 8.75 -26.35
C CYS A 121 19.39 8.38 -26.77
N GLY A 122 18.82 9.02 -27.79
CA GLY A 122 17.52 8.67 -28.35
C GLY A 122 16.35 9.12 -27.48
N ARG A 123 16.26 10.43 -27.26
CA ARG A 123 15.21 11.11 -26.46
C ARG A 123 15.01 12.53 -26.98
N VAL A 124 13.83 13.10 -26.80
CA VAL A 124 13.49 14.43 -27.26
C VAL A 124 14.08 15.46 -26.30
N VAL A 125 14.99 16.32 -26.77
CA VAL A 125 15.47 17.49 -26.01
C VAL A 125 14.30 18.46 -25.89
N ALA A 126 13.68 18.79 -27.02
CA ALA A 126 12.38 19.46 -27.09
C ALA A 126 11.79 19.40 -28.49
N THR A 127 10.50 19.12 -28.57
CA THR A 127 9.67 19.54 -29.70
C THR A 127 9.42 21.04 -29.60
N ARG A 128 9.04 21.62 -30.73
CA ARG A 128 8.75 23.01 -31.00
C ARG A 128 7.60 23.09 -32.01
N ARG A 129 6.85 24.20 -31.98
CA ARG A 129 5.88 24.63 -33.00
C ARG A 129 6.20 26.06 -33.44
N LYS A 130 5.82 26.43 -34.63
CA LYS A 130 5.98 27.76 -35.21
C LYS A 130 5.05 28.77 -34.53
N LEU A 131 5.53 29.94 -34.11
CA LEU A 131 4.68 30.92 -33.44
C LEU A 131 3.58 31.43 -34.37
N LYS A 132 3.94 32.10 -35.47
CA LYS A 132 3.01 32.52 -36.53
C LYS A 132 3.36 31.82 -37.84
N PRO A 133 2.42 31.13 -38.49
CA PRO A 133 2.57 30.75 -39.89
C PRO A 133 2.61 31.98 -40.79
N THR A 134 3.35 31.91 -41.91
CA THR A 134 3.32 32.92 -42.99
C THR A 134 1.91 32.95 -43.61
N HIS A 135 1.56 34.01 -44.31
CA HIS A 135 0.16 34.42 -44.52
C HIS A 135 -0.81 33.34 -45.02
N VAL A 136 -0.52 32.69 -46.13
CA VAL A 136 -1.35 31.58 -46.62
C VAL A 136 -1.21 30.28 -45.81
N GLU A 137 -0.10 30.08 -45.13
CA GLU A 137 0.14 28.92 -44.26
C GLU A 137 -0.78 28.84 -43.05
N ARG A 138 -1.33 29.98 -42.63
CA ARG A 138 -2.26 30.08 -41.50
C ARG A 138 -3.59 29.34 -41.77
N SER A 139 -3.83 28.98 -43.02
CA SER A 139 -4.96 28.15 -43.47
C SER A 139 -4.69 26.65 -43.27
N VAL A 140 -3.42 26.25 -43.14
CA VAL A 140 -2.98 24.87 -42.87
C VAL A 140 -2.77 24.66 -41.37
N TYR A 141 -2.14 25.62 -40.68
CA TYR A 141 -1.57 25.44 -39.35
C TYR A 141 -2.15 26.36 -38.27
N GLY A 142 -2.05 25.91 -37.01
CA GLY A 142 -2.23 26.72 -35.82
C GLY A 142 -0.96 27.44 -35.34
N GLU A 143 -1.04 28.06 -34.19
CA GLU A 143 -0.02 28.93 -33.61
C GLU A 143 0.70 28.32 -32.41
N GLY A 144 1.99 28.59 -32.32
CA GLY A 144 2.84 28.21 -31.21
C GLY A 144 2.62 29.04 -29.96
N ASP A 145 3.58 28.96 -29.04
CA ASP A 145 3.61 29.57 -27.71
C ASP A 145 4.91 30.35 -27.50
N GLY A 146 4.96 31.23 -26.50
CA GLY A 146 6.23 31.77 -26.02
C GLY A 146 7.27 30.71 -25.62
N SER A 147 6.84 29.51 -25.22
CA SER A 147 7.71 28.38 -24.90
C SER A 147 8.35 27.71 -26.12
N ASP A 148 7.98 28.06 -27.35
CA ASP A 148 8.70 27.69 -28.58
C ASP A 148 9.92 28.57 -28.88
N LEU A 149 10.03 29.74 -28.27
CA LEU A 149 11.23 30.56 -28.33
C LEU A 149 12.24 29.96 -27.34
N ALA A 150 12.88 28.85 -27.72
CA ALA A 150 13.78 28.12 -26.84
C ALA A 150 15.10 27.74 -27.52
N VAL A 151 16.17 27.96 -26.79
CA VAL A 151 17.51 27.41 -26.99
C VAL A 151 17.82 26.51 -25.81
N HIS A 152 18.52 25.40 -26.03
CA HIS A 152 18.74 24.34 -25.06
C HIS A 152 20.22 24.09 -24.84
N ASP A 153 20.61 23.87 -23.58
CA ASP A 153 21.88 23.19 -23.26
C ASP A 153 21.88 21.76 -23.82
N THR A 154 22.84 21.45 -24.68
CA THR A 154 23.05 20.11 -25.25
C THR A 154 24.53 19.83 -25.38
N THR A 155 24.93 18.60 -25.67
CA THR A 155 26.32 18.21 -25.91
C THR A 155 26.99 19.01 -27.05
N LEU A 156 26.20 19.53 -27.98
CA LEU A 156 26.66 20.46 -29.04
C LEU A 156 26.74 21.94 -28.64
N GLY A 157 26.58 22.26 -27.36
CA GLY A 157 26.41 23.62 -26.85
C GLY A 157 24.96 24.11 -26.85
N ARG A 158 24.75 25.43 -26.83
CA ARG A 158 23.43 26.08 -26.87
C ARG A 158 22.79 25.94 -28.26
N LEU A 159 21.84 25.01 -28.37
CA LEU A 159 21.20 24.54 -29.61
C LEU A 159 19.72 24.98 -29.71
N GLY A 160 19.31 25.56 -30.83
CA GLY A 160 17.94 26.05 -31.05
C GLY A 160 17.50 25.93 -32.50
N ALA A 161 16.23 26.22 -32.78
CA ALA A 161 15.69 26.19 -34.14
C ALA A 161 14.51 27.16 -34.32
N LEU A 162 14.26 27.61 -35.55
CA LEU A 162 13.16 28.45 -35.99
C LEU A 162 12.75 28.06 -37.43
N CYS A 163 11.54 28.40 -37.86
CA CYS A 163 11.03 28.01 -39.18
C CYS A 163 10.76 29.22 -40.10
N CYS A 164 11.41 29.26 -41.26
CA CYS A 164 11.36 30.27 -42.31
C CYS A 164 11.08 31.73 -41.88
N ALA A 165 9.82 32.18 -41.86
CA ALA A 165 9.44 33.53 -41.49
C ALA A 165 9.86 33.94 -40.06
N GLU A 166 10.11 32.99 -39.17
CA GLU A 166 10.53 33.28 -37.80
C GLU A 166 11.94 33.90 -37.69
N HIS A 167 12.73 33.92 -38.78
CA HIS A 167 13.99 34.70 -38.89
C HIS A 167 13.75 36.15 -39.23
N ILE A 168 12.62 36.46 -39.87
CA ILE A 168 12.20 37.78 -40.32
C ILE A 168 11.66 38.62 -39.15
N GLN A 169 11.02 37.99 -38.18
CA GLN A 169 10.42 38.63 -37.01
C GLN A 169 11.49 39.17 -36.04
N PRO A 170 11.66 40.51 -35.89
CA PRO A 170 12.75 41.09 -35.12
C PRO A 170 12.81 40.65 -33.68
N LEU A 171 11.68 40.67 -32.97
CA LEU A 171 11.63 40.31 -31.56
C LEU A 171 11.78 38.81 -31.32
N SER A 172 11.33 37.98 -32.26
CA SER A 172 11.42 36.52 -32.17
C SER A 172 12.85 36.02 -32.36
N LYS A 173 13.64 36.59 -33.31
CA LYS A 173 15.07 36.35 -33.33
C LYS A 173 15.73 36.90 -32.06
N TYR A 174 15.36 38.09 -31.58
CA TYR A 174 15.97 38.62 -30.34
C TYR A 174 15.72 37.74 -29.12
N ALA A 175 14.51 37.23 -28.92
CA ALA A 175 14.14 36.33 -27.83
C ALA A 175 14.96 35.04 -27.79
N MET A 176 15.44 34.59 -28.94
CA MET A 176 16.33 33.44 -29.09
C MET A 176 17.78 33.85 -28.77
N TYR A 177 18.25 34.99 -29.28
CA TYR A 177 19.57 35.52 -28.92
C TYR A 177 19.71 35.77 -27.41
N ALA A 178 18.64 36.18 -26.74
CA ALA A 178 18.57 36.41 -25.29
C ALA A 178 18.91 35.19 -24.44
N GLN A 179 18.91 34.00 -25.05
CA GLN A 179 19.23 32.73 -24.43
C GLN A 179 20.66 32.27 -24.74
N HIS A 180 21.53 33.19 -25.15
CA HIS A 180 22.97 33.00 -25.33
C HIS A 180 23.29 31.89 -26.34
N GLU A 181 22.56 31.86 -27.44
CA GLU A 181 22.63 30.84 -28.49
C GLU A 181 24.04 30.63 -29.11
N GLN A 182 24.32 29.38 -29.51
CA GLN A 182 25.59 28.97 -30.14
C GLN A 182 25.39 28.26 -31.48
N VAL A 183 24.39 27.39 -31.62
CA VAL A 183 24.12 26.66 -32.86
C VAL A 183 22.62 26.64 -33.17
N HIS A 184 22.27 26.91 -34.42
CA HIS A 184 20.91 27.27 -34.80
C HIS A 184 20.47 26.54 -36.07
N ILE A 185 19.21 26.12 -36.13
CA ILE A 185 18.61 25.48 -37.32
C ILE A 185 17.51 26.37 -37.87
N ALA A 186 17.74 26.88 -39.08
CA ALA A 186 16.80 27.63 -39.89
C ALA A 186 16.10 26.69 -40.88
N ALA A 187 15.02 26.05 -40.47
CA ALA A 187 14.29 25.19 -41.39
C ALA A 187 13.57 26.02 -42.48
N TRP A 188 13.81 25.71 -43.75
CA TRP A 188 13.19 26.37 -44.90
C TRP A 188 12.45 25.40 -45.82
N PRO A 189 11.41 25.85 -46.55
CA PRO A 189 10.86 25.16 -47.70
C PRO A 189 11.78 25.32 -48.90
N SER A 190 11.39 24.74 -50.03
CA SER A 190 12.02 25.00 -51.33
C SER A 190 11.76 26.43 -51.83
N PHE A 191 12.63 26.98 -52.66
CA PHE A 191 12.51 28.34 -53.18
C PHE A 191 12.30 28.44 -54.70
N SER A 192 11.37 27.63 -55.22
CA SER A 192 10.91 27.62 -56.61
C SER A 192 9.45 28.05 -56.76
N VAL A 193 8.79 28.39 -55.64
CA VAL A 193 7.51 29.07 -55.66
C VAL A 193 7.72 30.51 -56.13
N TYR A 194 6.87 30.96 -57.04
CA TYR A 194 6.80 32.35 -57.50
C TYR A 194 8.13 32.90 -58.02
N ARG A 195 8.88 32.10 -58.76
CA ARG A 195 10.21 32.45 -59.32
C ARG A 195 10.16 33.73 -60.16
N GLY A 196 10.87 34.76 -59.72
CA GLY A 196 10.90 36.08 -60.37
C GLY A 196 9.62 36.91 -60.25
N ALA A 197 8.61 36.44 -59.52
CA ALA A 197 7.29 37.09 -59.38
C ALA A 197 7.06 37.72 -57.99
N ALA A 198 7.61 37.14 -56.94
CA ALA A 198 7.52 37.65 -55.58
C ALA A 198 8.87 37.47 -54.87
N PHE A 199 9.57 38.57 -54.59
CA PHE A 199 10.90 38.54 -53.98
C PHE A 199 10.92 37.91 -52.59
N GLN A 200 9.88 38.10 -51.77
CA GLN A 200 9.90 37.70 -50.34
C GLN A 200 9.98 36.17 -50.11
N LEU A 201 9.65 35.38 -51.11
CA LEU A 201 9.78 33.91 -51.10
C LEU A 201 11.02 33.40 -51.88
N SER A 202 11.80 34.30 -52.48
CA SER A 202 13.00 33.96 -53.24
C SER A 202 14.14 33.42 -52.35
N ALA A 203 15.07 32.67 -52.93
CA ALA A 203 16.28 32.24 -52.20
C ALA A 203 17.23 33.42 -51.91
N GLN A 204 17.20 34.45 -52.75
CA GLN A 204 17.91 35.71 -52.55
C GLN A 204 17.46 36.39 -51.24
N ALA A 205 16.15 36.41 -50.94
CA ALA A 205 15.63 36.93 -49.69
C ALA A 205 15.92 36.01 -48.51
N ASN A 206 15.59 34.73 -48.60
CA ASN A 206 15.57 33.83 -47.45
C ASN A 206 16.96 33.31 -47.03
N ASN A 207 17.91 33.22 -47.97
CA ASN A 207 19.31 33.04 -47.61
C ASN A 207 19.99 34.33 -47.12
N ALA A 208 19.49 35.52 -47.45
CA ALA A 208 19.93 36.74 -46.79
C ALA A 208 19.43 36.79 -45.34
N ALA A 209 18.16 36.43 -45.09
CA ALA A 209 17.65 36.31 -43.72
C ALA A 209 18.38 35.25 -42.88
N SER A 210 18.77 34.13 -43.48
CA SER A 210 19.59 33.11 -42.81
C SER A 210 20.97 33.65 -42.47
N GLN A 211 21.63 34.28 -43.45
CA GLN A 211 22.95 34.88 -43.29
C GLN A 211 22.94 35.95 -42.20
N VAL A 212 21.97 36.86 -42.23
CA VAL A 212 21.83 37.92 -41.23
C VAL A 212 21.42 37.40 -39.85
N TYR A 213 20.73 36.25 -39.72
CA TYR A 213 20.54 35.63 -38.41
C TYR A 213 21.86 35.13 -37.83
N ALA A 214 22.73 34.56 -38.65
CA ALA A 214 24.04 34.11 -38.23
C ALA A 214 24.93 35.28 -37.78
N LEU A 215 24.94 36.37 -38.56
CA LEU A 215 25.69 37.59 -38.30
C LEU A 215 25.19 38.38 -37.08
N GLU A 216 23.89 38.68 -37.00
CA GLU A 216 23.29 39.40 -35.89
C GLU A 216 23.23 38.56 -34.60
N GLY A 217 23.11 37.23 -34.69
CA GLY A 217 23.02 36.32 -33.56
C GLY A 217 24.36 35.77 -33.04
N GLN A 218 25.40 35.76 -33.87
CA GLN A 218 26.71 35.13 -33.66
C GLN A 218 26.58 33.68 -33.16
N CYS A 219 25.92 32.87 -33.98
CA CYS A 219 25.71 31.46 -33.83
C CYS A 219 25.80 30.76 -35.20
N PHE A 220 26.25 29.51 -35.22
CA PHE A 220 26.37 28.75 -36.46
C PHE A 220 24.99 28.37 -36.98
N VAL A 221 24.60 28.91 -38.15
CA VAL A 221 23.28 28.64 -38.73
C VAL A 221 23.37 27.50 -39.75
N LEU A 222 22.80 26.35 -39.43
CA LEU A 222 22.37 25.38 -40.42
C LEU A 222 21.08 25.88 -41.09
N ALA A 223 21.03 25.89 -42.42
CA ALA A 223 19.85 26.31 -43.18
C ALA A 223 19.45 25.25 -44.22
N PRO A 224 18.82 24.13 -43.79
CA PRO A 224 18.28 23.13 -44.70
C PRO A 224 17.05 23.63 -45.47
N CYS A 225 16.97 23.25 -46.74
CA CYS A 225 15.97 23.70 -47.71
C CYS A 225 15.53 22.49 -48.54
N ALA A 226 14.24 22.28 -48.76
CA ALA A 226 13.72 21.16 -49.54
C ALA A 226 14.00 21.35 -51.05
N THR A 227 13.64 20.40 -51.91
CA THR A 227 13.51 20.65 -53.34
C THR A 227 12.22 20.05 -53.90
N VAL A 228 11.52 20.82 -54.73
CA VAL A 228 10.28 20.42 -55.39
C VAL A 228 10.64 19.60 -56.63
N SER A 229 10.82 18.30 -56.44
CA SER A 229 11.31 17.37 -57.45
C SER A 229 10.31 17.07 -58.58
N LYS A 230 10.83 16.53 -59.70
CA LYS A 230 10.05 16.06 -60.85
C LYS A 230 8.85 15.22 -60.42
N GLU A 231 9.10 14.13 -59.69
CA GLU A 231 8.06 13.18 -59.24
C GLU A 231 7.18 13.70 -58.10
N MET A 232 7.50 14.87 -57.52
CA MET A 232 6.56 15.58 -56.65
C MET A 232 5.57 16.41 -57.48
N LEU A 233 6.07 17.16 -58.47
CA LEU A 233 5.23 17.98 -59.35
C LEU A 233 4.22 17.16 -60.16
N ASP A 234 4.57 15.94 -60.58
CA ASP A 234 3.65 15.04 -61.29
C ASP A 234 2.31 14.79 -60.56
N GLU A 235 2.25 14.99 -59.25
CA GLU A 235 1.11 14.80 -58.36
C GLU A 235 0.40 16.13 -57.99
N LEU A 236 1.02 17.27 -58.32
CA LEU A 236 0.79 18.58 -57.70
C LEU A 236 0.61 19.72 -58.73
N ILE A 237 1.09 19.52 -59.97
CA ILE A 237 0.83 20.32 -61.16
C ILE A 237 -0.16 19.58 -62.07
N ASP A 238 -1.21 20.28 -62.50
CA ASP A 238 -2.32 19.77 -63.32
C ASP A 238 -2.93 20.85 -64.23
N SER A 239 -2.21 21.96 -64.47
CA SER A 239 -2.55 23.04 -65.39
C SER A 239 -1.26 23.71 -65.88
N PRO A 240 -1.17 24.17 -67.14
CA PRO A 240 0.05 24.77 -67.65
C PRO A 240 0.41 26.08 -66.92
N ALA A 241 -0.57 26.91 -66.57
CA ALA A 241 -0.36 28.22 -65.94
C ALA A 241 0.20 28.14 -64.51
N LYS A 242 0.17 26.95 -63.88
CA LYS A 242 0.85 26.70 -62.60
C LYS A 242 2.35 26.42 -62.74
N ALA A 243 2.88 26.19 -63.94
CA ALA A 243 4.32 25.99 -64.10
C ALA A 243 5.13 27.21 -63.64
N GLU A 244 4.69 28.42 -64.01
CA GLU A 244 5.31 29.66 -63.50
C GLU A 244 5.07 29.88 -62.00
N LEU A 245 4.03 29.31 -61.39
CA LEU A 245 3.76 29.43 -59.95
C LEU A 245 4.68 28.53 -59.10
N LEU A 246 5.01 27.30 -59.52
CA LEU A 246 5.92 26.42 -58.76
C LEU A 246 6.84 25.59 -59.67
N LEU A 247 8.08 26.05 -59.81
CA LEU A 247 9.09 25.41 -60.66
C LEU A 247 9.70 24.15 -60.05
N GLU A 248 10.24 23.27 -60.89
CA GLU A 248 11.07 22.14 -60.47
C GLU A 248 12.42 22.62 -59.92
N GLY A 249 12.88 22.00 -58.85
CA GLY A 249 14.13 22.40 -58.18
C GLY A 249 13.85 23.22 -56.94
N GLY A 250 14.38 24.44 -56.86
CA GLY A 250 14.25 25.30 -55.70
C GLY A 250 15.13 24.97 -54.50
N GLY A 251 16.07 24.03 -54.60
CA GLY A 251 16.96 23.66 -53.50
C GLY A 251 18.11 24.64 -53.32
N PHE A 252 17.93 25.63 -52.43
CA PHE A 252 19.00 26.55 -52.01
C PHE A 252 19.28 26.46 -50.50
N ALA A 253 19.73 25.31 -50.00
CA ALA A 253 20.25 25.18 -48.64
C ALA A 253 21.59 25.90 -48.43
N MET A 254 21.94 26.23 -47.18
CA MET A 254 23.23 26.83 -46.79
C MET A 254 23.67 26.36 -45.40
N ILE A 255 24.93 26.60 -45.03
CA ILE A 255 25.37 26.63 -43.61
C ILE A 255 26.25 27.87 -43.43
N TYR A 256 26.02 28.68 -42.40
CA TYR A 256 26.74 29.92 -42.09
C TYR A 256 27.51 29.84 -40.79
N GLY A 257 28.71 30.42 -40.78
CA GLY A 257 29.46 30.67 -39.55
C GLY A 257 28.95 31.91 -38.80
N PRO A 258 29.37 32.08 -37.53
CA PRO A 258 28.85 33.12 -36.63
C PRO A 258 29.20 34.56 -37.04
N ASP A 259 29.93 34.76 -38.14
CA ASP A 259 30.24 36.06 -38.76
C ASP A 259 29.56 36.25 -40.14
N GLY A 260 28.58 35.42 -40.48
CA GLY A 260 27.79 35.55 -41.71
C GLY A 260 28.47 35.06 -42.98
N ALA A 261 29.60 34.35 -42.89
CA ALA A 261 30.25 33.71 -44.04
C ALA A 261 29.75 32.27 -44.20
N PRO A 262 29.31 31.82 -45.39
CA PRO A 262 28.93 30.44 -45.59
C PRO A 262 30.13 29.49 -45.50
N LEU A 263 29.96 28.42 -44.74
CA LEU A 263 30.93 27.34 -44.52
C LEU A 263 30.67 26.13 -45.40
N CYS A 264 29.47 26.03 -45.99
CA CYS A 264 29.02 24.86 -46.71
C CYS A 264 29.77 24.70 -48.07
N THR A 265 30.31 23.51 -48.33
CA THR A 265 30.54 23.08 -49.71
C THR A 265 29.33 23.05 -50.68
N PRO A 266 29.41 23.83 -51.78
CA PRO A 266 28.24 24.19 -52.59
C PRO A 266 27.42 23.03 -53.19
N LEU A 267 26.16 23.30 -53.54
CA LEU A 267 25.26 22.42 -54.34
C LEU A 267 24.49 23.24 -55.36
N ALA A 268 24.01 22.57 -56.41
CA ALA A 268 23.12 23.16 -57.43
C ALA A 268 21.66 23.28 -56.93
N GLU A 269 20.82 24.05 -57.61
CA GLU A 269 19.42 24.25 -57.25
C GLU A 269 18.57 22.96 -57.33
N THR A 270 18.79 22.12 -58.35
CA THR A 270 17.99 20.90 -58.57
C THR A 270 18.57 19.68 -57.86
N GLU A 271 19.74 19.81 -57.25
CA GLU A 271 20.47 18.72 -56.58
C GLU A 271 19.82 18.29 -55.26
N GLU A 272 20.04 17.04 -54.87
CA GLU A 272 19.80 16.53 -53.53
C GLU A 272 21.11 16.13 -52.88
N GLY A 273 21.24 16.37 -51.59
CA GLY A 273 22.42 16.00 -50.83
C GLY A 273 22.46 16.62 -49.45
N ILE A 274 23.52 16.33 -48.72
CA ILE A 274 23.77 16.93 -47.40
C ILE A 274 24.93 17.92 -47.52
N LEU A 275 24.71 19.18 -47.12
CA LEU A 275 25.78 20.14 -46.93
C LEU A 275 26.50 19.83 -45.63
N TYR A 276 27.83 19.82 -45.64
CA TYR A 276 28.64 19.56 -44.45
C TYR A 276 29.53 20.76 -44.10
N ALA A 277 29.70 21.04 -42.81
CA ALA A 277 30.63 22.05 -42.30
C ALA A 277 31.28 21.55 -41.01
N ASP A 278 32.51 21.99 -40.74
CA ASP A 278 33.23 21.78 -39.48
C ASP A 278 32.93 22.95 -38.53
N ILE A 279 32.49 22.67 -37.30
CA ILE A 279 32.01 23.64 -36.31
C ILE A 279 32.92 23.66 -35.08
N ASP A 280 33.10 24.84 -34.50
CA ASP A 280 34.07 25.17 -33.47
C ASP A 280 33.49 26.32 -32.62
N LEU A 281 33.01 25.99 -31.41
CA LEU A 281 32.37 26.97 -30.53
C LEU A 281 33.37 27.99 -29.94
N GLY A 282 34.68 27.80 -30.12
CA GLY A 282 35.67 28.82 -29.76
C GLY A 282 35.63 30.07 -30.62
N VAL A 283 35.22 29.96 -31.88
CA VAL A 283 35.14 31.08 -32.84
C VAL A 283 33.95 32.00 -32.55
N ILE A 284 32.93 31.58 -31.80
CA ILE A 284 31.86 32.49 -31.34
C ILE A 284 32.44 33.64 -30.52
N GLY A 285 33.48 33.42 -29.72
CA GLY A 285 34.24 34.48 -29.05
C GLY A 285 34.88 35.51 -30.01
N VAL A 286 35.34 35.06 -31.18
CA VAL A 286 35.95 35.92 -32.20
C VAL A 286 34.88 36.70 -32.94
N ALA A 287 33.78 36.05 -33.33
CA ALA A 287 32.64 36.70 -33.96
C ALA A 287 31.96 37.73 -33.02
N LYS A 288 31.78 37.41 -31.74
CA LYS A 288 31.18 38.28 -30.69
C LYS A 288 32.05 39.46 -30.21
N ALA A 289 33.23 39.66 -30.78
CA ALA A 289 33.95 40.93 -30.61
C ALA A 289 33.29 42.07 -31.41
N ALA A 290 32.80 41.79 -32.61
CA ALA A 290 32.23 42.81 -33.51
C ALA A 290 30.81 43.26 -33.12
N TYR A 291 29.97 42.32 -32.67
CA TYR A 291 28.59 42.57 -32.24
C TYR A 291 28.20 41.60 -31.12
N ASP A 292 27.31 42.00 -30.21
CA ASP A 292 26.74 41.10 -29.19
C ASP A 292 25.41 41.65 -28.63
N PRO A 293 24.26 41.39 -29.27
CA PRO A 293 23.03 42.18 -29.10
C PRO A 293 22.35 42.03 -27.74
N VAL A 294 22.78 41.10 -26.90
CA VAL A 294 22.24 40.84 -25.55
C VAL A 294 23.28 41.09 -24.45
N GLY A 295 24.46 41.55 -24.87
CA GLY A 295 25.60 41.90 -24.03
C GLY A 295 26.09 43.31 -24.36
N HIS A 296 27.37 43.44 -24.68
CA HIS A 296 28.04 44.74 -24.75
C HIS A 296 27.47 45.72 -25.79
N TYR A 297 26.85 45.25 -26.88
CA TYR A 297 26.30 46.12 -27.92
C TYR A 297 24.98 46.77 -27.50
N SER A 298 24.24 46.14 -26.59
CA SER A 298 22.92 46.58 -26.14
C SER A 298 22.94 47.87 -25.31
N ARG A 299 21.81 48.59 -25.31
CA ARG A 299 21.48 49.66 -24.34
C ARG A 299 20.12 49.34 -23.70
N PRO A 300 20.05 48.54 -22.63
CA PRO A 300 18.79 48.26 -21.94
C PRO A 300 18.18 49.48 -21.24
N ASP A 301 18.90 50.60 -21.14
CA ASP A 301 18.33 51.94 -20.88
C ASP A 301 17.20 52.33 -21.86
N VAL A 302 17.18 51.73 -23.05
CA VAL A 302 16.25 52.00 -24.16
C VAL A 302 15.61 50.73 -24.73
N LEU A 303 16.34 49.62 -24.79
CA LEU A 303 15.97 48.43 -25.58
C LEU A 303 15.88 47.18 -24.69
N ARG A 304 14.66 46.90 -24.25
CA ARG A 304 14.25 45.73 -23.45
C ARG A 304 13.17 44.94 -24.17
N LEU A 305 13.12 43.64 -23.94
CA LEU A 305 12.07 42.75 -24.46
C LEU A 305 11.19 42.25 -23.32
N LEU A 306 9.88 42.45 -23.43
CA LEU A 306 8.89 41.86 -22.54
C LEU A 306 8.39 40.56 -23.19
N VAL A 307 8.60 39.42 -22.54
CA VAL A 307 8.34 38.10 -23.12
C VAL A 307 7.70 37.16 -22.11
N ASN A 308 6.51 36.69 -22.44
CA ASN A 308 5.88 35.54 -21.81
C ASN A 308 6.56 34.25 -22.31
N ARG A 309 7.07 33.43 -21.40
CA ARG A 309 7.82 32.19 -21.67
C ARG A 309 7.01 30.90 -21.52
N GLU A 310 5.79 30.97 -21.00
CA GLU A 310 4.92 29.83 -20.70
C GLU A 310 4.19 29.25 -21.93
N PRO A 311 3.79 27.97 -21.88
CA PRO A 311 2.89 27.37 -22.85
C PRO A 311 1.44 27.79 -22.60
N MET A 312 0.66 28.13 -23.63
CA MET A 312 -0.75 28.43 -23.51
C MET A 312 -1.63 27.16 -23.56
N THR A 313 -2.73 27.15 -22.84
CA THR A 313 -3.68 26.03 -22.76
C THR A 313 -5.11 26.54 -22.87
N ARG A 314 -5.98 25.84 -23.58
CA ARG A 314 -7.37 26.28 -23.80
C ARG A 314 -8.28 26.00 -22.61
N VAL A 315 -7.95 24.97 -21.82
CA VAL A 315 -8.67 24.62 -20.60
C VAL A 315 -7.68 24.40 -19.45
N HIS A 316 -8.00 25.01 -18.32
CA HIS A 316 -7.40 24.74 -17.03
C HIS A 316 -8.38 23.90 -16.19
N TYR A 317 -7.84 22.93 -15.49
CA TYR A 317 -8.60 21.96 -14.73
C TYR A 317 -8.41 22.14 -13.22
N VAL A 318 -9.51 22.31 -12.50
CA VAL A 318 -9.56 22.49 -11.06
C VAL A 318 -9.25 21.16 -10.37
N GLN A 319 -8.07 21.03 -9.76
CA GLN A 319 -7.57 19.80 -9.13
C GLN A 319 -7.93 19.69 -7.62
N PRO A 320 -8.22 18.48 -7.09
CA PRO A 320 -8.79 18.32 -5.75
C PRO A 320 -7.77 18.65 -4.66
N LYS B 5 -34.72 53.35 -24.78
CA LYS B 5 -35.84 53.00 -25.71
C LYS B 5 -35.96 51.48 -25.86
N LYS B 6 -37.08 50.88 -25.43
CA LYS B 6 -37.26 49.42 -25.41
C LYS B 6 -37.84 48.82 -26.71
N GLN B 7 -38.62 49.57 -27.48
CA GLN B 7 -39.28 49.05 -28.71
C GLN B 7 -38.95 49.92 -29.93
N TYR B 8 -38.53 49.30 -31.03
CA TYR B 8 -38.04 50.01 -32.23
C TYR B 8 -37.83 49.10 -33.45
N LYS B 9 -37.97 49.65 -34.66
CA LYS B 9 -37.68 48.96 -35.93
C LYS B 9 -36.17 48.87 -36.12
N VAL B 10 -35.64 47.75 -36.62
CA VAL B 10 -34.19 47.59 -36.94
C VAL B 10 -33.98 47.02 -38.33
N ALA B 11 -32.84 47.34 -38.95
CA ALA B 11 -32.52 47.02 -40.33
C ALA B 11 -31.28 46.13 -40.48
N ALA B 12 -31.39 45.00 -41.19
CA ALA B 12 -30.25 44.26 -41.71
C ALA B 12 -30.10 44.53 -43.21
N VAL B 13 -28.95 45.06 -43.64
CA VAL B 13 -28.63 45.28 -45.06
C VAL B 13 -28.33 43.94 -45.73
N GLN B 14 -28.91 43.74 -46.90
CA GLN B 14 -28.56 42.69 -47.86
C GLN B 14 -28.24 43.36 -49.19
N ALA B 15 -26.96 43.53 -49.48
CA ALA B 15 -26.51 44.29 -50.63
C ALA B 15 -25.16 43.83 -51.18
N ALA B 16 -24.94 44.05 -52.47
CA ALA B 16 -23.62 43.93 -53.07
C ALA B 16 -22.78 45.18 -52.73
N PRO B 17 -21.53 45.04 -52.28
CA PRO B 17 -20.66 46.18 -52.06
C PRO B 17 -20.16 46.77 -53.37
N ALA B 18 -19.74 48.02 -53.35
CA ALA B 18 -18.94 48.59 -54.44
C ALA B 18 -17.52 48.00 -54.37
N PHE B 19 -17.39 46.75 -54.79
CA PHE B 19 -16.18 45.93 -54.65
C PHE B 19 -14.90 46.66 -55.09
N LEU B 20 -14.01 46.85 -54.13
CA LEU B 20 -12.73 47.53 -54.23
C LEU B 20 -12.81 49.02 -54.67
N ASP B 21 -13.87 49.73 -54.30
CA ASP B 21 -13.94 51.19 -54.41
C ASP B 21 -14.61 51.80 -53.17
N LEU B 22 -13.79 52.31 -52.25
CA LEU B 22 -14.31 52.87 -51.01
C LEU B 22 -15.23 54.08 -51.28
N GLU B 23 -14.93 54.88 -52.30
CA GLU B 23 -15.67 56.12 -52.57
C GLU B 23 -17.05 55.89 -53.18
N ALA B 24 -17.21 54.82 -53.94
CA ALA B 24 -18.53 54.35 -54.33
C ALA B 24 -19.24 53.64 -53.18
N GLY B 25 -18.50 52.83 -52.42
CA GLY B 25 -19.08 52.04 -51.34
C GLY B 25 -19.66 52.91 -50.22
N VAL B 26 -18.93 53.93 -49.79
CA VAL B 26 -19.40 54.87 -48.75
C VAL B 26 -20.68 55.58 -49.18
N ALA B 27 -20.80 56.01 -50.42
CA ALA B 27 -22.03 56.63 -50.92
C ALA B 27 -23.22 55.65 -50.87
N LYS B 28 -23.03 54.38 -51.24
CA LYS B 28 -24.07 53.34 -51.10
C LYS B 28 -24.41 53.06 -49.63
N ALA B 29 -23.42 53.01 -48.74
CA ALA B 29 -23.67 52.89 -47.31
C ALA B 29 -24.49 54.09 -46.79
N ILE B 30 -24.16 55.34 -47.14
CA ILE B 30 -24.98 56.51 -46.78
C ILE B 30 -26.39 56.41 -47.38
N GLY B 31 -26.52 55.86 -48.60
CA GLY B 31 -27.80 55.58 -49.24
C GLY B 31 -28.66 54.55 -48.51
N LEU B 32 -28.05 53.52 -47.93
CA LEU B 32 -28.72 52.52 -47.09
C LEU B 32 -28.96 53.02 -45.67
N ILE B 33 -28.11 53.84 -45.07
CA ILE B 33 -28.36 54.54 -43.80
C ILE B 33 -29.60 55.45 -43.92
N ALA B 34 -29.70 56.20 -45.02
CA ALA B 34 -30.88 57.00 -45.36
C ALA B 34 -32.10 56.10 -45.64
N GLN B 35 -31.97 55.03 -46.43
CA GLN B 35 -33.12 54.16 -46.76
C GLN B 35 -33.71 53.48 -45.52
N ALA B 36 -32.86 52.94 -44.66
CA ALA B 36 -33.29 52.35 -43.38
C ALA B 36 -33.97 53.37 -42.46
N ALA B 37 -33.37 54.56 -42.29
CA ALA B 37 -33.97 55.63 -41.50
C ALA B 37 -35.28 56.19 -42.09
N ALA B 38 -35.43 56.25 -43.42
CA ALA B 38 -36.68 56.60 -44.08
C ALA B 38 -37.81 55.57 -43.82
N GLU B 39 -37.48 54.27 -43.73
CA GLU B 39 -38.41 53.24 -43.20
C GLU B 39 -38.67 53.36 -41.69
N GLY B 40 -37.98 54.26 -40.99
CA GLY B 40 -38.10 54.50 -39.55
C GLY B 40 -37.30 53.55 -38.65
N ALA B 41 -36.26 52.89 -39.17
CA ALA B 41 -35.37 52.07 -38.34
C ALA B 41 -34.59 52.95 -37.35
N SER B 42 -34.32 52.39 -36.15
CA SER B 42 -33.48 52.98 -35.09
C SER B 42 -32.07 52.42 -35.06
N LEU B 43 -31.83 51.27 -35.69
CA LEU B 43 -30.52 50.69 -35.94
C LEU B 43 -30.47 50.12 -37.36
N VAL B 44 -29.33 50.25 -38.04
CA VAL B 44 -29.02 49.61 -39.31
C VAL B 44 -27.66 48.91 -39.22
N ALA B 45 -27.57 47.73 -39.82
CA ALA B 45 -26.39 46.87 -39.75
C ALA B 45 -25.91 46.49 -41.15
N PHE B 46 -24.59 46.59 -41.34
CA PHE B 46 -23.89 46.25 -42.58
C PHE B 46 -23.18 44.88 -42.53
N PRO B 47 -23.06 44.20 -43.68
CA PRO B 47 -22.35 42.91 -43.77
C PRO B 47 -20.87 42.95 -43.41
N GLU B 48 -20.23 41.78 -43.40
CA GLU B 48 -18.80 41.65 -43.15
C GLU B 48 -17.93 42.16 -44.31
N ALA B 49 -16.84 42.87 -43.97
CA ALA B 49 -15.88 43.49 -44.90
C ALA B 49 -16.54 44.36 -46.00
N TRP B 50 -17.77 44.85 -45.80
CA TRP B 50 -18.60 45.41 -46.87
C TRP B 50 -18.08 46.75 -47.44
N LEU B 51 -17.29 47.50 -46.67
CA LEU B 51 -16.46 48.59 -47.22
C LEU B 51 -14.98 48.18 -47.16
N PRO B 52 -14.23 48.10 -48.26
CA PRO B 52 -14.62 48.30 -49.65
C PRO B 52 -15.23 47.06 -50.33
N GLY B 53 -15.62 46.02 -49.61
CA GLY B 53 -16.11 44.75 -50.17
C GLY B 53 -15.19 43.57 -49.85
N TYR B 54 -15.77 42.39 -49.63
CA TYR B 54 -15.10 41.21 -49.10
C TYR B 54 -14.01 40.67 -50.03
N PRO B 55 -12.85 40.23 -49.52
CA PRO B 55 -11.68 39.85 -50.32
C PRO B 55 -11.79 38.50 -51.03
N TRP B 56 -12.79 38.34 -51.89
CA TRP B 56 -13.18 37.07 -52.50
C TRP B 56 -12.08 36.27 -53.20
N TRP B 57 -10.96 36.87 -53.59
CA TRP B 57 -9.86 36.15 -54.21
C TRP B 57 -9.23 35.11 -53.31
N ILE B 58 -9.36 35.24 -51.98
CA ILE B 58 -8.87 34.22 -51.04
C ILE B 58 -9.58 32.87 -51.22
N TRP B 59 -10.81 32.89 -51.74
CA TRP B 59 -11.62 31.71 -52.04
C TRP B 59 -11.56 31.28 -53.51
N LEU B 60 -10.84 31.98 -54.38
CA LEU B 60 -10.95 31.80 -55.83
C LEU B 60 -9.62 31.71 -56.58
N ASP B 61 -8.51 31.96 -55.89
CA ASP B 61 -7.15 32.03 -56.44
C ASP B 61 -6.08 31.76 -55.37
N SER B 62 -4.88 31.42 -55.83
CA SER B 62 -3.66 31.47 -55.00
C SER B 62 -3.32 32.91 -54.55
N PRO B 63 -2.41 33.10 -53.58
CA PRO B 63 -1.86 34.42 -53.26
C PRO B 63 -1.37 35.20 -54.50
N ALA B 64 -0.66 34.54 -55.41
CA ALA B 64 -0.32 35.09 -56.72
C ALA B 64 -1.54 35.44 -57.60
N GLY B 65 -2.55 34.58 -57.70
CA GLY B 65 -3.74 34.89 -58.49
C GLY B 65 -4.56 36.08 -57.93
N GLY B 66 -4.56 36.25 -56.61
CA GLY B 66 -5.18 37.37 -55.91
C GLY B 66 -4.37 38.67 -55.98
N MET B 67 -3.14 38.64 -56.52
CA MET B 67 -2.22 39.78 -56.53
C MET B 67 -2.76 41.03 -57.25
N ARG B 68 -3.69 40.89 -58.20
CA ARG B 68 -4.38 42.03 -58.85
C ARG B 68 -5.44 42.70 -57.96
N PHE B 69 -5.67 42.20 -56.76
CA PHE B 69 -6.62 42.76 -55.78
C PHE B 69 -5.99 43.21 -54.48
N VAL B 70 -4.90 42.60 -54.03
CA VAL B 70 -4.23 42.88 -52.74
C VAL B 70 -3.87 44.37 -52.59
N GLN B 71 -3.17 44.93 -53.58
CA GLN B 71 -2.84 46.36 -53.60
C GLN B 71 -4.09 47.25 -53.52
N ARG B 72 -5.18 46.87 -54.21
CA ARG B 72 -6.43 47.63 -54.21
C ARG B 72 -7.27 47.46 -52.95
N ASN B 73 -7.16 46.33 -52.26
CA ASN B 73 -7.78 46.09 -50.96
C ASN B 73 -7.13 46.95 -49.88
N PHE B 74 -5.80 46.99 -49.84
CA PHE B 74 -5.06 47.89 -48.96
C PHE B 74 -5.23 49.38 -49.32
N ASP B 75 -5.34 49.75 -50.60
CA ASP B 75 -5.65 51.14 -51.01
C ASP B 75 -7.07 51.61 -50.63
N ASN B 76 -8.05 50.69 -50.56
CA ASN B 76 -9.45 51.00 -50.28
C ASN B 76 -9.91 50.60 -48.87
N ALA B 77 -9.01 50.18 -48.00
CA ALA B 77 -9.30 49.94 -46.60
C ALA B 77 -9.78 51.24 -45.90
N LEU B 78 -10.83 51.15 -45.09
CA LEU B 78 -11.45 52.25 -44.38
C LEU B 78 -10.72 52.49 -43.04
N GLU B 79 -9.79 53.44 -42.96
CA GLU B 79 -9.16 53.83 -41.69
C GLU B 79 -10.18 54.52 -40.75
N VAL B 80 -10.00 54.35 -39.44
CA VAL B 80 -10.84 55.00 -38.40
C VAL B 80 -10.59 56.50 -38.33
N GLY B 81 -11.65 57.30 -38.29
CA GLY B 81 -11.56 58.76 -38.26
C GLY B 81 -11.02 59.41 -39.54
N SER B 82 -10.93 58.65 -40.64
CA SER B 82 -10.68 59.20 -41.99
C SER B 82 -11.93 59.92 -42.54
N GLU B 83 -11.79 60.79 -43.53
CA GLU B 83 -12.95 61.50 -44.11
C GLU B 83 -14.08 60.59 -44.64
N PRO B 84 -13.81 59.46 -45.34
CA PRO B 84 -14.87 58.49 -45.67
C PRO B 84 -15.57 57.88 -44.46
N PHE B 85 -14.88 57.72 -43.33
CA PHE B 85 -15.44 57.22 -42.07
C PHE B 85 -16.32 58.29 -41.41
N GLU B 86 -15.84 59.52 -41.27
CA GLU B 86 -16.63 60.66 -40.82
C GLU B 86 -17.86 60.91 -41.70
N ARG B 87 -17.81 60.61 -43.01
CA ARG B 87 -18.98 60.66 -43.91
C ARG B 87 -20.12 59.78 -43.41
N LEU B 88 -19.80 58.55 -42.99
CA LEU B 88 -20.77 57.61 -42.41
C LEU B 88 -21.19 58.02 -40.99
N CYS B 89 -20.28 58.62 -40.23
CA CYS B 89 -20.51 59.08 -38.88
C CYS B 89 -21.48 60.29 -38.88
N ARG B 90 -21.29 61.25 -39.79
CA ARG B 90 -22.24 62.36 -39.97
C ARG B 90 -23.58 61.87 -40.52
N ALA B 91 -23.64 60.81 -41.33
CA ALA B 91 -24.90 60.23 -41.81
C ALA B 91 -25.79 59.70 -40.68
N ALA B 92 -25.18 59.04 -39.69
CA ALA B 92 -25.86 58.52 -38.51
C ALA B 92 -26.51 59.64 -37.67
N ALA B 93 -25.76 60.70 -37.34
CA ALA B 93 -26.30 61.91 -36.72
C ALA B 93 -27.38 62.59 -37.56
N GLN B 94 -27.15 62.76 -38.86
CA GLN B 94 -28.05 63.44 -39.81
C GLN B 94 -29.44 62.76 -39.89
N HIS B 95 -29.48 61.43 -39.76
CA HIS B 95 -30.71 60.64 -39.86
C HIS B 95 -31.23 60.04 -38.53
N LYS B 96 -30.56 60.27 -37.38
CA LYS B 96 -30.94 59.78 -36.04
C LYS B 96 -31.12 58.24 -35.99
N ILE B 97 -30.08 57.51 -36.41
CA ILE B 97 -30.07 56.05 -36.51
C ILE B 97 -28.71 55.48 -36.06
N TYR B 98 -28.71 54.41 -35.27
CA TYR B 98 -27.47 53.70 -34.90
C TYR B 98 -26.95 52.92 -36.11
N VAL B 99 -25.69 53.09 -36.47
CA VAL B 99 -25.11 52.35 -37.61
C VAL B 99 -24.08 51.38 -37.12
N VAL B 100 -24.20 50.11 -37.50
CA VAL B 100 -23.21 49.07 -37.23
C VAL B 100 -22.53 48.75 -38.55
N LEU B 101 -21.46 49.50 -38.82
CA LEU B 101 -20.61 49.33 -40.00
C LEU B 101 -19.90 47.97 -39.94
N GLY B 102 -19.56 47.44 -41.10
CA GLY B 102 -18.64 46.31 -41.26
C GLY B 102 -17.73 46.55 -42.46
N PHE B 103 -16.41 46.46 -42.26
CA PHE B 103 -15.42 47.00 -43.19
C PHE B 103 -14.02 46.40 -43.02
N THR B 104 -13.16 46.56 -44.01
CA THR B 104 -11.70 46.41 -43.91
C THR B 104 -11.11 47.62 -43.21
N GLU B 105 -10.55 47.47 -42.01
CA GLU B 105 -9.77 48.53 -41.36
C GLU B 105 -8.28 48.36 -41.65
N ARG B 106 -7.46 49.39 -41.46
CA ARG B 106 -6.01 49.25 -41.34
C ARG B 106 -5.37 50.21 -40.35
N SER B 107 -4.36 49.74 -39.64
CA SER B 107 -3.51 50.53 -38.73
C SER B 107 -2.14 49.84 -38.66
N GLY B 108 -1.13 50.47 -39.29
CA GLY B 108 0.05 49.76 -39.81
C GLY B 108 -0.25 49.07 -41.16
N GLY B 109 0.66 48.25 -41.64
CA GLY B 109 0.52 47.55 -42.94
C GLY B 109 -0.50 46.40 -42.93
N THR B 110 -0.83 45.87 -41.75
CA THR B 110 -1.88 44.84 -41.58
C THR B 110 -3.29 45.40 -41.77
N LEU B 111 -4.17 44.61 -42.38
CA LEU B 111 -5.60 44.89 -42.47
C LEU B 111 -6.34 44.17 -41.34
N TYR B 112 -7.39 44.75 -40.79
CA TYR B 112 -8.23 44.09 -39.80
C TYR B 112 -9.66 43.94 -40.29
N LEU B 113 -10.29 42.80 -40.02
CA LEU B 113 -11.65 42.51 -40.47
C LEU B 113 -12.60 43.08 -39.42
N ALA B 114 -13.20 44.23 -39.69
CA ALA B 114 -13.64 45.15 -38.65
C ALA B 114 -15.11 45.55 -38.73
N GLN B 115 -15.60 46.17 -37.65
CA GLN B 115 -16.96 46.68 -37.46
C GLN B 115 -16.91 47.94 -36.57
N ALA B 116 -17.87 48.85 -36.68
CA ALA B 116 -17.95 50.02 -35.80
C ALA B 116 -19.39 50.36 -35.52
N ILE B 117 -19.71 50.65 -34.26
CA ILE B 117 -21.05 51.00 -33.81
C ILE B 117 -21.08 52.52 -33.60
N ILE B 118 -21.97 53.21 -34.31
CA ILE B 118 -22.07 54.66 -34.32
C ILE B 118 -23.38 55.06 -33.62
N ASP B 119 -23.26 55.87 -32.59
CA ASP B 119 -24.33 56.39 -31.72
C ASP B 119 -25.43 57.16 -32.48
N ASP B 120 -26.60 57.33 -31.85
CA ASP B 120 -27.74 58.06 -32.44
C ASP B 120 -27.39 59.49 -32.89
N CYS B 121 -26.46 60.14 -32.18
CA CYS B 121 -25.88 61.44 -32.48
C CYS B 121 -24.48 61.31 -33.11
N GLY B 122 -24.25 60.29 -33.94
CA GLY B 122 -23.12 60.19 -34.89
C GLY B 122 -21.71 60.25 -34.28
N ARG B 123 -21.37 59.29 -33.43
CA ARG B 123 -20.03 59.15 -32.84
C ARG B 123 -19.74 57.68 -32.53
N VAL B 124 -18.48 57.23 -32.50
CA VAL B 124 -18.19 55.82 -32.23
C VAL B 124 -18.44 55.44 -30.77
N VAL B 125 -19.39 54.53 -30.58
CA VAL B 125 -19.53 53.73 -29.38
C VAL B 125 -18.37 52.75 -29.30
N ALA B 126 -18.05 52.11 -30.43
CA ALA B 126 -16.97 51.15 -30.57
C ALA B 126 -16.36 51.16 -31.98
N THR B 127 -15.06 50.88 -32.05
CA THR B 127 -14.37 50.45 -33.26
C THR B 127 -13.75 49.08 -32.96
N ARG B 128 -14.07 48.06 -33.77
CA ARG B 128 -14.05 46.66 -33.38
C ARG B 128 -13.45 45.76 -34.45
N ARG B 129 -12.72 44.71 -34.08
CA ARG B 129 -11.95 43.82 -34.98
C ARG B 129 -12.22 42.37 -34.66
N LYS B 130 -12.28 41.50 -35.68
CA LYS B 130 -12.46 40.05 -35.56
C LYS B 130 -11.30 39.40 -34.79
N LEU B 131 -11.55 38.64 -33.72
CA LEU B 131 -10.45 38.10 -32.91
C LEU B 131 -9.57 37.11 -33.64
N LYS B 132 -10.13 36.35 -34.58
CA LYS B 132 -9.46 35.34 -35.42
C LYS B 132 -10.17 35.25 -36.77
N PRO B 133 -9.50 35.53 -37.91
CA PRO B 133 -10.06 35.26 -39.23
C PRO B 133 -10.30 33.76 -39.48
N THR B 134 -11.24 33.44 -40.35
CA THR B 134 -11.46 32.08 -40.88
C THR B 134 -10.17 31.59 -41.56
N HIS B 135 -9.93 30.30 -41.70
CA HIS B 135 -8.62 29.76 -42.05
C HIS B 135 -7.92 30.43 -43.24
N VAL B 136 -8.60 30.75 -44.36
CA VAL B 136 -7.95 31.44 -45.50
C VAL B 136 -8.03 32.97 -45.41
N GLU B 137 -8.89 33.52 -44.57
CA GLU B 137 -8.93 34.96 -44.31
C GLU B 137 -7.67 35.43 -43.59
N ARG B 138 -7.00 34.54 -42.87
CA ARG B 138 -5.74 34.80 -42.18
C ARG B 138 -4.61 35.19 -43.12
N SER B 139 -4.76 34.90 -44.40
CA SER B 139 -3.82 35.31 -45.44
C SER B 139 -3.90 36.80 -45.77
N VAL B 140 -5.03 37.45 -45.46
CA VAL B 140 -5.25 38.88 -45.71
C VAL B 140 -5.26 39.67 -44.41
N TYR B 141 -6.00 39.17 -43.43
CA TYR B 141 -6.38 39.88 -42.22
C TYR B 141 -5.56 39.50 -40.99
N GLY B 142 -5.12 40.51 -40.28
CA GLY B 142 -4.68 40.45 -38.89
C GLY B 142 -5.85 40.37 -37.91
N GLU B 143 -5.53 40.42 -36.62
CA GLU B 143 -6.46 40.08 -35.53
C GLU B 143 -6.93 41.26 -34.68
N GLY B 144 -8.10 41.10 -34.06
CA GLY B 144 -8.56 41.89 -32.91
C GLY B 144 -7.73 41.66 -31.65
N ASP B 145 -7.88 42.55 -30.68
CA ASP B 145 -7.31 42.40 -29.35
C ASP B 145 -8.27 41.62 -28.45
N GLY B 146 -7.98 41.52 -27.15
CA GLY B 146 -8.94 40.96 -26.20
C GLY B 146 -10.17 41.84 -25.97
N SER B 147 -9.99 43.17 -25.97
CA SER B 147 -11.05 44.17 -25.80
C SER B 147 -12.08 44.25 -26.95
N ASP B 148 -11.93 43.48 -28.01
CA ASP B 148 -12.87 43.39 -29.14
C ASP B 148 -14.05 42.43 -28.90
N LEU B 149 -14.08 41.68 -27.82
CA LEU B 149 -15.31 41.03 -27.33
C LEU B 149 -15.97 41.88 -26.25
N ALA B 150 -16.54 43.02 -26.66
CA ALA B 150 -17.25 43.90 -25.77
C ALA B 150 -18.67 44.19 -26.25
N VAL B 151 -19.58 44.28 -25.28
CA VAL B 151 -20.94 44.78 -25.42
C VAL B 151 -21.01 46.15 -24.77
N HIS B 152 -21.65 47.09 -25.45
CA HIS B 152 -21.73 48.49 -25.10
C HIS B 152 -23.15 48.82 -24.67
N ASP B 153 -23.36 49.75 -23.74
CA ASP B 153 -24.71 50.16 -23.35
C ASP B 153 -25.08 51.47 -24.04
N THR B 154 -26.29 51.56 -24.56
CA THR B 154 -26.70 52.56 -25.56
C THR B 154 -28.15 52.98 -25.35
N THR B 155 -28.65 53.89 -26.15
CA THR B 155 -30.07 54.28 -26.20
C THR B 155 -31.00 53.10 -26.60
N LEU B 156 -30.45 52.03 -27.20
CA LEU B 156 -31.15 50.82 -27.65
C LEU B 156 -31.01 49.64 -26.70
N GLY B 157 -30.45 49.82 -25.52
CA GLY B 157 -30.01 48.71 -24.66
C GLY B 157 -28.59 48.26 -24.96
N ARG B 158 -28.22 47.11 -24.42
CA ARG B 158 -26.89 46.49 -24.56
C ARG B 158 -26.73 45.96 -25.99
N LEU B 159 -25.67 46.40 -26.65
CA LEU B 159 -25.48 46.23 -28.09
C LEU B 159 -24.06 45.73 -28.37
N GLY B 160 -23.95 44.70 -29.20
CA GLY B 160 -22.69 44.04 -29.53
C GLY B 160 -22.69 43.47 -30.92
N ALA B 161 -21.52 43.08 -31.40
CA ALA B 161 -21.34 42.55 -32.74
C ALA B 161 -20.17 41.56 -32.82
N LEU B 162 -20.26 40.62 -33.77
CA LEU B 162 -19.26 39.60 -34.11
C LEU B 162 -19.26 39.38 -35.62
N CYS B 163 -18.20 38.76 -36.13
CA CYS B 163 -17.95 38.46 -37.54
C CYS B 163 -17.98 36.93 -37.75
N CYS B 164 -18.86 36.48 -38.64
CA CYS B 164 -19.08 35.12 -39.10
C CYS B 164 -18.55 33.99 -38.19
N ALA B 165 -17.33 33.48 -38.43
CA ALA B 165 -16.78 32.36 -37.67
C ALA B 165 -16.67 32.56 -36.13
N GLU B 166 -16.72 33.78 -35.61
CA GLU B 166 -16.83 34.04 -34.18
C GLU B 166 -18.16 33.58 -33.57
N HIS B 167 -19.18 33.23 -34.37
CA HIS B 167 -20.36 32.50 -33.88
C HIS B 167 -20.09 31.01 -33.64
N ILE B 168 -19.08 30.49 -34.33
CA ILE B 168 -18.59 29.09 -34.32
C ILE B 168 -17.48 28.89 -33.25
N GLN B 169 -17.46 29.71 -32.20
CA GLN B 169 -16.45 29.70 -31.14
C GLN B 169 -17.11 29.94 -29.78
N PRO B 170 -17.36 28.89 -28.97
CA PRO B 170 -18.19 29.01 -27.78
C PRO B 170 -17.69 29.97 -26.68
N LEU B 171 -16.39 30.03 -26.42
CA LEU B 171 -15.85 30.94 -25.42
C LEU B 171 -15.96 32.40 -25.88
N SER B 172 -15.77 32.64 -27.18
CA SER B 172 -15.88 33.93 -27.83
C SER B 172 -17.30 34.49 -27.82
N LYS B 173 -18.31 33.70 -27.48
CA LYS B 173 -19.70 34.15 -27.32
C LYS B 173 -20.21 34.02 -25.91
N TYR B 174 -19.67 33.11 -25.09
CA TYR B 174 -19.88 33.21 -23.65
C TYR B 174 -19.33 34.51 -23.07
N ALA B 175 -18.22 35.02 -23.62
CA ALA B 175 -17.71 36.34 -23.24
C ALA B 175 -18.70 37.48 -23.53
N MET B 176 -19.51 37.38 -24.59
CA MET B 176 -20.54 38.35 -24.95
C MET B 176 -21.81 38.16 -24.13
N TYR B 177 -22.22 36.92 -23.88
CA TYR B 177 -23.37 36.60 -23.03
C TYR B 177 -23.17 37.05 -21.60
N ALA B 178 -21.96 36.94 -21.08
CA ALA B 178 -21.62 37.40 -19.74
C ALA B 178 -21.81 38.91 -19.55
N GLN B 179 -21.86 39.67 -20.64
CA GLN B 179 -22.10 41.11 -20.65
C GLN B 179 -23.58 41.49 -20.83
N HIS B 180 -24.51 40.52 -20.76
CA HIS B 180 -25.97 40.68 -20.76
C HIS B 180 -26.53 41.38 -21.99
N GLU B 181 -25.92 41.11 -23.14
CA GLU B 181 -26.30 41.58 -24.48
C GLU B 181 -27.78 41.37 -24.82
N GLN B 182 -28.42 42.43 -25.32
CA GLN B 182 -29.85 42.46 -25.67
C GLN B 182 -30.06 42.52 -27.20
N VAL B 183 -29.14 43.12 -27.96
CA VAL B 183 -29.16 43.15 -29.43
C VAL B 183 -27.80 42.81 -29.97
N HIS B 184 -27.76 42.00 -31.02
CA HIS B 184 -26.55 41.54 -31.64
C HIS B 184 -26.52 41.79 -33.15
N ILE B 185 -25.36 42.15 -33.68
CA ILE B 185 -25.13 42.20 -35.13
C ILE B 185 -24.13 41.12 -35.47
N ALA B 186 -24.65 40.02 -36.03
CA ALA B 186 -23.90 38.95 -36.66
C ALA B 186 -23.54 39.34 -38.09
N ALA B 187 -22.33 39.84 -38.33
CA ALA B 187 -21.93 40.21 -39.69
C ALA B 187 -21.48 39.00 -40.51
N TRP B 188 -22.04 38.82 -41.70
CA TRP B 188 -21.70 37.71 -42.63
C TRP B 188 -21.31 38.21 -44.04
N PRO B 189 -20.51 37.43 -44.79
CA PRO B 189 -20.20 37.68 -46.20
C PRO B 189 -21.35 37.14 -47.09
N SER B 190 -21.05 36.48 -48.21
CA SER B 190 -22.05 35.88 -49.09
C SER B 190 -21.95 34.36 -49.13
N PHE B 191 -23.08 33.70 -48.95
CA PHE B 191 -23.21 32.25 -49.02
C PHE B 191 -23.44 31.74 -50.46
N SER B 192 -22.69 32.30 -51.39
CA SER B 192 -22.52 31.89 -52.78
C SER B 192 -21.16 31.31 -53.07
N VAL B 193 -20.21 31.39 -52.13
CA VAL B 193 -18.93 30.71 -52.20
C VAL B 193 -19.08 29.22 -51.93
N TYR B 194 -18.51 28.41 -52.81
CA TYR B 194 -18.49 26.94 -52.76
C TYR B 194 -19.88 26.29 -52.54
N ARG B 195 -20.93 26.77 -53.22
CA ARG B 195 -22.30 26.24 -53.12
C ARG B 195 -22.31 24.71 -53.26
N GLY B 196 -22.60 24.01 -52.16
CA GLY B 196 -22.63 22.55 -52.09
C GLY B 196 -21.26 21.83 -52.19
N ALA B 197 -20.16 22.54 -52.40
CA ALA B 197 -18.82 21.99 -52.43
C ALA B 197 -18.13 22.02 -51.05
N ALA B 198 -18.49 22.97 -50.17
CA ALA B 198 -18.12 22.94 -48.74
C ALA B 198 -19.27 23.46 -47.88
N PHE B 199 -19.92 22.56 -47.12
CA PHE B 199 -21.15 22.89 -46.41
C PHE B 199 -20.96 23.93 -45.29
N GLN B 200 -19.77 24.00 -44.68
CA GLN B 200 -19.44 24.99 -43.65
C GLN B 200 -19.59 26.45 -44.11
N LEU B 201 -19.38 26.75 -45.40
CA LEU B 201 -19.55 28.08 -45.99
C LEU B 201 -20.97 28.38 -46.47
N SER B 202 -21.91 27.42 -46.35
CA SER B 202 -23.29 27.51 -46.86
C SER B 202 -24.12 28.54 -46.11
N ALA B 203 -25.32 28.84 -46.61
CA ALA B 203 -26.29 29.63 -45.86
C ALA B 203 -26.87 28.82 -44.70
N GLN B 204 -27.15 27.54 -44.90
CA GLN B 204 -27.80 26.67 -43.91
C GLN B 204 -26.99 26.57 -42.63
N ALA B 205 -25.68 26.40 -42.74
CA ALA B 205 -24.75 26.30 -41.62
C ALA B 205 -24.55 27.63 -40.86
N ASN B 206 -24.49 28.76 -41.57
CA ASN B 206 -24.16 30.05 -40.98
C ASN B 206 -25.39 30.88 -40.55
N ASN B 207 -26.55 30.62 -41.16
CA ASN B 207 -27.81 31.08 -40.60
C ASN B 207 -28.20 30.26 -39.37
N ALA B 208 -27.94 28.95 -39.32
CA ALA B 208 -28.07 28.20 -38.09
C ALA B 208 -27.17 28.78 -36.99
N ALA B 209 -25.91 29.13 -37.29
CA ALA B 209 -25.02 29.78 -36.32
C ALA B 209 -25.59 31.11 -35.77
N SER B 210 -26.22 31.91 -36.61
CA SER B 210 -26.87 33.15 -36.19
C SER B 210 -28.13 32.90 -35.37
N GLN B 211 -28.92 31.89 -35.75
CA GLN B 211 -30.15 31.50 -35.05
C GLN B 211 -29.85 30.91 -33.68
N VAL B 212 -28.86 30.03 -33.61
CA VAL B 212 -28.37 29.44 -32.37
C VAL B 212 -27.68 30.49 -31.51
N TYR B 213 -27.07 31.54 -32.06
CA TYR B 213 -26.56 32.63 -31.20
C TYR B 213 -27.71 33.39 -30.51
N ALA B 214 -28.83 33.60 -31.22
CA ALA B 214 -30.01 34.19 -30.64
C ALA B 214 -30.64 33.29 -29.57
N LEU B 215 -30.67 31.97 -29.81
CA LEU B 215 -31.19 30.96 -28.90
C LEU B 215 -30.33 30.73 -27.65
N GLU B 216 -29.00 30.74 -27.78
CA GLU B 216 -28.05 30.66 -26.67
C GLU B 216 -27.96 31.94 -25.85
N GLY B 217 -28.01 33.12 -26.48
CA GLY B 217 -27.83 34.40 -25.82
C GLY B 217 -29.09 35.11 -25.37
N GLN B 218 -30.24 34.73 -25.95
CA GLN B 218 -31.53 35.39 -25.81
C GLN B 218 -31.44 36.90 -26.10
N CYS B 219 -30.82 37.23 -27.23
CA CYS B 219 -30.67 38.57 -27.79
C CYS B 219 -31.30 38.63 -29.18
N PHE B 220 -31.75 39.81 -29.62
CA PHE B 220 -32.20 40.01 -30.99
C PHE B 220 -31.00 40.06 -31.96
N VAL B 221 -30.76 39.00 -32.70
CA VAL B 221 -29.66 38.91 -33.67
C VAL B 221 -30.07 39.43 -35.03
N LEU B 222 -29.61 40.61 -35.44
CA LEU B 222 -29.56 40.96 -36.85
C LEU B 222 -28.42 40.19 -37.50
N ALA B 223 -28.66 39.59 -38.66
CA ALA B 223 -27.68 38.84 -39.42
C ALA B 223 -27.56 39.40 -40.87
N PRO B 224 -27.04 40.64 -41.04
CA PRO B 224 -26.81 41.19 -42.37
C PRO B 224 -25.79 40.35 -43.12
N CYS B 225 -26.02 40.23 -44.43
CA CYS B 225 -25.31 39.31 -45.31
C CYS B 225 -25.17 39.96 -46.69
N ALA B 226 -23.95 40.06 -47.18
CA ALA B 226 -23.68 40.60 -48.49
C ALA B 226 -24.26 39.66 -49.56
N THR B 227 -24.51 40.16 -50.77
CA THR B 227 -24.84 39.35 -51.94
C THR B 227 -23.85 39.64 -53.07
N VAL B 228 -23.51 38.66 -53.88
CA VAL B 228 -22.63 38.86 -55.05
C VAL B 228 -23.45 39.31 -56.28
N SER B 229 -22.80 39.97 -57.22
CA SER B 229 -23.42 40.60 -58.40
C SER B 229 -22.72 40.19 -59.71
N LYS B 230 -23.43 40.37 -60.84
CA LYS B 230 -22.82 40.21 -62.19
C LYS B 230 -21.54 41.03 -62.27
N GLU B 231 -21.60 42.35 -62.00
CA GLU B 231 -20.45 43.24 -62.20
C GLU B 231 -19.31 43.13 -61.15
N MET B 232 -19.53 42.47 -60.03
CA MET B 232 -18.42 41.96 -59.18
C MET B 232 -17.75 40.74 -59.84
N LEU B 233 -18.53 39.72 -60.23
CA LEU B 233 -18.02 38.50 -60.85
C LEU B 233 -17.29 38.76 -62.16
N ASP B 234 -17.69 39.79 -62.90
CA ASP B 234 -17.03 40.23 -64.12
C ASP B 234 -15.58 40.70 -63.93
N GLU B 235 -15.19 41.09 -62.73
CA GLU B 235 -13.84 41.54 -62.36
C GLU B 235 -13.05 40.45 -61.62
N LEU B 236 -13.75 39.64 -60.87
CA LEU B 236 -13.25 38.64 -59.96
C LEU B 236 -13.08 37.23 -60.57
N ILE B 237 -13.96 36.84 -61.49
CA ILE B 237 -13.95 35.55 -62.20
C ILE B 237 -13.35 35.74 -63.59
N ASP B 238 -12.49 34.81 -64.02
CA ASP B 238 -11.74 34.93 -65.29
C ASP B 238 -11.49 33.60 -66.02
N SER B 239 -12.16 32.50 -65.64
CA SER B 239 -11.96 31.16 -66.16
C SER B 239 -13.23 30.31 -66.05
N PRO B 240 -13.32 29.15 -66.75
CA PRO B 240 -14.45 28.24 -66.59
C PRO B 240 -14.48 27.64 -65.18
N ALA B 241 -13.35 27.17 -64.65
CA ALA B 241 -13.29 26.46 -63.38
C ALA B 241 -13.80 27.26 -62.17
N LYS B 242 -13.61 28.58 -62.20
CA LYS B 242 -14.01 29.51 -61.11
C LYS B 242 -15.49 29.87 -61.10
N ALA B 243 -16.24 29.62 -62.18
CA ALA B 243 -17.60 30.11 -62.31
C ALA B 243 -18.57 29.57 -61.24
N GLU B 244 -18.45 28.29 -60.89
CA GLU B 244 -19.26 27.62 -59.86
C GLU B 244 -18.62 27.61 -58.45
N LEU B 245 -17.46 28.26 -58.28
CA LEU B 245 -16.86 28.51 -56.97
C LEU B 245 -17.48 29.76 -56.30
N LEU B 246 -18.04 30.71 -57.04
CA LEU B 246 -18.74 31.86 -56.48
C LEU B 246 -19.88 32.24 -57.43
N LEU B 247 -21.10 31.86 -57.07
CA LEU B 247 -22.31 32.13 -57.86
C LEU B 247 -22.77 33.59 -57.71
N GLU B 248 -23.62 34.06 -58.63
CA GLU B 248 -24.32 35.35 -58.49
C GLU B 248 -25.39 35.24 -57.39
N GLY B 249 -25.61 36.33 -56.65
CA GLY B 249 -26.41 36.31 -55.42
C GLY B 249 -25.62 35.74 -54.22
N GLY B 250 -26.34 35.05 -53.36
CA GLY B 250 -25.79 34.50 -52.12
C GLY B 250 -26.11 35.32 -50.86
N GLY B 251 -27.07 36.22 -50.91
CA GLY B 251 -27.56 36.98 -49.77
C GLY B 251 -28.68 36.26 -49.02
N PHE B 252 -28.39 35.70 -47.85
CA PHE B 252 -29.40 35.04 -47.00
C PHE B 252 -29.50 35.73 -45.63
N ALA B 253 -29.57 37.07 -45.64
CA ALA B 253 -29.68 37.83 -44.41
C ALA B 253 -30.92 37.40 -43.62
N MET B 254 -30.83 37.46 -42.29
CA MET B 254 -31.94 37.18 -41.37
C MET B 254 -31.95 38.17 -40.22
N ILE B 255 -33.07 38.26 -39.49
CA ILE B 255 -33.12 38.83 -38.15
C ILE B 255 -33.86 37.84 -37.24
N TYR B 256 -33.29 37.51 -36.09
CA TYR B 256 -33.83 36.57 -35.11
C TYR B 256 -34.28 37.26 -33.83
N GLY B 257 -35.43 36.85 -33.31
CA GLY B 257 -35.88 37.21 -31.96
C GLY B 257 -35.18 36.38 -30.90
N PRO B 258 -35.31 36.71 -29.62
CA PRO B 258 -34.50 36.13 -28.54
C PRO B 258 -34.88 34.68 -28.20
N ASP B 259 -36.01 34.16 -28.70
CA ASP B 259 -36.37 32.74 -28.67
C ASP B 259 -35.76 31.93 -29.82
N GLY B 260 -35.19 32.60 -30.81
CA GLY B 260 -34.61 32.08 -32.05
C GLY B 260 -35.49 32.22 -33.28
N ALA B 261 -36.74 32.64 -33.15
CA ALA B 261 -37.65 32.71 -34.29
C ALA B 261 -37.21 33.79 -35.30
N PRO B 262 -37.25 33.53 -36.63
CA PRO B 262 -37.08 34.58 -37.65
C PRO B 262 -38.16 35.65 -37.58
N LEU B 263 -37.77 36.93 -37.56
CA LEU B 263 -38.67 38.09 -37.46
C LEU B 263 -38.78 38.89 -38.76
N CYS B 264 -38.01 38.56 -39.79
CA CYS B 264 -38.09 39.19 -41.10
C CYS B 264 -38.79 38.28 -42.11
N THR B 265 -39.71 38.85 -42.89
CA THR B 265 -40.06 38.29 -44.20
C THR B 265 -38.81 38.27 -45.09
N PRO B 266 -38.50 37.15 -45.77
CA PRO B 266 -37.23 37.01 -46.48
C PRO B 266 -37.17 37.75 -47.81
N LEU B 267 -36.02 38.35 -48.10
CA LEU B 267 -35.60 38.64 -49.47
C LEU B 267 -35.17 37.36 -50.19
N ALA B 268 -35.20 37.39 -51.53
CA ALA B 268 -34.54 36.39 -52.37
C ALA B 268 -33.01 36.40 -52.28
N GLU B 269 -32.38 35.29 -52.63
CA GLU B 269 -30.92 35.08 -52.61
C GLU B 269 -30.12 36.04 -53.52
N THR B 270 -30.67 36.44 -54.66
CA THR B 270 -30.02 37.33 -55.64
C THR B 270 -30.41 38.78 -55.49
N GLU B 271 -31.39 39.08 -54.66
CA GLU B 271 -31.97 40.41 -54.52
C GLU B 271 -31.13 41.28 -53.56
N GLU B 272 -31.22 42.60 -53.73
CA GLU B 272 -30.63 43.60 -52.84
C GLU B 272 -31.72 44.43 -52.19
N GLY B 273 -31.53 44.81 -50.93
CA GLY B 273 -32.40 45.68 -50.16
C GLY B 273 -32.13 45.58 -48.67
N ILE B 274 -33.16 45.84 -47.87
CA ILE B 274 -33.05 45.91 -46.40
C ILE B 274 -34.19 45.11 -45.78
N LEU B 275 -33.85 44.25 -44.81
CA LEU B 275 -34.79 43.52 -43.98
C LEU B 275 -35.12 44.35 -42.74
N TYR B 276 -36.38 44.35 -42.33
CA TYR B 276 -36.85 44.97 -41.09
C TYR B 276 -37.52 43.99 -40.12
N ALA B 277 -37.43 44.31 -38.83
CA ALA B 277 -38.19 43.68 -37.75
C ALA B 277 -38.57 44.71 -36.69
N ASP B 278 -39.72 44.57 -36.04
CA ASP B 278 -40.11 45.36 -34.86
C ASP B 278 -39.54 44.71 -33.61
N ILE B 279 -38.42 45.25 -33.13
CA ILE B 279 -37.76 44.78 -31.91
C ILE B 279 -38.54 45.23 -30.66
N ASP B 280 -38.61 44.37 -29.64
CA ASP B 280 -39.13 44.69 -28.31
C ASP B 280 -38.31 43.98 -27.25
N LEU B 281 -37.46 44.73 -26.55
CA LEU B 281 -36.53 44.19 -25.55
C LEU B 281 -37.23 43.62 -24.32
N GLY B 282 -38.50 43.90 -24.11
CA GLY B 282 -39.28 43.23 -23.07
C GLY B 282 -39.41 41.72 -23.33
N VAL B 283 -39.41 41.27 -24.58
CA VAL B 283 -39.55 39.85 -24.95
C VAL B 283 -38.34 39.01 -24.52
N ILE B 284 -37.21 39.65 -24.26
CA ILE B 284 -36.04 38.98 -23.67
C ILE B 284 -36.42 38.34 -22.33
N GLY B 285 -37.33 38.92 -21.54
CA GLY B 285 -37.80 38.31 -20.29
C GLY B 285 -38.54 36.99 -20.49
N VAL B 286 -39.27 36.84 -21.60
CA VAL B 286 -39.95 35.59 -21.95
C VAL B 286 -38.94 34.55 -22.47
N ALA B 287 -37.96 34.95 -23.26
CA ALA B 287 -36.93 34.03 -23.76
C ALA B 287 -35.98 33.55 -22.65
N LYS B 288 -35.49 34.48 -21.81
CA LYS B 288 -34.59 34.15 -20.69
C LYS B 288 -35.24 33.42 -19.51
N ALA B 289 -36.53 33.13 -19.60
CA ALA B 289 -37.21 32.22 -18.69
C ALA B 289 -36.80 30.75 -18.93
N ALA B 290 -36.62 30.33 -20.20
CA ALA B 290 -36.24 28.96 -20.52
C ALA B 290 -34.74 28.71 -20.42
N TYR B 291 -33.89 29.58 -20.98
CA TYR B 291 -32.42 29.46 -20.93
C TYR B 291 -31.80 30.80 -20.58
N ASP B 292 -30.73 30.81 -19.78
CA ASP B 292 -29.88 32.00 -19.56
C ASP B 292 -28.49 31.51 -19.19
N PRO B 293 -27.52 31.42 -20.12
CA PRO B 293 -26.27 30.64 -19.96
C PRO B 293 -25.31 31.25 -18.95
N VAL B 294 -25.60 32.44 -18.48
CA VAL B 294 -24.84 33.25 -17.52
C VAL B 294 -25.66 33.57 -16.26
N GLY B 295 -26.80 32.88 -16.10
CA GLY B 295 -27.79 33.02 -15.05
C GLY B 295 -28.24 31.66 -14.54
N HIS B 296 -29.52 31.33 -14.56
CA HIS B 296 -30.03 30.04 -14.06
C HIS B 296 -29.58 28.83 -14.89
N TYR B 297 -29.33 28.98 -16.19
CA TYR B 297 -28.84 27.90 -17.06
C TYR B 297 -27.31 27.88 -17.11
N SER B 298 -26.67 28.02 -15.95
CA SER B 298 -25.21 28.01 -15.81
C SER B 298 -24.80 27.25 -14.56
N ARG B 299 -23.56 26.77 -14.53
CA ARG B 299 -23.00 26.06 -13.38
C ARG B 299 -21.58 26.50 -13.07
N PRO B 300 -21.38 27.66 -12.43
CA PRO B 300 -20.06 28.18 -12.05
C PRO B 300 -19.33 27.35 -10.99
N ASP B 301 -20.00 26.42 -10.35
CA ASP B 301 -19.39 25.35 -9.56
C ASP B 301 -18.60 24.35 -10.41
N VAL B 302 -18.89 24.29 -11.71
CA VAL B 302 -18.30 23.38 -12.68
C VAL B 302 -17.49 24.11 -13.77
N LEU B 303 -18.04 25.15 -14.38
CA LEU B 303 -17.53 25.79 -15.59
C LEU B 303 -17.39 27.31 -15.40
N ARG B 304 -16.23 27.88 -15.72
CA ARG B 304 -16.01 29.35 -15.73
C ARG B 304 -15.12 29.76 -16.90
N LEU B 305 -15.23 31.01 -17.30
CA LEU B 305 -14.42 31.58 -18.38
C LEU B 305 -13.38 32.53 -17.79
N LEU B 306 -12.09 32.32 -18.07
CA LEU B 306 -11.07 33.34 -17.97
C LEU B 306 -11.13 34.20 -19.23
N VAL B 307 -11.31 35.52 -19.14
CA VAL B 307 -11.20 36.40 -20.31
C VAL B 307 -10.36 37.63 -20.06
N ASN B 308 -9.45 37.92 -20.98
CA ASN B 308 -8.56 39.07 -20.94
C ASN B 308 -9.14 40.20 -21.82
N ARG B 309 -9.81 41.19 -21.22
CA ARG B 309 -10.36 42.38 -21.91
C ARG B 309 -9.33 43.48 -22.20
N GLU B 310 -8.03 43.24 -22.09
CA GLU B 310 -7.02 44.26 -22.41
C GLU B 310 -6.76 44.39 -23.91
N PRO B 311 -6.54 45.60 -24.44
CA PRO B 311 -5.95 45.79 -25.75
C PRO B 311 -4.48 45.33 -25.79
N MET B 312 -4.00 44.89 -26.95
CA MET B 312 -2.64 44.34 -27.14
C MET B 312 -1.80 45.20 -28.06
N THR B 313 -0.60 45.54 -27.61
CA THR B 313 0.40 46.38 -28.29
C THR B 313 1.79 45.77 -28.13
N ARG B 314 2.65 45.89 -29.14
CA ARG B 314 4.00 45.30 -29.13
C ARG B 314 4.98 46.10 -28.26
N VAL B 315 4.96 47.43 -28.36
CA VAL B 315 5.93 48.32 -27.72
C VAL B 315 5.29 49.10 -26.57
N HIS B 316 5.93 49.04 -25.41
CA HIS B 316 5.49 49.70 -24.18
C HIS B 316 6.48 50.81 -23.82
N TYR B 317 6.20 52.04 -24.21
CA TYR B 317 7.10 53.19 -24.09
C TYR B 317 7.22 53.59 -22.61
N VAL B 318 8.33 53.20 -21.99
CA VAL B 318 8.63 53.39 -20.56
C VAL B 318 8.85 54.86 -20.19
N GLN B 319 8.47 55.24 -18.98
CA GLN B 319 8.62 56.58 -18.40
C GLN B 319 10.00 57.16 -17.97
N PRO B 320 10.22 58.45 -18.19
CA PRO B 320 11.47 59.14 -17.80
C PRO B 320 11.49 59.40 -16.28
N LYS C 5 -11.58 1.31 -34.96
CA LYS C 5 -12.37 1.10 -36.20
C LYS C 5 -12.65 2.44 -36.88
N LYS C 6 -12.15 2.65 -38.11
CA LYS C 6 -12.01 3.97 -38.77
C LYS C 6 -13.20 4.40 -39.64
N GLN C 7 -13.87 3.45 -40.27
CA GLN C 7 -15.17 3.62 -40.97
C GLN C 7 -16.24 2.75 -40.32
N TYR C 8 -17.46 3.25 -40.18
CA TYR C 8 -18.60 2.45 -39.69
C TYR C 8 -19.95 3.09 -40.00
N LYS C 9 -21.03 2.31 -39.94
CA LYS C 9 -22.41 2.84 -39.94
C LYS C 9 -22.84 3.16 -38.51
N VAL C 10 -23.70 4.15 -38.33
CA VAL C 10 -24.33 4.46 -37.04
C VAL C 10 -25.82 4.60 -37.19
N ALA C 11 -26.54 4.45 -36.09
CA ALA C 11 -27.98 4.52 -35.98
C ALA C 11 -28.39 5.59 -34.98
N ALA C 12 -29.33 6.46 -35.36
CA ALA C 12 -30.07 7.32 -34.40
C ALA C 12 -31.54 6.89 -34.35
N VAL C 13 -32.01 6.50 -33.17
CA VAL C 13 -33.38 6.02 -33.00
C VAL C 13 -34.39 7.16 -33.07
N GLN C 14 -35.48 6.98 -33.82
CA GLN C 14 -36.66 7.87 -33.78
C GLN C 14 -37.91 7.06 -33.43
N ALA C 15 -38.14 6.79 -32.14
CA ALA C 15 -39.19 5.86 -31.70
C ALA C 15 -39.98 6.38 -30.49
N ALA C 16 -41.24 5.99 -30.33
CA ALA C 16 -42.03 6.46 -29.19
C ALA C 16 -41.73 5.61 -27.95
N PRO C 17 -41.41 6.19 -26.78
CA PRO C 17 -41.17 5.42 -25.58
C PRO C 17 -42.43 4.68 -25.12
N ALA C 18 -42.23 3.54 -24.47
CA ALA C 18 -43.27 2.80 -23.77
C ALA C 18 -43.69 3.55 -22.50
N PHE C 19 -44.34 4.70 -22.69
CA PHE C 19 -44.44 5.78 -21.70
C PHE C 19 -44.94 5.28 -20.34
N LEU C 20 -44.07 5.40 -19.34
CA LEU C 20 -44.25 4.98 -17.96
C LEU C 20 -44.60 3.49 -17.77
N ASP C 21 -43.76 2.64 -18.37
CA ASP C 21 -43.48 1.27 -17.95
C ASP C 21 -42.03 0.98 -18.34
N LEU C 22 -41.18 0.60 -17.37
CA LEU C 22 -39.77 0.43 -17.67
C LEU C 22 -39.53 -0.84 -18.49
N GLU C 23 -40.36 -1.89 -18.32
CA GLU C 23 -40.12 -3.21 -18.91
C GLU C 23 -40.43 -3.23 -20.41
N ALA C 24 -41.59 -2.69 -20.81
CA ALA C 24 -41.91 -2.51 -22.22
C ALA C 24 -40.99 -1.47 -22.90
N GLY C 25 -40.39 -0.55 -22.13
CA GLY C 25 -39.33 0.33 -22.58
C GLY C 25 -38.06 -0.45 -22.89
N VAL C 26 -37.54 -1.19 -21.90
CA VAL C 26 -36.33 -2.03 -22.03
C VAL C 26 -36.46 -3.05 -23.16
N ALA C 27 -37.61 -3.72 -23.29
CA ALA C 27 -37.84 -4.68 -24.35
C ALA C 27 -37.89 -4.02 -25.76
N LYS C 28 -38.43 -2.80 -25.88
CA LYS C 28 -38.41 -2.04 -27.14
C LYS C 28 -37.01 -1.54 -27.44
N ALA C 29 -36.24 -1.13 -26.44
CA ALA C 29 -34.83 -0.79 -26.61
C ALA C 29 -34.02 -1.99 -27.07
N ILE C 30 -34.20 -3.19 -26.50
CA ILE C 30 -33.53 -4.42 -26.95
C ILE C 30 -33.87 -4.74 -28.40
N GLY C 31 -35.12 -4.54 -28.81
CA GLY C 31 -35.54 -4.75 -30.19
C GLY C 31 -34.95 -3.72 -31.17
N LEU C 32 -34.93 -2.44 -30.81
CA LEU C 32 -34.28 -1.36 -31.56
C LEU C 32 -32.75 -1.48 -31.59
N ILE C 33 -32.11 -1.95 -30.51
CA ILE C 33 -30.68 -2.32 -30.47
C ILE C 33 -30.39 -3.46 -31.45
N ALA C 34 -31.21 -4.52 -31.42
CA ALA C 34 -31.09 -5.63 -32.33
C ALA C 34 -31.23 -5.19 -33.80
N GLN C 35 -32.26 -4.39 -34.07
CA GLN C 35 -32.59 -3.89 -35.40
C GLN C 35 -31.51 -2.97 -35.99
N ALA C 36 -30.86 -2.18 -35.14
CA ALA C 36 -29.71 -1.38 -35.53
C ALA C 36 -28.53 -2.27 -35.96
N ALA C 37 -28.26 -3.37 -35.25
CA ALA C 37 -27.25 -4.34 -35.63
C ALA C 37 -27.68 -5.20 -36.83
N ALA C 38 -28.97 -5.49 -37.00
CA ALA C 38 -29.52 -6.18 -38.16
C ALA C 38 -29.38 -5.36 -39.46
N GLU C 39 -29.46 -4.03 -39.37
CA GLU C 39 -29.06 -3.09 -40.43
C GLU C 39 -27.55 -2.70 -40.39
N GLY C 40 -26.78 -3.32 -39.51
CA GLY C 40 -25.32 -3.27 -39.51
C GLY C 40 -24.65 -2.06 -38.85
N ALA C 41 -25.37 -1.26 -38.06
CA ALA C 41 -24.77 -0.14 -37.33
C ALA C 41 -23.78 -0.61 -36.26
N SER C 42 -22.68 0.11 -36.08
CA SER C 42 -21.71 -0.12 -35.01
C SER C 42 -22.06 0.66 -33.74
N LEU C 43 -22.87 1.70 -33.85
CA LEU C 43 -23.38 2.54 -32.76
C LEU C 43 -24.88 2.75 -32.94
N VAL C 44 -25.67 2.67 -31.88
CA VAL C 44 -27.07 3.11 -31.84
C VAL C 44 -27.23 4.13 -30.71
N ALA C 45 -27.96 5.21 -30.95
CA ALA C 45 -28.22 6.22 -29.94
C ALA C 45 -29.72 6.41 -29.70
N PHE C 46 -30.13 6.40 -28.45
CA PHE C 46 -31.51 6.59 -28.02
C PHE C 46 -31.81 8.02 -27.59
N PRO C 47 -33.07 8.48 -27.73
CA PRO C 47 -33.49 9.82 -27.36
C PRO C 47 -33.39 10.16 -25.87
N GLU C 48 -33.66 11.40 -25.49
CA GLU C 48 -33.58 11.82 -24.08
C GLU C 48 -34.67 11.19 -23.20
N ALA C 49 -34.31 10.79 -21.98
CA ALA C 49 -35.21 10.17 -20.99
C ALA C 49 -36.00 8.93 -21.46
N TRP C 50 -35.60 8.29 -22.57
CA TRP C 50 -36.42 7.34 -23.30
C TRP C 50 -36.79 6.07 -22.54
N LEU C 51 -36.07 5.73 -21.48
CA LEU C 51 -36.50 4.76 -20.48
C LEU C 51 -36.79 5.51 -19.16
N PRO C 52 -38.04 5.51 -18.62
CA PRO C 52 -39.28 4.91 -19.12
C PRO C 52 -40.08 5.84 -20.05
N GLY C 53 -39.45 6.91 -20.54
CA GLY C 53 -40.08 7.93 -21.38
C GLY C 53 -40.07 9.30 -20.72
N TYR C 54 -39.96 10.32 -21.55
CA TYR C 54 -39.82 11.72 -21.10
C TYR C 54 -41.04 12.20 -20.28
N PRO C 55 -40.82 12.97 -19.19
CA PRO C 55 -41.86 13.32 -18.23
C PRO C 55 -42.81 14.42 -18.70
N TRP C 56 -43.63 14.15 -19.72
CA TRP C 56 -44.42 15.17 -20.41
C TRP C 56 -45.43 15.97 -19.60
N TRP C 57 -45.91 15.52 -18.47
CA TRP C 57 -46.88 16.28 -17.68
C TRP C 57 -46.32 17.60 -17.19
N ILE C 58 -45.00 17.72 -17.00
CA ILE C 58 -44.37 18.96 -16.54
C ILE C 58 -44.64 20.12 -17.49
N TRP C 59 -44.84 19.83 -18.77
CA TRP C 59 -45.22 20.84 -19.75
C TRP C 59 -46.72 21.06 -19.88
N LEU C 60 -47.57 20.12 -19.47
CA LEU C 60 -49.00 20.18 -19.71
C LEU C 60 -49.85 20.69 -18.54
N ASP C 61 -49.34 20.52 -17.32
CA ASP C 61 -50.11 20.58 -16.08
C ASP C 61 -49.38 21.41 -15.01
N SER C 62 -50.11 21.82 -13.99
CA SER C 62 -49.50 22.20 -12.70
C SER C 62 -48.78 21.00 -12.05
N PRO C 63 -47.89 21.24 -11.06
CA PRO C 63 -47.34 20.18 -10.22
C PRO C 63 -48.43 19.25 -9.62
N ALA C 64 -49.56 19.80 -9.17
CA ALA C 64 -50.71 19.05 -8.71
C ALA C 64 -51.26 18.09 -9.76
N GLY C 65 -51.43 18.55 -11.01
CA GLY C 65 -51.88 17.68 -12.09
C GLY C 65 -50.93 16.52 -12.37
N GLY C 66 -49.62 16.76 -12.26
CA GLY C 66 -48.58 15.75 -12.46
C GLY C 66 -48.49 14.63 -11.41
N MET C 67 -49.12 14.76 -10.25
CA MET C 67 -48.90 13.82 -9.13
C MET C 67 -49.32 12.36 -9.41
N ARG C 68 -50.20 12.10 -10.40
CA ARG C 68 -50.50 10.72 -10.84
C ARG C 68 -49.34 10.05 -11.58
N PHE C 69 -48.44 10.83 -12.18
CA PHE C 69 -47.25 10.37 -12.88
C PHE C 69 -46.00 10.37 -12.02
N VAL C 70 -45.90 11.24 -11.00
CA VAL C 70 -44.71 11.33 -10.16
C VAL C 70 -44.29 10.00 -9.53
N GLN C 71 -45.22 9.29 -8.87
CA GLN C 71 -44.92 7.98 -8.31
C GLN C 71 -44.53 6.96 -9.38
N ARG C 72 -45.22 6.98 -10.54
CA ARG C 72 -44.96 6.06 -11.65
C ARG C 72 -43.58 6.29 -12.25
N ASN C 73 -43.20 7.55 -12.46
CA ASN C 73 -41.90 7.92 -12.98
C ASN C 73 -40.76 7.54 -12.01
N PHE C 74 -40.97 7.71 -10.71
CA PHE C 74 -40.01 7.27 -9.69
C PHE C 74 -39.90 5.75 -9.57
N ASP C 75 -40.99 5.00 -9.73
CA ASP C 75 -40.99 3.53 -9.70
C ASP C 75 -40.53 2.87 -11.01
N ASN C 76 -40.48 3.62 -12.10
CA ASN C 76 -40.04 3.17 -13.43
C ASN C 76 -38.74 3.85 -13.94
N ALA C 77 -38.09 4.65 -13.10
CA ALA C 77 -36.71 5.07 -13.28
C ALA C 77 -35.73 3.88 -13.31
N LEU C 78 -34.62 4.06 -14.00
CA LEU C 78 -33.69 3.00 -14.35
C LEU C 78 -32.38 3.16 -13.58
N GLU C 79 -32.15 2.32 -12.58
CA GLU C 79 -30.92 2.37 -11.79
C GLU C 79 -29.75 1.65 -12.48
N VAL C 80 -28.58 2.30 -12.57
CA VAL C 80 -27.41 1.71 -13.24
C VAL C 80 -26.93 0.48 -12.48
N GLY C 81 -26.84 -0.66 -13.15
CA GLY C 81 -26.50 -1.94 -12.52
C GLY C 81 -27.69 -2.75 -11.96
N SER C 82 -28.92 -2.24 -12.06
CA SER C 82 -30.14 -2.99 -11.75
C SER C 82 -30.50 -3.98 -12.86
N GLU C 83 -31.31 -5.02 -12.61
CA GLU C 83 -31.69 -6.02 -13.61
C GLU C 83 -32.23 -5.43 -14.93
N PRO C 84 -33.21 -4.50 -14.97
CA PRO C 84 -33.59 -3.81 -16.20
C PRO C 84 -32.50 -2.97 -16.87
N PHE C 85 -31.42 -2.60 -16.18
CA PHE C 85 -30.25 -1.98 -16.82
C PHE C 85 -29.32 -3.04 -17.42
N GLU C 86 -29.06 -4.13 -16.69
CA GLU C 86 -28.28 -5.25 -17.20
C GLU C 86 -28.90 -5.91 -18.44
N ARG C 87 -30.23 -5.90 -18.55
CA ARG C 87 -30.97 -6.37 -19.74
C ARG C 87 -30.67 -5.55 -21.01
N LEU C 88 -30.35 -4.26 -20.87
CA LEU C 88 -29.83 -3.41 -21.97
C LEU C 88 -28.32 -3.61 -22.19
N CYS C 89 -27.62 -3.88 -21.11
CA CYS C 89 -26.17 -4.02 -21.10
C CYS C 89 -25.72 -5.30 -21.83
N ARG C 90 -26.27 -6.47 -21.46
CA ARG C 90 -26.13 -7.73 -22.20
C ARG C 90 -26.58 -7.58 -23.65
N ALA C 91 -27.68 -6.88 -23.95
CA ALA C 91 -28.15 -6.75 -25.34
C ALA C 91 -27.21 -5.97 -26.27
N ALA C 92 -26.35 -5.08 -25.77
CA ALA C 92 -25.27 -4.50 -26.56
C ALA C 92 -24.18 -5.51 -26.91
N ALA C 93 -23.85 -6.46 -26.04
CA ALA C 93 -22.95 -7.58 -26.35
C ALA C 93 -23.60 -8.62 -27.28
N GLN C 94 -24.86 -9.01 -27.00
CA GLN C 94 -25.68 -9.95 -27.78
C GLN C 94 -25.88 -9.51 -29.24
N HIS C 95 -25.83 -8.20 -29.52
CA HIS C 95 -25.89 -7.64 -30.87
C HIS C 95 -24.59 -6.91 -31.31
N LYS C 96 -23.54 -6.98 -30.50
CA LYS C 96 -22.17 -6.55 -30.80
C LYS C 96 -22.09 -5.11 -31.33
N ILE C 97 -22.75 -4.18 -30.61
CA ILE C 97 -23.06 -2.80 -31.01
C ILE C 97 -22.86 -1.87 -29.81
N TYR C 98 -22.27 -0.69 -30.02
CA TYR C 98 -22.27 0.39 -29.01
C TYR C 98 -23.68 0.93 -28.82
N VAL C 99 -24.18 0.99 -27.60
CA VAL C 99 -25.51 1.55 -27.30
C VAL C 99 -25.37 2.80 -26.47
N VAL C 100 -25.96 3.92 -26.90
CA VAL C 100 -26.01 5.12 -26.08
C VAL C 100 -27.45 5.31 -25.62
N LEU C 101 -27.75 4.82 -24.41
CA LEU C 101 -29.07 4.96 -23.80
C LEU C 101 -29.30 6.41 -23.36
N GLY C 102 -30.54 6.88 -23.42
CA GLY C 102 -31.03 8.03 -22.68
C GLY C 102 -32.17 7.61 -21.76
N PHE C 103 -32.16 8.06 -20.50
CA PHE C 103 -33.07 7.54 -19.49
C PHE C 103 -33.26 8.48 -18.30
N THR C 104 -34.29 8.22 -17.50
CA THR C 104 -34.37 8.68 -16.12
C THR C 104 -33.57 7.73 -15.24
N GLU C 105 -32.46 8.17 -14.65
CA GLU C 105 -31.79 7.43 -13.59
C GLU C 105 -32.50 7.71 -12.26
N ARG C 106 -32.39 6.82 -11.26
CA ARG C 106 -32.55 7.24 -9.86
C ARG C 106 -31.38 6.84 -8.95
N SER C 107 -31.10 7.66 -7.94
CA SER C 107 -30.11 7.36 -6.90
C SER C 107 -30.72 7.59 -5.52
N GLY C 108 -31.29 6.54 -4.93
CA GLY C 108 -31.93 6.54 -3.61
C GLY C 108 -33.29 7.25 -3.54
N GLY C 109 -33.32 8.50 -3.97
CA GLY C 109 -34.48 9.38 -3.84
C GLY C 109 -34.55 10.53 -4.83
N THR C 110 -33.46 10.81 -5.55
CA THR C 110 -33.38 11.84 -6.58
C THR C 110 -33.40 11.18 -7.95
N LEU C 111 -34.25 11.67 -8.85
CA LEU C 111 -34.13 11.33 -10.26
C LEU C 111 -33.03 12.16 -10.88
N TYR C 112 -32.36 11.61 -11.88
CA TYR C 112 -31.41 12.34 -12.72
C TYR C 112 -31.71 12.07 -14.18
N LEU C 113 -31.42 13.02 -15.04
CA LEU C 113 -31.65 12.87 -16.46
C LEU C 113 -30.39 12.38 -17.14
N ALA C 114 -30.36 11.11 -17.52
CA ALA C 114 -29.15 10.32 -17.65
C ALA C 114 -28.88 9.82 -19.06
N GLN C 115 -27.63 9.41 -19.29
CA GLN C 115 -27.19 8.72 -20.49
C GLN C 115 -26.15 7.66 -20.15
N ALA C 116 -26.06 6.57 -20.91
CA ALA C 116 -25.02 5.57 -20.71
C ALA C 116 -24.49 5.08 -22.06
N ILE C 117 -23.20 5.16 -22.27
CA ILE C 117 -22.50 4.60 -23.43
C ILE C 117 -22.06 3.19 -23.04
N ILE C 118 -22.58 2.18 -23.73
CA ILE C 118 -22.31 0.78 -23.48
C ILE C 118 -21.43 0.25 -24.62
N ASP C 119 -20.37 -0.47 -24.24
CA ASP C 119 -19.32 -1.07 -25.07
C ASP C 119 -19.83 -2.26 -25.91
N ASP C 120 -19.02 -2.73 -26.87
CA ASP C 120 -19.28 -3.96 -27.65
C ASP C 120 -19.21 -5.24 -26.79
N CYS C 121 -18.56 -5.15 -25.64
CA CYS C 121 -18.54 -6.16 -24.59
C CYS C 121 -19.72 -6.02 -23.60
N GLY C 122 -20.69 -5.12 -23.86
CA GLY C 122 -21.89 -4.97 -23.03
C GLY C 122 -21.59 -4.58 -21.57
N ARG C 123 -20.72 -3.60 -21.39
CA ARG C 123 -20.28 -2.96 -20.13
C ARG C 123 -20.32 -1.45 -20.34
N VAL C 124 -20.55 -0.66 -19.30
CA VAL C 124 -20.58 0.79 -19.49
C VAL C 124 -19.17 1.35 -19.73
N VAL C 125 -18.99 2.07 -20.84
CA VAL C 125 -17.83 2.95 -21.04
C VAL C 125 -17.89 4.06 -19.98
N ALA C 126 -19.04 4.71 -19.91
CA ALA C 126 -19.43 5.61 -18.84
C ALA C 126 -20.95 5.76 -18.78
N THR C 127 -21.51 5.85 -17.58
CA THR C 127 -22.80 6.48 -17.35
C THR C 127 -22.61 7.98 -17.13
N ARG C 128 -23.70 8.74 -17.20
CA ARG C 128 -23.72 10.20 -17.24
C ARG C 128 -25.04 10.72 -16.68
N ARG C 129 -25.04 11.96 -16.20
CA ARG C 129 -26.21 12.78 -15.83
C ARG C 129 -26.12 14.16 -16.49
N LYS C 130 -27.24 14.81 -16.75
CA LYS C 130 -27.34 16.16 -17.27
C LYS C 130 -26.81 17.20 -16.26
N LEU C 131 -25.97 18.15 -16.64
CA LEU C 131 -25.43 19.11 -15.67
C LEU C 131 -26.52 20.00 -15.10
N LYS C 132 -27.45 20.48 -15.92
CA LYS C 132 -28.50 21.41 -15.52
C LYS C 132 -29.75 21.04 -16.30
N PRO C 133 -30.81 20.52 -15.69
CA PRO C 133 -32.10 20.35 -16.35
C PRO C 133 -32.67 21.67 -16.87
N THR C 134 -33.53 21.60 -17.88
CA THR C 134 -34.27 22.73 -18.46
C THR C 134 -35.28 23.26 -17.46
N HIS C 135 -35.76 24.50 -17.56
CA HIS C 135 -36.39 25.22 -16.45
C HIS C 135 -37.46 24.41 -15.69
N VAL C 136 -38.37 23.71 -16.36
CA VAL C 136 -39.37 22.88 -15.66
C VAL C 136 -38.93 21.44 -15.38
N GLU C 137 -37.95 20.90 -16.11
CA GLU C 137 -37.31 19.62 -15.79
C GLU C 137 -36.60 19.63 -14.46
N ARG C 138 -36.19 20.80 -13.95
CA ARG C 138 -35.64 21.00 -12.61
C ARG C 138 -36.62 20.64 -11.49
N SER C 139 -37.91 20.55 -11.79
CA SER C 139 -38.94 20.07 -10.88
C SER C 139 -38.95 18.54 -10.73
N VAL C 140 -38.38 17.80 -11.69
CA VAL C 140 -38.33 16.32 -11.71
C VAL C 140 -36.96 15.82 -11.34
N TYR C 141 -35.93 16.45 -11.90
CA TYR C 141 -34.58 15.93 -11.90
C TYR C 141 -33.61 16.82 -11.10
N GLY C 142 -32.60 16.18 -10.52
CA GLY C 142 -31.43 16.84 -9.99
C GLY C 142 -30.38 17.11 -11.06
N GLU C 143 -29.14 17.26 -10.60
CA GLU C 143 -28.06 17.79 -11.41
C GLU C 143 -26.81 16.91 -11.38
N GLY C 144 -26.13 16.82 -12.53
CA GLY C 144 -24.85 16.15 -12.66
C GLY C 144 -23.71 16.97 -12.07
N ASP C 145 -22.56 16.96 -12.72
CA ASP C 145 -21.40 17.85 -12.43
C ASP C 145 -20.37 17.75 -13.57
N GLY C 146 -19.16 18.26 -13.38
CA GLY C 146 -18.17 18.25 -14.46
C GLY C 146 -17.67 16.88 -14.88
N SER C 147 -17.90 15.82 -14.12
CA SER C 147 -17.56 14.46 -14.55
C SER C 147 -18.42 13.98 -15.72
N ASP C 148 -19.55 14.63 -15.94
CA ASP C 148 -20.47 14.47 -17.07
C ASP C 148 -20.11 15.32 -18.30
N LEU C 149 -19.03 16.09 -18.24
CA LEU C 149 -18.40 16.74 -19.38
C LEU C 149 -17.23 15.84 -19.83
N ALA C 150 -17.54 14.64 -20.32
CA ALA C 150 -16.54 13.63 -20.65
C ALA C 150 -16.80 12.97 -22.00
N VAL C 151 -15.73 12.94 -22.80
CA VAL C 151 -15.60 12.30 -24.10
C VAL C 151 -14.63 11.13 -23.97
N HIS C 152 -15.05 9.95 -24.40
CA HIS C 152 -14.40 8.68 -24.09
C HIS C 152 -13.71 8.14 -25.34
N ASP C 153 -12.47 7.67 -25.23
CA ASP C 153 -11.97 6.69 -26.18
C ASP C 153 -12.86 5.45 -26.15
N THR C 154 -13.32 5.03 -27.32
CA THR C 154 -14.00 3.77 -27.59
C THR C 154 -13.36 3.16 -28.84
N THR C 155 -13.76 1.95 -29.23
CA THR C 155 -13.36 1.37 -30.52
C THR C 155 -13.84 2.22 -31.71
N LEU C 156 -14.79 3.16 -31.49
CA LEU C 156 -15.33 4.09 -32.49
C LEU C 156 -14.71 5.48 -32.40
N GLY C 157 -13.53 5.64 -31.77
CA GLY C 157 -12.88 6.93 -31.59
C GLY C 157 -13.36 7.67 -30.34
N ARG C 158 -13.20 8.99 -30.33
CA ARG C 158 -13.56 9.88 -29.23
C ARG C 158 -15.08 10.12 -29.21
N LEU C 159 -15.80 9.38 -28.38
CA LEU C 159 -17.25 9.35 -28.32
C LEU C 159 -17.81 10.09 -27.11
N GLY C 160 -18.75 11.00 -27.30
CA GLY C 160 -19.33 11.81 -26.23
C GLY C 160 -20.84 11.99 -26.36
N ALA C 161 -21.46 12.48 -25.30
CA ALA C 161 -22.90 12.73 -25.26
C ALA C 161 -23.25 13.91 -24.35
N LEU C 162 -24.33 14.60 -24.69
CA LEU C 162 -25.00 15.70 -23.98
C LEU C 162 -26.51 15.52 -24.23
N CYS C 163 -27.42 16.17 -23.50
CA CYS C 163 -28.84 16.15 -23.87
C CYS C 163 -29.56 17.50 -23.81
N CYS C 164 -30.44 17.65 -24.80
CA CYS C 164 -31.15 18.84 -25.23
C CYS C 164 -30.46 20.18 -24.89
N ALA C 165 -30.84 20.84 -23.80
CA ALA C 165 -30.37 22.19 -23.48
C ALA C 165 -28.85 22.30 -23.26
N GLU C 166 -28.13 21.22 -22.96
CA GLU C 166 -26.67 21.23 -22.89
C GLU C 166 -25.98 21.55 -24.22
N HIS C 167 -26.68 21.51 -25.35
CA HIS C 167 -26.22 22.04 -26.65
C HIS C 167 -26.30 23.56 -26.75
N ILE C 168 -27.17 24.18 -25.95
CA ILE C 168 -27.42 25.62 -25.83
C ILE C 168 -26.49 26.29 -24.82
N GLN C 169 -25.66 25.53 -24.10
CA GLN C 169 -24.74 26.04 -23.09
C GLN C 169 -23.29 26.06 -23.64
N PRO C 170 -22.71 27.25 -23.93
CA PRO C 170 -21.45 27.30 -24.67
C PRO C 170 -20.24 26.75 -23.94
N LEU C 171 -20.09 27.00 -22.63
CA LEU C 171 -18.97 26.47 -21.86
C LEU C 171 -19.06 24.96 -21.72
N SER C 172 -20.29 24.45 -21.60
CA SER C 172 -20.58 23.02 -21.45
C SER C 172 -20.22 22.21 -22.70
N LYS C 173 -20.20 22.84 -23.87
CA LYS C 173 -19.72 22.19 -25.11
C LYS C 173 -18.29 22.54 -25.46
N TYR C 174 -17.75 23.70 -25.07
CA TYR C 174 -16.30 23.87 -25.14
C TYR C 174 -15.57 22.83 -24.30
N ALA C 175 -16.07 22.51 -23.11
CA ALA C 175 -15.58 21.41 -22.28
C ALA C 175 -15.55 20.06 -23.00
N MET C 176 -16.41 19.86 -23.99
CA MET C 176 -16.48 18.63 -24.79
C MET C 176 -15.55 18.68 -25.99
N TYR C 177 -15.45 19.83 -26.66
CA TYR C 177 -14.46 20.06 -27.72
C TYR C 177 -13.03 20.00 -27.23
N ALA C 178 -12.78 20.42 -25.99
CA ALA C 178 -11.47 20.37 -25.34
C ALA C 178 -10.87 18.96 -25.27
N GLN C 179 -11.70 17.94 -25.42
CA GLN C 179 -11.31 16.53 -25.37
C GLN C 179 -11.18 15.90 -26.77
N HIS C 180 -11.13 16.76 -27.79
CA HIS C 180 -10.89 16.48 -29.21
C HIS C 180 -11.87 15.43 -29.75
N GLU C 181 -13.15 15.65 -29.47
CA GLU C 181 -14.28 14.80 -29.81
C GLU C 181 -14.43 14.49 -31.30
N GLN C 182 -14.90 13.29 -31.64
CA GLN C 182 -15.02 12.81 -33.01
C GLN C 182 -16.45 12.42 -33.36
N VAL C 183 -17.18 11.74 -32.47
CA VAL C 183 -18.60 11.43 -32.63
C VAL C 183 -19.35 11.79 -31.37
N HIS C 184 -20.56 12.28 -31.55
CA HIS C 184 -21.36 12.90 -30.51
C HIS C 184 -22.82 12.40 -30.56
N ILE C 185 -23.43 12.22 -29.41
CA ILE C 185 -24.85 11.92 -29.25
C ILE C 185 -25.54 13.12 -28.58
N ALA C 186 -26.33 13.83 -29.38
CA ALA C 186 -27.15 14.94 -28.97
C ALA C 186 -28.57 14.43 -28.71
N ALA C 187 -28.88 13.94 -27.51
CA ALA C 187 -30.18 13.35 -27.24
C ALA C 187 -31.30 14.39 -27.02
N TRP C 188 -32.47 14.20 -27.65
CA TRP C 188 -33.63 15.08 -27.59
C TRP C 188 -34.93 14.38 -27.22
N PRO C 189 -35.91 15.07 -26.60
CA PRO C 189 -37.28 14.60 -26.55
C PRO C 189 -37.99 14.89 -27.90
N SER C 190 -39.27 14.57 -28.00
CA SER C 190 -40.11 14.88 -29.15
C SER C 190 -40.35 16.39 -29.26
N PHE C 191 -40.33 16.97 -30.46
CA PHE C 191 -40.55 18.40 -30.69
C PHE C 191 -42.01 18.74 -31.07
N SER C 192 -42.99 18.13 -30.40
CA SER C 192 -44.42 18.47 -30.57
C SER C 192 -45.04 19.13 -29.35
N VAL C 193 -44.23 19.46 -28.33
CA VAL C 193 -44.65 20.26 -27.20
C VAL C 193 -44.70 21.73 -27.62
N TYR C 194 -45.80 22.40 -27.27
CA TYR C 194 -46.00 23.83 -27.48
C TYR C 194 -45.80 24.23 -28.95
N ARG C 195 -46.28 23.43 -29.90
CA ARG C 195 -46.17 23.65 -31.36
C ARG C 195 -46.69 25.04 -31.74
N GLY C 196 -45.84 25.88 -32.31
CA GLY C 196 -46.18 27.24 -32.70
C GLY C 196 -46.42 28.23 -31.56
N ALA C 197 -46.33 27.80 -30.30
CA ALA C 197 -46.56 28.62 -29.12
C ALA C 197 -45.29 29.21 -28.50
N ALA C 198 -44.17 28.49 -28.50
CA ALA C 198 -42.87 29.00 -28.03
C ALA C 198 -41.70 28.35 -28.77
N PHE C 199 -40.86 29.14 -29.46
CA PHE C 199 -39.92 28.62 -30.47
C PHE C 199 -38.75 27.82 -29.87
N GLN C 200 -38.38 28.04 -28.62
CA GLN C 200 -37.24 27.39 -27.97
C GLN C 200 -37.36 25.86 -27.91
N LEU C 201 -38.57 25.31 -27.98
CA LEU C 201 -38.89 23.88 -27.88
C LEU C 201 -39.12 23.24 -29.27
N SER C 202 -38.81 23.95 -30.35
CA SER C 202 -39.19 23.56 -31.73
C SER C 202 -38.11 22.74 -32.46
N ALA C 203 -38.49 22.01 -33.49
CA ALA C 203 -37.51 21.36 -34.36
C ALA C 203 -36.57 22.36 -35.04
N GLN C 204 -37.06 23.51 -35.51
CA GLN C 204 -36.25 24.55 -36.13
C GLN C 204 -35.18 25.09 -35.18
N ALA C 205 -35.49 25.25 -33.90
CA ALA C 205 -34.51 25.66 -32.90
C ALA C 205 -33.50 24.56 -32.58
N ASN C 206 -33.95 23.34 -32.31
CA ASN C 206 -33.12 22.32 -31.66
C ASN C 206 -32.38 21.41 -32.65
N ASN C 207 -32.84 21.36 -33.89
CA ASN C 207 -32.03 20.85 -34.98
C ASN C 207 -31.02 21.89 -35.46
N ALA C 208 -31.28 23.19 -35.36
CA ALA C 208 -30.22 24.19 -35.55
C ALA C 208 -29.14 24.05 -34.46
N ALA C 209 -29.51 23.92 -33.19
CA ALA C 209 -28.59 23.63 -32.10
C ALA C 209 -27.73 22.39 -32.36
N SER C 210 -28.32 21.29 -32.87
CA SER C 210 -27.59 20.08 -33.21
C SER C 210 -26.72 20.20 -34.44
N GLN C 211 -27.18 20.89 -35.48
CA GLN C 211 -26.39 21.21 -36.66
C GLN C 211 -25.17 22.06 -36.31
N VAL C 212 -25.38 23.07 -35.47
CA VAL C 212 -24.34 24.00 -35.03
C VAL C 212 -23.38 23.36 -34.06
N TYR C 213 -23.81 22.43 -33.21
CA TYR C 213 -22.86 21.63 -32.42
C TYR C 213 -21.93 20.84 -33.35
N ALA C 214 -22.42 20.29 -34.47
CA ALA C 214 -21.58 19.54 -35.43
C ALA C 214 -20.57 20.45 -36.14
N LEU C 215 -21.01 21.65 -36.53
CA LEU C 215 -20.22 22.70 -37.18
C LEU C 215 -19.17 23.33 -36.25
N GLU C 216 -19.52 23.59 -34.99
CA GLU C 216 -18.64 24.08 -33.91
C GLU C 216 -17.64 23.04 -33.42
N GLY C 217 -18.06 21.79 -33.29
CA GLY C 217 -17.22 20.72 -32.73
C GLY C 217 -16.37 19.97 -33.74
N GLN C 218 -16.76 20.01 -35.02
CA GLN C 218 -16.28 19.15 -36.10
C GLN C 218 -16.30 17.68 -35.67
N CYS C 219 -17.49 17.18 -35.35
CA CYS C 219 -17.76 15.81 -34.98
C CYS C 219 -19.10 15.38 -35.57
N PHE C 220 -19.28 14.07 -35.78
CA PHE C 220 -20.55 13.58 -36.29
C PHE C 220 -21.60 13.61 -35.18
N VAL C 221 -22.68 14.36 -35.33
CA VAL C 221 -23.74 14.50 -34.33
C VAL C 221 -24.92 13.61 -34.69
N LEU C 222 -25.09 12.51 -33.98
CA LEU C 222 -26.35 11.78 -33.93
C LEU C 222 -27.30 12.59 -33.09
N ALA C 223 -28.44 13.00 -33.65
CA ALA C 223 -29.53 13.62 -32.92
C ALA C 223 -30.73 12.64 -32.83
N PRO C 224 -30.69 11.61 -31.98
CA PRO C 224 -31.86 10.80 -31.74
C PRO C 224 -32.94 11.64 -31.06
N CYS C 225 -34.15 11.59 -31.59
CA CYS C 225 -35.27 12.39 -31.12
C CYS C 225 -36.47 11.47 -30.95
N ALA C 226 -37.17 11.59 -29.83
CA ALA C 226 -38.33 10.74 -29.53
C ALA C 226 -39.53 11.09 -30.43
N THR C 227 -40.65 10.42 -30.25
CA THR C 227 -41.92 10.80 -30.86
C THR C 227 -43.08 10.51 -29.90
N VAL C 228 -44.13 11.31 -29.92
CA VAL C 228 -45.32 11.16 -29.05
C VAL C 228 -46.39 10.40 -29.81
N SER C 229 -46.56 9.13 -29.48
CA SER C 229 -47.51 8.22 -30.13
C SER C 229 -48.97 8.43 -29.73
N LYS C 230 -49.90 8.04 -30.60
CA LYS C 230 -51.37 8.10 -30.42
C LYS C 230 -51.83 7.63 -29.04
N GLU C 231 -51.48 6.42 -28.65
CA GLU C 231 -51.93 5.83 -27.37
C GLU C 231 -51.25 6.42 -26.12
N MET C 232 -50.15 7.19 -26.27
CA MET C 232 -49.55 7.99 -25.17
C MET C 232 -50.40 9.20 -24.79
N LEU C 233 -51.06 9.84 -25.75
CA LEU C 233 -51.92 10.99 -25.52
C LEU C 233 -53.23 10.63 -24.82
N ASP C 234 -53.68 9.38 -24.91
CA ASP C 234 -54.87 8.93 -24.17
C ASP C 234 -54.61 8.92 -22.65
N GLU C 235 -53.35 8.79 -22.25
CA GLU C 235 -52.90 8.71 -20.85
C GLU C 235 -52.62 10.08 -20.25
N LEU C 236 -52.58 11.12 -21.09
CA LEU C 236 -51.79 12.33 -20.86
C LEU C 236 -52.53 13.63 -21.27
N ILE C 237 -53.58 13.56 -22.11
CA ILE C 237 -54.38 14.70 -22.53
C ILE C 237 -55.80 14.59 -21.94
N ASP C 238 -55.92 14.72 -20.62
CA ASP C 238 -57.20 14.60 -19.89
C ASP C 238 -58.15 15.82 -20.02
N SER C 239 -57.73 16.92 -20.65
CA SER C 239 -58.57 18.08 -20.98
C SER C 239 -58.24 18.56 -22.41
N PRO C 240 -59.23 18.96 -23.23
CA PRO C 240 -58.97 19.40 -24.58
C PRO C 240 -58.14 20.69 -24.65
N ALA C 241 -58.15 21.54 -23.61
CA ALA C 241 -57.30 22.73 -23.54
C ALA C 241 -55.78 22.41 -23.48
N LYS C 242 -55.44 21.15 -23.19
CA LYS C 242 -54.09 20.58 -23.25
C LYS C 242 -53.72 20.02 -24.61
N ALA C 243 -54.67 19.84 -25.54
CA ALA C 243 -54.40 19.09 -26.76
C ALA C 243 -53.39 19.80 -27.68
N GLU C 244 -53.50 21.12 -27.82
CA GLU C 244 -52.56 21.95 -28.56
C GLU C 244 -51.20 22.11 -27.86
N LEU C 245 -51.08 21.65 -26.62
CA LEU C 245 -49.82 21.71 -25.89
C LEU C 245 -48.90 20.53 -26.18
N LEU C 246 -49.41 19.39 -26.69
CA LEU C 246 -48.58 18.23 -27.04
C LEU C 246 -49.23 17.42 -28.17
N LEU C 247 -48.76 17.64 -29.40
CA LEU C 247 -49.32 17.01 -30.60
C LEU C 247 -48.76 15.59 -30.80
N GLU C 248 -49.51 14.75 -31.50
CA GLU C 248 -48.98 13.47 -31.96
C GLU C 248 -47.83 13.69 -32.96
N GLY C 249 -46.80 12.85 -32.93
CA GLY C 249 -45.62 12.99 -33.78
C GLY C 249 -44.45 13.63 -33.04
N GLY C 250 -44.01 14.83 -33.44
CA GLY C 250 -42.82 15.47 -32.89
C GLY C 250 -41.48 14.80 -33.22
N GLY C 251 -41.42 13.74 -34.03
CA GLY C 251 -40.19 13.05 -34.38
C GLY C 251 -39.38 13.79 -35.45
N PHE C 252 -38.36 14.55 -35.03
CA PHE C 252 -37.40 15.16 -35.95
C PHE C 252 -35.97 14.77 -35.57
N ALA C 253 -35.65 13.47 -35.60
CA ALA C 253 -34.28 13.03 -35.45
C ALA C 253 -33.45 13.45 -36.68
N MET C 254 -32.15 13.57 -36.52
CA MET C 254 -31.17 13.96 -37.54
C MET C 254 -29.85 13.24 -37.29
N ILE C 255 -28.97 13.19 -38.31
CA ILE C 255 -27.56 12.87 -38.12
C ILE C 255 -26.79 13.87 -38.98
N TYR C 256 -25.76 14.51 -38.43
CA TYR C 256 -24.97 15.55 -39.09
C TYR C 256 -23.50 15.13 -39.17
N GLY C 257 -22.82 15.48 -40.26
CA GLY C 257 -21.37 15.37 -40.41
C GLY C 257 -20.59 16.52 -39.75
N PRO C 258 -19.26 16.44 -39.64
CA PRO C 258 -18.42 17.45 -38.99
C PRO C 258 -18.33 18.80 -39.74
N ASP C 259 -18.82 18.86 -40.96
CA ASP C 259 -19.05 20.07 -41.73
C ASP C 259 -20.44 20.70 -41.46
N GLY C 260 -21.28 20.10 -40.61
CA GLY C 260 -22.65 20.54 -40.37
C GLY C 260 -23.66 20.13 -41.45
N ALA C 261 -23.28 19.33 -42.44
CA ALA C 261 -24.21 18.81 -43.43
C ALA C 261 -25.03 17.66 -42.82
N PRO C 262 -26.36 17.57 -43.05
CA PRO C 262 -27.15 16.41 -42.66
C PRO C 262 -26.77 15.19 -43.53
N LEU C 263 -26.52 14.05 -42.87
CA LEU C 263 -26.23 12.76 -43.48
C LEU C 263 -27.43 11.81 -43.53
N CYS C 264 -28.42 11.99 -42.66
CA CYS C 264 -29.57 11.09 -42.53
C CYS C 264 -30.48 11.06 -43.77
N THR C 265 -31.05 9.88 -44.08
CA THR C 265 -32.20 9.71 -44.99
C THR C 265 -33.49 10.00 -44.21
N PRO C 266 -34.30 11.03 -44.57
CA PRO C 266 -35.32 11.59 -43.69
C PRO C 266 -36.45 10.63 -43.27
N LEU C 267 -37.11 10.99 -42.18
CA LEU C 267 -38.31 10.35 -41.63
C LEU C 267 -39.34 11.47 -41.38
N ALA C 268 -40.63 11.18 -41.56
CA ALA C 268 -41.68 12.12 -41.23
C ALA C 268 -41.88 12.27 -39.70
N GLU C 269 -42.60 13.31 -39.32
CA GLU C 269 -42.82 13.70 -37.92
C GLU C 269 -43.54 12.63 -37.07
N THR C 270 -44.47 11.88 -37.67
CA THR C 270 -45.21 10.81 -37.02
C THR C 270 -44.59 9.41 -37.18
N GLU C 271 -43.53 9.29 -37.98
CA GLU C 271 -42.96 8.00 -38.40
C GLU C 271 -41.99 7.46 -37.34
N GLU C 272 -42.33 6.33 -36.74
CA GLU C 272 -41.34 5.58 -35.96
C GLU C 272 -40.33 4.93 -36.93
N GLY C 273 -39.06 4.90 -36.53
CA GLY C 273 -37.98 4.36 -37.37
C GLY C 273 -36.60 4.47 -36.73
N ILE C 274 -35.56 4.17 -37.50
CA ILE C 274 -34.16 4.44 -37.16
C ILE C 274 -33.55 5.10 -38.40
N LEU C 275 -32.78 6.15 -38.20
CA LEU C 275 -31.94 6.77 -39.23
C LEU C 275 -30.58 6.09 -39.26
N TYR C 276 -29.94 6.01 -40.42
CA TYR C 276 -28.58 5.45 -40.58
C TYR C 276 -27.66 6.43 -41.32
N ALA C 277 -26.37 6.39 -41.03
CA ALA C 277 -25.36 7.21 -41.73
C ALA C 277 -23.99 6.52 -41.77
N ASP C 278 -23.23 6.72 -42.85
CA ASP C 278 -21.88 6.19 -43.06
C ASP C 278 -20.82 7.17 -42.52
N ILE C 279 -20.06 6.78 -41.50
CA ILE C 279 -19.14 7.63 -40.75
C ILE C 279 -17.68 7.26 -41.06
N ASP C 280 -16.90 8.20 -41.60
CA ASP C 280 -15.46 8.09 -41.78
C ASP C 280 -14.78 9.11 -40.87
N LEU C 281 -14.04 8.66 -39.86
CA LEU C 281 -13.29 9.53 -38.96
C LEU C 281 -12.10 10.24 -39.64
N GLY C 282 -11.79 9.91 -40.90
CA GLY C 282 -10.88 10.68 -41.74
C GLY C 282 -11.46 11.99 -42.26
N VAL C 283 -12.79 12.11 -42.42
CA VAL C 283 -13.42 13.37 -42.89
C VAL C 283 -13.37 14.48 -41.87
N ILE C 284 -13.20 14.16 -40.58
CA ILE C 284 -12.99 15.17 -39.52
C ILE C 284 -11.75 16.03 -39.78
N GLY C 285 -10.70 15.47 -40.38
CA GLY C 285 -9.53 16.23 -40.88
C GLY C 285 -9.87 17.28 -41.93
N VAL C 286 -10.77 16.96 -42.87
CA VAL C 286 -11.26 17.93 -43.87
C VAL C 286 -12.09 19.03 -43.22
N ALA C 287 -13.01 18.66 -42.35
CA ALA C 287 -13.89 19.62 -41.70
C ALA C 287 -13.13 20.57 -40.76
N LYS C 288 -12.15 20.07 -40.00
CA LYS C 288 -11.23 20.89 -39.19
C LYS C 288 -10.27 21.80 -39.99
N ALA C 289 -10.49 22.00 -41.29
CA ALA C 289 -9.73 22.99 -42.06
C ALA C 289 -10.21 24.41 -41.74
N ALA C 290 -11.52 24.67 -41.83
CA ALA C 290 -12.10 25.99 -41.58
C ALA C 290 -12.06 26.40 -40.09
N TYR C 291 -12.44 25.47 -39.21
CA TYR C 291 -12.68 25.73 -37.80
C TYR C 291 -12.03 24.66 -36.93
N ASP C 292 -11.45 25.05 -35.80
CA ASP C 292 -11.07 24.15 -34.73
C ASP C 292 -10.97 24.95 -33.42
N PRO C 293 -12.03 25.04 -32.62
CA PRO C 293 -12.15 26.07 -31.57
C PRO C 293 -11.21 25.85 -30.37
N VAL C 294 -10.53 24.70 -30.32
CA VAL C 294 -9.57 24.29 -29.29
C VAL C 294 -8.15 24.17 -29.85
N GLY C 295 -7.94 24.62 -31.08
CA GLY C 295 -6.71 24.49 -31.86
C GLY C 295 -6.44 25.78 -32.63
N HIS C 296 -6.31 25.71 -33.95
CA HIS C 296 -5.97 26.86 -34.78
C HIS C 296 -6.92 28.04 -34.65
N TYR C 297 -8.23 27.85 -34.45
CA TYR C 297 -9.16 28.96 -34.31
C TYR C 297 -9.14 29.59 -32.90
N SER C 298 -8.71 28.84 -31.89
CA SER C 298 -8.63 29.30 -30.50
C SER C 298 -7.71 30.52 -30.28
N ARG C 299 -8.00 31.28 -29.23
CA ARG C 299 -7.09 32.33 -28.72
C ARG C 299 -6.97 32.27 -27.21
N PRO C 300 -6.10 31.38 -26.69
CA PRO C 300 -5.85 31.26 -25.26
C PRO C 300 -5.08 32.44 -24.63
N ASP C 301 -4.68 33.44 -25.40
CA ASP C 301 -4.25 34.77 -24.93
C ASP C 301 -5.44 35.69 -24.58
N VAL C 302 -6.64 35.38 -25.04
CA VAL C 302 -7.86 36.13 -24.72
C VAL C 302 -8.84 35.31 -23.88
N LEU C 303 -9.03 34.01 -24.17
CA LEU C 303 -10.10 33.18 -23.61
C LEU C 303 -9.58 31.82 -23.17
N ARG C 304 -9.89 31.40 -21.95
CA ARG C 304 -9.67 30.02 -21.49
C ARG C 304 -10.86 29.55 -20.68
N LEU C 305 -11.13 28.26 -20.73
CA LEU C 305 -12.10 27.64 -19.85
C LEU C 305 -11.39 27.21 -18.55
N LEU C 306 -12.03 27.45 -17.41
CA LEU C 306 -11.76 26.76 -16.16
C LEU C 306 -12.83 25.70 -15.97
N VAL C 307 -12.45 24.44 -15.77
CA VAL C 307 -13.42 23.37 -15.49
C VAL C 307 -13.04 22.51 -14.30
N ASN C 308 -14.01 22.29 -13.44
CA ASN C 308 -13.94 21.33 -12.35
C ASN C 308 -14.54 20.02 -12.83
N ARG C 309 -13.68 19.14 -13.31
CA ARG C 309 -14.02 17.76 -13.70
C ARG C 309 -14.59 16.90 -12.58
N GLU C 310 -14.23 17.19 -11.34
CA GLU C 310 -14.30 16.18 -10.27
C GLU C 310 -15.74 15.85 -9.88
N PRO C 311 -16.04 14.56 -9.63
CA PRO C 311 -17.36 14.11 -9.20
C PRO C 311 -17.66 14.66 -7.81
N MET C 312 -18.78 15.35 -7.63
CA MET C 312 -19.18 15.91 -6.34
C MET C 312 -19.87 14.87 -5.45
N THR C 313 -19.80 15.08 -4.15
CA THR C 313 -20.53 14.29 -3.15
C THR C 313 -21.08 15.20 -2.04
N ARG C 314 -22.16 14.77 -1.37
CA ARG C 314 -22.82 15.51 -0.28
C ARG C 314 -22.10 15.31 1.05
N VAL C 315 -21.43 14.18 1.21
CA VAL C 315 -20.77 13.72 2.43
C VAL C 315 -19.38 13.21 2.11
N HIS C 316 -18.44 13.42 3.03
CA HIS C 316 -17.08 12.91 2.97
C HIS C 316 -16.86 12.02 4.18
N TYR C 317 -16.46 10.79 3.94
CA TYR C 317 -16.25 9.82 4.99
C TYR C 317 -14.77 9.74 5.35
N VAL C 318 -14.43 10.09 6.59
CA VAL C 318 -13.07 10.11 7.13
C VAL C 318 -12.49 8.69 7.19
N GLN C 319 -11.26 8.51 6.72
CA GLN C 319 -10.51 7.24 6.76
C GLN C 319 -9.39 7.27 7.85
N PRO C 320 -9.17 6.17 8.58
CA PRO C 320 -8.24 6.14 9.72
C PRO C 320 -6.78 6.09 9.30
N LYS D 5 -28.25 46.95 21.18
CA LYS D 5 -29.57 46.95 21.84
C LYS D 5 -29.98 45.50 22.10
N LYS D 6 -30.07 45.07 23.37
CA LYS D 6 -30.36 43.66 23.74
C LYS D 6 -31.84 43.35 23.95
N GLN D 7 -32.71 44.34 24.10
CA GLN D 7 -34.16 44.16 24.24
C GLN D 7 -34.88 45.13 23.29
N TYR D 8 -35.81 44.64 22.48
CA TYR D 8 -36.54 45.43 21.49
C TYR D 8 -37.82 44.74 21.00
N LYS D 9 -38.82 45.48 20.52
CA LYS D 9 -40.01 44.92 19.86
C LYS D 9 -39.62 44.56 18.43
N VAL D 10 -40.17 43.48 17.88
CA VAL D 10 -39.94 43.08 16.48
C VAL D 10 -41.25 42.74 15.77
N ALA D 11 -41.29 42.94 14.46
CA ALA D 11 -42.48 42.81 13.64
C ALA D 11 -42.31 41.72 12.56
N ALA D 12 -43.32 40.86 12.40
CA ALA D 12 -43.45 40.02 11.21
C ALA D 12 -44.71 40.43 10.45
N VAL D 13 -44.56 40.79 9.18
CA VAL D 13 -45.66 41.12 8.28
C VAL D 13 -46.48 39.87 7.92
N GLN D 14 -47.80 39.99 8.00
CA GLN D 14 -48.71 39.05 7.35
C GLN D 14 -49.56 39.86 6.40
N ALA D 15 -49.21 40.00 5.12
CA ALA D 15 -49.97 40.83 4.19
C ALA D 15 -49.91 40.31 2.77
N ALA D 16 -50.94 40.55 1.97
CA ALA D 16 -50.88 40.23 0.55
C ALA D 16 -49.97 41.22 -0.20
N PRO D 17 -49.11 40.77 -1.13
CA PRO D 17 -48.35 41.64 -2.00
C PRO D 17 -49.29 42.35 -2.98
N ALA D 18 -48.91 43.55 -3.45
CA ALA D 18 -49.60 44.12 -4.61
C ALA D 18 -49.15 43.33 -5.84
N PHE D 19 -49.82 42.20 -6.08
CA PHE D 19 -49.34 41.15 -6.95
C PHE D 19 -49.13 41.63 -8.39
N LEU D 20 -47.90 41.45 -8.88
CA LEU D 20 -47.46 41.94 -10.19
C LEU D 20 -47.72 43.44 -10.42
N ASP D 21 -47.37 44.24 -9.42
CA ASP D 21 -47.18 45.67 -9.52
C ASP D 21 -46.09 46.11 -8.54
N LEU D 22 -44.88 46.39 -9.03
CA LEU D 22 -43.79 46.81 -8.14
C LEU D 22 -44.09 48.17 -7.49
N GLU D 23 -44.77 49.08 -8.15
CA GLU D 23 -44.96 50.44 -7.66
C GLU D 23 -46.03 50.51 -6.56
N ALA D 24 -47.08 49.70 -6.65
CA ALA D 24 -48.00 49.48 -5.52
C ALA D 24 -47.40 48.57 -4.44
N GLY D 25 -46.51 47.65 -4.83
CA GLY D 25 -45.80 46.76 -3.91
C GLY D 25 -44.89 47.54 -2.98
N VAL D 26 -44.03 48.36 -3.55
CA VAL D 26 -43.14 49.25 -2.80
C VAL D 26 -43.91 50.28 -1.98
N ALA D 27 -45.00 50.85 -2.50
CA ALA D 27 -45.87 51.74 -1.71
C ALA D 27 -46.45 51.05 -0.45
N LYS D 28 -46.90 49.80 -0.58
CA LYS D 28 -47.46 49.02 0.53
C LYS D 28 -46.38 48.49 1.48
N ALA D 29 -45.18 48.17 0.97
CA ALA D 29 -44.03 47.88 1.81
C ALA D 29 -43.67 49.10 2.67
N ILE D 30 -43.53 50.28 2.08
CA ILE D 30 -43.21 51.51 2.83
C ILE D 30 -44.30 51.87 3.85
N GLY D 31 -45.57 51.61 3.52
CA GLY D 31 -46.68 51.67 4.47
C GLY D 31 -46.57 50.72 5.66
N LEU D 32 -46.12 49.49 5.47
CA LEU D 32 -45.89 48.53 6.54
C LEU D 32 -44.57 48.77 7.31
N ILE D 33 -43.52 49.28 6.66
CA ILE D 33 -42.29 49.76 7.31
C ILE D 33 -42.63 50.89 8.28
N ALA D 34 -43.52 51.82 7.88
CA ALA D 34 -44.04 52.86 8.76
C ALA D 34 -44.94 52.31 9.86
N GLN D 35 -45.92 51.47 9.53
CA GLN D 35 -46.89 50.96 10.50
C GLN D 35 -46.22 50.13 11.59
N ALA D 36 -45.17 49.35 11.25
CA ALA D 36 -44.37 48.62 12.22
C ALA D 36 -43.48 49.53 13.08
N ALA D 37 -42.87 50.55 12.49
CA ALA D 37 -42.08 51.51 13.25
C ALA D 37 -42.93 52.39 14.19
N ALA D 38 -44.16 52.72 13.79
CA ALA D 38 -45.16 53.45 14.59
C ALA D 38 -45.59 52.65 15.82
N GLU D 39 -45.63 51.32 15.74
CA GLU D 39 -45.84 50.44 16.89
C GLU D 39 -44.60 50.35 17.82
N GLY D 40 -43.43 50.84 17.39
CA GLY D 40 -42.18 50.75 18.13
C GLY D 40 -41.36 49.50 17.84
N ALA D 41 -41.64 48.74 16.77
CA ALA D 41 -40.76 47.66 16.37
C ALA D 41 -39.41 48.20 15.84
N SER D 42 -38.30 47.62 16.27
CA SER D 42 -36.96 47.94 15.76
C SER D 42 -36.57 47.15 14.52
N LEU D 43 -37.33 46.10 14.18
CA LEU D 43 -37.14 45.21 13.06
C LEU D 43 -38.48 44.89 12.42
N VAL D 44 -38.60 44.90 11.09
CA VAL D 44 -39.78 44.44 10.38
C VAL D 44 -39.39 43.47 9.27
N ALA D 45 -39.99 42.30 9.28
CA ALA D 45 -39.69 41.21 8.38
C ALA D 45 -40.83 41.01 7.38
N PHE D 46 -40.48 40.91 6.11
CA PHE D 46 -41.40 40.70 4.99
C PHE D 46 -41.36 39.25 4.46
N PRO D 47 -42.48 38.75 3.93
CA PRO D 47 -42.60 37.42 3.32
C PRO D 47 -41.63 37.13 2.16
N GLU D 48 -41.63 35.89 1.69
CA GLU D 48 -40.88 35.49 0.50
C GLU D 48 -41.49 36.09 -0.78
N ALA D 49 -40.62 36.59 -1.67
CA ALA D 49 -40.98 37.21 -2.95
C ALA D 49 -42.05 38.32 -2.88
N TRP D 50 -42.15 39.05 -1.75
CA TRP D 50 -43.26 39.96 -1.51
C TRP D 50 -43.29 41.16 -2.46
N LEU D 51 -42.13 41.57 -2.95
CA LEU D 51 -42.04 42.49 -4.08
C LEU D 51 -41.60 41.70 -5.33
N PRO D 52 -42.36 41.63 -6.43
CA PRO D 52 -43.71 42.17 -6.67
C PRO D 52 -44.85 41.26 -6.21
N GLY D 53 -44.55 40.17 -5.49
CA GLY D 53 -45.48 39.11 -5.17
C GLY D 53 -45.02 37.74 -5.69
N TYR D 54 -45.22 36.70 -4.89
CA TYR D 54 -44.75 35.36 -5.20
C TYR D 54 -45.40 34.76 -6.46
N PRO D 55 -44.67 34.04 -7.33
CA PRO D 55 -45.10 33.66 -8.67
C PRO D 55 -46.07 32.49 -8.71
N TRP D 56 -47.29 32.64 -8.17
CA TRP D 56 -48.21 31.52 -8.00
C TRP D 56 -48.59 30.71 -9.24
N TRP D 57 -48.45 31.23 -10.45
CA TRP D 57 -48.77 30.47 -11.66
C TRP D 57 -47.92 29.20 -11.80
N ILE D 58 -46.74 29.11 -11.16
CA ILE D 58 -45.92 27.88 -11.22
C ILE D 58 -46.62 26.68 -10.58
N TRP D 59 -47.50 26.95 -9.61
CA TRP D 59 -48.30 25.96 -8.91
C TRP D 59 -49.65 25.71 -9.55
N LEU D 60 -50.07 26.51 -10.53
CA LEU D 60 -51.45 26.57 -11.02
C LEU D 60 -51.63 26.20 -12.48
N ASP D 61 -50.59 26.19 -13.31
CA ASP D 61 -50.70 25.87 -14.73
C ASP D 61 -49.38 25.33 -15.28
N SER D 62 -49.48 24.79 -16.48
CA SER D 62 -48.39 24.60 -17.43
C SER D 62 -47.56 25.87 -17.64
N PRO D 63 -46.26 25.78 -17.99
CA PRO D 63 -45.48 26.92 -18.45
C PRO D 63 -46.19 27.76 -19.54
N ALA D 64 -46.97 27.15 -20.46
CA ALA D 64 -47.80 27.85 -21.43
C ALA D 64 -48.86 28.74 -20.75
N GLY D 65 -49.55 28.23 -19.75
CA GLY D 65 -50.51 29.02 -18.97
C GLY D 65 -49.83 30.10 -18.12
N GLY D 66 -48.60 29.85 -17.69
CA GLY D 66 -47.73 30.82 -17.04
C GLY D 66 -47.22 31.95 -17.94
N MET D 67 -47.25 31.81 -19.27
CA MET D 67 -46.68 32.80 -20.19
C MET D 67 -47.24 34.22 -20.03
N ARG D 68 -48.52 34.40 -19.67
CA ARG D 68 -49.11 35.73 -19.44
C ARG D 68 -48.59 36.46 -18.19
N PHE D 69 -47.87 35.75 -17.32
CA PHE D 69 -47.31 36.29 -16.08
C PHE D 69 -45.79 36.43 -16.12
N VAL D 70 -45.10 35.63 -16.94
CA VAL D 70 -43.62 35.59 -17.00
C VAL D 70 -43.01 36.97 -17.32
N GLN D 71 -43.46 37.64 -18.39
CA GLN D 71 -42.94 38.97 -18.70
C GLN D 71 -43.32 40.01 -17.65
N ARG D 72 -44.53 39.97 -17.10
CA ARG D 72 -44.97 40.83 -16.00
C ARG D 72 -44.16 40.66 -14.73
N ASN D 73 -43.80 39.43 -14.41
CA ASN D 73 -42.97 39.12 -13.25
C ASN D 73 -41.53 39.57 -13.44
N PHE D 74 -41.00 39.37 -14.64
CA PHE D 74 -39.69 39.85 -15.02
C PHE D 74 -39.62 41.37 -14.99
N ASP D 75 -40.63 42.06 -15.49
CA ASP D 75 -40.70 43.53 -15.52
C ASP D 75 -41.01 44.20 -14.16
N ASN D 76 -41.60 43.47 -13.22
CA ASN D 76 -41.85 43.94 -11.85
C ASN D 76 -40.89 43.36 -10.79
N ALA D 77 -39.90 42.59 -11.22
CA ALA D 77 -38.76 42.25 -10.37
C ALA D 77 -38.05 43.52 -9.88
N LEU D 78 -37.51 43.42 -8.67
CA LEU D 78 -36.80 44.50 -7.99
C LEU D 78 -35.28 44.39 -8.22
N GLU D 79 -34.53 45.48 -8.24
CA GLU D 79 -33.08 45.44 -8.41
C GLU D 79 -32.38 46.25 -7.33
N VAL D 80 -31.30 45.72 -6.76
CA VAL D 80 -30.57 46.37 -5.68
C VAL D 80 -29.98 47.70 -6.15
N GLY D 81 -30.31 48.80 -5.46
CA GLY D 81 -29.92 50.16 -5.85
C GLY D 81 -30.71 50.80 -7.01
N SER D 82 -31.74 50.14 -7.54
CA SER D 82 -32.73 50.81 -8.39
C SER D 82 -33.61 51.77 -7.58
N GLU D 83 -34.21 52.79 -8.19
CA GLU D 83 -35.05 53.74 -7.46
C GLU D 83 -36.18 53.08 -6.63
N PRO D 84 -36.97 52.10 -7.11
CA PRO D 84 -37.90 51.34 -6.26
C PRO D 84 -37.25 50.55 -5.13
N PHE D 85 -35.95 50.21 -5.20
CA PHE D 85 -35.22 49.64 -4.07
C PHE D 85 -34.79 50.71 -3.07
N GLU D 86 -34.26 51.82 -3.57
CA GLU D 86 -33.81 52.94 -2.74
C GLU D 86 -34.97 53.63 -2.03
N ARG D 87 -36.18 53.61 -2.59
CA ARG D 87 -37.40 54.07 -1.92
C ARG D 87 -37.62 53.33 -0.59
N LEU D 88 -37.42 52.01 -0.55
CA LEU D 88 -37.48 51.18 0.66
C LEU D 88 -36.31 51.45 1.60
N CYS D 89 -35.12 51.65 1.04
CA CYS D 89 -33.90 51.99 1.74
C CYS D 89 -34.02 53.32 2.51
N ARG D 90 -34.51 54.36 1.85
CA ARG D 90 -34.88 55.65 2.45
C ARG D 90 -35.93 55.48 3.56
N ALA D 91 -36.95 54.66 3.35
CA ALA D 91 -38.00 54.42 4.35
C ALA D 91 -37.49 53.81 5.65
N ALA D 92 -36.49 52.93 5.59
CA ALA D 92 -35.90 52.33 6.79
C ALA D 92 -35.19 53.38 7.64
N ALA D 93 -34.36 54.24 7.02
CA ALA D 93 -33.75 55.40 7.68
C ALA D 93 -34.78 56.41 8.20
N GLN D 94 -35.78 56.74 7.37
CA GLN D 94 -36.85 57.68 7.72
C GLN D 94 -37.59 57.28 9.00
N HIS D 95 -37.76 55.98 9.22
CA HIS D 95 -38.47 55.43 10.37
C HIS D 95 -37.55 54.77 11.45
N LYS D 96 -36.23 54.77 11.28
CA LYS D 96 -35.27 54.19 12.24
C LYS D 96 -35.59 52.72 12.59
N ILE D 97 -35.88 51.91 11.57
CA ILE D 97 -36.27 50.49 11.67
C ILE D 97 -35.39 49.61 10.77
N TYR D 98 -34.96 48.44 11.25
CA TYR D 98 -34.32 47.46 10.37
C TYR D 98 -35.39 46.81 9.49
N VAL D 99 -35.19 46.77 8.18
CA VAL D 99 -36.15 46.17 7.24
C VAL D 99 -35.57 44.93 6.60
N VAL D 100 -36.24 43.79 6.74
CA VAL D 100 -35.85 42.56 6.06
C VAL D 100 -36.85 42.29 4.94
N LEU D 101 -36.53 42.79 3.75
CA LEU D 101 -37.30 42.58 2.53
C LEU D 101 -37.21 41.13 2.07
N GLY D 102 -38.27 40.56 1.50
CA GLY D 102 -38.22 39.45 0.57
C GLY D 102 -38.73 39.91 -0.78
N PHE D 103 -38.07 39.56 -1.87
CA PHE D 103 -38.38 40.06 -3.22
C PHE D 103 -37.87 39.15 -4.33
N THR D 104 -38.45 39.26 -5.52
CA THR D 104 -37.85 38.76 -6.76
C THR D 104 -36.76 39.75 -7.18
N GLU D 105 -35.51 39.32 -7.23
CA GLU D 105 -34.41 40.11 -7.81
C GLU D 105 -34.28 39.83 -9.30
N ARG D 106 -33.82 40.78 -10.14
CA ARG D 106 -33.24 40.44 -11.45
C ARG D 106 -31.76 40.84 -11.54
N SER D 107 -30.95 40.07 -12.26
CA SER D 107 -29.52 40.31 -12.45
C SER D 107 -29.03 39.59 -13.70
N GLY D 108 -28.96 40.32 -14.81
CA GLY D 108 -29.10 39.70 -16.13
C GLY D 108 -30.57 39.48 -16.44
N GLY D 109 -30.90 38.47 -17.24
CA GLY D 109 -32.30 38.06 -17.44
C GLY D 109 -32.83 37.07 -16.40
N THR D 110 -31.96 36.38 -15.69
CA THR D 110 -32.33 35.50 -14.58
C THR D 110 -32.93 36.31 -13.41
N LEU D 111 -33.96 35.72 -12.85
CA LEU D 111 -34.59 36.16 -11.61
C LEU D 111 -33.96 35.39 -10.44
N TYR D 112 -33.96 35.97 -9.24
CA TYR D 112 -33.56 35.28 -8.01
C TYR D 112 -34.56 35.50 -6.88
N LEU D 113 -34.71 34.47 -6.05
CA LEU D 113 -35.61 34.48 -4.92
C LEU D 113 -34.85 35.04 -3.73
N ALA D 114 -35.01 36.32 -3.48
CA ALA D 114 -34.05 37.11 -2.72
C ALA D 114 -34.61 37.77 -1.46
N GLN D 115 -33.69 38.26 -0.63
CA GLN D 115 -33.91 38.96 0.62
C GLN D 115 -32.91 40.09 0.80
N ALA D 116 -33.26 41.14 1.51
CA ALA D 116 -32.32 42.18 1.89
C ALA D 116 -32.59 42.73 3.28
N ILE D 117 -31.55 42.74 4.11
CA ILE D 117 -31.54 43.34 5.44
C ILE D 117 -31.02 44.77 5.28
N ILE D 118 -31.86 45.75 5.52
CA ILE D 118 -31.55 47.18 5.47
C ILE D 118 -31.41 47.67 6.91
N ASP D 119 -30.32 48.37 7.19
CA ASP D 119 -29.85 48.83 8.50
C ASP D 119 -30.80 49.83 9.17
N ASP D 120 -30.54 50.13 10.45
CA ASP D 120 -31.15 51.24 11.19
C ASP D 120 -31.18 52.56 10.37
N CYS D 121 -30.06 52.86 9.72
CA CYS D 121 -29.81 54.04 8.88
C CYS D 121 -29.88 53.78 7.37
N GLY D 122 -30.79 52.92 6.92
CA GLY D 122 -31.21 52.88 5.51
C GLY D 122 -30.09 52.64 4.51
N ARG D 123 -29.36 51.54 4.72
CA ARG D 123 -28.31 50.99 3.86
C ARG D 123 -28.32 49.46 3.97
N VAL D 124 -27.98 48.71 2.91
CA VAL D 124 -28.00 47.25 2.99
C VAL D 124 -26.90 46.70 3.88
N VAL D 125 -27.30 46.02 4.95
CA VAL D 125 -26.45 45.09 5.69
C VAL D 125 -26.16 43.92 4.76
N ALA D 126 -27.18 43.42 4.07
CA ALA D 126 -27.05 42.37 3.08
C ALA D 126 -28.17 42.44 2.04
N THR D 127 -27.83 41.98 0.84
CA THR D 127 -28.75 41.48 -0.18
C THR D 127 -28.34 40.03 -0.44
N ARG D 128 -29.31 39.14 -0.66
CA ARG D 128 -29.17 37.72 -0.34
C ARG D 128 -30.09 36.84 -1.19
N ARG D 129 -29.58 35.84 -1.90
CA ARG D 129 -30.35 34.99 -2.82
C ARG D 129 -30.53 33.56 -2.25
N LYS D 130 -31.69 32.93 -2.45
CA LYS D 130 -31.98 31.54 -2.03
C LYS D 130 -30.99 30.56 -2.64
N LEU D 131 -30.33 29.69 -1.88
CA LEU D 131 -29.31 28.78 -2.42
C LEU D 131 -29.88 27.79 -3.42
N LYS D 132 -31.15 27.46 -3.29
CA LYS D 132 -31.85 26.49 -4.10
C LYS D 132 -33.34 26.82 -4.04
N PRO D 133 -33.98 27.21 -5.14
CA PRO D 133 -35.43 27.24 -5.21
C PRO D 133 -36.03 25.85 -4.98
N THR D 134 -37.25 25.79 -4.47
CA THR D 134 -38.09 24.57 -4.39
C THR D 134 -38.34 24.01 -5.79
N HIS D 135 -38.72 22.75 -5.91
CA HIS D 135 -38.71 22.04 -7.19
C HIS D 135 -39.29 22.80 -8.38
N VAL D 136 -40.48 23.38 -8.28
CA VAL D 136 -41.07 24.16 -9.39
C VAL D 136 -40.70 25.64 -9.40
N GLU D 137 -40.23 26.18 -8.28
CA GLU D 137 -39.64 27.52 -8.24
C GLU D 137 -38.39 27.62 -9.13
N ARG D 138 -37.70 26.51 -9.37
CA ARG D 138 -36.55 26.41 -10.28
C ARG D 138 -36.90 26.71 -11.74
N SER D 139 -38.18 26.68 -12.09
CA SER D 139 -38.70 27.09 -13.40
C SER D 139 -38.86 28.59 -13.59
N VAL D 140 -38.60 29.38 -12.54
CA VAL D 140 -38.65 30.85 -12.50
C VAL D 140 -37.30 31.44 -12.09
N TYR D 141 -36.68 30.88 -11.04
CA TYR D 141 -35.55 31.47 -10.33
C TYR D 141 -34.24 30.72 -10.46
N GLY D 142 -33.14 31.46 -10.45
CA GLY D 142 -31.80 30.93 -10.29
C GLY D 142 -31.38 30.66 -8.84
N GLU D 143 -30.21 30.08 -8.69
CA GLU D 143 -29.59 29.76 -7.40
C GLU D 143 -28.73 30.89 -6.85
N GLY D 144 -28.67 31.06 -5.54
CA GLY D 144 -27.64 31.79 -4.82
C GLY D 144 -26.36 30.97 -4.67
N ASP D 145 -25.53 31.26 -3.68
CA ASP D 145 -24.29 30.51 -3.37
C ASP D 145 -23.92 30.63 -1.89
N GLY D 146 -22.71 30.26 -1.48
CA GLY D 146 -22.32 30.26 -0.08
C GLY D 146 -22.18 31.66 0.54
N SER D 147 -22.06 32.73 -0.26
CA SER D 147 -22.12 34.11 0.25
C SER D 147 -23.51 34.49 0.75
N ASP D 148 -24.53 33.71 0.41
CA ASP D 148 -25.92 33.87 0.84
C ASP D 148 -26.29 33.10 2.12
N LEU D 149 -25.37 32.33 2.73
CA LEU D 149 -25.49 31.79 4.09
C LEU D 149 -24.67 32.62 5.08
N ALA D 150 -25.08 33.87 5.26
CA ALA D 150 -24.41 34.85 6.10
C ALA D 150 -25.32 35.36 7.22
N VAL D 151 -24.71 35.56 8.38
CA VAL D 151 -25.29 36.18 9.57
C VAL D 151 -24.47 37.40 9.91
N HIS D 152 -25.10 38.50 10.29
CA HIS D 152 -24.46 39.83 10.35
C HIS D 152 -24.49 40.43 11.74
N ASP D 153 -23.41 41.05 12.21
CA ASP D 153 -23.46 41.92 13.39
C ASP D 153 -24.24 43.18 13.05
N THR D 154 -25.20 43.53 13.88
CA THR D 154 -26.08 44.69 13.74
C THR D 154 -26.32 45.35 15.11
N THR D 155 -27.02 46.49 15.13
CA THR D 155 -27.52 47.10 16.39
C THR D 155 -28.53 46.19 17.12
N LEU D 156 -29.03 45.14 16.45
CA LEU D 156 -29.97 44.15 16.96
C LEU D 156 -29.32 42.79 17.27
N GLY D 157 -28.00 42.69 17.32
CA GLY D 157 -27.28 41.43 17.49
C GLY D 157 -26.98 40.72 16.17
N ARG D 158 -26.58 39.45 16.23
CA ARG D 158 -26.25 38.60 15.09
C ARG D 158 -27.54 38.27 14.34
N LEU D 159 -27.75 38.84 13.16
CA LEU D 159 -29.02 38.85 12.45
C LEU D 159 -28.91 38.13 11.10
N GLY D 160 -29.75 37.14 10.84
CA GLY D 160 -29.72 36.34 9.61
C GLY D 160 -31.08 36.16 8.95
N ALA D 161 -31.10 35.66 7.72
CA ALA D 161 -32.35 35.33 7.02
C ALA D 161 -32.19 34.14 6.05
N LEU D 162 -33.23 33.32 5.89
CA LEU D 162 -33.40 32.22 4.91
C LEU D 162 -34.86 32.22 4.45
N CYS D 163 -35.22 31.54 3.34
CA CYS D 163 -36.62 31.47 2.89
C CYS D 163 -37.12 30.09 2.46
N CYS D 164 -38.41 29.89 2.77
CA CYS D 164 -39.15 28.65 2.86
C CYS D 164 -38.32 27.38 2.97
N ALA D 165 -38.21 26.56 1.94
CA ALA D 165 -37.58 25.25 2.06
C ALA D 165 -36.07 25.27 2.40
N GLU D 166 -35.39 26.42 2.51
CA GLU D 166 -34.07 26.49 3.17
C GLU D 166 -34.08 26.19 4.67
N HIS D 167 -35.24 26.05 5.30
CA HIS D 167 -35.37 25.47 6.63
C HIS D 167 -35.40 23.94 6.64
N ILE D 168 -35.62 23.31 5.48
CA ILE D 168 -35.76 21.87 5.23
C ILE D 168 -34.44 21.28 4.70
N GLN D 169 -33.33 21.86 5.15
CA GLN D 169 -31.98 21.72 4.59
C GLN D 169 -30.94 21.76 5.71
N PRO D 170 -30.63 20.64 6.37
CA PRO D 170 -29.84 20.62 7.60
C PRO D 170 -28.47 21.31 7.51
N LEU D 171 -27.68 21.07 6.47
CA LEU D 171 -26.38 21.71 6.33
C LEU D 171 -26.51 23.22 6.12
N SER D 172 -27.52 23.63 5.35
CA SER D 172 -27.79 25.02 5.01
C SER D 172 -28.23 25.87 6.19
N LYS D 173 -28.68 25.24 7.28
CA LYS D 173 -28.98 25.93 8.53
C LYS D 173 -27.94 25.67 9.62
N TYR D 174 -27.22 24.56 9.58
CA TYR D 174 -26.00 24.43 10.36
C TYR D 174 -24.94 25.47 9.99
N ALA D 175 -24.83 25.83 8.73
CA ALA D 175 -23.98 26.93 8.29
C ALA D 175 -24.35 28.29 8.91
N MET D 176 -25.63 28.50 9.23
CA MET D 176 -26.11 29.67 9.97
C MET D 176 -25.85 29.56 11.48
N TYR D 177 -26.08 28.40 12.08
CA TYR D 177 -25.79 28.15 13.49
C TYR D 177 -24.32 28.30 13.82
N ALA D 178 -23.45 27.89 12.91
CA ALA D 178 -22.01 28.06 12.97
C ALA D 178 -21.56 29.53 13.05
N GLN D 179 -22.44 30.47 12.75
CA GLN D 179 -22.18 31.90 12.84
C GLN D 179 -22.78 32.54 14.10
N HIS D 180 -23.26 31.74 15.05
CA HIS D 180 -23.71 32.15 16.37
C HIS D 180 -24.83 33.19 16.32
N GLU D 181 -25.74 33.01 15.37
CA GLU D 181 -26.96 33.76 15.17
C GLU D 181 -27.82 33.94 16.41
N GLN D 182 -28.30 35.16 16.66
CA GLN D 182 -29.19 35.50 17.77
C GLN D 182 -30.63 35.69 17.30
N VAL D 183 -30.85 36.32 16.15
CA VAL D 183 -32.18 36.61 15.60
C VAL D 183 -32.23 36.27 14.10
N HIS D 184 -33.36 35.72 13.67
CA HIS D 184 -33.51 35.08 12.37
C HIS D 184 -34.83 35.47 11.69
N ILE D 185 -34.81 35.74 10.39
CA ILE D 185 -36.01 35.93 9.57
C ILE D 185 -36.20 34.73 8.64
N ALA D 186 -37.23 33.96 8.92
CA ALA D 186 -37.67 32.81 8.15
C ALA D 186 -38.78 33.23 7.20
N ALA D 187 -38.45 33.73 6.02
CA ALA D 187 -39.46 34.24 5.10
C ALA D 187 -40.22 33.11 4.38
N TRP D 188 -41.56 33.17 4.35
CA TRP D 188 -42.45 32.19 3.72
C TRP D 188 -43.38 32.81 2.68
N PRO D 189 -43.87 32.04 1.68
CA PRO D 189 -44.81 32.51 0.67
C PRO D 189 -46.22 32.60 1.25
N SER D 190 -47.06 31.58 1.05
CA SER D 190 -48.37 31.42 1.69
C SER D 190 -48.70 29.94 1.79
N PHE D 191 -49.69 29.60 2.62
CA PHE D 191 -50.05 28.21 2.91
C PHE D 191 -51.47 27.80 2.49
N SER D 192 -52.02 28.50 1.49
CA SER D 192 -53.32 28.17 0.86
C SER D 192 -53.22 27.51 -0.50
N VAL D 193 -51.99 27.34 -1.01
CA VAL D 193 -51.71 26.50 -2.17
C VAL D 193 -51.82 25.04 -1.77
N TYR D 194 -52.51 24.25 -2.58
CA TYR D 194 -52.69 22.80 -2.38
C TYR D 194 -53.17 22.43 -0.97
N ARG D 195 -54.10 23.20 -0.40
CA ARG D 195 -54.70 22.94 0.91
C ARG D 195 -55.17 21.49 1.00
N GLY D 196 -54.61 20.72 1.93
CA GLY D 196 -54.89 19.29 2.09
C GLY D 196 -54.24 18.38 1.04
N ALA D 197 -54.11 18.84 -0.20
CA ALA D 197 -53.59 18.05 -1.32
C ALA D 197 -52.06 17.83 -1.33
N ALA D 198 -51.27 18.67 -0.67
CA ALA D 198 -49.84 18.41 -0.43
C ALA D 198 -49.38 18.99 0.92
N PHE D 199 -49.15 18.14 1.92
CA PHE D 199 -48.81 18.54 3.28
C PHE D 199 -47.52 19.35 3.38
N GLN D 200 -46.55 19.07 2.54
CA GLN D 200 -45.24 19.76 2.50
C GLN D 200 -45.36 21.26 2.29
N LEU D 201 -46.42 21.71 1.64
CA LEU D 201 -46.70 23.11 1.32
C LEU D 201 -47.70 23.75 2.30
N SER D 202 -48.09 23.06 3.38
CA SER D 202 -49.11 23.47 4.35
C SER D 202 -48.53 24.38 5.44
N ALA D 203 -49.39 24.97 6.25
CA ALA D 203 -48.93 25.71 7.42
C ALA D 203 -48.26 24.82 8.45
N GLN D 204 -48.84 23.66 8.75
CA GLN D 204 -48.38 22.76 9.79
C GLN D 204 -46.97 22.23 9.55
N ALA D 205 -46.62 21.91 8.31
CA ALA D 205 -45.26 21.51 7.93
C ALA D 205 -44.24 22.65 8.09
N ASN D 206 -44.62 23.87 7.75
CA ASN D 206 -43.70 24.99 7.57
C ASN D 206 -43.62 25.94 8.76
N ASN D 207 -44.67 25.99 9.56
CA ASN D 207 -44.55 26.51 10.91
C ASN D 207 -43.78 25.54 11.80
N ALA D 208 -43.89 24.22 11.64
CA ALA D 208 -42.99 23.29 12.32
C ALA D 208 -41.54 23.50 11.88
N ALA D 209 -41.23 23.63 10.59
CA ALA D 209 -39.87 23.93 10.13
C ALA D 209 -39.27 25.20 10.74
N SER D 210 -40.07 26.27 10.88
CA SER D 210 -39.67 27.51 11.54
C SER D 210 -39.52 27.36 13.06
N GLN D 211 -40.45 26.69 13.74
CA GLN D 211 -40.38 26.42 15.16
C GLN D 211 -39.19 25.56 15.51
N VAL D 212 -38.89 24.55 14.70
CA VAL D 212 -37.72 23.69 14.84
C VAL D 212 -36.44 24.44 14.48
N TYR D 213 -36.45 25.38 13.54
CA TYR D 213 -35.26 26.21 13.29
C TYR D 213 -34.95 27.08 14.50
N ALA D 214 -35.96 27.64 15.17
CA ALA D 214 -35.80 28.37 16.43
C ALA D 214 -35.23 27.49 17.53
N LEU D 215 -35.78 26.29 17.68
CA LEU D 215 -35.41 25.27 18.66
C LEU D 215 -34.02 24.65 18.44
N GLU D 216 -33.60 24.44 17.20
CA GLU D 216 -32.27 23.98 16.81
C GLU D 216 -31.20 25.06 16.93
N GLY D 217 -31.52 26.31 16.60
CA GLY D 217 -30.56 27.40 16.58
C GLY D 217 -30.46 28.19 17.87
N GLN D 218 -31.48 28.09 18.72
CA GLN D 218 -31.72 28.94 19.87
C GLN D 218 -31.63 30.42 19.50
N CYS D 219 -32.31 30.79 18.42
CA CYS D 219 -32.43 32.14 17.91
C CYS D 219 -33.90 32.50 17.79
N PHE D 220 -34.24 33.78 17.93
CA PHE D 220 -35.61 34.21 17.74
C PHE D 220 -35.97 34.15 16.27
N VAL D 221 -36.99 33.41 15.87
CA VAL D 221 -37.41 33.31 14.46
C VAL D 221 -38.63 34.18 14.22
N LEU D 222 -38.50 35.22 13.41
CA LEU D 222 -39.62 35.94 12.81
C LEU D 222 -39.96 35.24 11.49
N ALA D 223 -41.13 34.65 11.41
CA ALA D 223 -41.61 33.98 10.22
C ALA D 223 -42.75 34.77 9.57
N PRO D 224 -42.46 35.83 8.79
CA PRO D 224 -43.48 36.51 8.04
C PRO D 224 -43.99 35.62 6.91
N CYS D 225 -45.25 35.78 6.55
CA CYS D 225 -45.91 34.94 5.58
C CYS D 225 -46.98 35.76 4.89
N ALA D 226 -46.93 35.82 3.56
CA ALA D 226 -47.94 36.51 2.80
C ALA D 226 -49.26 35.76 2.90
N THR D 227 -50.34 36.48 2.67
CA THR D 227 -51.67 35.90 2.50
C THR D 227 -52.16 36.13 1.08
N VAL D 228 -52.96 35.23 0.54
CA VAL D 228 -53.51 35.35 -0.81
C VAL D 228 -54.92 35.92 -0.72
N SER D 229 -55.19 36.95 -1.50
CA SER D 229 -56.38 37.80 -1.39
C SER D 229 -57.39 37.61 -2.53
N LYS D 230 -58.64 38.12 -2.36
CA LYS D 230 -59.66 38.05 -3.41
C LYS D 230 -59.18 38.69 -4.71
N GLU D 231 -58.68 39.93 -4.64
CA GLU D 231 -58.19 40.64 -5.82
C GLU D 231 -56.87 40.11 -6.40
N MET D 232 -56.11 39.27 -5.68
CA MET D 232 -55.04 38.47 -6.27
C MET D 232 -55.59 37.27 -7.07
N LEU D 233 -56.62 36.60 -6.56
CA LEU D 233 -57.19 35.42 -7.20
C LEU D 233 -57.95 35.76 -8.49
N ASP D 234 -58.63 36.91 -8.54
CA ASP D 234 -59.38 37.40 -9.70
C ASP D 234 -58.53 37.58 -10.97
N GLU D 235 -57.19 37.51 -10.86
CA GLU D 235 -56.21 37.64 -11.94
C GLU D 235 -55.54 36.31 -12.33
N LEU D 236 -55.78 35.25 -11.56
CA LEU D 236 -54.89 34.11 -11.41
C LEU D 236 -55.65 32.77 -11.44
N ILE D 237 -56.92 32.77 -11.03
CA ILE D 237 -57.84 31.63 -11.11
C ILE D 237 -58.93 31.96 -12.11
N ASP D 238 -59.05 31.15 -13.15
CA ASP D 238 -59.96 31.33 -14.29
C ASP D 238 -60.69 30.03 -14.69
N SER D 239 -60.59 28.98 -13.88
CA SER D 239 -61.33 27.72 -14.05
C SER D 239 -61.49 26.99 -12.71
N PRO D 240 -62.53 26.15 -12.55
CA PRO D 240 -62.68 25.38 -11.32
C PRO D 240 -61.55 24.36 -11.11
N ALA D 241 -60.89 23.93 -12.18
CA ALA D 241 -59.67 23.11 -12.11
C ALA D 241 -58.52 23.80 -11.35
N LYS D 242 -58.45 25.14 -11.37
CA LYS D 242 -57.50 25.92 -10.57
C LYS D 242 -58.03 26.29 -9.18
N ALA D 243 -59.35 26.38 -8.95
CA ALA D 243 -59.88 27.12 -7.80
C ALA D 243 -59.45 26.58 -6.44
N GLU D 244 -59.55 25.26 -6.21
CA GLU D 244 -59.03 24.62 -4.99
C GLU D 244 -57.52 24.38 -5.01
N LEU D 245 -56.81 24.60 -6.12
CA LEU D 245 -55.35 24.62 -6.10
C LEU D 245 -54.75 25.83 -5.37
N LEU D 246 -55.46 26.96 -5.23
CA LEU D 246 -55.04 28.10 -4.41
C LEU D 246 -56.22 28.86 -3.83
N LEU D 247 -56.42 28.74 -2.51
CA LEU D 247 -57.53 29.37 -1.77
C LEU D 247 -57.18 30.77 -1.28
N GLU D 248 -58.21 31.59 -1.04
CA GLU D 248 -58.05 32.88 -0.36
C GLU D 248 -57.77 32.64 1.13
N GLY D 249 -56.70 33.22 1.67
CA GLY D 249 -56.28 32.99 3.05
C GLY D 249 -54.79 32.69 3.13
N GLY D 250 -54.40 31.57 3.73
CA GLY D 250 -53.02 31.12 3.72
C GLY D 250 -52.01 31.92 4.55
N GLY D 251 -52.42 32.91 5.32
CA GLY D 251 -51.55 33.66 6.21
C GLY D 251 -51.38 32.96 7.56
N PHE D 252 -50.22 32.35 7.79
CA PHE D 252 -49.86 31.76 9.08
C PHE D 252 -48.49 32.23 9.54
N ALA D 253 -48.25 33.54 9.47
CA ALA D 253 -47.06 34.12 10.04
C ALA D 253 -46.99 33.78 11.53
N MET D 254 -45.78 33.61 12.06
CA MET D 254 -45.50 33.30 13.47
C MET D 254 -44.23 34.02 13.90
N ILE D 255 -44.03 34.16 15.20
CA ILE D 255 -42.75 34.57 15.77
C ILE D 255 -42.39 33.61 16.90
N TYR D 256 -41.16 33.10 16.95
CA TYR D 256 -40.71 32.11 17.93
C TYR D 256 -39.58 32.60 18.83
N GLY D 257 -39.59 32.18 20.09
CA GLY D 257 -38.47 32.36 21.02
C GLY D 257 -37.35 31.35 20.79
N PRO D 258 -36.18 31.50 21.42
CA PRO D 258 -35.08 30.57 21.21
C PRO D 258 -35.30 29.18 21.87
N ASP D 259 -36.31 29.03 22.73
CA ASP D 259 -36.79 27.74 23.23
C ASP D 259 -37.83 27.08 22.30
N GLY D 260 -38.28 27.77 21.25
CA GLY D 260 -39.28 27.35 20.29
C GLY D 260 -40.69 27.87 20.55
N ALA D 261 -40.97 28.52 21.69
CA ALA D 261 -42.32 28.93 22.05
C ALA D 261 -42.82 30.05 21.13
N PRO D 262 -44.07 30.02 20.61
CA PRO D 262 -44.60 31.12 19.81
C PRO D 262 -44.90 32.36 20.65
N LEU D 263 -44.20 33.46 20.37
CA LEU D 263 -44.29 34.75 21.05
C LEU D 263 -45.32 35.68 20.43
N CYS D 264 -45.82 35.33 19.24
CA CYS D 264 -46.91 36.03 18.62
C CYS D 264 -48.27 35.65 19.23
N THR D 265 -49.11 36.64 19.48
CA THR D 265 -50.57 36.44 19.52
C THR D 265 -51.07 36.24 18.09
N PRO D 266 -52.05 35.35 17.86
CA PRO D 266 -52.42 34.99 16.50
C PRO D 266 -53.19 36.09 15.76
N LEU D 267 -53.21 35.97 14.43
CA LEU D 267 -54.15 36.61 13.49
C LEU D 267 -55.01 35.50 12.87
N ALA D 268 -56.11 35.84 12.19
CA ALA D 268 -56.82 34.88 11.34
C ALA D 268 -56.00 34.48 10.10
N GLU D 269 -56.43 33.43 9.41
CA GLU D 269 -55.74 32.94 8.22
C GLU D 269 -55.86 33.91 7.01
N THR D 270 -57.03 34.54 6.84
CA THR D 270 -57.32 35.58 5.83
C THR D 270 -56.87 36.98 6.23
N GLU D 271 -56.56 37.22 7.50
CA GLU D 271 -56.32 38.55 8.06
C GLU D 271 -54.97 39.12 7.61
N GLU D 272 -54.96 40.30 7.00
CA GLU D 272 -53.73 41.06 6.81
C GLU D 272 -53.43 41.87 8.06
N GLY D 273 -52.17 42.02 8.43
CA GLY D 273 -51.72 42.74 9.63
C GLY D 273 -50.23 42.59 9.88
N ILE D 274 -49.80 42.84 11.10
CA ILE D 274 -48.42 42.65 11.55
C ILE D 274 -48.44 41.97 12.93
N LEU D 275 -47.57 41.00 13.16
CA LEU D 275 -47.38 40.36 14.46
C LEU D 275 -46.26 41.05 15.19
N TYR D 276 -46.37 41.28 16.49
CA TYR D 276 -45.27 41.85 17.28
C TYR D 276 -44.92 40.97 18.47
N ALA D 277 -43.63 40.91 18.78
CA ALA D 277 -43.12 40.22 19.95
C ALA D 277 -42.03 41.04 20.65
N ASP D 278 -41.94 40.95 21.98
CA ASP D 278 -40.86 41.55 22.74
C ASP D 278 -39.68 40.57 22.79
N ILE D 279 -38.55 40.98 22.25
CA ILE D 279 -37.33 40.18 22.16
C ILE D 279 -36.39 40.60 23.29
N ASP D 280 -35.81 39.61 23.96
CA ASP D 280 -34.71 39.77 24.91
C ASP D 280 -33.60 38.77 24.57
N LEU D 281 -32.47 39.25 24.06
CA LEU D 281 -31.32 38.44 23.69
C LEU D 281 -30.64 37.74 24.88
N GLY D 282 -30.99 38.10 26.11
CA GLY D 282 -30.59 37.33 27.28
C GLY D 282 -31.27 35.97 27.41
N VAL D 283 -32.45 35.77 26.79
CA VAL D 283 -33.15 34.49 26.79
C VAL D 283 -32.43 33.44 25.98
N ILE D 284 -31.60 33.83 25.00
CA ILE D 284 -30.78 32.90 24.24
C ILE D 284 -29.81 32.13 25.12
N GLY D 285 -29.21 32.75 26.14
CA GLY D 285 -28.36 32.06 27.09
C GLY D 285 -29.07 31.00 27.94
N VAL D 286 -30.39 31.10 28.11
CA VAL D 286 -31.20 30.09 28.81
C VAL D 286 -31.53 28.93 27.90
N ALA D 287 -32.01 29.20 26.68
CA ALA D 287 -32.29 28.16 25.68
C ALA D 287 -31.03 27.34 25.34
N LYS D 288 -29.89 28.01 25.25
CA LYS D 288 -28.58 27.38 25.07
C LYS D 288 -28.01 26.68 26.30
N ALA D 289 -28.77 26.51 27.37
CA ALA D 289 -28.49 25.52 28.38
C ALA D 289 -28.83 24.12 27.88
N ALA D 290 -29.97 23.94 27.21
CA ALA D 290 -30.43 22.62 26.81
C ALA D 290 -29.69 22.12 25.56
N TYR D 291 -29.67 22.93 24.51
CA TYR D 291 -29.15 22.59 23.19
C TYR D 291 -28.25 23.69 22.67
N ASP D 292 -27.20 23.34 21.97
CA ASP D 292 -26.37 24.25 21.18
C ASP D 292 -25.60 23.46 20.11
N PRO D 293 -26.05 23.36 18.85
CA PRO D 293 -25.56 22.38 17.89
C PRO D 293 -24.14 22.67 17.40
N VAL D 294 -23.59 23.81 17.81
CA VAL D 294 -22.26 24.31 17.44
C VAL D 294 -21.36 24.49 18.66
N GLY D 295 -21.81 24.04 19.83
CA GLY D 295 -21.16 24.18 21.12
C GLY D 295 -21.19 22.88 21.89
N HIS D 296 -21.77 22.87 23.09
CA HIS D 296 -21.79 21.68 23.94
C HIS D 296 -22.64 20.54 23.39
N TYR D 297 -23.66 20.80 22.59
CA TYR D 297 -24.48 19.77 21.96
C TYR D 297 -23.95 19.47 20.55
N SER D 298 -22.63 19.31 20.42
CA SER D 298 -21.96 19.06 19.14
C SER D 298 -20.71 18.22 19.31
N ARG D 299 -20.34 17.50 18.24
CA ARG D 299 -19.29 16.49 18.27
C ARG D 299 -18.39 16.56 17.04
N PRO D 300 -17.45 17.52 17.00
CA PRO D 300 -16.56 17.74 15.85
C PRO D 300 -15.58 16.61 15.61
N ASP D 301 -15.44 15.70 16.56
CA ASP D 301 -14.74 14.42 16.42
C ASP D 301 -15.49 13.41 15.54
N VAL D 302 -16.78 13.61 15.32
CA VAL D 302 -17.67 12.73 14.56
C VAL D 302 -18.20 13.42 13.31
N LEU D 303 -18.59 14.69 13.38
CA LEU D 303 -19.30 15.43 12.33
C LEU D 303 -18.75 16.84 12.16
N ARG D 304 -18.50 17.30 10.94
CA ARG D 304 -18.16 18.71 10.65
C ARG D 304 -18.82 19.17 9.38
N LEU D 305 -18.93 20.47 9.20
CA LEU D 305 -19.46 21.05 7.98
C LEU D 305 -18.29 21.57 7.15
N LEU D 306 -18.21 21.22 5.87
CA LEU D 306 -17.43 21.93 4.87
C LEU D 306 -18.30 22.96 4.19
N VAL D 307 -17.90 24.21 4.12
CA VAL D 307 -18.69 25.26 3.48
C VAL D 307 -17.87 26.22 2.64
N ASN D 308 -18.16 26.29 1.36
CA ASN D 308 -17.56 27.19 0.39
C ASN D 308 -18.28 28.53 0.36
N ARG D 309 -17.74 29.54 1.03
CA ARG D 309 -18.36 30.88 1.15
C ARG D 309 -18.20 31.81 -0.05
N GLU D 310 -17.32 31.49 -0.98
CA GLU D 310 -16.96 32.42 -2.04
C GLU D 310 -18.16 32.64 -2.99
N PRO D 311 -18.40 33.86 -3.47
CA PRO D 311 -19.45 34.12 -4.44
C PRO D 311 -19.11 33.56 -5.82
N MET D 312 -20.09 33.00 -6.53
CA MET D 312 -19.89 32.32 -7.80
C MET D 312 -20.14 33.26 -8.98
N THR D 313 -19.10 33.96 -9.40
CA THR D 313 -19.00 34.59 -10.73
C THR D 313 -18.79 33.56 -11.84
N ARG D 314 -19.35 33.81 -13.04
CA ARG D 314 -19.21 32.91 -14.22
C ARG D 314 -18.00 33.25 -15.06
N VAL D 315 -17.58 34.53 -15.08
CA VAL D 315 -16.44 35.05 -15.83
C VAL D 315 -15.40 35.69 -14.90
N HIS D 316 -14.16 35.28 -15.04
CA HIS D 316 -12.99 35.73 -14.30
C HIS D 316 -12.11 36.57 -15.18
N TYR D 317 -12.34 37.88 -15.15
CA TYR D 317 -11.63 38.84 -16.01
C TYR D 317 -10.15 38.91 -15.63
N VAL D 318 -9.26 38.47 -16.52
CA VAL D 318 -7.81 38.31 -16.24
C VAL D 318 -7.19 39.66 -15.93
N GLN D 319 -6.83 39.86 -14.66
CA GLN D 319 -6.42 41.14 -14.13
C GLN D 319 -5.08 41.60 -14.74
N PRO D 320 -4.93 42.86 -15.20
CA PRO D 320 -3.75 43.30 -15.93
C PRO D 320 -2.52 43.36 -15.03
N LYS E 5 -39.90 -5.73 1.07
CA LYS E 5 -41.36 -5.60 1.35
C LYS E 5 -41.75 -4.13 1.52
N LYS E 6 -42.57 -3.58 0.62
CA LYS E 6 -42.85 -2.13 0.57
C LYS E 6 -44.10 -1.64 1.27
N GLN E 7 -45.14 -2.45 1.41
CA GLN E 7 -46.35 -2.09 2.19
C GLN E 7 -46.42 -2.92 3.47
N TYR E 8 -46.58 -2.28 4.62
CA TYR E 8 -46.72 -2.96 5.92
C TYR E 8 -47.30 -2.06 6.99
N LYS E 9 -47.84 -2.62 8.05
CA LYS E 9 -48.28 -1.88 9.24
C LYS E 9 -47.10 -1.71 10.18
N VAL E 10 -47.03 -0.62 10.92
CA VAL E 10 -46.00 -0.41 11.94
C VAL E 10 -46.58 0.14 13.23
N ALA E 11 -45.98 -0.24 14.33
CA ALA E 11 -46.40 0.05 15.69
C ALA E 11 -45.46 1.05 16.39
N ALA E 12 -45.95 2.19 16.86
CA ALA E 12 -45.26 2.98 17.87
C ALA E 12 -45.85 2.72 19.25
N VAL E 13 -45.04 2.27 20.20
CA VAL E 13 -45.46 2.05 21.59
C VAL E 13 -45.65 3.40 22.28
N GLN E 14 -46.79 3.60 22.94
CA GLN E 14 -47.01 4.63 23.95
C GLN E 14 -47.34 4.02 25.29
N ALA E 15 -46.36 3.53 26.03
CA ALA E 15 -46.57 2.79 27.27
C ALA E 15 -45.66 3.28 28.39
N ALA E 16 -46.10 3.17 29.64
CA ALA E 16 -45.27 3.47 30.79
C ALA E 16 -44.25 2.36 31.03
N PRO E 17 -42.97 2.66 31.27
CA PRO E 17 -42.00 1.64 31.60
C PRO E 17 -42.27 1.04 32.98
N ALA E 18 -41.84 -0.20 33.17
CA ALA E 18 -41.73 -0.81 34.48
C ALA E 18 -40.53 -0.20 35.22
N PHE E 19 -40.69 1.03 35.68
CA PHE E 19 -39.63 1.89 36.16
C PHE E 19 -38.73 1.22 37.20
N LEU E 20 -37.46 1.02 36.84
CA LEU E 20 -36.41 0.47 37.70
C LEU E 20 -36.73 -0.93 38.26
N ASP E 21 -37.13 -1.84 37.36
CA ASP E 21 -36.98 -3.29 37.47
C ASP E 21 -36.86 -3.84 36.05
N LEU E 22 -35.71 -4.37 35.66
CA LEU E 22 -35.51 -4.81 34.28
C LEU E 22 -36.38 -6.03 33.95
N GLU E 23 -36.65 -6.90 34.91
CA GLU E 23 -37.34 -8.16 34.67
C GLU E 23 -38.84 -7.94 34.40
N ALA E 24 -39.48 -7.03 35.12
CA ALA E 24 -40.82 -6.54 34.79
C ALA E 24 -40.84 -5.68 33.52
N GLY E 25 -39.74 -4.98 33.19
CA GLY E 25 -39.64 -4.21 31.96
C GLY E 25 -39.64 -5.10 30.75
N VAL E 26 -38.75 -6.08 30.74
CA VAL E 26 -38.65 -7.09 29.69
C VAL E 26 -39.93 -7.91 29.57
N ALA E 27 -40.64 -8.20 30.66
CA ALA E 27 -41.95 -8.84 30.60
C ALA E 27 -43.00 -7.99 29.85
N LYS E 28 -43.04 -6.68 30.10
CA LYS E 28 -43.94 -5.73 29.43
C LYS E 28 -43.50 -5.43 27.99
N ALA E 29 -42.20 -5.41 27.70
CA ALA E 29 -41.70 -5.34 26.34
C ALA E 29 -42.18 -6.54 25.54
N ILE E 30 -42.00 -7.77 26.03
CA ILE E 30 -42.42 -8.98 25.33
C ILE E 30 -43.94 -9.00 25.13
N GLY E 31 -44.71 -8.55 26.13
CA GLY E 31 -46.15 -8.36 26.04
C GLY E 31 -46.59 -7.35 24.97
N LEU E 32 -45.85 -6.25 24.80
CA LEU E 32 -46.15 -5.25 23.78
C LEU E 32 -45.66 -5.69 22.40
N ILE E 33 -44.54 -6.40 22.31
CA ILE E 33 -44.05 -7.03 21.08
C ILE E 33 -45.06 -8.06 20.58
N ALA E 34 -45.63 -8.86 21.49
CA ALA E 34 -46.73 -9.75 21.17
C ALA E 34 -48.00 -8.99 20.75
N GLN E 35 -48.35 -7.91 21.43
CA GLN E 35 -49.56 -7.14 21.09
C GLN E 35 -49.46 -6.52 19.68
N ALA E 36 -48.29 -5.97 19.32
CA ALA E 36 -48.04 -5.37 18.02
C ALA E 36 -48.09 -6.41 16.89
N ALA E 37 -47.48 -7.58 17.09
CA ALA E 37 -47.52 -8.68 16.14
C ALA E 37 -48.91 -9.30 15.99
N ALA E 38 -49.66 -9.45 17.10
CA ALA E 38 -51.06 -9.89 17.07
C ALA E 38 -51.97 -8.92 16.31
N GLU E 39 -51.62 -7.64 16.28
CA GLU E 39 -52.26 -6.61 15.45
C GLU E 39 -51.65 -6.50 14.05
N GLY E 40 -50.75 -7.41 13.66
CA GLY E 40 -50.16 -7.48 12.32
C GLY E 40 -49.16 -6.40 11.97
N ALA E 41 -48.55 -5.75 12.96
CA ALA E 41 -47.46 -4.80 12.75
C ALA E 41 -46.14 -5.52 12.43
N SER E 42 -45.47 -5.12 11.36
CA SER E 42 -44.20 -5.73 10.92
C SER E 42 -42.98 -5.16 11.63
N LEU E 43 -43.11 -4.01 12.24
CA LEU E 43 -42.12 -3.41 13.13
C LEU E 43 -42.81 -2.76 14.34
N VAL E 44 -42.18 -2.80 15.50
CA VAL E 44 -42.58 -2.11 16.71
C VAL E 44 -41.42 -1.24 17.21
N ALA E 45 -41.70 0.00 17.56
CA ALA E 45 -40.72 0.96 18.04
C ALA E 45 -41.03 1.29 19.50
N PHE E 46 -40.04 1.12 20.37
CA PHE E 46 -40.10 1.48 21.78
C PHE E 46 -39.55 2.86 22.08
N PRO E 47 -40.03 3.51 23.15
CA PRO E 47 -39.52 4.82 23.61
C PRO E 47 -38.05 4.82 24.03
N GLU E 48 -37.51 6.02 24.25
CA GLU E 48 -36.14 6.19 24.71
C GLU E 48 -35.96 5.75 26.18
N ALA E 49 -34.83 5.11 26.48
CA ALA E 49 -34.45 4.56 27.78
C ALA E 49 -35.46 3.59 28.43
N TRP E 50 -36.41 3.06 27.67
CA TRP E 50 -37.64 2.48 28.19
C TRP E 50 -37.43 1.21 29.02
N LEU E 51 -36.33 0.49 28.78
CA LEU E 51 -35.80 -0.50 29.71
C LEU E 51 -34.55 0.06 30.41
N PRO E 52 -34.50 0.18 31.75
CA PRO E 52 -35.55 -0.05 32.74
C PRO E 52 -36.53 1.12 32.92
N GLY E 53 -36.40 2.19 32.14
CA GLY E 53 -37.16 3.41 32.27
C GLY E 53 -36.28 4.63 32.39
N TYR E 54 -36.73 5.73 31.78
CA TYR E 54 -35.96 6.98 31.68
C TYR E 54 -35.63 7.58 33.04
N PRO E 55 -34.39 8.06 33.30
CA PRO E 55 -33.91 8.37 34.64
C PRO E 55 -34.41 9.71 35.17
N TRP E 56 -35.70 9.82 35.45
CA TRP E 56 -36.38 11.08 35.74
C TRP E 56 -35.86 11.90 36.91
N TRP E 57 -35.17 11.32 37.89
CA TRP E 57 -34.63 12.07 39.02
C TRP E 57 -33.67 13.17 38.61
N ILE E 58 -33.00 13.06 37.48
CA ILE E 58 -32.11 14.11 36.95
C ILE E 58 -32.83 15.42 36.66
N TRP E 59 -34.13 15.37 36.43
CA TRP E 59 -35.01 16.52 36.26
C TRP E 59 -35.72 16.93 37.54
N LEU E 60 -35.72 16.13 38.59
CA LEU E 60 -36.46 16.40 39.81
C LEU E 60 -35.57 16.82 40.97
N ASP E 61 -34.29 16.44 40.95
CA ASP E 61 -33.40 16.44 42.08
C ASP E 61 -31.96 16.81 41.73
N SER E 62 -31.22 17.27 42.73
CA SER E 62 -29.76 17.31 42.70
C SER E 62 -29.15 15.91 42.62
N PRO E 63 -27.88 15.73 42.21
CA PRO E 63 -27.22 14.43 42.27
C PRO E 63 -27.35 13.72 43.63
N ALA E 64 -27.25 14.43 44.76
CA ALA E 64 -27.55 13.90 46.10
C ALA E 64 -28.97 13.40 46.28
N GLY E 65 -29.98 14.07 45.73
CA GLY E 65 -31.35 13.59 45.74
C GLY E 65 -31.58 12.37 44.83
N GLY E 66 -30.75 12.22 43.80
CA GLY E 66 -30.76 11.09 42.89
C GLY E 66 -30.15 9.79 43.40
N MET E 67 -29.29 9.80 44.43
CA MET E 67 -28.49 8.60 44.75
C MET E 67 -29.27 7.33 45.07
N ARG E 68 -30.47 7.44 45.64
CA ARG E 68 -31.35 6.28 45.86
C ARG E 68 -31.74 5.55 44.57
N PHE E 69 -31.64 6.18 43.40
CA PHE E 69 -31.89 5.59 42.10
C PHE E 69 -30.62 5.21 41.32
N VAL E 70 -29.44 5.71 41.67
CA VAL E 70 -28.25 5.55 40.83
C VAL E 70 -27.79 4.10 40.79
N GLN E 71 -27.70 3.43 41.94
CA GLN E 71 -27.36 2.00 41.93
C GLN E 71 -28.46 1.15 41.26
N ARG E 72 -29.71 1.59 41.31
CA ARG E 72 -30.83 0.88 40.73
C ARG E 72 -30.88 1.04 39.23
N ASN E 73 -30.54 2.21 38.70
CA ASN E 73 -30.40 2.39 37.27
C ASN E 73 -29.27 1.51 36.72
N PHE E 74 -28.14 1.45 37.42
CA PHE E 74 -27.00 0.65 37.03
C PHE E 74 -27.27 -0.86 37.11
N ASP E 75 -27.79 -1.34 38.24
CA ASP E 75 -28.11 -2.76 38.46
C ASP E 75 -29.28 -3.24 37.59
N ASN E 76 -30.11 -2.34 37.09
CA ASN E 76 -31.23 -2.65 36.17
C ASN E 76 -30.98 -2.17 34.74
N ALA E 77 -29.76 -1.76 34.39
CA ALA E 77 -29.38 -1.53 33.01
C ALA E 77 -29.34 -2.84 32.22
N LEU E 78 -29.64 -2.74 30.93
CA LEU E 78 -29.59 -3.84 29.98
C LEU E 78 -28.19 -3.97 29.37
N GLU E 79 -27.80 -5.15 28.88
CA GLU E 79 -26.52 -5.33 28.20
C GLU E 79 -26.70 -6.17 26.93
N VAL E 80 -26.02 -5.83 25.85
CA VAL E 80 -26.16 -6.56 24.58
C VAL E 80 -25.56 -7.97 24.72
N GLY E 81 -26.35 -8.99 24.38
CA GLY E 81 -25.97 -10.39 24.54
C GLY E 81 -26.14 -10.97 25.96
N SER E 82 -26.69 -10.20 26.89
CA SER E 82 -27.10 -10.68 28.22
C SER E 82 -28.47 -11.37 28.19
N GLU E 83 -28.78 -12.23 29.15
CA GLU E 83 -30.01 -13.02 29.15
C GLU E 83 -31.31 -12.20 29.09
N PRO E 84 -31.50 -11.09 29.84
CA PRO E 84 -32.65 -10.20 29.68
C PRO E 84 -32.78 -9.57 28.28
N PHE E 85 -31.68 -9.44 27.54
CA PHE E 85 -31.69 -8.95 26.15
C PHE E 85 -32.06 -10.05 25.18
N GLU E 86 -31.55 -11.27 25.38
CA GLU E 86 -31.94 -12.43 24.61
C GLU E 86 -33.43 -12.78 24.76
N ARG E 87 -34.02 -12.56 25.93
CA ARG E 87 -35.48 -12.66 26.13
C ARG E 87 -36.29 -11.75 25.18
N LEU E 88 -35.76 -10.59 24.81
CA LEU E 88 -36.32 -9.69 23.79
C LEU E 88 -35.94 -10.11 22.37
N CYS E 89 -34.71 -10.59 22.18
CA CYS E 89 -34.21 -11.05 20.90
C CYS E 89 -35.00 -12.24 20.37
N ARG E 90 -35.23 -13.25 21.21
CA ARG E 90 -36.09 -14.40 20.89
C ARG E 90 -37.56 -13.99 20.74
N ALA E 91 -38.07 -13.00 21.47
CA ALA E 91 -39.43 -12.50 21.27
C ALA E 91 -39.66 -11.89 19.88
N ALA E 92 -38.65 -11.30 19.23
CA ALA E 92 -38.76 -10.81 17.87
C ALA E 92 -38.89 -11.96 16.85
N ALA E 93 -38.11 -13.04 16.99
CA ALA E 93 -38.24 -14.26 16.20
C ALA E 93 -39.58 -14.98 16.44
N GLN E 94 -39.94 -15.18 17.70
CA GLN E 94 -41.18 -15.81 18.12
C GLN E 94 -42.42 -15.13 17.54
N HIS E 95 -42.45 -13.79 17.52
CA HIS E 95 -43.57 -13.00 17.00
C HIS E 95 -43.43 -12.53 15.54
N LYS E 96 -42.32 -12.77 14.85
CA LYS E 96 -42.11 -12.41 13.44
C LYS E 96 -42.35 -10.90 13.19
N ILE E 97 -41.61 -10.08 13.93
CA ILE E 97 -41.71 -8.63 13.99
C ILE E 97 -40.34 -8.01 14.22
N TYR E 98 -40.01 -6.90 13.54
CA TYR E 98 -38.83 -6.11 13.87
C TYR E 98 -39.05 -5.35 15.17
N VAL E 99 -38.15 -5.46 16.13
CA VAL E 99 -38.25 -4.73 17.40
C VAL E 99 -37.16 -3.68 17.44
N VAL E 100 -37.54 -2.42 17.67
CA VAL E 100 -36.59 -1.34 17.86
C VAL E 100 -36.67 -0.90 19.31
N LEU E 101 -35.86 -1.52 20.16
CA LEU E 101 -35.80 -1.24 21.59
C LEU E 101 -35.17 0.13 21.84
N GLY E 102 -35.59 0.82 22.91
CA GLY E 102 -34.84 1.88 23.53
C GLY E 102 -34.57 1.53 24.99
N PHE E 103 -33.34 1.72 25.46
CA PHE E 103 -32.90 1.20 26.74
C PHE E 103 -31.74 2.01 27.33
N THR E 104 -31.43 1.76 28.58
CA THR E 104 -30.12 2.06 29.17
C THR E 104 -29.18 0.89 28.95
N GLU E 105 -28.11 1.03 28.19
CA GLU E 105 -27.08 0.00 28.11
C GLU E 105 -26.07 0.18 29.25
N ARG E 106 -25.44 -0.89 29.75
CA ARG E 106 -24.21 -0.79 30.54
C ARG E 106 -23.03 -1.46 29.85
N SER E 107 -21.84 -0.86 29.97
CA SER E 107 -20.58 -1.46 29.52
C SER E 107 -19.46 -1.17 30.50
N GLY E 108 -19.15 -2.13 31.35
CA GLY E 108 -18.18 -2.01 32.42
C GLY E 108 -18.74 -1.22 33.59
N GLY E 109 -19.10 0.04 33.38
CA GLY E 109 -19.84 0.84 34.34
C GLY E 109 -20.31 2.21 33.86
N THR E 110 -19.77 2.70 32.75
CA THR E 110 -20.48 3.71 31.97
C THR E 110 -21.81 3.17 31.46
N LEU E 111 -22.88 3.88 31.78
CA LEU E 111 -24.17 3.68 31.16
C LEU E 111 -24.22 4.44 29.83
N TYR E 112 -25.04 3.97 28.91
CA TYR E 112 -25.29 4.62 27.63
C TYR E 112 -26.76 4.65 27.33
N LEU E 113 -27.19 5.73 26.70
CA LEU E 113 -28.56 5.90 26.25
C LEU E 113 -28.67 5.23 24.88
N ALA E 114 -29.36 4.11 24.80
CA ALA E 114 -29.17 3.12 23.73
C ALA E 114 -30.44 2.71 23.00
N GLN E 115 -30.25 2.14 21.81
CA GLN E 115 -31.28 1.61 20.95
C GLN E 115 -30.77 0.35 20.27
N ALA E 116 -31.64 -0.59 19.90
CA ALA E 116 -31.25 -1.74 19.11
C ALA E 116 -32.38 -2.17 18.19
N ILE E 117 -32.06 -2.34 16.93
CA ILE E 117 -32.96 -2.87 15.90
C ILE E 117 -32.73 -4.37 15.85
N ILE E 118 -33.77 -5.15 16.05
CA ILE E 118 -33.75 -6.60 16.09
C ILE E 118 -34.57 -7.11 14.90
N ASP E 119 -33.97 -8.01 14.14
CA ASP E 119 -34.43 -8.56 12.88
C ASP E 119 -35.69 -9.43 12.99
N ASP E 120 -36.25 -9.76 11.85
CA ASP E 120 -37.38 -10.70 11.69
C ASP E 120 -37.02 -12.13 12.16
N CYS E 121 -35.77 -12.54 11.97
CA CYS E 121 -35.16 -13.76 12.52
C CYS E 121 -34.71 -13.63 13.99
N GLY E 122 -34.99 -12.53 14.68
CA GLY E 122 -34.67 -12.31 16.09
C GLY E 122 -33.18 -12.33 16.40
N ARG E 123 -32.43 -11.45 15.73
CA ARG E 123 -31.00 -11.18 15.84
C ARG E 123 -30.76 -9.68 15.69
N VAL E 124 -29.71 -9.09 16.25
CA VAL E 124 -29.51 -7.64 16.11
C VAL E 124 -29.14 -7.28 14.67
N VAL E 125 -29.90 -6.38 14.06
CA VAL E 125 -29.48 -5.68 12.85
C VAL E 125 -28.40 -4.69 13.23
N ALA E 126 -28.64 -3.92 14.30
CA ALA E 126 -27.66 -3.06 14.92
C ALA E 126 -28.10 -2.63 16.31
N THR E 127 -27.18 -2.70 17.25
CA THR E 127 -27.24 -1.98 18.52
C THR E 127 -26.49 -0.66 18.38
N ARG E 128 -26.90 0.35 19.13
CA ARG E 128 -26.67 1.76 18.81
C ARG E 128 -26.73 2.61 20.07
N ARG E 129 -25.88 3.62 20.21
CA ARG E 129 -25.81 4.54 21.38
C ARG E 129 -25.99 5.99 20.97
N LYS E 130 -26.60 6.82 21.80
CA LYS E 130 -26.81 8.26 21.53
C LYS E 130 -25.47 9.01 21.42
N LEU E 131 -25.25 9.83 20.39
CA LEU E 131 -23.98 10.53 20.23
C LEU E 131 -23.72 11.54 21.33
N LYS E 132 -24.74 12.26 21.78
CA LYS E 132 -24.60 13.28 22.81
C LYS E 132 -25.88 13.29 23.64
N PRO E 133 -25.85 12.95 24.93
CA PRO E 133 -26.99 13.12 25.82
C PRO E 133 -27.36 14.60 26.01
N THR E 134 -28.62 14.86 26.31
CA THR E 134 -29.17 16.17 26.67
C THR E 134 -28.56 16.65 27.98
N HIS E 135 -28.56 17.95 28.27
CA HIS E 135 -27.63 18.54 29.22
C HIS E 135 -27.53 17.85 30.58
N VAL E 136 -28.61 17.46 31.23
CA VAL E 136 -28.53 16.72 32.51
C VAL E 136 -28.47 15.19 32.35
N GLU E 137 -28.89 14.64 31.22
CA GLU E 137 -28.68 13.23 30.87
C GLU E 137 -27.20 12.86 30.81
N ARG E 138 -26.32 13.83 30.55
CA ARG E 138 -24.86 13.66 30.57
C ARG E 138 -24.30 13.31 31.94
N SER E 139 -25.07 13.52 33.00
CA SER E 139 -24.73 13.07 34.35
C SER E 139 -25.04 11.58 34.59
N VAL E 140 -25.81 10.94 33.71
CA VAL E 140 -26.13 9.52 33.78
C VAL E 140 -25.37 8.74 32.72
N TYR E 141 -25.28 9.27 31.51
CA TYR E 141 -24.90 8.53 30.31
C TYR E 141 -23.63 9.03 29.64
N GLY E 142 -22.88 8.11 29.05
CA GLY E 142 -21.78 8.42 28.16
C GLY E 142 -22.22 8.66 26.72
N GLU E 143 -21.25 9.00 25.88
CA GLU E 143 -21.45 9.26 24.46
C GLU E 143 -21.23 8.03 23.56
N GLY E 144 -22.05 7.92 22.51
CA GLY E 144 -21.81 7.08 21.34
C GLY E 144 -20.69 7.61 20.45
N ASP E 145 -20.76 7.40 19.14
CA ASP E 145 -19.86 7.99 18.12
C ASP E 145 -20.44 7.83 16.71
N GLY E 146 -19.68 8.03 15.64
CA GLY E 146 -20.21 8.02 14.27
C GLY E 146 -20.68 6.65 13.79
N SER E 147 -20.31 5.58 14.48
CA SER E 147 -20.81 4.25 14.21
C SER E 147 -22.29 4.10 14.61
N ASP E 148 -22.83 5.04 15.39
CA ASP E 148 -24.22 5.10 15.82
C ASP E 148 -25.13 5.94 14.92
N LEU E 149 -24.57 6.59 13.89
CA LEU E 149 -25.26 7.29 12.82
C LEU E 149 -25.51 6.36 11.64
N ALA E 150 -25.95 5.14 11.86
CA ALA E 150 -26.12 4.12 10.82
C ALA E 150 -27.59 3.89 10.48
N VAL E 151 -27.86 3.80 9.17
CA VAL E 151 -29.12 3.35 8.57
C VAL E 151 -28.88 1.99 7.92
N HIS E 152 -29.76 1.02 8.15
CA HIS E 152 -29.54 -0.38 7.79
C HIS E 152 -30.49 -0.82 6.70
N ASP E 153 -30.03 -1.50 5.66
CA ASP E 153 -30.95 -2.31 4.86
C ASP E 153 -31.54 -3.41 5.73
N THR E 154 -32.85 -3.59 5.62
CA THR E 154 -33.63 -4.64 6.27
C THR E 154 -34.73 -5.12 5.32
N THR E 155 -35.45 -6.20 5.63
CA THR E 155 -36.63 -6.63 4.86
C THR E 155 -37.64 -5.50 4.69
N LEU E 156 -37.67 -4.53 5.62
CA LEU E 156 -38.56 -3.37 5.63
C LEU E 156 -37.96 -2.13 4.94
N GLY E 157 -36.83 -2.23 4.25
CA GLY E 157 -36.15 -1.11 3.61
C GLY E 157 -35.10 -0.47 4.52
N ARG E 158 -34.57 0.70 4.12
CA ARG E 158 -33.49 1.44 4.81
C ARG E 158 -34.01 2.00 6.13
N LEU E 159 -33.68 1.34 7.23
CA LEU E 159 -34.26 1.52 8.55
C LEU E 159 -33.24 2.14 9.51
N GLY E 160 -33.57 3.23 10.18
CA GLY E 160 -32.64 3.93 11.08
C GLY E 160 -33.25 4.33 12.41
N ALA E 161 -32.44 4.66 13.40
CA ALA E 161 -32.92 5.13 14.68
C ALA E 161 -32.01 6.25 15.22
N LEU E 162 -32.61 7.24 15.87
CA LEU E 162 -32.00 8.34 16.64
C LEU E 162 -32.91 8.59 17.86
N CYS E 163 -32.49 9.29 18.91
CA CYS E 163 -33.40 9.57 20.03
C CYS E 163 -33.29 10.96 20.64
N CYS E 164 -34.40 11.42 21.20
CA CYS E 164 -34.77 12.80 21.49
C CYS E 164 -33.92 13.89 20.82
N ALA E 165 -33.01 14.55 21.53
CA ALA E 165 -32.31 15.73 21.04
C ALA E 165 -31.41 15.51 19.81
N GLU E 166 -31.17 14.28 19.37
CA GLU E 166 -30.52 14.00 18.09
C GLU E 166 -31.37 14.38 16.88
N HIS E 167 -32.64 14.70 17.06
CA HIS E 167 -33.50 15.34 16.03
C HIS E 167 -33.26 16.84 15.91
N ILE E 168 -32.71 17.46 16.96
CA ILE E 168 -32.36 18.87 17.09
C ILE E 168 -30.89 19.12 16.66
N GLN E 169 -30.20 18.11 16.11
CA GLN E 169 -28.83 18.24 15.67
C GLN E 169 -28.76 18.07 14.14
N PRO E 170 -28.61 19.15 13.34
CA PRO E 170 -28.67 19.09 11.90
C PRO E 170 -27.62 18.20 11.25
N LEU E 171 -26.37 18.15 11.72
CA LEU E 171 -25.37 17.27 11.13
C LEU E 171 -25.64 15.81 11.47
N SER E 172 -26.18 15.54 12.66
CA SER E 172 -26.50 14.19 13.08
C SER E 172 -27.61 13.59 12.23
N LYS E 173 -28.59 14.40 11.81
CA LYS E 173 -29.64 13.95 10.89
C LYS E 173 -29.30 14.09 9.43
N TYR E 174 -28.45 15.00 8.99
CA TYR E 174 -27.88 14.91 7.65
C TYR E 174 -27.07 13.64 7.44
N ALA E 175 -26.35 13.13 8.45
CA ALA E 175 -25.68 11.85 8.39
C ALA E 175 -26.64 10.67 8.16
N MET E 176 -27.89 10.76 8.60
CA MET E 176 -28.94 9.78 8.35
C MET E 176 -29.55 9.89 6.97
N TYR E 177 -29.89 11.11 6.54
CA TYR E 177 -30.41 11.36 5.21
C TYR E 177 -29.41 10.93 4.14
N ALA E 178 -28.12 11.13 4.37
CA ALA E 178 -27.04 10.73 3.47
C ALA E 178 -26.97 9.21 3.24
N GLN E 179 -27.66 8.42 4.03
CA GLN E 179 -27.79 6.98 3.91
C GLN E 179 -29.13 6.52 3.33
N HIS E 180 -29.89 7.45 2.73
CA HIS E 180 -31.06 7.19 1.90
C HIS E 180 -32.13 6.40 2.62
N GLU E 181 -32.37 6.83 3.85
CA GLU E 181 -33.35 6.29 4.78
C GLU E 181 -34.79 6.28 4.26
N GLN E 182 -35.60 5.35 4.74
CA GLN E 182 -36.99 5.13 4.37
C GLN E 182 -37.93 5.01 5.56
N VAL E 183 -37.50 4.38 6.66
CA VAL E 183 -38.24 4.36 7.93
C VAL E 183 -37.30 4.71 9.06
N HIS E 184 -37.77 5.58 9.94
CA HIS E 184 -37.01 6.12 11.04
C HIS E 184 -37.73 5.91 12.37
N ILE E 185 -37.00 5.44 13.38
CA ILE E 185 -37.49 5.37 14.75
C ILE E 185 -36.87 6.52 15.56
N ALA E 186 -37.66 7.55 15.77
CA ALA E 186 -37.38 8.72 16.55
C ALA E 186 -37.85 8.53 18.00
N ALA E 187 -37.11 7.84 18.85
CA ALA E 187 -37.55 7.49 20.20
C ALA E 187 -37.46 8.65 21.21
N TRP E 188 -38.49 8.82 22.07
CA TRP E 188 -38.64 9.91 23.04
C TRP E 188 -38.95 9.45 24.48
N PRO E 189 -38.58 10.24 25.52
CA PRO E 189 -39.09 10.10 26.87
C PRO E 189 -40.52 10.69 26.94
N SER E 190 -41.01 11.05 28.12
CA SER E 190 -42.37 11.59 28.33
C SER E 190 -42.35 13.11 28.39
N PHE E 191 -43.21 13.77 27.65
CA PHE E 191 -43.29 15.23 27.60
C PHE E 191 -44.12 15.86 28.74
N SER E 192 -44.18 15.21 29.91
CA SER E 192 -44.84 15.67 31.15
C SER E 192 -43.90 16.36 32.12
N VAL E 193 -42.61 16.35 31.84
CA VAL E 193 -41.59 17.03 32.63
C VAL E 193 -41.61 18.52 32.33
N TYR E 194 -41.57 19.35 33.36
CA TYR E 194 -41.53 20.81 33.29
C TYR E 194 -42.65 21.44 32.43
N ARG E 195 -43.89 20.95 32.56
CA ARG E 195 -45.06 21.47 31.81
C ARG E 195 -45.15 22.98 31.94
N GLY E 196 -45.16 23.68 30.81
CA GLY E 196 -45.19 25.15 30.76
C GLY E 196 -43.85 25.82 31.08
N ALA E 197 -43.18 25.35 32.12
CA ALA E 197 -41.94 25.90 32.64
C ALA E 197 -40.75 25.83 31.65
N ALA E 198 -40.61 24.77 30.86
CA ALA E 198 -39.59 24.66 29.82
C ALA E 198 -40.14 24.13 28.50
N PHE E 199 -40.23 24.97 27.47
CA PHE E 199 -40.81 24.60 26.18
C PHE E 199 -39.96 23.57 25.41
N GLN E 200 -38.63 23.59 25.54
CA GLN E 200 -37.72 22.65 24.86
C GLN E 200 -37.97 21.19 25.26
N LEU E 201 -38.55 20.91 26.43
CA LEU E 201 -38.91 19.55 26.86
C LEU E 201 -40.36 19.18 26.52
N SER E 202 -41.13 20.08 25.88
CA SER E 202 -42.57 19.93 25.70
C SER E 202 -42.96 19.04 24.52
N ALA E 203 -44.23 18.64 24.46
CA ALA E 203 -44.81 17.93 23.33
C ALA E 203 -44.72 18.76 22.04
N GLN E 204 -45.10 20.02 22.10
CA GLN E 204 -45.14 20.91 20.96
C GLN E 204 -43.76 21.09 20.29
N ALA E 205 -42.70 21.21 21.07
CA ALA E 205 -41.35 21.25 20.55
C ALA E 205 -40.91 19.94 19.89
N ASN E 206 -41.14 18.80 20.53
CA ASN E 206 -40.53 17.53 20.15
C ASN E 206 -41.38 16.70 19.18
N ASN E 207 -42.69 16.95 19.11
CA ASN E 207 -43.52 16.55 17.99
C ASN E 207 -43.15 17.33 16.72
N ALA E 208 -42.96 18.65 16.79
CA ALA E 208 -42.49 19.42 15.65
C ALA E 208 -41.10 18.94 15.18
N ALA E 209 -40.16 18.67 16.08
CA ALA E 209 -38.86 18.12 15.71
C ALA E 209 -38.93 16.75 15.01
N SER E 210 -39.86 15.88 15.40
CA SER E 210 -40.12 14.62 14.71
C SER E 210 -40.82 14.79 13.37
N GLN E 211 -41.76 15.72 13.28
CA GLN E 211 -42.43 16.06 12.03
C GLN E 211 -41.47 16.70 11.01
N VAL E 212 -40.55 17.55 11.45
CA VAL E 212 -39.52 18.11 10.58
C VAL E 212 -38.50 17.07 10.16
N TYR E 213 -38.19 16.09 10.99
CA TYR E 213 -37.35 14.98 10.54
C TYR E 213 -38.00 14.22 9.38
N ALA E 214 -39.30 13.93 9.46
CA ALA E 214 -40.05 13.28 8.40
C ALA E 214 -40.03 14.12 7.11
N LEU E 215 -40.26 15.43 7.24
CA LEU E 215 -40.31 16.41 6.17
C LEU E 215 -38.95 16.68 5.49
N GLU E 216 -37.85 16.65 6.22
CA GLU E 216 -36.47 16.78 5.72
C GLU E 216 -35.91 15.50 5.12
N GLY E 217 -36.17 14.34 5.73
CA GLY E 217 -35.61 13.06 5.29
C GLY E 217 -36.43 12.37 4.21
N GLN E 218 -37.72 12.69 4.13
CA GLN E 218 -38.76 11.99 3.38
C GLN E 218 -38.75 10.50 3.66
N CYS E 219 -38.99 10.18 4.92
CA CYS E 219 -39.06 8.85 5.45
C CYS E 219 -40.16 8.79 6.51
N PHE E 220 -40.71 7.61 6.76
CA PHE E 220 -41.74 7.47 7.79
C PHE E 220 -41.12 7.53 9.17
N VAL E 221 -41.52 8.48 10.00
CA VAL E 221 -41.01 8.64 11.36
C VAL E 221 -41.98 8.05 12.36
N LEU E 222 -41.59 6.97 13.03
CA LEU E 222 -42.25 6.49 14.23
C LEU E 222 -41.66 7.22 15.41
N ALA E 223 -42.49 7.96 16.10
CA ALA E 223 -42.12 8.64 17.33
C ALA E 223 -42.78 7.93 18.53
N PRO E 224 -42.24 6.79 19.02
CA PRO E 224 -42.70 6.20 20.24
C PRO E 224 -42.31 7.08 21.42
N CYS E 225 -43.15 7.12 22.42
CA CYS E 225 -43.00 8.04 23.53
C CYS E 225 -43.45 7.35 24.80
N ALA E 226 -42.63 7.38 25.84
CA ALA E 226 -42.98 6.82 27.13
C ALA E 226 -44.09 7.64 27.79
N THR E 227 -44.80 7.07 28.75
CA THR E 227 -45.73 7.82 29.61
C THR E 227 -45.42 7.57 31.08
N VAL E 228 -45.67 8.55 31.95
CA VAL E 228 -45.47 8.47 33.40
C VAL E 228 -46.77 8.08 34.09
N SER E 229 -46.72 7.26 35.14
CA SER E 229 -47.87 6.63 35.78
C SER E 229 -47.97 6.90 37.28
N LYS E 230 -49.16 6.87 37.89
CA LYS E 230 -49.32 7.06 39.35
C LYS E 230 -48.33 6.23 40.17
N GLU E 231 -48.23 4.92 39.93
CA GLU E 231 -47.33 4.07 40.71
C GLU E 231 -45.84 4.29 40.41
N MET E 232 -45.49 4.94 39.30
CA MET E 232 -44.13 5.45 39.05
C MET E 232 -43.86 6.74 39.84
N LEU E 233 -44.76 7.72 39.80
CA LEU E 233 -44.68 8.96 40.58
C LEU E 233 -44.60 8.73 42.10
N ASP E 234 -45.23 7.66 42.61
CA ASP E 234 -45.16 7.27 44.02
C ASP E 234 -43.77 6.86 44.51
N GLU E 235 -42.87 6.45 43.61
CA GLU E 235 -41.46 6.13 43.89
C GLU E 235 -40.51 7.29 43.56
N LEU E 236 -40.96 8.15 42.65
CA LEU E 236 -40.17 9.16 41.99
C LEU E 236 -40.34 10.60 42.55
N ILE E 237 -41.41 10.91 43.29
CA ILE E 237 -41.62 12.26 43.90
C ILE E 237 -41.93 12.11 45.40
N ASP E 238 -41.49 13.08 46.19
CA ASP E 238 -41.49 13.06 47.66
C ASP E 238 -42.36 14.15 48.31
N SER E 239 -42.59 15.26 47.62
CA SER E 239 -43.12 16.50 48.16
C SER E 239 -43.84 17.32 47.08
N PRO E 240 -44.77 18.23 47.43
CA PRO E 240 -45.47 19.03 46.42
C PRO E 240 -44.57 20.01 45.64
N ALA E 241 -43.34 20.26 46.09
CA ALA E 241 -42.34 21.01 45.33
C ALA E 241 -41.88 20.24 44.08
N LYS E 242 -41.59 18.93 44.20
CA LYS E 242 -41.31 18.07 43.04
C LYS E 242 -42.56 17.75 42.23
N ALA E 243 -43.74 17.73 42.84
CA ALA E 243 -44.96 17.26 42.19
C ALA E 243 -45.42 18.11 40.99
N GLU E 244 -45.01 19.37 40.89
CA GLU E 244 -45.27 20.22 39.72
C GLU E 244 -44.34 19.91 38.53
N LEU E 245 -43.13 19.43 38.81
CA LEU E 245 -42.06 19.25 37.84
C LEU E 245 -42.27 18.04 36.92
N LEU E 246 -43.07 17.06 37.33
CA LEU E 246 -43.37 15.89 36.52
C LEU E 246 -44.80 15.43 36.75
N LEU E 247 -45.62 15.51 35.71
CA LEU E 247 -47.03 15.12 35.74
C LEU E 247 -47.22 13.64 35.40
N GLU E 248 -48.40 13.08 35.67
CA GLU E 248 -48.79 11.83 35.05
C GLU E 248 -49.04 12.04 33.55
N GLY E 249 -48.73 11.03 32.74
CA GLY E 249 -48.87 11.08 31.31
C GLY E 249 -47.60 11.58 30.65
N GLY E 250 -47.77 12.46 29.67
CA GLY E 250 -46.70 12.88 28.79
C GLY E 250 -46.47 11.96 27.60
N GLY E 251 -47.31 10.95 27.40
CA GLY E 251 -47.26 10.15 26.20
C GLY E 251 -47.85 10.90 25.02
N PHE E 252 -47.01 11.55 24.23
CA PHE E 252 -47.38 12.10 22.93
C PHE E 252 -46.61 11.37 21.84
N ALA E 253 -46.87 10.07 21.68
CA ALA E 253 -46.32 9.33 20.56
C ALA E 253 -47.05 9.69 19.27
N MET E 254 -46.36 9.61 18.13
CA MET E 254 -46.89 9.93 16.80
C MET E 254 -46.29 9.02 15.76
N ILE E 255 -46.90 8.96 14.58
CA ILE E 255 -46.26 8.39 13.39
C ILE E 255 -46.48 9.39 12.26
N TYR E 256 -45.46 9.73 11.49
CA TYR E 256 -45.49 10.69 10.39
C TYR E 256 -45.08 10.09 9.06
N GLY E 257 -45.71 10.50 7.96
CA GLY E 257 -45.34 10.08 6.61
C GLY E 257 -44.16 10.86 6.03
N PRO E 258 -43.61 10.47 4.88
CA PRO E 258 -42.44 11.12 4.27
C PRO E 258 -42.72 12.56 3.77
N ASP E 259 -43.99 12.92 3.65
CA ASP E 259 -44.46 14.28 3.37
C ASP E 259 -44.67 15.12 4.63
N GLY E 260 -44.49 14.55 5.83
CA GLY E 260 -44.70 15.22 7.11
C GLY E 260 -46.09 15.03 7.73
N ALA E 261 -47.07 14.44 7.05
CA ALA E 261 -48.40 14.27 7.59
C ALA E 261 -48.44 13.27 8.78
N PRO E 262 -49.09 13.58 9.91
CA PRO E 262 -49.28 12.62 10.98
C PRO E 262 -50.26 11.53 10.53
N LEU E 263 -49.80 10.29 10.46
CA LEU E 263 -50.56 9.12 10.02
C LEU E 263 -51.39 8.47 11.14
N CYS E 264 -51.02 8.69 12.39
CA CYS E 264 -51.60 8.04 13.58
C CYS E 264 -53.00 8.56 13.95
N THR E 265 -53.89 7.62 14.31
CA THR E 265 -55.06 7.91 15.18
C THR E 265 -54.55 8.30 16.57
N PRO E 266 -55.09 9.33 17.25
CA PRO E 266 -54.53 9.79 18.51
C PRO E 266 -54.69 8.79 19.65
N LEU E 267 -53.91 9.02 20.69
CA LEU E 267 -54.08 8.56 22.07
C LEU E 267 -54.09 9.78 22.97
N ALA E 268 -54.75 9.72 24.14
CA ALA E 268 -54.61 10.73 25.16
C ALA E 268 -53.22 10.70 25.84
N GLU E 269 -52.81 11.83 26.41
CA GLU E 269 -51.53 12.06 27.07
C GLU E 269 -51.22 11.04 28.18
N THR E 270 -52.25 10.67 28.96
CA THR E 270 -52.18 9.72 30.07
C THR E 270 -52.50 8.27 29.66
N GLU E 271 -52.76 8.01 28.38
CA GLU E 271 -53.26 6.71 27.91
C GLU E 271 -52.14 5.79 27.46
N GLU E 272 -52.06 4.57 28.02
CA GLU E 272 -51.18 3.53 27.49
C GLU E 272 -51.76 2.87 26.24
N GLY E 273 -50.95 2.57 25.24
CA GLY E 273 -51.39 1.94 24.01
C GLY E 273 -50.30 1.71 22.98
N ILE E 274 -50.68 1.30 21.79
CA ILE E 274 -49.81 1.22 20.62
C ILE E 274 -50.53 1.89 19.45
N LEU E 275 -49.84 2.80 18.75
CA LEU E 275 -50.34 3.44 17.53
C LEU E 275 -49.98 2.60 16.30
N TYR E 276 -50.85 2.60 15.31
CA TYR E 276 -50.66 1.86 14.09
C TYR E 276 -50.78 2.74 12.85
N ALA E 277 -49.90 2.54 11.89
CA ALA E 277 -49.92 3.25 10.62
C ALA E 277 -49.56 2.31 9.49
N ASP E 278 -50.11 2.53 8.31
CA ASP E 278 -49.86 1.72 7.10
C ASP E 278 -48.81 2.40 6.22
N ILE E 279 -47.61 1.87 6.25
CA ILE E 279 -46.46 2.31 5.48
C ILE E 279 -46.61 1.88 4.03
N ASP E 280 -46.21 2.74 3.09
CA ASP E 280 -45.99 2.39 1.69
C ASP E 280 -44.70 3.08 1.24
N LEU E 281 -43.62 2.31 1.08
CA LEU E 281 -42.34 2.83 0.59
C LEU E 281 -42.42 3.35 -0.86
N GLY E 282 -43.51 3.11 -1.58
CA GLY E 282 -43.82 3.80 -2.82
C GLY E 282 -44.11 5.28 -2.65
N VAL E 283 -44.71 5.69 -1.53
CA VAL E 283 -45.10 7.10 -1.27
C VAL E 283 -43.90 8.02 -1.08
N ILE E 284 -42.75 7.48 -0.67
CA ILE E 284 -41.52 8.26 -0.55
C ILE E 284 -41.13 8.91 -1.86
N GLY E 285 -41.46 8.33 -3.03
CA GLY E 285 -41.18 8.94 -4.33
C GLY E 285 -41.96 10.22 -4.62
N VAL E 286 -43.18 10.33 -4.12
CA VAL E 286 -44.01 11.54 -4.22
C VAL E 286 -43.44 12.64 -3.33
N ALA E 287 -43.15 12.29 -2.08
CA ALA E 287 -42.60 13.22 -1.11
C ALA E 287 -41.26 13.81 -1.55
N LYS E 288 -40.38 13.00 -2.12
CA LYS E 288 -39.11 13.42 -2.71
C LYS E 288 -39.23 14.17 -4.04
N ALA E 289 -40.42 14.43 -4.57
CA ALA E 289 -40.58 15.37 -5.66
C ALA E 289 -40.31 16.79 -5.19
N ALA E 290 -40.77 17.15 -3.98
CA ALA E 290 -40.59 18.46 -3.40
C ALA E 290 -39.15 18.68 -2.89
N TYR E 291 -38.66 17.80 -2.01
CA TYR E 291 -37.38 17.96 -1.34
C TYR E 291 -36.55 16.68 -1.40
N ASP E 292 -35.23 16.76 -1.52
CA ASP E 292 -34.31 15.65 -1.22
C ASP E 292 -32.97 16.27 -0.83
N PRO E 293 -32.65 16.43 0.46
CA PRO E 293 -31.55 17.29 0.90
C PRO E 293 -30.18 16.75 0.57
N VAL E 294 -30.10 15.49 0.14
CA VAL E 294 -28.90 14.73 -0.21
C VAL E 294 -28.87 14.40 -1.70
N GLY E 295 -29.75 15.03 -2.47
CA GLY E 295 -30.01 14.71 -3.87
C GLY E 295 -30.32 16.01 -4.60
N HIS E 296 -31.44 16.10 -5.32
CA HIS E 296 -31.71 17.27 -6.16
C HIS E 296 -31.72 18.59 -5.40
N TYR E 297 -32.10 18.59 -4.13
CA TYR E 297 -32.17 19.82 -3.35
C TYR E 297 -30.82 20.21 -2.72
N SER E 298 -29.80 19.38 -2.80
CA SER E 298 -28.48 19.72 -2.29
C SER E 298 -27.71 20.77 -3.14
N ARG E 299 -26.66 21.30 -2.54
CA ARG E 299 -25.65 22.18 -3.14
C ARG E 299 -24.28 21.70 -2.69
N PRO E 300 -23.79 20.55 -3.18
CA PRO E 300 -22.55 19.93 -2.73
C PRO E 300 -21.33 20.74 -3.14
N ASP E 301 -21.51 21.78 -3.96
CA ASP E 301 -20.54 22.80 -4.31
C ASP E 301 -20.43 23.94 -3.28
N VAL E 302 -21.44 24.07 -2.42
CA VAL E 302 -21.50 25.06 -1.35
C VAL E 302 -21.29 24.43 0.02
N LEU E 303 -21.89 23.25 0.29
CA LEU E 303 -21.93 22.61 1.60
C LEU E 303 -21.67 21.11 1.47
N ARG E 304 -20.89 20.53 2.37
CA ARG E 304 -20.80 19.09 2.54
C ARG E 304 -20.70 18.76 3.99
N LEU E 305 -21.12 17.58 4.36
CA LEU E 305 -20.85 17.01 5.67
C LEU E 305 -19.51 16.27 5.61
N LEU E 306 -18.73 16.36 6.67
CA LEU E 306 -17.61 15.48 6.98
C LEU E 306 -18.07 14.55 8.08
N VAL E 307 -17.90 13.24 7.96
CA VAL E 307 -18.28 12.32 9.03
C VAL E 307 -17.23 11.23 9.26
N ASN E 308 -16.93 11.00 10.53
CA ASN E 308 -16.08 9.94 11.03
C ASN E 308 -16.90 8.78 11.59
N ARG E 309 -17.20 7.79 10.72
CA ARG E 309 -17.96 6.57 11.03
C ARG E 309 -17.26 5.56 11.94
N GLU E 310 -15.99 5.77 12.27
CA GLU E 310 -15.17 4.81 12.99
C GLU E 310 -15.61 4.68 14.47
N PRO E 311 -15.76 3.46 15.01
CA PRO E 311 -16.04 3.27 16.44
C PRO E 311 -14.78 3.59 17.27
N MET E 312 -14.91 4.42 18.30
CA MET E 312 -13.83 4.92 19.15
C MET E 312 -13.55 4.05 20.37
N THR E 313 -12.55 3.19 20.23
CA THR E 313 -11.92 2.41 21.31
C THR E 313 -11.01 3.28 22.18
N ARG E 314 -10.98 3.07 23.50
CA ARG E 314 -10.07 3.80 24.39
C ARG E 314 -8.65 3.25 24.37
N VAL E 315 -8.49 1.95 24.12
CA VAL E 315 -7.21 1.25 24.07
C VAL E 315 -7.07 0.44 22.79
N HIS E 316 -5.89 0.54 22.18
CA HIS E 316 -5.50 -0.20 20.99
C HIS E 316 -4.48 -1.26 21.36
N TYR E 317 -4.85 -2.51 21.15
CA TYR E 317 -3.98 -3.64 21.42
C TYR E 317 -3.13 -3.95 20.19
N VAL E 318 -1.81 -3.94 20.38
CA VAL E 318 -0.79 -4.29 19.38
C VAL E 318 -0.82 -5.80 19.13
N GLN E 319 -1.07 -6.22 17.89
CA GLN E 319 -1.17 -7.63 17.50
C GLN E 319 0.12 -8.07 16.77
N PRO E 320 0.74 -9.22 17.12
CA PRO E 320 2.11 -9.52 16.76
C PRO E 320 2.33 -9.91 15.29
N LYS F 5 14.01 31.82 34.79
CA LYS F 5 14.27 31.85 36.26
C LYS F 5 14.02 30.47 36.89
N LYS F 6 14.86 30.05 37.84
CA LYS F 6 14.77 28.72 38.47
C LYS F 6 14.44 28.70 39.97
N GLN F 7 14.68 29.76 40.73
CA GLN F 7 14.19 29.95 42.10
C GLN F 7 13.22 31.13 42.15
N TYR F 8 12.02 30.92 42.68
CA TYR F 8 11.01 31.96 42.81
C TYR F 8 9.98 31.58 43.87
N LYS F 9 9.19 32.55 44.35
CA LYS F 9 8.02 32.32 45.22
C LYS F 9 6.78 32.17 44.36
N VAL F 10 5.80 31.38 44.79
CA VAL F 10 4.51 31.24 44.11
C VAL F 10 3.34 31.31 45.06
N ALA F 11 2.15 31.59 44.55
CA ALA F 11 0.94 31.81 45.30
C ALA F 11 -0.27 30.98 44.82
N ALA F 12 -0.97 30.31 45.71
CA ALA F 12 -2.25 29.68 45.42
C ALA F 12 -3.36 30.38 46.22
N VAL F 13 -4.34 30.93 45.52
CA VAL F 13 -5.44 31.67 46.14
C VAL F 13 -6.39 30.71 46.87
N GLN F 14 -6.83 31.08 48.06
CA GLN F 14 -7.99 30.51 48.71
C GLN F 14 -8.97 31.62 49.06
N ALA F 15 -9.96 31.88 48.23
CA ALA F 15 -10.89 32.96 48.45
C ALA F 15 -12.27 32.62 47.92
N ALA F 16 -13.33 33.18 48.49
CA ALA F 16 -14.66 33.06 47.90
C ALA F 16 -14.77 33.99 46.67
N PRO F 17 -15.36 33.55 45.56
CA PRO F 17 -15.63 34.43 44.43
C PRO F 17 -16.74 35.44 44.75
N ALA F 18 -16.78 36.55 44.02
CA ALA F 18 -17.93 37.45 44.03
C ALA F 18 -19.08 36.83 43.21
N PHE F 19 -19.75 35.86 43.80
CA PHE F 19 -20.59 34.90 43.10
C PHE F 19 -21.65 35.55 42.21
N LEU F 20 -21.58 35.22 40.91
CA LEU F 20 -22.46 35.74 39.86
C LEU F 20 -22.46 37.28 39.80
N ASP F 21 -21.26 37.86 39.81
CA ASP F 21 -20.99 39.25 39.42
C ASP F 21 -19.57 39.31 38.83
N LEU F 22 -19.45 39.64 37.54
CA LEU F 22 -18.14 39.62 36.89
C LEU F 22 -17.28 40.83 37.23
N GLU F 23 -17.87 42.02 37.48
CA GLU F 23 -17.10 43.22 37.82
C GLU F 23 -16.58 43.12 39.26
N ALA F 24 -17.43 42.66 40.20
CA ALA F 24 -17.00 42.35 41.56
C ALA F 24 -16.01 41.18 41.60
N GLY F 25 -16.15 40.22 40.69
CA GLY F 25 -15.20 39.11 40.55
C GLY F 25 -13.84 39.60 40.09
N VAL F 26 -13.79 40.43 39.05
CA VAL F 26 -12.55 40.98 38.50
C VAL F 26 -11.90 41.97 39.44
N ALA F 27 -12.65 42.84 40.12
CA ALA F 27 -12.08 43.72 41.14
C ALA F 27 -11.44 42.93 42.28
N LYS F 28 -12.06 41.84 42.75
CA LYS F 28 -11.48 40.98 43.78
C LYS F 28 -10.29 40.17 43.26
N ALA F 29 -10.29 39.74 42.00
CA ALA F 29 -9.14 39.09 41.38
C ALA F 29 -7.97 40.06 41.23
N ILE F 30 -8.21 41.28 40.77
CA ILE F 30 -7.16 42.30 40.61
C ILE F 30 -6.53 42.66 41.95
N GLY F 31 -7.34 42.63 43.02
CA GLY F 31 -6.89 42.72 44.41
C GLY F 31 -6.04 41.54 44.87
N LEU F 32 -6.48 40.31 44.63
CA LEU F 32 -5.75 39.09 44.99
C LEU F 32 -4.45 38.93 44.19
N ILE F 33 -4.43 39.27 42.90
CA ILE F 33 -3.22 39.39 42.07
C ILE F 33 -2.23 40.35 42.73
N ALA F 34 -2.69 41.52 43.16
CA ALA F 34 -1.84 42.51 43.81
C ALA F 34 -1.35 42.05 45.20
N GLN F 35 -2.18 41.46 46.05
CA GLN F 35 -1.79 40.88 47.34
C GLN F 35 -0.76 39.75 47.17
N ALA F 36 -0.86 38.95 46.10
CA ALA F 36 0.14 37.96 45.79
C ALA F 36 1.47 38.59 45.32
N ALA F 37 1.40 39.57 44.42
CA ALA F 37 2.57 40.26 43.89
C ALA F 37 3.32 41.10 44.90
N ALA F 38 2.61 41.68 45.86
CA ALA F 38 3.18 42.45 46.96
C ALA F 38 3.96 41.59 47.96
N GLU F 39 3.56 40.32 48.15
CA GLU F 39 4.29 39.36 48.98
C GLU F 39 5.56 38.83 48.29
N GLY F 40 5.77 39.14 47.02
CA GLY F 40 6.93 38.71 46.25
C GLY F 40 6.70 37.43 45.44
N ALA F 41 5.46 36.96 45.31
CA ALA F 41 5.14 35.80 44.48
C ALA F 41 5.30 36.15 42.99
N SER F 42 6.01 35.32 42.25
CA SER F 42 6.24 35.49 40.82
C SER F 42 5.12 34.90 39.97
N LEU F 43 4.22 34.13 40.59
CA LEU F 43 3.07 33.48 40.00
C LEU F 43 1.94 33.43 41.00
N VAL F 44 0.70 33.65 40.59
CA VAL F 44 -0.52 33.42 41.36
C VAL F 44 -1.48 32.56 40.58
N ALA F 45 -2.12 31.61 41.24
CA ALA F 45 -3.15 30.76 40.67
C ALA F 45 -4.49 30.94 41.37
N PHE F 46 -5.56 31.00 40.59
CA PHE F 46 -6.94 31.12 41.05
C PHE F 46 -7.70 29.79 40.92
N PRO F 47 -8.72 29.56 41.78
CA PRO F 47 -9.59 28.38 41.77
C PRO F 47 -10.32 28.15 40.45
N GLU F 48 -10.99 27.00 40.34
CA GLU F 48 -11.79 26.65 39.16
C GLU F 48 -13.07 27.48 39.07
N ALA F 49 -13.40 28.01 37.88
CA ALA F 49 -14.56 28.89 37.64
C ALA F 49 -14.71 30.05 38.63
N TRP F 50 -13.62 30.61 39.12
CA TRP F 50 -13.65 31.65 40.15
C TRP F 50 -14.22 32.99 39.66
N LEU F 51 -14.12 33.24 38.35
CA LEU F 51 -14.85 34.31 37.66
C LEU F 51 -15.93 33.68 36.78
N PRO F 52 -17.24 33.94 36.95
CA PRO F 52 -17.88 34.72 37.99
C PRO F 52 -18.11 33.97 39.32
N GLY F 53 -17.72 32.70 39.41
CA GLY F 53 -17.98 31.82 40.53
C GLY F 53 -18.52 30.48 40.07
N TYR F 54 -18.12 29.40 40.73
CA TYR F 54 -18.45 28.04 40.35
C TYR F 54 -19.96 27.74 40.46
N PRO F 55 -20.60 27.02 39.51
CA PRO F 55 -22.05 26.95 39.40
C PRO F 55 -22.74 26.01 40.40
N TRP F 56 -22.69 26.29 41.70
CA TRP F 56 -23.16 25.39 42.75
C TRP F 56 -24.60 24.91 42.65
N TRP F 57 -25.49 25.57 41.93
CA TRP F 57 -26.88 25.12 41.78
C TRP F 57 -27.02 23.74 41.11
N ILE F 58 -26.07 23.30 40.28
CA ILE F 58 -26.07 21.96 39.70
C ILE F 58 -26.00 20.85 40.76
N TRP F 59 -25.42 21.17 41.92
CA TRP F 59 -25.26 20.28 43.06
C TRP F 59 -26.36 20.41 44.10
N LEU F 60 -27.16 21.48 44.07
CA LEU F 60 -28.15 21.80 45.09
C LEU F 60 -29.59 21.61 44.64
N ASP F 61 -29.85 21.67 43.34
CA ASP F 61 -31.17 21.71 42.74
C ASP F 61 -31.27 20.86 41.47
N SER F 62 -32.50 20.62 41.01
CA SER F 62 -32.78 20.18 39.64
C SER F 62 -32.44 21.26 38.63
N PRO F 63 -32.37 20.97 37.32
CA PRO F 63 -32.29 22.00 36.31
C PRO F 63 -33.32 23.12 36.50
N ALA F 64 -34.60 22.80 36.76
CA ALA F 64 -35.66 23.77 37.03
C ALA F 64 -35.39 24.64 38.26
N GLY F 65 -34.89 24.07 39.36
CA GLY F 65 -34.47 24.85 40.52
C GLY F 65 -33.25 25.74 40.21
N GLY F 66 -32.39 25.32 39.29
CA GLY F 66 -31.25 26.08 38.81
C GLY F 66 -31.56 27.20 37.82
N MET F 67 -32.74 27.20 37.17
CA MET F 67 -33.09 28.17 36.11
C MET F 67 -32.98 29.64 36.50
N ARG F 68 -33.08 30.00 37.78
CA ARG F 68 -32.88 31.38 38.26
C ARG F 68 -31.44 31.90 38.16
N PHE F 69 -30.47 31.00 38.02
CA PHE F 69 -29.04 31.33 37.94
C PHE F 69 -28.47 31.18 36.54
N VAL F 70 -29.11 30.44 35.64
CA VAL F 70 -28.57 30.13 34.32
C VAL F 70 -28.30 31.38 33.49
N GLN F 71 -29.26 32.30 33.37
CA GLN F 71 -29.05 33.57 32.67
C GLN F 71 -28.00 34.46 33.34
N ARG F 72 -27.95 34.49 34.68
CA ARG F 72 -26.91 35.24 35.41
C ARG F 72 -25.53 34.66 35.21
N ASN F 73 -25.42 33.33 35.15
CA ASN F 73 -24.15 32.68 34.86
C ASN F 73 -23.68 32.90 33.42
N PHE F 74 -24.60 32.97 32.45
CA PHE F 74 -24.27 33.28 31.07
C PHE F 74 -23.86 34.74 30.89
N ASP F 75 -24.58 35.69 31.49
CA ASP F 75 -24.22 37.11 31.48
C ASP F 75 -22.84 37.40 32.09
N ASN F 76 -22.57 36.84 33.26
CA ASN F 76 -21.31 37.02 33.97
C ASN F 76 -20.19 36.05 33.56
N ALA F 77 -20.39 35.19 32.56
CA ALA F 77 -19.31 34.40 31.98
C ALA F 77 -18.32 35.34 31.27
N LEU F 78 -17.04 35.08 31.46
CA LEU F 78 -15.91 35.91 31.04
C LEU F 78 -15.52 35.54 29.61
N GLU F 79 -15.93 36.30 28.59
CA GLU F 79 -15.46 36.09 27.24
C GLU F 79 -13.97 36.45 27.11
N VAL F 80 -13.17 35.61 26.47
CA VAL F 80 -11.72 35.79 26.42
C VAL F 80 -11.32 36.88 25.44
N GLY F 81 -10.56 37.87 25.93
CA GLY F 81 -10.27 39.10 25.19
C GLY F 81 -11.38 40.13 25.15
N SER F 82 -12.50 39.92 25.87
CA SER F 82 -13.41 41.00 26.23
C SER F 82 -12.76 41.92 27.27
N GLU F 83 -13.28 43.13 27.52
CA GLU F 83 -12.63 44.07 28.42
C GLU F 83 -12.43 43.57 29.87
N PRO F 84 -13.35 42.86 30.55
CA PRO F 84 -13.06 42.37 31.90
C PRO F 84 -11.99 41.28 31.93
N PHE F 85 -11.62 40.70 30.80
CA PHE F 85 -10.47 39.82 30.67
C PHE F 85 -9.21 40.65 30.47
N GLU F 86 -9.26 41.69 29.63
CA GLU F 86 -8.13 42.59 29.43
C GLU F 86 -7.75 43.35 30.71
N ARG F 87 -8.71 43.65 31.58
CA ARG F 87 -8.47 44.22 32.93
C ARG F 87 -7.56 43.33 33.78
N LEU F 88 -7.73 42.01 33.72
CA LEU F 88 -6.86 41.01 34.39
C LEU F 88 -5.50 40.87 33.68
N CYS F 89 -5.52 40.89 32.35
CA CYS F 89 -4.36 40.87 31.48
C CYS F 89 -3.41 42.05 31.77
N ARG F 90 -3.95 43.26 31.94
CA ARG F 90 -3.26 44.46 32.40
C ARG F 90 -2.79 44.33 33.85
N ALA F 91 -3.62 43.81 34.74
CA ALA F 91 -3.25 43.61 36.14
C ALA F 91 -2.04 42.68 36.34
N ALA F 92 -1.83 41.71 35.47
CA ALA F 92 -0.65 40.85 35.48
C ALA F 92 0.64 41.59 35.11
N ALA F 93 0.62 42.38 34.03
CA ALA F 93 1.72 43.26 33.62
C ALA F 93 2.06 44.34 34.64
N GLN F 94 1.02 45.02 35.15
CA GLN F 94 1.07 46.07 36.16
C GLN F 94 1.79 45.63 37.44
N HIS F 95 1.73 44.35 37.79
CA HIS F 95 2.34 43.80 39.00
C HIS F 95 3.50 42.81 38.75
N LYS F 96 3.94 42.61 37.49
CA LYS F 96 5.04 41.68 37.13
C LYS F 96 4.88 40.32 37.82
N ILE F 97 3.71 39.73 37.63
CA ILE F 97 3.31 38.44 38.19
C ILE F 97 2.59 37.60 37.12
N TYR F 98 2.93 36.32 36.99
CA TYR F 98 2.19 35.39 36.17
C TYR F 98 0.84 35.12 36.83
N VAL F 99 -0.26 35.19 36.10
CA VAL F 99 -1.61 34.96 36.63
C VAL F 99 -2.24 33.77 35.94
N VAL F 100 -2.65 32.77 36.70
CA VAL F 100 -3.42 31.63 36.20
C VAL F 100 -4.85 31.75 36.66
N LEU F 101 -5.71 32.28 35.79
CA LEU F 101 -7.13 32.39 36.06
C LEU F 101 -7.82 31.04 35.91
N GLY F 102 -8.82 30.76 36.72
CA GLY F 102 -9.90 29.84 36.40
C GLY F 102 -11.20 30.59 36.30
N PHE F 103 -11.97 30.35 35.25
CA PHE F 103 -13.16 31.13 34.94
C PHE F 103 -14.19 30.34 34.11
N THR F 104 -15.45 30.75 34.14
CA THR F 104 -16.47 30.35 33.17
C THR F 104 -16.23 31.15 31.90
N GLU F 105 -15.56 30.60 30.90
CA GLU F 105 -15.55 31.21 29.57
C GLU F 105 -16.96 31.17 29.00
N ARG F 106 -17.32 32.07 28.10
CA ARG F 106 -18.33 31.78 27.07
C ARG F 106 -17.77 32.07 25.70
N SER F 107 -18.03 31.16 24.78
CA SER F 107 -17.66 31.27 23.39
C SER F 107 -18.87 30.94 22.55
N GLY F 108 -19.37 31.93 21.81
CA GLY F 108 -20.64 31.85 21.12
C GLY F 108 -21.76 31.44 22.06
N GLY F 109 -22.47 30.39 21.72
CA GLY F 109 -23.59 29.90 22.51
C GLY F 109 -23.24 29.13 23.79
N THR F 110 -22.00 28.74 24.01
CA THR F 110 -21.65 27.73 25.01
C THR F 110 -20.66 28.24 26.06
N LEU F 111 -20.87 27.88 27.31
CA LEU F 111 -19.93 28.10 28.40
C LEU F 111 -18.82 27.05 28.38
N TYR F 112 -17.64 27.36 28.88
CA TYR F 112 -16.56 26.42 29.11
C TYR F 112 -15.93 26.62 30.48
N LEU F 113 -15.56 25.52 31.11
CA LEU F 113 -14.85 25.49 32.36
C LEU F 113 -13.37 25.71 32.03
N ALA F 114 -12.87 26.92 32.21
CA ALA F 114 -11.71 27.41 31.47
C ALA F 114 -10.63 27.99 32.38
N GLN F 115 -9.45 28.15 31.83
CA GLN F 115 -8.28 28.71 32.46
C GLN F 115 -7.50 29.56 31.48
N ALA F 116 -6.73 30.52 31.98
CA ALA F 116 -5.76 31.23 31.16
C ALA F 116 -4.52 31.47 31.97
N ILE F 117 -3.36 31.28 31.37
CA ILE F 117 -2.08 31.67 31.94
C ILE F 117 -1.72 32.98 31.28
N ILE F 118 -1.53 34.02 32.07
CA ILE F 118 -1.13 35.35 31.66
C ILE F 118 0.33 35.53 32.08
N ASP F 119 1.16 35.95 31.13
CA ASP F 119 2.59 36.21 31.25
C ASP F 119 2.89 37.39 32.17
N ASP F 120 4.11 37.48 32.71
CA ASP F 120 4.61 38.66 33.40
C ASP F 120 4.43 39.95 32.59
N CYS F 121 4.48 39.92 31.26
CA CYS F 121 4.24 41.06 30.38
C CYS F 121 2.77 41.19 29.95
N GLY F 122 1.82 40.64 30.71
CA GLY F 122 0.38 40.86 30.54
C GLY F 122 -0.18 40.43 29.19
N ARG F 123 0.10 39.19 28.80
CA ARG F 123 -0.34 38.58 27.53
C ARG F 123 -0.66 37.12 27.77
N VAL F 124 -1.63 36.55 27.05
CA VAL F 124 -2.00 35.15 27.24
C VAL F 124 -0.88 34.26 26.72
N VAL F 125 -0.22 33.55 27.64
CA VAL F 125 0.62 32.41 27.30
C VAL F 125 -0.27 31.30 26.76
N ALA F 126 -1.41 31.13 27.40
CA ALA F 126 -2.41 30.14 27.02
C ALA F 126 -3.80 30.57 27.47
N THR F 127 -4.82 30.17 26.76
CA THR F 127 -6.19 30.06 27.27
C THR F 127 -6.69 28.67 26.92
N ARG F 128 -7.44 28.04 27.83
CA ARG F 128 -7.49 26.59 27.95
C ARG F 128 -8.82 26.10 28.53
N ARG F 129 -9.51 25.18 27.89
CA ARG F 129 -10.82 24.64 28.34
C ARG F 129 -10.67 23.22 28.88
N LYS F 130 -11.37 22.87 29.95
CA LYS F 130 -11.43 21.51 30.51
C LYS F 130 -11.88 20.50 29.45
N LEU F 131 -11.19 19.37 29.29
CA LEU F 131 -11.51 18.44 28.20
C LEU F 131 -12.86 17.77 28.37
N LYS F 132 -13.31 17.61 29.60
CA LYS F 132 -14.54 16.95 29.95
C LYS F 132 -14.99 17.53 31.28
N PRO F 133 -16.13 18.19 31.36
CA PRO F 133 -16.69 18.50 32.66
C PRO F 133 -17.02 17.23 33.44
N THR F 134 -16.99 17.34 34.76
CA THR F 134 -17.47 16.31 35.69
C THR F 134 -18.97 16.12 35.53
N HIS F 135 -19.53 14.98 35.93
CA HIS F 135 -20.83 14.47 35.49
C HIS F 135 -21.96 15.50 35.43
N VAL F 136 -22.20 16.33 36.43
CA VAL F 136 -23.27 17.35 36.41
C VAL F 136 -22.79 18.73 35.96
N GLU F 137 -21.50 18.99 35.92
CA GLU F 137 -20.92 20.17 35.26
C GLU F 137 -21.17 20.14 33.76
N ARG F 138 -21.40 18.96 33.18
CA ARG F 138 -21.79 18.74 31.79
C ARG F 138 -23.16 19.29 31.43
N SER F 139 -23.97 19.61 32.43
CA SER F 139 -25.24 20.32 32.29
C SER F 139 -25.09 21.84 32.17
N VAL F 140 -23.86 22.37 32.23
CA VAL F 140 -23.53 23.79 32.19
C VAL F 140 -22.50 24.05 31.09
N TYR F 141 -21.45 23.24 31.03
CA TYR F 141 -20.24 23.49 30.28
C TYR F 141 -20.09 22.56 29.08
N GLY F 142 -19.41 23.03 28.04
CA GLY F 142 -18.92 22.21 26.94
C GLY F 142 -17.55 21.61 27.21
N GLU F 143 -17.08 20.81 26.26
CA GLU F 143 -15.79 20.13 26.26
C GLU F 143 -14.69 20.93 25.54
N GLY F 144 -13.46 20.86 26.01
CA GLY F 144 -12.27 21.31 25.30
C GLY F 144 -11.85 20.38 24.15
N ASP F 145 -10.56 20.25 23.88
CA ASP F 145 -10.00 19.25 22.96
C ASP F 145 -8.50 19.06 23.26
N GLY F 146 -7.74 18.41 22.39
CA GLY F 146 -6.32 18.15 22.64
C GLY F 146 -5.43 19.38 22.73
N SER F 147 -5.85 20.52 22.18
CA SER F 147 -5.10 21.78 22.27
C SER F 147 -5.08 22.32 23.70
N ASP F 148 -5.97 21.83 24.56
CA ASP F 148 -6.11 22.20 25.96
C ASP F 148 -5.30 21.32 26.94
N LEU F 149 -4.58 20.32 26.43
CA LEU F 149 -3.54 19.59 27.15
C LEU F 149 -2.16 20.10 26.75
N ALA F 150 -1.94 21.40 26.91
CA ALA F 150 -0.69 22.06 26.58
C ALA F 150 0.09 22.52 27.80
N VAL F 151 1.40 22.26 27.78
CA VAL F 151 2.38 22.77 28.74
C VAL F 151 3.24 23.79 28.02
N HIS F 152 3.45 24.95 28.64
CA HIS F 152 4.05 26.13 28.04
C HIS F 152 5.42 26.45 28.63
N ASP F 153 6.42 26.72 27.80
CA ASP F 153 7.69 27.23 28.30
C ASP F 153 7.53 28.73 28.63
N THR F 154 8.10 29.20 29.73
CA THR F 154 7.90 30.55 30.27
C THR F 154 9.13 31.04 31.03
N THR F 155 9.11 32.27 31.57
CA THR F 155 10.10 32.73 32.56
C THR F 155 10.17 31.83 33.80
N LEU F 156 9.14 31.03 34.06
CA LEU F 156 8.97 30.18 35.23
C LEU F 156 9.24 28.69 34.95
N GLY F 157 9.78 28.33 33.80
CA GLY F 157 9.93 26.96 33.34
C GLY F 157 8.70 26.41 32.62
N ARG F 158 8.63 25.09 32.43
CA ARG F 158 7.52 24.40 31.75
C ARG F 158 6.29 24.45 32.63
N LEU F 159 5.38 25.35 32.34
CA LEU F 159 4.23 25.69 33.17
C LEU F 159 2.96 25.16 32.53
N GLY F 160 2.15 24.40 33.27
CA GLY F 160 0.89 23.83 32.76
C GLY F 160 -0.27 23.99 33.72
N ALA F 161 -1.48 23.73 33.24
CA ALA F 161 -2.67 23.70 34.07
C ALA F 161 -3.69 22.66 33.60
N LEU F 162 -4.43 22.12 34.56
CA LEU F 162 -5.60 21.24 34.46
C LEU F 162 -6.59 21.69 35.54
N CYS F 163 -7.85 21.26 35.55
CA CYS F 163 -8.74 21.56 36.66
C CYS F 163 -9.63 20.42 37.14
N CYS F 164 -10.03 20.50 38.40
CA CYS F 164 -10.50 19.46 39.29
C CYS F 164 -10.35 18.02 38.80
N ALA F 165 -11.40 17.37 38.33
CA ALA F 165 -11.34 15.95 38.02
C ALA F 165 -10.48 15.58 36.79
N GLU F 166 -9.76 16.49 36.13
CA GLU F 166 -8.70 16.13 35.20
C GLU F 166 -7.43 15.59 35.88
N HIS F 167 -7.23 15.76 37.18
CA HIS F 167 -6.15 15.07 37.92
C HIS F 167 -6.42 13.58 38.15
N ILE F 168 -7.68 13.18 38.02
CA ILE F 168 -8.22 11.83 38.17
C ILE F 168 -8.32 11.12 36.80
N GLN F 169 -7.62 11.60 35.78
CA GLN F 169 -7.69 11.10 34.41
C GLN F 169 -6.30 10.71 33.88
N PRO F 170 -5.89 9.43 33.99
CA PRO F 170 -4.52 8.99 33.73
C PRO F 170 -3.94 9.36 32.37
N LEU F 171 -4.68 9.24 31.27
CA LEU F 171 -4.16 9.65 29.97
C LEU F 171 -4.02 11.16 29.85
N SER F 172 -4.93 11.91 30.46
CA SER F 172 -4.93 13.36 30.42
C SER F 172 -3.78 13.95 31.19
N LYS F 173 -3.36 13.34 32.28
CA LYS F 173 -2.14 13.74 32.99
C LYS F 173 -0.88 13.08 32.45
N TYR F 174 -0.93 11.92 31.83
CA TYR F 174 0.22 11.45 31.05
C TYR F 174 0.54 12.39 29.90
N ALA F 175 -0.45 12.92 29.20
CA ALA F 175 -0.24 13.90 28.15
C ALA F 175 0.47 15.17 28.66
N MET F 176 0.21 15.59 29.90
CA MET F 176 0.91 16.69 30.54
C MET F 176 2.34 16.33 30.93
N TYR F 177 2.56 15.16 31.54
CA TYR F 177 3.89 14.67 31.88
C TYR F 177 4.79 14.50 30.67
N ALA F 178 4.22 14.03 29.57
CA ALA F 178 4.92 13.84 28.30
C ALA F 178 5.54 15.11 27.73
N GLN F 179 5.07 16.27 28.15
CA GLN F 179 5.59 17.58 27.78
C GLN F 179 6.62 18.11 28.78
N HIS F 180 7.09 17.28 29.70
CA HIS F 180 8.14 17.56 30.66
C HIS F 180 7.82 18.74 31.58
N GLU F 181 6.56 18.88 31.95
CA GLU F 181 6.03 19.87 32.90
C GLU F 181 6.81 19.99 34.21
N GLN F 182 7.11 21.23 34.65
CA GLN F 182 7.86 21.54 35.86
C GLN F 182 7.01 22.18 36.95
N VAL F 183 6.05 23.04 36.62
CA VAL F 183 5.10 23.64 37.57
C VAL F 183 3.69 23.52 36.99
N HIS F 184 2.76 23.20 37.86
CA HIS F 184 1.41 22.83 37.51
C HIS F 184 0.41 23.59 38.36
N ILE F 185 -0.67 24.07 37.75
CA ILE F 185 -1.80 24.64 38.48
C ILE F 185 -2.95 23.66 38.40
N ALA F 186 -3.28 23.08 39.54
CA ALA F 186 -4.40 22.18 39.77
C ALA F 186 -5.57 22.97 40.33
N ALA F 187 -6.35 23.64 39.50
CA ALA F 187 -7.43 24.49 39.98
C ALA F 187 -8.62 23.65 40.47
N TRP F 188 -9.14 23.92 41.67
CA TRP F 188 -10.29 23.22 42.26
C TRP F 188 -11.43 24.17 42.59
N PRO F 189 -12.67 23.68 42.73
CA PRO F 189 -13.79 24.46 43.27
C PRO F 189 -13.62 24.54 44.79
N SER F 190 -14.56 24.07 45.61
CA SER F 190 -14.35 24.02 47.04
C SER F 190 -14.98 22.77 47.62
N PHE F 191 -14.38 22.23 48.67
CA PHE F 191 -14.71 20.91 49.17
C PHE F 191 -15.67 20.93 50.36
N SER F 192 -16.80 21.63 50.23
CA SER F 192 -17.90 21.60 51.22
C SER F 192 -19.24 21.15 50.64
N VAL F 193 -19.26 20.76 49.36
CA VAL F 193 -20.39 20.07 48.74
C VAL F 193 -20.48 18.63 49.23
N TYR F 194 -21.66 18.22 49.69
CA TYR F 194 -21.98 16.87 50.16
C TYR F 194 -21.00 16.33 51.21
N ARG F 195 -20.54 17.18 52.13
CA ARG F 195 -19.62 16.82 53.22
C ARG F 195 -20.09 15.54 53.89
N GLY F 196 -19.24 14.50 53.94
CA GLY F 196 -19.54 13.14 54.38
C GLY F 196 -20.36 12.27 53.41
N ALA F 197 -21.36 12.82 52.73
CA ALA F 197 -22.28 12.10 51.85
C ALA F 197 -21.68 11.70 50.48
N ALA F 198 -20.57 12.30 50.05
CA ALA F 198 -19.83 11.89 48.85
C ALA F 198 -18.32 12.11 49.01
N PHE F 199 -17.54 11.04 49.08
CA PHE F 199 -16.08 11.14 49.25
C PHE F 199 -15.39 11.69 48.01
N GLN F 200 -15.89 11.44 46.81
CA GLN F 200 -15.28 11.88 45.56
C GLN F 200 -15.19 13.40 45.40
N LEU F 201 -16.08 14.14 46.06
CA LEU F 201 -16.10 15.60 46.10
C LEU F 201 -15.40 16.20 47.33
N SER F 202 -14.84 15.37 48.21
CA SER F 202 -14.27 15.75 49.51
C SER F 202 -12.87 16.32 49.38
N ALA F 203 -12.39 17.00 50.40
CA ALA F 203 -11.04 17.50 50.43
C ALA F 203 -10.01 16.37 50.39
N GLN F 204 -10.23 15.27 51.11
CA GLN F 204 -9.29 14.17 51.24
C GLN F 204 -9.08 13.43 49.91
N ALA F 205 -10.11 13.22 49.11
CA ALA F 205 -9.95 12.64 47.78
C ALA F 205 -9.15 13.53 46.83
N ASN F 206 -9.40 14.84 46.85
CA ASN F 206 -8.92 15.77 45.82
C ASN F 206 -7.61 16.47 46.20
N ASN F 207 -7.30 16.57 47.49
CA ASN F 207 -5.94 16.78 47.98
C ASN F 207 -5.05 15.60 47.65
N ALA F 208 -5.52 14.36 47.82
CA ALA F 208 -4.80 13.20 47.31
C ALA F 208 -4.60 13.24 45.79
N ALA F 209 -5.61 13.53 44.98
CA ALA F 209 -5.43 13.67 43.53
C ALA F 209 -4.41 14.74 43.13
N SER F 210 -4.33 15.88 43.83
CA SER F 210 -3.33 16.93 43.61
C SER F 210 -1.93 16.54 44.08
N GLN F 211 -1.81 15.96 45.27
CA GLN F 211 -0.57 15.47 45.80
C GLN F 211 0.03 14.39 44.92
N VAL F 212 -0.79 13.45 44.49
CA VAL F 212 -0.37 12.34 43.63
C VAL F 212 -0.05 12.82 42.22
N TYR F 213 -0.65 13.91 41.74
CA TYR F 213 -0.21 14.54 40.50
C TYR F 213 1.22 15.07 40.59
N ALA F 214 1.57 15.73 41.70
CA ALA F 214 2.93 16.21 41.96
C ALA F 214 3.94 15.09 42.03
N LEU F 215 3.63 14.04 42.76
CA LEU F 215 4.40 12.82 42.93
C LEU F 215 4.55 11.98 41.65
N GLU F 216 3.51 11.84 40.83
CA GLU F 216 3.55 11.16 39.53
C GLU F 216 4.29 11.94 38.46
N GLY F 217 4.14 13.26 38.40
CA GLY F 217 4.71 14.11 37.35
C GLY F 217 6.09 14.68 37.66
N GLN F 218 6.45 14.63 38.94
CA GLN F 218 7.59 15.31 39.54
C GLN F 218 7.61 16.78 39.20
N CYS F 219 6.52 17.46 39.51
CA CYS F 219 6.35 18.89 39.26
C CYS F 219 5.79 19.58 40.51
N PHE F 220 5.98 20.89 40.65
CA PHE F 220 5.35 21.60 41.74
C PHE F 220 3.88 21.83 41.43
N VAL F 221 2.97 21.29 42.22
CA VAL F 221 1.53 21.52 42.03
C VAL F 221 1.08 22.62 42.95
N LEU F 222 0.69 23.76 42.41
CA LEU F 222 -0.15 24.74 43.10
C LEU F 222 -1.58 24.29 42.95
N ALA F 223 -2.26 23.94 44.03
CA ALA F 223 -3.66 23.57 44.02
C ALA F 223 -4.49 24.68 44.68
N PRO F 224 -4.84 25.76 43.97
CA PRO F 224 -5.77 26.74 44.50
C PRO F 224 -7.18 26.18 44.55
N CYS F 225 -7.94 26.66 45.51
CA CYS F 225 -9.25 26.12 45.83
C CYS F 225 -10.10 27.21 46.47
N ALA F 226 -11.32 27.38 46.00
CA ALA F 226 -12.22 28.41 46.46
C ALA F 226 -12.64 28.21 47.92
N THR F 227 -13.46 29.11 48.45
CA THR F 227 -14.22 28.84 49.66
C THR F 227 -15.65 29.32 49.44
N VAL F 228 -16.62 28.59 49.97
CA VAL F 228 -18.02 29.01 50.00
C VAL F 228 -18.22 29.92 51.20
N SER F 229 -18.92 31.03 51.04
CA SER F 229 -19.07 32.07 52.06
C SER F 229 -20.52 32.34 52.45
N LYS F 230 -20.74 32.90 53.65
CA LYS F 230 -22.08 33.26 54.18
C LYS F 230 -22.92 34.01 53.15
N GLU F 231 -22.39 35.08 52.56
CA GLU F 231 -23.11 35.88 51.56
C GLU F 231 -23.37 35.13 50.24
N MET F 232 -22.60 34.08 49.94
CA MET F 232 -22.83 33.20 48.80
C MET F 232 -23.92 32.16 49.07
N LEU F 233 -24.04 31.63 50.29
CA LEU F 233 -25.10 30.71 50.71
C LEU F 233 -26.47 31.40 50.85
N ASP F 234 -26.51 32.66 51.27
CA ASP F 234 -27.74 33.47 51.36
C ASP F 234 -28.48 33.59 50.01
N GLU F 235 -27.79 33.33 48.91
CA GLU F 235 -28.27 33.42 47.53
C GLU F 235 -28.63 32.07 46.91
N LEU F 236 -28.21 30.99 47.57
CA LEU F 236 -27.93 29.70 46.97
C LEU F 236 -28.53 28.52 47.75
N ILE F 237 -28.99 28.75 48.98
CA ILE F 237 -29.85 27.85 49.78
C ILE F 237 -31.00 28.69 50.33
N ASP F 238 -32.18 28.08 50.40
CA ASP F 238 -33.47 28.71 50.66
C ASP F 238 -34.38 27.83 51.53
N SER F 239 -33.88 26.69 52.00
CA SER F 239 -34.65 25.57 52.53
C SER F 239 -33.76 24.64 53.35
N PRO F 240 -34.32 23.80 54.25
CA PRO F 240 -33.54 22.83 55.02
C PRO F 240 -33.06 21.67 54.15
N ALA F 241 -33.85 21.27 53.16
CA ALA F 241 -33.55 20.23 52.18
C ALA F 241 -32.28 20.48 51.32
N LYS F 242 -31.73 21.68 51.33
CA LYS F 242 -30.43 22.02 50.70
C LYS F 242 -29.34 22.35 51.71
N ALA F 243 -29.68 22.59 52.97
CA ALA F 243 -28.75 23.15 53.95
C ALA F 243 -27.57 22.21 54.30
N GLU F 244 -27.77 20.88 54.26
CA GLU F 244 -26.68 19.92 54.47
C GLU F 244 -25.79 19.73 53.22
N LEU F 245 -26.29 20.11 52.05
CA LEU F 245 -25.66 19.79 50.76
C LEU F 245 -24.47 20.68 50.41
N LEU F 246 -24.36 21.89 50.95
CA LEU F 246 -23.22 22.78 50.73
C LEU F 246 -23.02 23.64 51.95
N LEU F 247 -21.96 23.36 52.71
CA LEU F 247 -21.64 24.04 53.95
C LEU F 247 -20.78 25.28 53.70
N GLU F 248 -20.80 26.24 54.61
CA GLU F 248 -19.86 27.36 54.60
C GLU F 248 -18.43 26.85 54.85
N GLY F 249 -17.46 27.26 54.05
CA GLY F 249 -16.07 26.84 54.15
C GLY F 249 -15.55 26.16 52.89
N GLY F 250 -15.06 24.93 53.02
CA GLY F 250 -14.53 24.17 51.89
C GLY F 250 -13.21 24.63 51.28
N GLY F 251 -12.47 25.57 51.89
CA GLY F 251 -11.16 26.01 51.41
C GLY F 251 -10.03 25.08 51.81
N PHE F 252 -9.50 24.33 50.85
CA PHE F 252 -8.34 23.46 51.02
C PHE F 252 -7.33 23.64 49.88
N ALA F 253 -6.93 24.88 49.63
CA ALA F 253 -5.80 25.12 48.76
C ALA F 253 -4.55 24.46 49.36
N MET F 254 -3.63 24.01 48.53
CA MET F 254 -2.37 23.39 48.91
C MET F 254 -1.30 23.70 47.89
N ILE F 255 -0.02 23.57 48.27
CA ILE F 255 1.09 23.64 47.33
C ILE F 255 2.01 22.46 47.61
N TYR F 256 2.42 21.72 46.60
CA TYR F 256 3.18 20.49 46.71
C TYR F 256 4.51 20.58 45.96
N GLY F 257 5.58 20.01 46.53
CA GLY F 257 6.86 19.77 45.87
C GLY F 257 6.81 18.62 44.86
N PRO F 258 7.81 18.47 43.99
CA PRO F 258 7.86 17.40 42.98
C PRO F 258 8.05 15.98 43.58
N ASP F 259 8.24 15.87 44.89
CA ASP F 259 8.24 14.63 45.65
C ASP F 259 6.90 14.36 46.35
N GLY F 260 5.92 15.24 46.15
CA GLY F 260 4.59 15.16 46.75
C GLY F 260 4.48 15.80 48.12
N ALA F 261 5.53 16.37 48.70
CA ALA F 261 5.47 16.95 50.03
C ALA F 261 4.71 18.29 50.06
N PRO F 262 3.81 18.57 51.03
CA PRO F 262 3.14 19.86 51.10
C PRO F 262 4.05 21.00 51.59
N LEU F 263 4.33 21.94 50.72
CA LEU F 263 5.15 23.12 50.95
C LEU F 263 4.44 24.26 51.71
N CYS F 264 3.11 24.27 51.76
CA CYS F 264 2.32 25.40 52.23
C CYS F 264 2.08 25.38 53.74
N THR F 265 1.97 26.55 54.37
CA THR F 265 1.47 26.76 55.71
C THR F 265 -0.04 26.51 55.71
N PRO F 266 -0.63 25.77 56.67
CA PRO F 266 -2.06 25.53 56.68
C PRO F 266 -2.87 26.83 56.94
N LEU F 267 -3.91 27.03 56.14
CA LEU F 267 -5.06 27.90 56.42
C LEU F 267 -6.15 27.10 57.12
N ALA F 268 -7.15 27.76 57.69
CA ALA F 268 -8.41 27.13 58.05
C ALA F 268 -9.27 26.85 56.81
N GLU F 269 -10.23 25.93 56.94
CA GLU F 269 -11.20 25.61 55.90
C GLU F 269 -12.02 26.84 55.47
N THR F 270 -12.40 27.69 56.40
CA THR F 270 -13.24 28.86 56.18
C THR F 270 -12.46 30.14 55.92
N GLU F 271 -11.15 30.19 56.20
CA GLU F 271 -10.34 31.38 56.01
C GLU F 271 -10.16 31.70 54.52
N GLU F 272 -10.37 32.96 54.16
CA GLU F 272 -9.71 33.45 52.96
C GLU F 272 -8.21 33.65 53.25
N GLY F 273 -7.38 33.49 52.24
CA GLY F 273 -5.97 33.80 52.28
C GLY F 273 -5.31 33.57 50.94
N ILE F 274 -4.00 33.72 50.92
CA ILE F 274 -3.16 33.26 49.82
C ILE F 274 -2.06 32.39 50.44
N LEU F 275 -1.87 31.19 49.91
CA LEU F 275 -0.78 30.31 50.29
C LEU F 275 0.44 30.67 49.49
N TYR F 276 1.61 30.68 50.11
CA TYR F 276 2.88 31.00 49.48
C TYR F 276 3.89 29.87 49.65
N ALA F 277 4.70 29.59 48.62
CA ALA F 277 5.75 28.57 48.67
C ALA F 277 7.02 28.96 47.90
N ASP F 278 8.19 28.64 48.45
CA ASP F 278 9.49 28.80 47.77
C ASP F 278 9.73 27.62 46.81
N ILE F 279 9.82 27.91 45.53
CA ILE F 279 9.92 26.95 44.43
C ILE F 279 11.36 26.98 43.91
N ASP F 280 11.99 25.82 43.83
CA ASP F 280 13.29 25.65 43.19
C ASP F 280 13.19 24.58 42.11
N LEU F 281 13.22 24.93 40.83
CA LEU F 281 13.14 23.98 39.72
C LEU F 281 14.36 23.03 39.63
N GLY F 282 15.41 23.26 40.42
CA GLY F 282 16.50 22.31 40.57
C GLY F 282 16.15 21.09 41.44
N VAL F 283 15.15 21.21 42.32
CA VAL F 283 14.69 20.10 43.19
C VAL F 283 13.98 19.01 42.40
N ILE F 284 13.38 19.35 41.27
CA ILE F 284 12.75 18.41 40.34
C ILE F 284 13.72 17.32 39.91
N GLY F 285 15.01 17.62 39.69
CA GLY F 285 16.01 16.62 39.31
C GLY F 285 16.38 15.61 40.39
N VAL F 286 16.13 15.90 41.67
CA VAL F 286 16.26 14.92 42.74
C VAL F 286 15.05 13.99 42.78
N ALA F 287 13.86 14.56 42.70
CA ALA F 287 12.61 13.83 42.65
C ALA F 287 12.55 12.91 41.43
N LYS F 288 13.06 13.35 40.28
CA LYS F 288 13.13 12.58 39.05
C LYS F 288 14.22 11.52 39.03
N ALA F 289 15.00 11.34 40.10
CA ALA F 289 15.83 10.16 40.25
C ALA F 289 15.03 8.93 40.68
N ALA F 290 13.92 9.12 41.39
CA ALA F 290 13.10 8.04 41.88
C ALA F 290 12.11 7.57 40.83
N TYR F 291 11.34 8.49 40.24
CA TYR F 291 10.29 8.22 39.25
C TYR F 291 10.43 9.19 38.10
N ASP F 292 10.12 8.77 36.88
CA ASP F 292 9.93 9.67 35.76
C ASP F 292 9.01 8.98 34.75
N PRO F 293 7.71 9.28 34.69
CA PRO F 293 6.71 8.47 33.99
C PRO F 293 6.89 8.44 32.48
N VAL F 294 7.69 9.35 31.94
CA VAL F 294 7.98 9.53 30.52
C VAL F 294 9.47 9.42 30.24
N GLY F 295 10.23 8.90 31.21
CA GLY F 295 11.68 8.76 31.16
C GLY F 295 12.09 7.38 31.59
N HIS F 296 12.99 7.27 32.56
CA HIS F 296 13.52 5.98 33.01
C HIS F 296 12.48 5.06 33.61
N TYR F 297 11.34 5.56 34.09
CA TYR F 297 10.30 4.70 34.64
C TYR F 297 9.25 4.27 33.62
N SER F 298 9.30 4.79 32.39
CA SER F 298 8.41 4.42 31.31
C SER F 298 8.83 3.12 30.62
N ARG F 299 7.87 2.44 29.98
CA ARG F 299 8.12 1.28 29.12
C ARG F 299 7.43 1.39 27.78
N PRO F 300 8.00 2.16 26.84
CA PRO F 300 7.39 2.42 25.54
C PRO F 300 7.32 1.20 24.60
N ASP F 301 7.93 0.08 24.97
CA ASP F 301 7.76 -1.22 24.34
C ASP F 301 6.46 -1.94 24.75
N VAL F 302 5.84 -1.51 25.85
CA VAL F 302 4.62 -2.08 26.42
C VAL F 302 3.46 -1.12 26.28
N LEU F 303 3.62 0.15 26.65
CA LEU F 303 2.56 1.16 26.75
C LEU F 303 2.98 2.45 26.07
N ARG F 304 2.10 3.08 25.28
CA ARG F 304 2.30 4.42 24.71
C ARG F 304 1.02 5.23 24.74
N LEU F 305 1.10 6.54 24.76
CA LEU F 305 -0.06 7.42 24.61
C LEU F 305 -0.18 7.84 23.15
N LEU F 306 -1.35 7.66 22.55
CA LEU F 306 -1.76 8.32 21.32
C LEU F 306 -2.53 9.59 21.69
N VAL F 307 -2.16 10.74 21.12
CA VAL F 307 -2.83 12.03 21.40
C VAL F 307 -3.09 12.84 20.14
N ASN F 308 -4.31 13.32 20.00
CA ASN F 308 -4.75 14.20 18.94
C ASN F 308 -4.76 15.65 19.46
N ARG F 309 -3.67 16.39 19.25
CA ARG F 309 -3.52 17.80 19.71
C ARG F 309 -4.31 18.83 18.91
N GLU F 310 -4.88 18.48 17.76
CA GLU F 310 -5.47 19.45 16.86
C GLU F 310 -6.77 20.07 17.44
N PRO F 311 -6.93 21.41 17.37
CA PRO F 311 -8.14 22.05 17.84
C PRO F 311 -9.35 21.65 16.98
N MET F 312 -10.51 21.51 17.61
CA MET F 312 -11.73 21.01 16.99
C MET F 312 -12.73 22.11 16.61
N THR F 313 -12.53 22.66 15.42
CA THR F 313 -13.54 23.44 14.68
C THR F 313 -14.79 22.62 14.31
N ARG F 314 -15.98 23.22 14.38
CA ARG F 314 -17.26 22.61 13.93
C ARG F 314 -17.46 22.72 12.41
N VAL F 315 -16.96 23.79 11.81
CA VAL F 315 -17.07 24.11 10.40
C VAL F 315 -15.69 24.42 9.81
N HIS F 316 -15.40 23.85 8.64
CA HIS F 316 -14.28 24.20 7.80
C HIS F 316 -14.75 25.07 6.64
N TYR F 317 -14.28 26.31 6.59
CA TYR F 317 -14.55 27.21 5.49
C TYR F 317 -13.65 26.84 4.31
N VAL F 318 -14.22 26.35 3.20
CA VAL F 318 -13.49 25.83 2.01
C VAL F 318 -12.88 27.00 1.24
N GLN F 319 -11.67 27.37 1.63
CA GLN F 319 -10.97 28.56 1.15
C GLN F 319 -10.31 28.32 -0.23
N PRO F 320 -10.30 29.30 -1.14
CA PRO F 320 -9.65 29.18 -2.44
C PRO F 320 -8.12 29.13 -2.31
N LYS G 5 -20.01 -13.67 42.61
CA LYS G 5 -20.17 -13.34 44.06
C LYS G 5 -20.01 -11.83 44.28
N LYS G 6 -21.09 -11.09 44.57
CA LYS G 6 -21.05 -9.61 44.58
C LYS G 6 -20.79 -8.97 45.95
N GLN G 7 -20.98 -9.67 47.06
CA GLN G 7 -20.67 -9.15 48.40
C GLN G 7 -19.82 -10.15 49.16
N TYR G 8 -18.76 -9.69 49.84
CA TYR G 8 -17.84 -10.54 50.59
C TYR G 8 -16.94 -9.72 51.51
N LYS G 9 -16.30 -10.33 52.51
CA LYS G 9 -15.20 -9.70 53.26
C LYS G 9 -13.88 -9.91 52.51
N VAL G 10 -12.98 -8.94 52.63
CA VAL G 10 -11.59 -9.09 52.18
C VAL G 10 -10.61 -8.70 53.27
N ALA G 11 -9.44 -9.30 53.21
CA ALA G 11 -8.35 -9.16 54.15
C ALA G 11 -7.08 -8.59 53.48
N ALA G 12 -6.44 -7.58 54.08
CA ALA G 12 -5.08 -7.14 53.69
C ALA G 12 -4.12 -7.37 54.85
N VAL G 13 -3.05 -8.13 54.62
CA VAL G 13 -2.04 -8.39 55.62
C VAL G 13 -1.29 -7.09 55.89
N GLN G 14 -1.11 -6.78 57.17
CA GLN G 14 -0.06 -5.88 57.64
C GLN G 14 0.88 -6.70 58.54
N ALA G 15 1.93 -7.30 58.01
CA ALA G 15 2.79 -8.18 58.80
C ALA G 15 4.22 -8.11 58.32
N ALA G 16 5.17 -8.33 59.21
CA ALA G 16 6.57 -8.47 58.85
C ALA G 16 6.80 -9.82 58.17
N PRO G 17 7.59 -9.92 57.09
CA PRO G 17 7.98 -11.19 56.50
C PRO G 17 8.89 -11.98 57.44
N ALA G 18 9.01 -13.29 57.26
CA ALA G 18 10.08 -14.05 57.86
C ALA G 18 11.36 -13.78 57.05
N PHE G 19 12.00 -12.64 57.28
CA PHE G 19 13.01 -12.04 56.41
C PHE G 19 14.14 -13.01 56.04
N LEU G 20 14.24 -13.34 54.75
CA LEU G 20 15.25 -14.21 54.16
C LEU G 20 15.30 -15.62 54.79
N ASP G 21 14.12 -16.23 54.96
CA ASP G 21 13.98 -17.68 55.07
C ASP G 21 12.67 -18.07 54.43
N LEU G 22 12.71 -18.69 53.25
CA LEU G 22 11.48 -18.98 52.52
C LEU G 22 10.61 -19.99 53.26
N GLU G 23 11.17 -21.01 53.92
CA GLU G 23 10.41 -22.06 54.62
C GLU G 23 9.67 -21.50 55.84
N ALA G 24 10.32 -20.63 56.61
CA ALA G 24 9.69 -19.91 57.70
C ALA G 24 8.66 -18.89 57.23
N GLY G 25 8.91 -18.29 56.05
CA GLY G 25 8.01 -17.31 55.44
C GLY G 25 6.76 -17.97 54.89
N VAL G 26 6.88 -19.13 54.25
CA VAL G 26 5.72 -19.90 53.82
C VAL G 26 4.91 -20.43 54.99
N ALA G 27 5.54 -20.88 56.08
CA ALA G 27 4.79 -21.23 57.29
C ALA G 27 3.94 -20.03 57.80
N LYS G 28 4.51 -18.82 57.80
CA LYS G 28 3.81 -17.61 58.24
C LYS G 28 2.73 -17.17 57.28
N ALA G 29 2.92 -17.29 55.96
CA ALA G 29 1.87 -17.04 54.98
C ALA G 29 0.72 -18.02 55.19
N ILE G 30 0.99 -19.31 55.37
CA ILE G 30 -0.08 -20.31 55.55
C ILE G 30 -0.85 -20.08 56.84
N GLY G 31 -0.17 -19.56 57.88
CA GLY G 31 -0.82 -19.09 59.11
C GLY G 31 -1.72 -17.89 58.90
N LEU G 32 -1.27 -16.86 58.18
CA LEU G 32 -2.08 -15.68 57.85
C LEU G 32 -3.22 -16.00 56.89
N ILE G 33 -3.03 -16.84 55.87
CA ILE G 33 -4.07 -17.35 54.97
C ILE G 33 -5.20 -18.01 55.77
N ALA G 34 -4.86 -18.80 56.79
CA ALA G 34 -5.82 -19.43 57.68
C ALA G 34 -6.56 -18.41 58.56
N GLN G 35 -5.86 -17.42 59.10
CA GLN G 35 -6.42 -16.38 59.97
C GLN G 35 -7.39 -15.45 59.24
N ALA G 36 -7.18 -15.20 57.95
CA ALA G 36 -8.10 -14.47 57.12
C ALA G 36 -9.34 -15.29 56.77
N ALA G 37 -9.19 -16.59 56.47
CA ALA G 37 -10.30 -17.48 56.16
C ALA G 37 -11.19 -17.75 57.39
N ALA G 38 -10.60 -17.85 58.58
CA ALA G 38 -11.30 -17.94 59.86
C ALA G 38 -12.21 -16.73 60.14
N GLU G 39 -11.78 -15.52 59.77
CA GLU G 39 -12.60 -14.30 59.75
C GLU G 39 -13.59 -14.21 58.59
N GLY G 40 -13.68 -15.20 57.73
CA GLY G 40 -14.65 -15.27 56.62
C GLY G 40 -14.29 -14.39 55.42
N ALA G 41 -13.03 -13.99 55.28
CA ALA G 41 -12.55 -13.27 54.12
C ALA G 41 -12.52 -14.17 52.91
N SER G 42 -13.11 -13.73 51.79
CA SER G 42 -13.09 -14.46 50.53
C SER G 42 -11.82 -14.20 49.72
N LEU G 43 -11.04 -13.18 50.10
CA LEU G 43 -9.71 -12.90 49.59
C LEU G 43 -8.78 -12.40 50.69
N VAL G 44 -7.51 -12.81 50.65
CA VAL G 44 -6.40 -12.26 51.43
C VAL G 44 -5.33 -11.73 50.48
N ALA G 45 -4.76 -10.58 50.80
CA ALA G 45 -3.70 -9.93 50.04
C ALA G 45 -2.42 -9.79 50.86
N PHE G 46 -1.28 -10.14 50.27
CA PHE G 46 0.03 -10.06 50.90
C PHE G 46 0.88 -8.90 50.37
N PRO G 47 1.75 -8.31 51.20
CA PRO G 47 2.65 -7.22 50.83
C PRO G 47 3.55 -7.53 49.62
N GLU G 48 4.24 -6.52 49.15
CA GLU G 48 5.25 -6.65 48.10
C GLU G 48 6.51 -7.38 48.58
N ALA G 49 7.06 -8.27 47.76
CA ALA G 49 8.24 -9.09 48.03
C ALA G 49 8.17 -9.98 49.28
N TRP G 50 7.02 -10.19 49.90
CA TRP G 50 6.88 -10.70 51.27
C TRP G 50 7.40 -12.13 51.49
N LEU G 51 7.40 -12.95 50.45
CA LEU G 51 8.19 -14.18 50.41
C LEU G 51 9.43 -13.93 49.53
N PRO G 52 10.67 -13.97 50.03
CA PRO G 52 11.12 -14.16 51.42
C PRO G 52 11.21 -12.87 52.24
N GLY G 53 10.89 -11.72 51.68
CA GLY G 53 11.03 -10.40 52.27
C GLY G 53 11.58 -9.39 51.29
N TYR G 54 11.23 -8.12 51.49
CA TYR G 54 11.67 -7.02 50.65
C TYR G 54 13.16 -6.76 50.81
N PRO G 55 13.94 -6.52 49.72
CA PRO G 55 15.40 -6.45 49.73
C PRO G 55 15.96 -5.16 50.35
N TRP G 56 15.69 -4.91 51.61
CA TRP G 56 15.97 -3.64 52.28
C TRP G 56 17.40 -3.15 52.25
N TRP G 57 18.38 -4.05 52.12
CA TRP G 57 19.79 -3.67 52.10
C TRP G 57 20.13 -2.69 50.98
N ILE G 58 19.38 -2.68 49.87
CA ILE G 58 19.59 -1.72 48.78
C ILE G 58 19.35 -0.27 49.18
N TRP G 59 18.51 -0.02 50.20
CA TRP G 59 18.27 1.31 50.75
C TRP G 59 19.20 1.65 51.90
N LEU G 60 20.10 0.76 52.31
CA LEU G 60 20.93 0.88 53.50
C LEU G 60 22.42 0.80 53.22
N ASP G 61 22.80 0.13 52.15
CA ASP G 61 24.16 -0.22 51.77
C ASP G 61 24.41 0.06 50.30
N SER G 62 25.69 0.22 49.96
CA SER G 62 26.16 0.05 48.59
C SER G 62 26.05 -1.41 48.15
N PRO G 63 26.17 -1.73 46.86
CA PRO G 63 26.23 -3.11 46.40
C PRO G 63 27.24 -3.99 47.16
N ALA G 64 28.40 -3.43 47.53
CA ALA G 64 29.42 -4.09 48.32
C ALA G 64 29.01 -4.41 49.76
N GLY G 65 28.23 -3.57 50.44
CA GLY G 65 27.67 -3.89 51.76
C GLY G 65 26.47 -4.83 51.65
N GLY G 66 25.74 -4.81 50.53
CA GLY G 66 24.65 -5.71 50.21
C GLY G 66 25.07 -7.14 49.85
N MET G 67 26.34 -7.42 49.56
CA MET G 67 26.78 -8.74 49.10
C MET G 67 26.38 -9.87 50.04
N ARG G 68 26.34 -9.65 51.36
CA ARG G 68 25.94 -10.69 52.34
C ARG G 68 24.50 -11.16 52.20
N PHE G 69 23.64 -10.43 51.49
CA PHE G 69 22.25 -10.82 51.27
C PHE G 69 21.93 -11.27 49.86
N VAL G 70 22.77 -11.02 48.85
CA VAL G 70 22.40 -11.38 47.48
C VAL G 70 22.20 -12.89 47.32
N GLN G 71 23.12 -13.72 47.81
CA GLN G 71 22.92 -15.16 47.75
C GLN G 71 21.70 -15.58 48.61
N ARG G 72 21.48 -14.99 49.77
CA ARG G 72 20.35 -15.29 50.65
C ARG G 72 18.99 -14.79 50.12
N ASN G 73 18.96 -13.78 49.27
CA ASN G 73 17.78 -13.39 48.50
C ASN G 73 17.53 -14.40 47.38
N PHE G 74 18.55 -14.76 46.61
CA PHE G 74 18.44 -15.63 45.45
C PHE G 74 18.07 -17.07 45.82
N ASP G 75 18.68 -17.61 46.86
CA ASP G 75 18.42 -18.97 47.37
C ASP G 75 17.10 -19.10 48.11
N ASN G 76 16.48 -17.98 48.52
CA ASN G 76 15.15 -17.94 49.15
C ASN G 76 14.09 -17.26 48.29
N ALA G 77 14.41 -16.94 47.04
CA ALA G 77 13.45 -16.59 46.02
C ALA G 77 12.51 -17.76 45.75
N LEU G 78 11.26 -17.46 45.48
CA LEU G 78 10.16 -18.41 45.30
C LEU G 78 10.01 -18.73 43.82
N GLU G 79 10.38 -19.91 43.36
CA GLU G 79 10.02 -20.37 42.01
C GLU G 79 8.54 -20.70 41.94
N VAL G 80 7.83 -20.25 40.91
CA VAL G 80 6.42 -20.62 40.70
C VAL G 80 6.30 -22.07 40.27
N GLY G 81 5.41 -22.85 40.88
CA GLY G 81 5.23 -24.27 40.60
C GLY G 81 6.29 -25.20 41.22
N SER G 82 7.25 -24.64 41.94
CA SER G 82 8.12 -25.38 42.87
C SER G 82 7.36 -25.74 44.16
N GLU G 83 7.91 -26.63 44.98
CA GLU G 83 7.24 -27.11 46.19
C GLU G 83 6.79 -26.04 47.19
N PRO G 84 7.59 -25.03 47.60
CA PRO G 84 7.10 -24.00 48.52
C PRO G 84 6.03 -23.09 47.92
N PHE G 85 5.90 -23.02 46.60
CA PHE G 85 4.76 -22.37 45.95
C PHE G 85 3.52 -23.25 45.99
N GLU G 86 3.67 -24.55 45.71
CA GLU G 86 2.58 -25.52 45.81
C GLU G 86 2.04 -25.53 47.24
N ARG G 87 2.88 -25.42 48.26
CA ARG G 87 2.46 -25.31 49.66
C ARG G 87 1.50 -24.13 49.87
N LEU G 88 1.76 -22.96 49.30
CA LEU G 88 0.86 -21.80 49.34
C LEU G 88 -0.41 -22.03 48.50
N CYS G 89 -0.28 -22.69 47.35
CA CYS G 89 -1.37 -23.02 46.44
C CYS G 89 -2.40 -23.96 47.12
N ARG G 90 -1.93 -25.00 47.81
CA ARG G 90 -2.77 -25.91 48.63
C ARG G 90 -3.39 -25.17 49.81
N ALA G 91 -2.71 -24.21 50.45
CA ALA G 91 -3.28 -23.43 51.53
C ALA G 91 -4.49 -22.56 51.09
N ALA G 92 -4.56 -22.13 49.83
CA ALA G 92 -5.69 -21.39 49.29
C ALA G 92 -6.95 -22.28 49.18
N ALA G 93 -6.78 -23.51 48.71
CA ALA G 93 -7.80 -24.57 48.66
C ALA G 93 -8.23 -25.05 50.04
N GLN G 94 -7.26 -25.41 50.90
CA GLN G 94 -7.48 -25.94 52.25
C GLN G 94 -8.42 -25.05 53.07
N HIS G 95 -8.35 -23.72 52.85
CA HIS G 95 -9.15 -22.73 53.58
C HIS G 95 -10.27 -22.07 52.76
N LYS G 96 -10.40 -22.33 51.47
CA LYS G 96 -11.40 -21.72 50.59
C LYS G 96 -11.32 -20.18 50.68
N ILE G 97 -10.17 -19.65 50.26
CA ILE G 97 -9.87 -18.22 50.19
C ILE G 97 -9.01 -17.91 48.95
N TYR G 98 -9.29 -16.81 48.25
CA TYR G 98 -8.38 -16.31 47.24
C TYR G 98 -7.13 -15.74 47.90
N VAL G 99 -5.95 -16.13 47.46
CA VAL G 99 -4.69 -15.64 48.03
C VAL G 99 -3.99 -14.83 46.97
N VAL G 100 -3.65 -13.57 47.26
CA VAL G 100 -2.82 -12.73 46.39
C VAL G 100 -1.46 -12.52 47.04
N LEU G 101 -0.55 -13.42 46.73
CA LEU G 101 0.82 -13.42 47.20
C LEU G 101 1.59 -12.28 46.55
N GLY G 102 2.51 -11.67 47.27
CA GLY G 102 3.60 -10.86 46.74
C GLY G 102 4.93 -11.47 47.17
N PHE G 103 5.87 -11.59 46.25
CA PHE G 103 7.08 -12.39 46.44
C PHE G 103 8.21 -11.97 45.51
N THR G 104 9.40 -12.49 45.79
CA THR G 104 10.53 -12.50 44.86
C THR G 104 10.45 -13.78 44.05
N GLU G 105 10.07 -13.72 42.78
CA GLU G 105 10.18 -14.86 41.88
C GLU G 105 11.64 -15.07 41.47
N ARG G 106 12.08 -16.30 41.28
CA ARG G 106 13.25 -16.59 40.46
C ARG G 106 12.85 -17.40 39.23
N SER G 107 13.23 -16.93 38.05
CA SER G 107 13.14 -17.67 36.80
C SER G 107 14.49 -17.67 36.13
N GLY G 108 15.07 -18.86 35.97
CA GLY G 108 16.43 -19.00 35.53
C GLY G 108 17.38 -18.17 36.39
N GLY G 109 18.10 -17.29 35.73
CA GLY G 109 19.13 -16.47 36.35
C GLY G 109 18.69 -15.20 37.05
N THR G 110 17.43 -14.79 36.96
CA THR G 110 17.00 -13.44 37.30
C THR G 110 15.86 -13.45 38.29
N LEU G 111 15.90 -12.52 39.24
CA LEU G 111 14.82 -12.28 40.18
C LEU G 111 13.79 -11.35 39.57
N TYR G 112 12.55 -11.51 39.99
CA TYR G 112 11.46 -10.63 39.68
C TYR G 112 10.69 -10.26 40.91
N LEU G 113 10.24 -9.04 40.93
CA LEU G 113 9.32 -8.55 41.92
C LEU G 113 7.93 -8.96 41.47
N ALA G 114 7.27 -9.87 42.17
CA ALA G 114 6.20 -10.69 41.61
C ALA G 114 4.99 -10.84 42.50
N GLN G 115 3.88 -11.24 41.88
CA GLN G 115 2.61 -11.48 42.52
C GLN G 115 1.91 -12.69 41.92
N ALA G 116 1.04 -13.35 42.66
CA ALA G 116 0.24 -14.45 42.15
C ALA G 116 -1.10 -14.48 42.85
N ILE G 117 -2.14 -14.44 42.06
CA ILE G 117 -3.52 -14.59 42.50
C ILE G 117 -3.86 -16.07 42.40
N ILE G 118 -4.38 -16.65 43.47
CA ILE G 118 -4.73 -18.08 43.57
C ILE G 118 -6.25 -18.18 43.85
N ASP G 119 -6.99 -19.02 43.13
CA ASP G 119 -8.43 -19.29 43.33
C ASP G 119 -8.73 -19.93 44.71
N ASP G 120 -10.00 -19.86 45.14
CA ASP G 120 -10.61 -20.80 46.10
C ASP G 120 -10.37 -22.29 45.75
N CYS G 121 -10.39 -22.69 44.49
CA CYS G 121 -10.01 -24.05 44.05
C CYS G 121 -8.50 -24.34 44.17
N GLY G 122 -7.68 -23.45 44.72
CA GLY G 122 -6.26 -23.63 45.02
C GLY G 122 -5.40 -23.84 43.78
N ARG G 123 -5.53 -22.93 42.81
CA ARG G 123 -4.81 -22.90 41.54
C ARG G 123 -4.53 -21.46 41.10
N VAL G 124 -3.50 -21.22 40.30
CA VAL G 124 -3.15 -19.82 39.94
C VAL G 124 -4.13 -19.29 38.89
N VAL G 125 -4.71 -18.12 39.18
CA VAL G 125 -5.42 -17.30 38.21
C VAL G 125 -4.40 -16.70 37.27
N ALA G 126 -3.45 -15.96 37.81
CA ALA G 126 -2.21 -15.61 37.13
C ALA G 126 -1.11 -15.29 38.15
N THR G 127 0.11 -15.65 37.80
CA THR G 127 1.34 -15.07 38.34
C THR G 127 1.81 -13.93 37.44
N ARG G 128 2.50 -12.96 38.00
CA ARG G 128 2.56 -11.60 37.48
C ARG G 128 3.82 -10.89 37.96
N ARG G 129 4.69 -10.44 37.06
CA ARG G 129 5.95 -9.74 37.39
C ARG G 129 5.77 -8.22 37.27
N LYS G 130 6.34 -7.43 38.18
CA LYS G 130 6.35 -5.96 38.12
C LYS G 130 6.97 -5.50 36.79
N LEU G 131 6.35 -4.57 36.05
CA LEU G 131 6.81 -4.13 34.74
C LEU G 131 8.12 -3.37 34.80
N LYS G 132 8.39 -2.67 35.90
CA LYS G 132 9.56 -1.84 36.09
C LYS G 132 9.86 -1.76 37.58
N PRO G 133 10.99 -2.27 38.07
CA PRO G 133 11.38 -2.02 39.43
C PRO G 133 11.64 -0.53 39.70
N THR G 134 11.39 -0.05 40.91
CA THR G 134 11.74 1.32 41.33
C THR G 134 13.24 1.50 41.42
N HIS G 135 13.76 2.72 41.35
CA HIS G 135 15.12 3.02 40.88
C HIS G 135 16.25 2.12 41.39
N VAL G 136 16.38 1.83 42.68
CA VAL G 136 17.43 0.93 43.20
C VAL G 136 17.00 -0.54 43.29
N GLU G 137 15.70 -0.81 43.28
CA GLU G 137 15.17 -2.15 43.09
C GLU G 137 15.61 -2.77 41.77
N ARG G 138 15.91 -1.95 40.76
CA ARG G 138 16.46 -2.36 39.48
C ARG G 138 17.83 -3.01 39.57
N SER G 139 18.53 -2.84 40.69
CA SER G 139 19.77 -3.54 40.99
C SER G 139 19.55 -4.96 41.51
N VAL G 140 18.33 -5.31 41.91
CA VAL G 140 17.93 -6.64 42.41
C VAL G 140 17.15 -7.41 41.34
N TYR G 141 16.21 -6.77 40.68
CA TYR G 141 15.16 -7.39 39.88
C TYR G 141 15.22 -7.06 38.39
N GLY G 142 14.64 -7.93 37.57
CA GLY G 142 14.32 -7.70 36.17
C GLY G 142 12.90 -7.17 35.96
N GLU G 143 12.60 -6.81 34.73
CA GLU G 143 11.29 -6.30 34.30
C GLU G 143 10.31 -7.40 33.88
N GLY G 144 9.02 -7.17 34.11
CA GLY G 144 7.93 -7.92 33.48
C GLY G 144 7.70 -7.49 32.03
N ASP G 145 6.45 -7.46 31.56
CA ASP G 145 6.02 -6.91 30.26
C ASP G 145 4.49 -6.70 30.26
N GLY G 146 3.87 -6.44 29.12
CA GLY G 146 2.44 -6.16 29.04
C GLY G 146 1.51 -7.31 29.43
N SER G 147 2.01 -8.54 29.46
CA SER G 147 1.23 -9.69 29.90
C SER G 147 1.00 -9.64 31.42
N ASP G 148 1.76 -8.80 32.13
CA ASP G 148 1.67 -8.56 33.57
C ASP G 148 0.71 -7.42 33.95
N LEU G 149 0.07 -6.79 32.96
CA LEU G 149 -0.98 -5.80 33.16
C LEU G 149 -2.39 -6.40 33.09
N ALA G 150 -2.56 -7.71 33.29
CA ALA G 150 -3.85 -8.38 33.18
C ALA G 150 -4.76 -8.17 34.41
N VAL G 151 -6.05 -8.01 34.13
CA VAL G 151 -7.17 -8.12 35.06
C VAL G 151 -7.98 -9.36 34.72
N HIS G 152 -8.40 -10.13 35.72
CA HIS G 152 -8.94 -11.48 35.62
C HIS G 152 -10.38 -11.52 36.06
N ASP G 153 -11.26 -12.18 35.31
CA ASP G 153 -12.49 -12.68 35.90
C ASP G 153 -12.20 -13.77 36.95
N THR G 154 -12.90 -13.70 38.07
CA THR G 154 -12.86 -14.65 39.18
C THR G 154 -14.25 -14.81 39.76
N THR G 155 -14.45 -15.70 40.75
CA THR G 155 -15.68 -15.71 41.57
C THR G 155 -15.99 -14.33 42.14
N LEU G 156 -14.96 -13.55 42.41
CA LEU G 156 -14.97 -12.27 43.12
C LEU G 156 -15.15 -11.06 42.19
N GLY G 157 -15.36 -11.27 40.88
CA GLY G 157 -15.38 -10.21 39.86
C GLY G 157 -14.01 -9.89 39.30
N ARG G 158 -13.92 -8.84 38.49
CA ARG G 158 -12.73 -8.43 37.75
C ARG G 158 -11.60 -8.04 38.71
N LEU G 159 -10.66 -8.94 38.92
CA LEU G 159 -9.63 -8.88 39.94
C LEU G 159 -8.27 -8.61 39.32
N GLY G 160 -7.53 -7.65 39.86
CA GLY G 160 -6.25 -7.26 39.30
C GLY G 160 -5.25 -6.82 40.36
N ALA G 161 -3.98 -6.82 40.02
CA ALA G 161 -2.92 -6.50 40.95
C ALA G 161 -1.79 -5.74 40.26
N LEU G 162 -1.18 -4.82 41.00
CA LEU G 162 0.02 -4.05 40.70
C LEU G 162 0.80 -3.89 42.01
N CYS G 163 2.06 -3.48 42.01
CA CYS G 163 2.76 -3.16 43.26
C CYS G 163 3.62 -1.90 43.28
N CYS G 164 3.84 -1.43 44.50
CA CYS G 164 4.21 -0.09 44.89
C CYS G 164 4.15 0.96 43.79
N ALA G 165 5.25 1.48 43.27
CA ALA G 165 5.19 2.59 42.35
C ALA G 165 4.70 2.27 40.93
N GLU G 166 4.07 1.12 40.67
CA GLU G 166 3.19 0.98 39.51
C GLU G 166 1.86 1.72 39.68
N HIS G 167 1.49 2.17 40.88
CA HIS G 167 0.32 3.05 41.08
C HIS G 167 0.63 4.52 40.74
N ILE G 168 1.90 4.81 40.51
CA ILE G 168 2.52 6.08 40.15
C ILE G 168 2.79 6.15 38.65
N GLN G 169 2.21 5.25 37.85
CA GLN G 169 2.47 5.09 36.42
C GLN G 169 1.17 5.18 35.63
N PRO G 170 0.78 6.36 35.12
CA PRO G 170 -0.56 6.59 34.57
C PRO G 170 -0.98 5.65 33.45
N LEU G 171 -0.12 5.37 32.47
CA LEU G 171 -0.45 4.39 31.44
C LEU G 171 -0.60 2.98 31.98
N SER G 172 0.18 2.62 33.00
CA SER G 172 0.17 1.28 33.58
C SER G 172 -1.10 0.99 34.35
N LYS G 173 -1.75 2.01 34.91
CA LYS G 173 -3.03 1.88 35.56
C LYS G 173 -4.20 2.24 34.67
N TYR G 174 -4.02 3.02 33.61
CA TYR G 174 -5.00 3.02 32.53
C TYR G 174 -5.16 1.67 31.85
N ALA G 175 -4.08 0.93 31.66
CA ALA G 175 -4.11 -0.42 31.12
C ALA G 175 -4.97 -1.36 31.98
N MET G 176 -5.03 -1.13 33.29
CA MET G 176 -5.87 -1.88 34.23
C MET G 176 -7.32 -1.43 34.19
N TYR G 177 -7.57 -0.13 34.16
CA TYR G 177 -8.92 0.43 34.07
C TYR G 177 -9.63 0.04 32.78
N ALA G 178 -8.91 -0.06 31.65
CA ALA G 178 -9.43 -0.45 30.36
C ALA G 178 -10.03 -1.86 30.34
N GLN G 179 -9.71 -2.68 31.34
CA GLN G 179 -10.21 -4.03 31.58
C GLN G 179 -11.34 -4.10 32.63
N HIS G 180 -11.85 -2.94 33.05
CA HIS G 180 -13.04 -2.77 33.89
C HIS G 180 -12.92 -3.45 35.24
N GLU G 181 -11.75 -3.38 35.82
CA GLU G 181 -11.41 -3.85 37.14
C GLU G 181 -12.40 -3.42 38.24
N GLN G 182 -12.64 -4.31 39.20
CA GLN G 182 -13.59 -4.17 40.28
C GLN G 182 -12.94 -4.27 41.65
N VAL G 183 -11.97 -5.16 41.84
CA VAL G 183 -11.18 -5.27 43.07
C VAL G 183 -9.72 -5.36 42.70
N HIS G 184 -8.89 -4.63 43.42
CA HIS G 184 -7.51 -4.37 43.12
C HIS G 184 -6.65 -4.68 44.34
N ILE G 185 -5.49 -5.28 44.12
CA ILE G 185 -4.47 -5.51 45.15
C ILE G 185 -3.24 -4.68 44.82
N ALA G 186 -3.05 -3.64 45.62
CA ALA G 186 -2.02 -2.64 45.52
C ALA G 186 -0.93 -2.96 46.53
N ALA G 187 -0.08 -3.94 46.28
CA ALA G 187 0.85 -4.43 47.28
C ALA G 187 2.03 -3.47 47.48
N TRP G 188 2.45 -3.26 48.73
CA TRP G 188 3.51 -2.33 49.14
C TRP G 188 4.52 -2.98 50.07
N PRO G 189 5.77 -2.46 50.16
CA PRO G 189 6.69 -2.75 51.24
C PRO G 189 6.39 -1.83 52.43
N SER G 190 7.18 -1.90 53.50
CA SER G 190 7.04 -1.05 54.68
C SER G 190 7.34 0.41 54.37
N PHE G 191 6.74 1.34 55.09
CA PHE G 191 7.00 2.77 54.94
C PHE G 191 7.88 3.37 56.06
N SER G 192 8.83 2.60 56.59
CA SER G 192 9.78 3.06 57.61
C SER G 192 11.16 3.47 57.07
N VAL G 193 11.35 3.41 55.75
CA VAL G 193 12.60 3.77 55.10
C VAL G 193 12.67 5.27 54.81
N TYR G 194 13.82 5.88 55.06
CA TYR G 194 14.13 7.31 54.91
C TYR G 194 13.07 8.24 55.51
N ARG G 195 12.54 7.89 56.68
CA ARG G 195 11.55 8.69 57.42
C ARG G 195 11.95 10.16 57.49
N GLY G 196 11.10 11.05 57.01
CA GLY G 196 11.36 12.49 56.88
C GLY G 196 12.32 12.89 55.74
N ALA G 197 13.36 12.10 55.46
CA ALA G 197 14.43 12.42 54.54
C ALA G 197 14.12 12.11 53.06
N ALA G 198 13.10 11.31 52.75
CA ALA G 198 12.55 11.19 51.40
C ALA G 198 11.04 10.89 51.40
N PHE G 199 10.23 11.86 51.00
CA PHE G 199 8.76 11.78 51.05
C PHE G 199 8.19 10.77 50.05
N GLN G 200 8.86 10.49 48.94
CA GLN G 200 8.38 9.52 47.94
C GLN G 200 8.27 8.09 48.49
N LEU G 201 9.07 7.74 49.49
CA LEU G 201 9.04 6.45 50.17
C LEU G 201 8.09 6.45 51.37
N SER G 202 7.36 7.52 51.63
CA SER G 202 6.59 7.70 52.88
C SER G 202 5.25 6.99 52.85
N ALA G 203 4.65 6.85 54.03
CA ALA G 203 3.27 6.40 54.14
C ALA G 203 2.30 7.37 53.46
N GLN G 204 2.42 8.68 53.70
CA GLN G 204 1.57 9.73 53.15
C GLN G 204 1.55 9.72 51.62
N ALA G 205 2.71 9.65 50.96
CA ALA G 205 2.78 9.61 49.51
C ALA G 205 2.11 8.39 48.89
N ASN G 206 2.27 7.22 49.49
CA ASN G 206 1.88 5.94 48.91
C ASN G 206 0.50 5.47 49.36
N ASN G 207 0.06 5.91 50.53
CA ASN G 207 -1.35 5.89 50.93
C ASN G 207 -2.17 6.79 50.00
N ALA G 208 -1.68 7.98 49.67
CA ALA G 208 -2.29 8.82 48.64
C ALA G 208 -2.30 8.14 47.27
N ALA G 209 -1.20 7.56 46.81
CA ALA G 209 -1.16 6.83 45.53
C ALA G 209 -2.15 5.65 45.45
N SER G 210 -2.29 4.90 46.54
CA SER G 210 -3.28 3.83 46.68
C SER G 210 -4.70 4.39 46.72
N GLN G 211 -4.92 5.50 47.40
CA GLN G 211 -6.22 6.11 47.50
C GLN G 211 -6.68 6.68 46.16
N VAL G 212 -5.77 7.30 45.42
CA VAL G 212 -6.04 7.83 44.10
C VAL G 212 -6.26 6.71 43.07
N TYR G 213 -5.65 5.53 43.20
CA TYR G 213 -5.97 4.41 42.33
C TYR G 213 -7.43 3.96 42.44
N ALA G 214 -7.95 3.93 43.67
CA ALA G 214 -9.32 3.60 43.97
C ALA G 214 -10.28 4.66 43.42
N LEU G 215 -9.97 5.92 43.65
CA LEU G 215 -10.72 7.08 43.18
C LEU G 215 -10.74 7.22 41.65
N GLU G 216 -9.61 7.00 40.99
CA GLU G 216 -9.47 7.02 39.53
C GLU G 216 -10.13 5.82 38.86
N GLY G 217 -10.02 4.64 39.47
CA GLY G 217 -10.46 3.37 38.89
C GLY G 217 -11.89 2.96 39.13
N GLN G 218 -12.46 3.41 40.26
CA GLN G 218 -13.72 2.95 40.83
C GLN G 218 -13.72 1.45 41.03
N CYS G 219 -12.80 1.01 41.88
CA CYS G 219 -12.60 -0.35 42.31
C CYS G 219 -12.16 -0.36 43.77
N PHE G 220 -12.38 -1.46 44.48
CA PHE G 220 -11.90 -1.59 45.85
C PHE G 220 -10.40 -1.86 45.84
N VAL G 221 -9.60 -1.06 46.53
CA VAL G 221 -8.14 -1.23 46.58
C VAL G 221 -7.72 -1.79 47.93
N LEU G 222 -7.26 -3.03 47.98
CA LEU G 222 -6.56 -3.58 49.12
C LEU G 222 -5.10 -3.18 49.01
N ALA G 223 -4.61 -2.35 49.91
CA ALA G 223 -3.21 -2.02 50.03
C ALA G 223 -2.59 -2.77 51.21
N PRO G 224 -2.20 -4.06 51.08
CA PRO G 224 -1.41 -4.72 52.10
C PRO G 224 -0.03 -4.07 52.15
N CYS G 225 0.54 -4.06 53.35
CA CYS G 225 1.80 -3.38 53.59
C CYS G 225 2.67 -4.26 54.47
N ALA G 226 3.95 -4.38 54.18
CA ALA G 226 4.85 -5.03 55.11
C ALA G 226 5.04 -4.17 56.37
N THR G 227 5.78 -4.66 57.34
CA THR G 227 6.23 -3.87 58.48
C THR G 227 7.59 -4.41 58.91
N VAL G 228 8.46 -3.59 59.48
CA VAL G 228 9.83 -3.98 59.82
C VAL G 228 9.96 -4.27 61.32
N SER G 229 10.26 -5.52 61.67
CA SER G 229 10.41 -6.00 63.05
C SER G 229 11.81 -5.77 63.64
N LYS G 230 11.95 -5.86 64.96
CA LYS G 230 13.26 -5.81 65.63
C LYS G 230 14.26 -6.82 65.08
N GLU G 231 13.88 -8.09 64.98
CA GLU G 231 14.80 -9.14 64.52
C GLU G 231 15.09 -9.12 63.01
N MET G 232 14.28 -8.38 62.22
CA MET G 232 14.67 -8.02 60.86
C MET G 232 15.74 -6.93 60.84
N LEU G 233 15.60 -5.87 61.63
CA LEU G 233 16.62 -4.83 61.81
C LEU G 233 17.94 -5.41 62.33
N ASP G 234 17.93 -6.37 63.26
CA ASP G 234 19.15 -6.96 63.83
C ASP G 234 20.07 -7.62 62.78
N GLU G 235 19.52 -8.02 61.64
CA GLU G 235 20.24 -8.62 60.53
C GLU G 235 20.73 -7.60 59.47
N LEU G 236 20.20 -6.40 59.55
CA LEU G 236 20.05 -5.46 58.44
C LEU G 236 20.65 -4.09 58.80
N ILE G 237 20.88 -3.85 60.09
CA ILE G 237 21.56 -2.71 60.72
C ILE G 237 22.85 -3.25 61.35
N ASP G 238 23.93 -2.48 61.31
CA ASP G 238 25.20 -2.80 61.97
C ASP G 238 25.87 -1.53 62.50
N SER G 239 26.13 -0.58 61.60
CA SER G 239 26.53 0.78 61.93
C SER G 239 25.36 1.63 62.48
N PRO G 240 25.63 2.69 63.27
CA PRO G 240 24.60 3.63 63.72
C PRO G 240 24.10 4.51 62.57
N ALA G 241 24.90 4.72 61.52
CA ALA G 241 24.54 5.50 60.33
C ALA G 241 23.43 4.87 59.44
N LYS G 242 22.88 3.73 59.86
CA LYS G 242 21.67 3.11 59.33
C LYS G 242 20.49 3.13 60.30
N ALA G 243 20.69 3.42 61.57
CA ALA G 243 19.68 3.22 62.59
C ALA G 243 18.43 4.08 62.36
N GLU G 244 18.60 5.21 61.67
CA GLU G 244 17.54 6.14 61.28
C GLU G 244 17.15 6.05 59.79
N LEU G 245 17.90 5.32 58.95
CA LEU G 245 17.54 5.06 57.56
C LEU G 245 16.38 4.08 57.42
N LEU G 246 16.23 3.13 58.34
CA LEU G 246 15.11 2.21 58.37
C LEU G 246 14.68 1.97 59.82
N LEU G 247 13.48 2.40 60.16
CA LEU G 247 12.93 2.29 61.50
C LEU G 247 12.12 1.02 61.70
N GLU G 248 11.80 0.70 62.96
CA GLU G 248 10.75 -0.26 63.32
C GLU G 248 9.42 0.15 62.70
N GLY G 249 8.61 -0.84 62.34
CA GLY G 249 7.27 -0.63 61.85
C GLY G 249 7.25 -0.21 60.39
N GLY G 250 6.38 0.74 60.07
CA GLY G 250 6.10 1.10 58.69
C GLY G 250 4.92 0.34 58.11
N GLY G 251 4.09 -0.33 58.92
CA GLY G 251 2.81 -0.87 58.49
C GLY G 251 1.78 0.23 58.35
N PHE G 252 1.49 0.60 57.11
CA PHE G 252 0.36 1.46 56.77
C PHE G 252 -0.50 0.77 55.73
N ALA G 253 -0.95 -0.45 56.04
CA ALA G 253 -1.94 -1.09 55.20
C ALA G 253 -3.24 -0.28 55.24
N MET G 254 -3.97 -0.29 54.13
CA MET G 254 -5.27 0.33 54.01
C MET G 254 -6.15 -0.53 53.11
N ILE G 255 -7.47 -0.40 53.21
CA ILE G 255 -8.38 -0.89 52.19
C ILE G 255 -9.30 0.29 51.83
N TYR G 256 -9.49 0.57 50.54
CA TYR G 256 -10.21 1.73 50.02
C TYR G 256 -11.39 1.32 49.15
N GLY G 257 -12.49 2.07 49.20
CA GLY G 257 -13.68 1.87 48.39
C GLY G 257 -13.56 2.42 46.98
N PRO G 258 -14.48 2.14 46.07
CA PRO G 258 -14.42 2.67 44.71
C PRO G 258 -14.65 4.20 44.62
N ASP G 259 -15.09 4.83 45.71
CA ASP G 259 -15.14 6.28 45.89
C ASP G 259 -13.87 6.84 46.55
N GLY G 260 -12.86 6.01 46.85
CA GLY G 260 -11.61 6.41 47.50
C GLY G 260 -11.64 6.43 49.02
N ALA G 261 -12.77 6.21 49.70
CA ALA G 261 -12.85 6.29 51.15
C ALA G 261 -12.14 5.09 51.81
N PRO G 262 -11.40 5.27 52.93
CA PRO G 262 -10.82 4.15 53.66
C PRO G 262 -11.92 3.34 54.36
N LEU G 263 -11.98 2.04 54.09
CA LEU G 263 -12.89 1.06 54.68
C LEU G 263 -12.29 0.37 55.92
N CYS G 264 -10.99 0.49 56.15
CA CYS G 264 -10.27 -0.28 57.17
C CYS G 264 -10.28 0.36 58.56
N THR G 265 -10.28 -0.49 59.59
CA THR G 265 -10.03 -0.08 60.97
C THR G 265 -8.52 0.23 61.11
N PRO G 266 -8.11 1.38 61.69
CA PRO G 266 -6.70 1.74 61.74
C PRO G 266 -5.91 0.87 62.71
N LEU G 267 -5.03 0.01 62.17
CA LEU G 267 -3.85 -0.49 62.89
C LEU G 267 -2.87 0.66 63.16
N ALA G 268 -2.04 0.51 64.18
CA ALA G 268 -0.85 1.34 64.38
C ALA G 268 0.29 0.95 63.43
N GLU G 269 1.25 1.86 63.25
CA GLU G 269 2.40 1.71 62.36
C GLU G 269 3.28 0.51 62.69
N THR G 270 3.49 0.23 63.96
CA THR G 270 4.46 -0.78 64.44
C THR G 270 3.78 -2.10 64.81
N GLU G 271 2.54 -2.31 64.39
CA GLU G 271 1.68 -3.43 64.78
C GLU G 271 1.44 -4.40 63.63
N GLU G 272 1.78 -5.68 63.81
CA GLU G 272 1.32 -6.72 62.89
C GLU G 272 -0.18 -7.02 63.07
N GLY G 273 -0.91 -7.31 62.01
CA GLY G 273 -2.34 -7.63 62.03
C GLY G 273 -2.90 -7.87 60.63
N ILE G 274 -4.18 -8.16 60.52
CA ILE G 274 -4.88 -8.26 59.25
C ILE G 274 -6.02 -7.25 59.27
N LEU G 275 -6.07 -6.37 58.27
CA LEU G 275 -7.17 -5.44 58.06
C LEU G 275 -8.32 -6.13 57.35
N TYR G 276 -9.56 -5.89 57.75
CA TYR G 276 -10.74 -6.52 57.18
C TYR G 276 -11.75 -5.45 56.70
N ALA G 277 -12.36 -5.65 55.54
CA ALA G 277 -13.35 -4.74 54.98
C ALA G 277 -14.48 -5.48 54.27
N ASP G 278 -15.71 -5.01 54.42
CA ASP G 278 -16.88 -5.58 53.72
C ASP G 278 -16.98 -4.95 52.32
N ILE G 279 -16.79 -5.75 51.30
CA ILE G 279 -16.75 -5.38 49.90
C ILE G 279 -18.11 -5.67 49.28
N ASP G 280 -18.58 -4.77 48.43
CA ASP G 280 -19.87 -4.84 47.75
C ASP G 280 -19.71 -4.26 46.35
N LEU G 281 -19.60 -5.13 45.36
CA LEU G 281 -19.39 -4.75 43.95
C LEU G 281 -20.59 -4.01 43.35
N GLY G 282 -21.72 -3.92 44.06
CA GLY G 282 -22.82 -3.04 43.70
C GLY G 282 -22.50 -1.56 43.89
N VAL G 283 -21.69 -1.21 44.88
CA VAL G 283 -21.34 0.18 45.21
C VAL G 283 -20.53 0.83 44.10
N ILE G 284 -19.83 0.03 43.29
CA ILE G 284 -19.04 0.50 42.14
C ILE G 284 -19.90 1.27 41.15
N GLY G 285 -21.17 0.94 40.96
CA GLY G 285 -22.04 1.68 40.05
C GLY G 285 -22.37 3.09 40.52
N VAL G 286 -22.33 3.34 41.83
CA VAL G 286 -22.51 4.68 42.38
C VAL G 286 -21.22 5.48 42.23
N ALA G 287 -20.07 4.89 42.49
CA ALA G 287 -18.79 5.56 42.28
C ALA G 287 -18.55 5.90 40.81
N LYS G 288 -18.95 5.02 39.89
CA LYS G 288 -18.90 5.24 38.45
C LYS G 288 -19.96 6.20 37.91
N ALA G 289 -20.84 6.76 38.74
CA ALA G 289 -21.67 7.87 38.31
C ALA G 289 -20.82 9.12 38.11
N ALA G 290 -19.88 9.38 39.02
CA ALA G 290 -19.05 10.56 39.03
C ALA G 290 -17.96 10.49 37.97
N TYR G 291 -17.12 9.46 38.01
CA TYR G 291 -15.94 9.31 37.17
C TYR G 291 -15.94 7.95 36.49
N ASP G 292 -15.42 7.85 35.28
CA ASP G 292 -15.13 6.58 34.64
C ASP G 292 -14.07 6.79 33.54
N PRO G 293 -12.78 6.54 33.79
CA PRO G 293 -11.68 6.98 32.92
C PRO G 293 -11.68 6.36 31.53
N VAL G 294 -12.47 5.33 31.32
CA VAL G 294 -12.52 4.45 30.15
C VAL G 294 -13.91 4.39 29.52
N GLY G 295 -14.80 5.25 29.99
CA GLY G 295 -16.21 5.27 29.69
C GLY G 295 -16.67 6.71 29.53
N HIS G 296 -17.68 7.15 30.26
CA HIS G 296 -18.26 8.48 30.04
C HIS G 296 -17.28 9.62 30.28
N TYR G 297 -16.27 9.46 31.13
CA TYR G 297 -15.29 10.51 31.40
C TYR G 297 -14.07 10.46 30.47
N SER G 298 -13.95 9.45 29.61
CA SER G 298 -12.90 9.36 28.59
C SER G 298 -13.17 10.27 27.40
N ARG G 299 -12.13 10.57 26.63
CA ARG G 299 -12.25 11.25 25.32
C ARG G 299 -11.38 10.57 24.28
N PRO G 300 -11.87 9.47 23.67
CA PRO G 300 -11.11 8.64 22.77
C PRO G 300 -10.87 9.29 21.38
N ASP G 301 -11.45 10.45 21.13
CA ASP G 301 -11.14 11.37 20.05
C ASP G 301 -9.91 12.25 20.32
N VAL G 302 -9.52 12.41 21.57
CA VAL G 302 -8.33 13.15 22.02
C VAL G 302 -7.20 12.23 22.45
N LEU G 303 -7.47 11.18 23.22
CA LEU G 303 -6.48 10.36 23.91
C LEU G 303 -6.77 8.88 23.77
N ARG G 304 -5.77 8.07 23.49
CA ARG G 304 -5.86 6.60 23.51
C ARG G 304 -4.58 6.01 24.08
N LEU G 305 -4.67 4.80 24.60
CA LEU G 305 -3.52 4.03 25.01
C LEU G 305 -3.20 3.01 23.92
N LEU G 306 -1.96 2.94 23.46
CA LEU G 306 -1.50 1.80 22.70
C LEU G 306 -0.87 0.81 23.69
N VAL G 307 -1.20 -0.47 23.66
CA VAL G 307 -0.59 -1.45 24.55
C VAL G 307 -0.29 -2.76 23.85
N ASN G 308 0.94 -3.21 24.05
CA ASN G 308 1.45 -4.51 23.68
C ASN G 308 1.27 -5.48 24.85
N ARG G 309 0.17 -6.24 24.85
CA ARG G 309 -0.13 -7.26 25.87
C ARG G 309 0.74 -8.51 25.77
N GLU G 310 1.42 -8.71 24.66
CA GLU G 310 2.04 -10.00 24.33
C GLU G 310 3.30 -10.26 25.16
N PRO G 311 3.53 -11.49 25.67
CA PRO G 311 4.65 -11.80 26.53
C PRO G 311 5.98 -11.80 25.77
N MET G 312 7.03 -11.27 26.37
CA MET G 312 8.37 -11.18 25.77
C MET G 312 9.25 -12.35 26.12
N THR G 313 9.85 -12.94 25.09
CA THR G 313 10.80 -14.04 25.16
C THR G 313 12.11 -13.60 24.56
N ARG G 314 13.24 -14.03 25.10
CA ARG G 314 14.57 -13.71 24.54
C ARG G 314 14.91 -14.54 23.31
N VAL G 315 14.37 -15.76 23.23
CA VAL G 315 14.65 -16.72 22.16
C VAL G 315 13.35 -17.29 21.59
N HIS G 316 13.28 -17.38 20.27
CA HIS G 316 12.25 -18.09 19.54
C HIS G 316 12.83 -19.32 18.84
N TYR G 317 12.11 -20.43 18.95
CA TYR G 317 12.52 -21.70 18.41
C TYR G 317 11.72 -22.02 17.14
N VAL G 318 12.39 -22.25 16.02
CA VAL G 318 11.77 -22.61 14.74
C VAL G 318 11.17 -24.02 14.83
N GLN G 319 9.87 -24.20 14.56
CA GLN G 319 9.20 -25.50 14.62
C GLN G 319 8.95 -26.06 13.20
N PRO G 320 9.27 -27.34 12.91
CA PRO G 320 9.35 -27.85 11.53
C PRO G 320 7.98 -28.09 10.89
N LYS H 5 39.76 7.46 3.88
CA LYS H 5 41.08 7.35 4.56
C LYS H 5 41.17 6.03 5.31
N LYS H 6 42.02 5.08 4.85
CA LYS H 6 42.11 3.72 5.43
C LYS H 6 43.24 3.51 6.43
N GLN H 7 44.21 4.40 6.54
CA GLN H 7 45.30 4.30 7.55
C GLN H 7 45.44 5.60 8.32
N TYR H 8 45.44 5.55 9.65
CA TYR H 8 45.44 6.75 10.48
C TYR H 8 45.78 6.49 11.94
N LYS H 9 46.28 7.46 12.68
CA LYS H 9 46.48 7.33 14.13
C LYS H 9 45.15 7.51 14.84
N VAL H 10 44.93 6.82 15.94
CA VAL H 10 43.78 7.03 16.82
C VAL H 10 44.20 7.09 18.28
N ALA H 11 43.40 7.77 19.08
CA ALA H 11 43.66 8.05 20.48
C ALA H 11 42.56 7.54 21.41
N ALA H 12 42.89 6.76 22.44
CA ALA H 12 42.01 6.47 23.56
C ALA H 12 42.47 7.28 24.76
N VAL H 13 41.60 8.10 25.33
CA VAL H 13 41.90 8.88 26.53
C VAL H 13 42.00 7.97 27.76
N GLN H 14 43.00 8.21 28.60
CA GLN H 14 43.04 7.74 29.97
C GLN H 14 43.17 8.94 30.91
N ALA H 15 42.08 9.53 31.38
CA ALA H 15 42.12 10.76 32.15
C ALA H 15 41.05 10.77 33.22
N ALA H 16 41.31 11.39 34.36
CA ALA H 16 40.29 11.63 35.35
C ALA H 16 39.34 12.71 34.84
N PRO H 17 38.02 12.58 35.01
CA PRO H 17 37.06 13.63 34.71
C PRO H 17 37.25 14.84 35.64
N ALA H 18 36.80 16.01 35.23
CA ALA H 18 36.58 17.12 36.13
C ALA H 18 35.27 16.89 36.90
N PHE H 19 35.33 15.99 37.89
CA PHE H 19 34.18 15.35 38.51
C PHE H 19 33.12 16.34 39.02
N LEU H 20 31.91 16.23 38.47
CA LEU H 20 30.74 17.05 38.84
C LEU H 20 30.96 18.57 38.66
N ASP H 21 31.65 18.97 37.59
CA ASP H 21 31.49 20.28 36.99
C ASP H 21 31.46 20.15 35.47
N LEU H 22 30.35 20.46 34.80
CA LEU H 22 30.33 20.35 33.34
C LEU H 22 31.27 21.35 32.66
N GLU H 23 31.47 22.54 33.22
CA GLU H 23 32.26 23.60 32.60
C GLU H 23 33.77 23.32 32.62
N ALA H 24 34.33 22.91 33.76
CA ALA H 24 35.68 22.34 33.81
C ALA H 24 35.79 21.02 33.03
N GLY H 25 34.72 20.25 32.93
CA GLY H 25 34.68 19.03 32.14
C GLY H 25 34.89 19.31 30.68
N VAL H 26 34.13 20.24 30.11
CA VAL H 26 34.25 20.61 28.72
C VAL H 26 35.59 21.31 28.46
N ALA H 27 36.11 22.12 29.37
CA ALA H 27 37.44 22.70 29.22
C ALA H 27 38.56 21.64 29.16
N LYS H 28 38.47 20.59 29.98
CA LYS H 28 39.42 19.48 29.98
C LYS H 28 39.26 18.55 28.79
N ALA H 29 38.04 18.26 28.35
CA ALA H 29 37.79 17.54 27.10
C ALA H 29 38.39 18.27 25.91
N ILE H 30 38.18 19.58 25.78
CA ILE H 30 38.78 20.36 24.69
C ILE H 30 40.32 20.34 24.78
N GLY H 31 40.90 20.39 25.98
CA GLY H 31 42.33 20.26 26.20
C GLY H 31 42.90 18.93 25.70
N LEU H 32 42.18 17.84 25.93
CA LEU H 32 42.51 16.49 25.44
C LEU H 32 42.23 16.30 23.94
N ILE H 33 41.14 16.84 23.40
CA ILE H 33 40.81 16.85 21.96
C ILE H 33 41.95 17.53 21.20
N ALA H 34 42.41 18.68 21.70
CA ALA H 34 43.56 19.39 21.16
C ALA H 34 44.86 18.56 21.22
N GLN H 35 45.14 17.93 22.36
CA GLN H 35 46.36 17.12 22.58
C GLN H 35 46.38 15.85 21.72
N ALA H 36 45.22 15.23 21.47
CA ALA H 36 45.11 14.09 20.58
C ALA H 36 45.36 14.50 19.12
N ALA H 37 44.74 15.59 18.67
CA ALA H 37 44.89 16.07 17.31
C ALA H 37 46.28 16.62 16.99
N ALA H 38 46.95 17.27 17.95
CA ALA H 38 48.33 17.73 17.79
C ALA H 38 49.29 16.57 17.50
N GLU H 39 49.07 15.42 18.14
CA GLU H 39 49.79 14.16 17.87
C GLU H 39 49.40 13.49 16.54
N GLY H 40 48.49 14.05 15.76
CA GLY H 40 48.13 13.51 14.45
C GLY H 40 47.05 12.44 14.49
N ALA H 41 46.42 12.21 15.64
CA ALA H 41 45.28 11.30 15.77
C ALA H 41 44.08 11.82 14.96
N SER H 42 43.52 10.99 14.08
CA SER H 42 42.31 11.30 13.32
C SER H 42 41.04 10.99 14.08
N LEU H 43 41.15 10.30 15.22
CA LEU H 43 40.07 10.08 16.18
C LEU H 43 40.60 10.13 17.60
N VAL H 44 39.81 10.69 18.51
CA VAL H 44 39.96 10.58 19.95
C VAL H 44 38.68 9.98 20.55
N ALA H 45 38.83 9.08 21.50
CA ALA H 45 37.75 8.43 22.22
C ALA H 45 37.82 8.74 23.71
N PHE H 46 36.70 9.08 24.31
CA PHE H 46 36.56 9.43 25.71
C PHE H 46 35.90 8.33 26.54
N PRO H 47 36.23 8.19 27.83
CA PRO H 47 35.65 7.23 28.74
C PRO H 47 34.13 7.32 28.88
N GLU H 48 33.52 6.36 29.57
CA GLU H 48 32.08 6.38 29.86
C GLU H 48 31.73 7.42 30.93
N ALA H 49 30.63 8.16 30.73
CA ALA H 49 30.16 9.25 31.60
C ALA H 49 31.17 10.36 31.92
N TRP H 50 32.23 10.53 31.14
CA TRP H 50 33.37 11.40 31.43
C TRP H 50 32.98 12.88 31.59
N LEU H 51 31.98 13.35 30.85
CA LEU H 51 31.29 14.60 31.14
C LEU H 51 29.99 14.28 31.89
N PRO H 52 29.75 14.76 33.12
CA PRO H 52 30.66 15.48 34.03
C PRO H 52 31.53 14.57 34.91
N GLY H 53 31.43 13.26 34.73
CA GLY H 53 32.08 12.24 35.54
C GLY H 53 31.15 11.08 35.87
N TYR H 54 31.68 9.88 35.95
CA TYR H 54 30.93 8.67 36.24
C TYR H 54 30.37 8.68 37.68
N PRO H 55 29.11 8.28 37.92
CA PRO H 55 28.40 8.49 39.19
C PRO H 55 28.84 7.54 40.32
N TRP H 56 30.06 7.66 40.81
CA TRP H 56 30.63 6.71 41.75
C TRP H 56 29.89 6.53 43.08
N TRP H 57 29.08 7.47 43.55
CA TRP H 57 28.38 7.31 44.81
C TRP H 57 27.45 6.10 44.82
N ILE H 58 26.96 5.64 43.67
CA ILE H 58 26.10 4.46 43.58
C ILE H 58 26.79 3.18 44.07
N TRP H 59 28.11 3.13 43.94
CA TRP H 59 28.95 2.03 44.40
C TRP H 59 29.50 2.25 45.81
N LEU H 60 29.32 3.42 46.41
CA LEU H 60 29.93 3.72 47.71
C LEU H 60 28.92 3.97 48.83
N ASP H 61 27.68 4.28 48.49
CA ASP H 61 26.64 4.69 49.43
C ASP H 61 25.27 4.07 49.09
N SER H 62 24.37 4.08 50.07
CA SER H 62 22.94 3.93 49.81
C SER H 62 22.38 5.12 49.02
N PRO H 63 21.19 5.01 48.41
CA PRO H 63 20.51 6.15 47.81
C PRO H 63 20.41 7.39 48.72
N ALA H 64 20.26 7.22 50.04
CA ALA H 64 20.32 8.30 51.02
C ALA H 64 21.70 8.96 51.14
N GLY H 65 22.79 8.20 51.11
CA GLY H 65 24.12 8.78 51.09
C GLY H 65 24.50 9.42 49.74
N GLY H 66 23.81 9.04 48.67
CA GLY H 66 23.96 9.56 47.32
C GLY H 66 23.29 10.92 47.06
N MET H 67 22.34 11.35 47.89
CA MET H 67 21.50 12.52 47.61
C MET H 67 22.29 13.79 47.33
N ARG H 68 23.41 14.01 48.02
CA ARG H 68 24.30 15.17 47.81
C ARG H 68 24.95 15.27 46.43
N PHE H 69 24.85 14.23 45.62
CA PHE H 69 25.37 14.18 44.26
C PHE H 69 24.30 14.14 43.19
N VAL H 70 23.04 13.83 43.50
CA VAL H 70 21.99 13.73 42.48
C VAL H 70 21.69 15.07 41.83
N GLN H 71 21.45 16.13 42.60
CA GLN H 71 21.20 17.45 41.98
C GLN H 71 22.44 17.92 41.19
N ARG H 72 23.64 17.65 41.65
CA ARG H 72 24.88 18.02 40.96
C ARG H 72 25.10 17.24 39.67
N ASN H 73 24.81 15.93 39.67
CA ASN H 73 24.87 15.12 38.47
C ASN H 73 23.83 15.54 37.44
N PHE H 74 22.67 16.01 37.89
CA PHE H 74 21.57 16.47 37.05
C PHE H 74 21.82 17.85 36.44
N ASP H 75 22.27 18.79 37.26
CA ASP H 75 22.73 20.13 36.88
C ASP H 75 23.87 20.08 35.85
N ASN H 76 24.82 19.16 36.01
CA ASN H 76 25.99 18.96 35.14
C ASN H 76 25.85 17.84 34.11
N ALA H 77 24.68 17.22 33.95
CA ALA H 77 24.39 16.44 32.76
C ALA H 77 24.42 17.31 31.49
N LEU H 78 25.01 16.80 30.43
CA LEU H 78 25.15 17.44 29.15
C LEU H 78 23.88 17.28 28.29
N GLU H 79 23.11 18.33 28.12
CA GLU H 79 22.05 18.33 27.11
C GLU H 79 22.69 18.28 25.69
N VAL H 80 22.22 17.40 24.80
CA VAL H 80 22.73 17.33 23.42
C VAL H 80 22.25 18.52 22.58
N GLY H 81 23.14 19.19 21.84
CA GLY H 81 22.81 20.41 21.10
C GLY H 81 22.66 21.67 21.96
N SER H 82 23.04 21.61 23.23
CA SER H 82 23.16 22.74 24.16
C SER H 82 24.47 23.48 23.96
N GLU H 83 24.68 24.66 24.58
CA GLU H 83 25.94 25.41 24.45
C GLU H 83 27.21 24.61 24.81
N PRO H 84 27.31 23.88 25.93
CA PRO H 84 28.51 23.12 26.26
C PRO H 84 28.72 21.91 25.33
N PHE H 85 27.68 21.39 24.68
CA PHE H 85 27.86 20.37 23.66
C PHE H 85 28.41 20.98 22.39
N GLU H 86 27.83 22.10 21.97
CA GLU H 86 28.32 22.88 20.86
C GLU H 86 29.77 23.30 21.06
N ARG H 87 30.20 23.66 22.26
CA ARG H 87 31.59 23.95 22.60
C ARG H 87 32.56 22.81 22.26
N LEU H 88 32.13 21.54 22.33
CA LEU H 88 32.87 20.32 21.95
C LEU H 88 32.77 20.05 20.46
N CYS H 89 31.55 20.21 19.92
CA CYS H 89 31.25 20.12 18.50
C CYS H 89 32.13 21.06 17.68
N ARG H 90 32.36 22.29 18.16
CA ARG H 90 33.28 23.26 17.58
C ARG H 90 34.75 22.84 17.77
N ALA H 91 35.13 22.28 18.92
CA ALA H 91 36.47 21.78 19.17
C ALA H 91 36.87 20.57 18.30
N ALA H 92 35.92 19.78 17.82
CA ALA H 92 36.19 18.72 16.85
C ALA H 92 36.54 19.29 15.46
N ALA H 93 35.76 20.26 14.98
CA ALA H 93 36.04 20.98 13.73
C ALA H 93 37.35 21.77 13.76
N GLN H 94 37.57 22.52 14.84
CA GLN H 94 38.76 23.33 15.05
C GLN H 94 40.06 22.54 14.86
N HIS H 95 40.05 21.25 15.26
CA HIS H 95 41.21 20.39 15.24
C HIS H 95 41.22 19.33 14.14
N LYS H 96 40.15 19.18 13.34
CA LYS H 96 40.00 18.12 12.34
C LYS H 96 40.40 16.76 12.96
N ILE H 97 39.59 16.34 13.94
CA ILE H 97 39.64 15.04 14.62
C ILE H 97 38.23 14.56 14.88
N TYR H 98 37.95 13.26 14.70
CA TYR H 98 36.70 12.68 15.16
C TYR H 98 36.72 12.57 16.67
N VAL H 99 35.67 13.00 17.35
CA VAL H 99 35.59 12.91 18.82
C VAL H 99 34.48 11.94 19.15
N VAL H 100 34.77 10.94 19.96
CA VAL H 100 33.76 10.05 20.52
C VAL H 100 33.60 10.35 21.99
N LEU H 101 32.75 11.30 22.32
CA LEU H 101 32.45 11.68 23.70
C LEU H 101 31.72 10.54 24.42
N GLY H 102 31.94 10.43 25.72
CA GLY H 102 31.10 9.65 26.63
C GLY H 102 30.66 10.56 27.77
N PHE H 103 29.35 10.65 28.01
CA PHE H 103 28.75 11.64 28.89
C PHE H 103 27.49 11.14 29.58
N THR H 104 27.05 11.85 30.61
CA THR H 104 25.68 11.79 31.10
C THR H 104 24.84 12.72 30.24
N GLU H 105 24.03 12.20 29.34
CA GLU H 105 23.01 13.01 28.69
C GLU H 105 21.91 13.35 29.71
N ARG H 106 21.29 14.51 29.63
CA ARG H 106 19.94 14.71 30.15
C ARG H 106 18.95 15.01 29.03
N SER H 107 17.82 14.32 29.05
CA SER H 107 16.68 14.62 28.17
C SER H 107 15.42 14.73 29.00
N GLY H 108 14.85 15.93 29.09
CA GLY H 108 13.74 16.22 29.96
C GLY H 108 14.08 15.87 31.40
N GLY H 109 13.30 14.97 31.97
CA GLY H 109 13.46 14.54 33.34
C GLY H 109 14.55 13.51 33.62
N THR H 110 15.12 12.86 32.61
CA THR H 110 15.85 11.60 32.79
C THR H 110 17.27 11.69 32.26
N LEU H 111 18.19 11.05 32.96
CA LEU H 111 19.58 10.94 32.57
C LEU H 111 19.80 9.71 31.70
N TYR H 112 20.75 9.77 30.79
CA TYR H 112 21.18 8.62 30.02
C TYR H 112 22.68 8.52 30.01
N LEU H 113 23.17 7.30 30.05
CA LEU H 113 24.57 6.99 29.92
C LEU H 113 24.88 6.95 28.44
N ALA H 114 25.56 7.96 27.92
CA ALA H 114 25.49 8.34 26.52
C ALA H 114 26.84 8.51 25.85
N GLN H 115 26.84 8.49 24.53
CA GLN H 115 27.99 8.71 23.68
C GLN H 115 27.60 9.56 22.48
N ALA H 116 28.55 10.29 21.90
CA ALA H 116 28.33 11.03 20.69
C ALA H 116 29.56 10.92 19.82
N ILE H 117 29.39 10.47 18.59
CA ILE H 117 30.46 10.48 17.59
C ILE H 117 30.31 11.78 16.82
N ILE H 118 31.34 12.60 16.86
CA ILE H 118 31.41 13.92 16.24
C ILE H 118 32.43 13.87 15.09
N ASP H 119 32.03 14.38 13.94
CA ASP H 119 32.71 14.33 12.66
C ASP H 119 33.99 15.20 12.63
N ASP H 120 34.81 15.02 11.60
CA ASP H 120 35.96 15.86 11.25
C ASP H 120 35.54 17.32 10.99
N CYS H 121 34.38 17.51 10.36
CA CYS H 121 33.71 18.80 10.19
C CYS H 121 32.92 19.27 11.43
N GLY H 122 33.07 18.63 12.60
CA GLY H 122 32.47 19.03 13.86
C GLY H 122 30.94 19.11 13.85
N ARG H 123 30.30 18.02 13.47
CA ARG H 123 28.84 17.81 13.50
C ARG H 123 28.57 16.39 14.01
N VAL H 124 27.40 16.13 14.59
CA VAL H 124 27.12 14.81 15.14
C VAL H 124 26.89 13.81 14.01
N VAL H 125 27.68 12.75 14.03
CA VAL H 125 27.47 11.55 13.25
C VAL H 125 26.32 10.81 13.87
N ALA H 126 26.39 10.57 15.18
CA ALA H 126 25.26 10.15 15.99
C ALA H 126 25.46 10.44 17.46
N THR H 127 24.37 10.68 18.17
CA THR H 127 24.28 10.70 19.63
C THR H 127 23.48 9.49 20.07
N ARG H 128 23.96 8.79 21.10
CA ARG H 128 23.69 7.38 21.33
C ARG H 128 23.58 7.08 22.81
N ARG H 129 22.48 6.48 23.28
CA ARG H 129 22.25 6.14 24.69
C ARG H 129 22.47 4.64 24.93
N LYS H 130 23.04 4.24 26.06
CA LYS H 130 23.24 2.83 26.45
C LYS H 130 21.91 2.09 26.53
N LEU H 131 21.78 0.89 25.95
CA LEU H 131 20.50 0.16 25.92
C LEU H 131 19.99 -0.24 27.28
N LYS H 132 20.88 -0.53 28.21
CA LYS H 132 20.58 -1.04 29.54
C LYS H 132 21.71 -0.63 30.46
N PRO H 133 21.50 0.25 31.45
CA PRO H 133 22.48 0.51 32.46
C PRO H 133 22.78 -0.75 33.28
N THR H 134 23.98 -0.86 33.80
CA THR H 134 24.42 -2.04 34.55
C THR H 134 24.05 -1.94 36.02
N HIS H 135 23.32 -2.91 36.56
CA HIS H 135 23.12 -3.10 38.00
C HIS H 135 22.61 -1.84 38.70
N VAL H 136 23.44 -1.16 39.49
CA VAL H 136 23.05 0.02 40.25
C VAL H 136 23.11 1.32 39.43
N GLU H 137 23.71 1.30 38.24
CA GLU H 137 23.57 2.39 37.26
C GLU H 137 22.13 2.62 36.84
N ARG H 138 21.26 1.62 36.98
CA ARG H 138 19.82 1.74 36.72
C ARG H 138 19.10 2.62 37.71
N SER H 139 19.76 2.95 38.83
CA SER H 139 19.29 3.93 39.80
C SER H 139 19.72 5.37 39.46
N VAL H 140 20.36 5.58 38.32
CA VAL H 140 20.78 6.89 37.80
C VAL H 140 20.21 7.13 36.42
N TYR H 141 20.31 6.13 35.54
CA TYR H 141 20.10 6.28 34.11
C TYR H 141 18.86 5.53 33.61
N GLY H 142 18.30 6.00 32.50
CA GLY H 142 17.32 5.30 31.70
C GLY H 142 17.94 4.47 30.58
N GLU H 143 17.12 3.69 29.89
CA GLU H 143 17.50 2.88 28.74
C GLU H 143 17.46 3.60 27.39
N GLY H 144 18.34 3.19 26.48
CA GLY H 144 18.33 3.53 25.07
C GLY H 144 17.29 2.78 24.25
N ASP H 145 17.62 2.42 23.02
CA ASP H 145 16.73 1.87 21.97
C ASP H 145 17.52 0.95 21.03
N GLY H 146 16.86 0.28 20.09
CA GLY H 146 17.58 -0.32 18.96
C GLY H 146 18.23 0.69 18.03
N SER H 147 17.82 1.96 18.09
CA SER H 147 18.46 3.03 17.32
C SER H 147 19.84 3.38 17.84
N ASP H 148 20.21 2.87 19.03
CA ASP H 148 21.53 3.05 19.66
C ASP H 148 22.54 1.94 19.36
N LEU H 149 22.15 0.93 18.60
CA LEU H 149 23.01 -0.13 18.07
C LEU H 149 23.49 0.20 16.67
N ALA H 150 23.94 1.43 16.42
CA ALA H 150 24.22 1.96 15.11
C ALA H 150 25.72 2.03 14.84
N VAL H 151 26.13 1.58 13.66
CA VAL H 151 27.46 1.68 13.07
C VAL H 151 27.36 2.60 11.86
N HIS H 152 28.22 3.61 11.77
CA HIS H 152 28.14 4.70 10.83
C HIS H 152 29.28 4.64 9.82
N ASP H 153 29.01 4.84 8.54
CA ASP H 153 30.07 5.22 7.63
C ASP H 153 30.61 6.61 7.97
N THR H 154 31.92 6.77 7.88
CA THR H 154 32.63 8.02 8.15
C THR H 154 33.85 8.10 7.23
N THR H 155 34.56 9.21 7.22
CA THR H 155 35.87 9.32 6.55
C THR H 155 36.86 8.24 7.07
N LEU H 156 36.63 7.75 8.29
CA LEU H 156 37.40 6.73 9.00
C LEU H 156 36.90 5.30 8.80
N GLY H 157 35.89 5.06 7.98
CA GLY H 157 35.23 3.76 7.81
C GLY H 157 34.08 3.50 8.77
N ARG H 158 33.58 2.25 8.79
CA ARG H 158 32.41 1.80 9.55
C ARG H 158 32.72 1.88 11.06
N LEU H 159 32.21 2.92 11.71
CA LEU H 159 32.54 3.36 13.06
C LEU H 159 31.38 3.17 14.01
N GLY H 160 31.59 2.54 15.16
CA GLY H 160 30.52 2.35 16.14
C GLY H 160 30.98 2.48 17.56
N ALA H 161 30.05 2.54 18.50
CA ALA H 161 30.35 2.66 19.90
C ALA H 161 29.33 1.93 20.77
N LEU H 162 29.82 1.41 21.88
CA LEU H 162 29.09 0.75 22.96
C LEU H 162 29.78 1.15 24.26
N CYS H 163 29.16 0.98 25.43
CA CYS H 163 29.85 1.27 26.68
C CYS H 163 29.66 0.25 27.78
N CYS H 164 30.71 0.14 28.59
CA CYS H 164 31.08 -0.96 29.46
C CYS H 164 30.35 -2.27 29.20
N ALA H 165 29.49 -2.77 30.08
CA ALA H 165 28.91 -4.09 29.93
C ALA H 165 27.88 -4.26 28.79
N GLU H 166 27.89 -3.41 27.77
CA GLU H 166 27.34 -3.77 26.45
C GLU H 166 28.29 -4.66 25.64
N HIS H 167 29.58 -4.72 25.98
CA HIS H 167 30.53 -5.71 25.43
C HIS H 167 30.34 -7.13 25.97
N ILE H 168 29.54 -7.25 27.02
CA ILE H 168 29.09 -8.42 27.75
C ILE H 168 27.71 -8.90 27.29
N GLN H 169 27.08 -8.19 26.35
CA GLN H 169 25.76 -8.49 25.83
C GLN H 169 25.85 -9.14 24.45
N PRO H 170 25.73 -10.47 24.30
CA PRO H 170 26.09 -11.14 23.05
C PRO H 170 25.22 -10.72 21.86
N LEU H 171 23.91 -10.56 22.03
CA LEU H 171 23.04 -10.07 20.96
C LEU H 171 23.33 -8.62 20.59
N SER H 172 23.68 -7.79 21.57
CA SER H 172 23.95 -6.37 21.37
C SER H 172 25.16 -6.18 20.50
N LYS H 173 26.23 -6.93 20.74
CA LYS H 173 27.39 -6.89 19.86
C LYS H 173 27.27 -7.74 18.62
N TYR H 174 26.42 -8.77 18.55
CA TYR H 174 26.05 -9.28 17.25
C TYR H 174 25.36 -8.23 16.36
N ALA H 175 24.50 -7.37 16.90
CA ALA H 175 23.87 -6.31 16.13
C ALA H 175 24.87 -5.32 15.53
N MET H 176 26.01 -5.12 16.18
CA MET H 176 27.09 -4.26 15.71
C MET H 176 27.95 -4.94 14.64
N TYR H 177 28.28 -6.21 14.82
CA TYR H 177 28.99 -7.02 13.82
C TYR H 177 28.18 -7.15 12.56
N ALA H 178 26.85 -7.25 12.63
CA ALA H 178 26.01 -7.40 11.46
C ALA H 178 26.05 -6.19 10.51
N GLN H 179 26.56 -5.06 10.98
CA GLN H 179 26.77 -3.84 10.23
C GLN H 179 28.20 -3.68 9.71
N HIS H 180 29.01 -4.74 9.82
CA HIS H 180 30.35 -4.86 9.29
C HIS H 180 31.31 -3.79 9.82
N GLU H 181 31.17 -3.48 11.10
CA GLU H 181 31.99 -2.55 11.85
C GLU H 181 33.49 -2.79 11.70
N GLN H 182 34.26 -1.71 11.55
CA GLN H 182 35.71 -1.71 11.32
C GLN H 182 36.48 -1.08 12.47
N VAL H 183 35.95 -0.02 13.07
CA VAL H 183 36.55 0.63 14.25
C VAL H 183 35.46 0.88 15.28
N HIS H 184 35.77 0.61 16.53
CA HIS H 184 34.82 0.54 17.62
C HIS H 184 35.36 1.27 18.84
N ILE H 185 34.52 2.06 19.51
CA ILE H 185 34.87 2.70 20.78
C ILE H 185 34.11 2.03 21.92
N ALA H 186 34.82 1.20 22.68
CA ALA H 186 34.38 0.54 23.89
C ALA H 186 34.64 1.42 25.07
N ALA H 187 33.76 2.34 25.39
CA ALA H 187 34.00 3.30 26.46
C ALA H 187 33.72 2.69 27.84
N TRP H 188 34.62 2.89 28.81
CA TRP H 188 34.57 2.29 30.16
C TRP H 188 34.62 3.32 31.30
N PRO H 189 34.21 2.98 32.53
CA PRO H 189 34.41 3.82 33.71
C PRO H 189 35.87 3.69 34.16
N SER H 190 36.17 3.29 35.40
CA SER H 190 37.54 3.00 35.79
C SER H 190 37.61 1.92 36.84
N PHE H 191 38.58 1.05 36.71
CA PHE H 191 38.55 -0.25 37.36
C PHE H 191 39.23 -0.25 38.73
N SER H 192 38.93 0.74 39.56
CA SER H 192 39.41 0.86 40.95
C SER H 192 38.30 0.67 41.98
N VAL H 193 37.06 0.42 41.52
CA VAL H 193 35.94 0.05 42.37
C VAL H 193 36.03 -1.42 42.76
N TYR H 194 35.80 -1.70 44.04
CA TYR H 194 35.73 -3.03 44.65
C TYR H 194 36.94 -3.91 44.32
N ARG H 195 38.14 -3.35 44.33
CA ARG H 195 39.39 -4.07 44.00
C ARG H 195 39.50 -5.37 44.82
N GLY H 196 39.61 -6.49 44.12
CA GLY H 196 39.61 -7.86 44.65
C GLY H 196 38.25 -8.36 45.17
N ALA H 197 37.40 -7.48 45.68
CA ALA H 197 36.09 -7.80 46.26
C ALA H 197 35.01 -8.13 45.20
N ALA H 198 35.11 -7.59 44.00
CA ALA H 198 34.27 -7.99 42.86
C ALA H 198 35.05 -8.02 41.53
N PHE H 199 35.17 -9.18 40.90
CA PHE H 199 35.95 -9.35 39.67
C PHE H 199 35.28 -8.77 38.43
N GLN H 200 33.94 -8.77 38.36
CA GLN H 200 33.18 -8.24 37.23
C GLN H 200 33.38 -6.73 37.01
N LEU H 201 33.87 -6.00 38.00
CA LEU H 201 34.20 -4.59 37.89
C LEU H 201 35.70 -4.37 37.64
N SER H 202 36.48 -5.42 37.38
CA SER H 202 37.94 -5.34 37.33
C SER H 202 38.51 -5.02 35.95
N ALA H 203 39.79 -4.64 35.97
CA ALA H 203 40.62 -4.47 34.78
C ALA H 203 40.71 -5.76 33.98
N GLN H 204 41.05 -6.88 34.59
CA GLN H 204 41.18 -8.18 33.92
C GLN H 204 39.88 -8.61 33.24
N ALA H 205 38.75 -8.48 33.91
CA ALA H 205 37.44 -8.81 33.32
C ALA H 205 37.07 -7.97 32.10
N ASN H 206 37.15 -6.65 32.23
CA ASN H 206 36.64 -5.71 31.22
C ASN H 206 37.66 -5.38 30.15
N ASN H 207 38.95 -5.60 30.38
CA ASN H 207 39.96 -5.65 29.32
C ASN H 207 39.84 -6.90 28.48
N ALA H 208 39.52 -8.05 29.07
CA ALA H 208 39.18 -9.25 28.33
C ALA H 208 37.88 -9.07 27.56
N ALA H 209 36.82 -8.48 28.12
CA ALA H 209 35.59 -8.22 27.38
C ALA H 209 35.80 -7.28 26.17
N SER H 210 36.65 -6.28 26.28
CA SER H 210 37.09 -5.46 25.14
C SER H 210 37.98 -6.21 24.15
N GLN H 211 38.96 -6.99 24.61
CA GLN H 211 39.84 -7.77 23.75
C GLN H 211 39.06 -8.80 22.95
N VAL H 212 38.07 -9.45 23.59
CA VAL H 212 37.20 -10.40 22.93
C VAL H 212 36.24 -9.71 21.97
N TYR H 213 35.82 -8.46 22.21
CA TYR H 213 35.00 -7.73 21.22
C TYR H 213 35.76 -7.54 19.91
N ALA H 214 37.06 -7.26 19.97
CA ALA H 214 37.92 -7.10 18.81
C ALA H 214 38.15 -8.41 18.06
N LEU H 215 38.48 -9.45 18.80
CA LEU H 215 38.69 -10.81 18.32
C LEU H 215 37.44 -11.42 17.67
N GLU H 216 36.28 -11.20 18.25
CA GLU H 216 34.99 -11.61 17.71
C GLU H 216 34.54 -10.79 16.52
N GLY H 217 34.68 -9.46 16.56
CA GLY H 217 34.13 -8.53 15.58
C GLY H 217 35.01 -8.29 14.36
N GLN H 218 36.31 -8.54 14.51
CA GLN H 218 37.41 -8.21 13.62
C GLN H 218 37.39 -6.73 13.27
N CYS H 219 37.53 -5.91 14.29
CA CYS H 219 37.52 -4.45 14.24
C CYS H 219 38.48 -3.88 15.29
N PHE H 220 38.97 -2.65 15.09
CA PHE H 220 39.85 -2.00 16.06
C PHE H 220 39.07 -1.48 17.24
N VAL H 221 39.25 -2.05 18.42
CA VAL H 221 38.59 -1.59 19.63
C VAL H 221 39.47 -0.58 20.33
N LEU H 222 39.14 0.70 20.27
CA LEU H 222 39.61 1.69 21.23
C LEU H 222 38.83 1.53 22.52
N ALA H 223 39.53 1.30 23.61
CA ALA H 223 38.93 1.18 24.93
C ALA H 223 39.46 2.28 25.84
N PRO H 224 38.93 3.51 25.76
CA PRO H 224 39.27 4.56 26.71
C PRO H 224 38.71 4.22 28.08
N CYS H 225 39.31 4.80 29.10
CA CYS H 225 39.00 4.47 30.48
C CYS H 225 39.21 5.72 31.32
N ALA H 226 38.38 6.00 32.31
CA ALA H 226 38.68 7.05 33.25
C ALA H 226 39.84 6.60 34.14
N THR H 227 40.23 7.47 35.04
CA THR H 227 40.99 7.13 36.24
C THR H 227 40.42 7.93 37.39
N VAL H 228 40.37 7.37 38.58
CA VAL H 228 40.02 8.13 39.79
C VAL H 228 41.26 8.89 40.29
N SER H 229 41.08 10.00 40.98
CA SER H 229 42.16 10.92 41.39
C SER H 229 41.97 11.43 42.82
N LYS H 230 43.03 11.87 43.50
CA LYS H 230 42.95 12.37 44.89
C LYS H 230 41.84 13.39 45.09
N GLU H 231 41.79 14.44 44.26
CA GLU H 231 40.77 15.49 44.36
C GLU H 231 39.34 15.01 44.07
N MET H 232 39.16 13.84 43.45
CA MET H 232 37.86 13.19 43.26
C MET H 232 37.45 12.34 44.45
N LEU H 233 38.39 11.62 45.03
CA LEU H 233 38.19 10.88 46.27
C LEU H 233 37.89 11.79 47.46
N ASP H 234 38.51 12.95 47.56
CA ASP H 234 38.26 13.94 48.61
C ASP H 234 36.85 14.58 48.58
N GLU H 235 36.07 14.26 47.55
CA GLU H 235 34.68 14.67 47.33
C GLU H 235 33.69 13.51 47.55
N LEU H 236 34.19 12.29 47.74
CA LEU H 236 33.47 11.05 47.43
C LEU H 236 33.74 9.93 48.45
N ILE H 237 34.89 9.93 49.09
CA ILE H 237 35.24 9.15 50.27
C ILE H 237 35.17 10.09 51.48
N ASP H 238 34.45 9.72 52.52
CA ASP H 238 34.20 10.55 53.69
C ASP H 238 34.38 9.77 55.00
N SER H 239 34.81 8.51 54.91
CA SER H 239 34.74 7.53 55.99
C SER H 239 35.68 6.37 55.71
N PRO H 240 36.07 5.56 56.72
CA PRO H 240 36.99 4.44 56.53
C PRO H 240 36.36 3.29 55.73
N ALA H 241 35.08 3.01 55.93
CA ALA H 241 34.30 1.95 55.28
C ALA H 241 34.07 2.15 53.76
N LYS H 242 34.74 3.14 53.16
CA LYS H 242 34.82 3.42 51.73
C LYS H 242 36.27 3.47 51.21
N ALA H 243 37.28 3.57 52.08
CA ALA H 243 38.67 3.78 51.70
C ALA H 243 39.26 2.63 50.87
N GLU H 244 38.75 1.42 51.07
CA GLU H 244 39.07 0.23 50.30
C GLU H 244 38.09 -0.04 49.14
N LEU H 245 36.94 0.65 49.09
CA LEU H 245 35.92 0.44 48.05
C LEU H 245 36.26 1.11 46.72
N LEU H 246 36.85 2.28 46.71
CA LEU H 246 37.26 2.95 45.48
C LEU H 246 38.67 3.53 45.66
N LEU H 247 39.64 2.92 45.01
CA LEU H 247 41.04 3.33 45.10
C LEU H 247 41.33 4.47 44.10
N GLU H 248 42.44 5.19 44.26
CA GLU H 248 42.93 6.05 43.19
C GLU H 248 43.42 5.20 42.01
N GLY H 249 43.37 5.74 40.79
CA GLY H 249 43.73 5.02 39.59
C GLY H 249 42.55 4.26 39.02
N GLY H 250 42.80 3.12 38.41
CA GLY H 250 41.80 2.36 37.66
C GLY H 250 41.77 2.70 36.18
N GLY H 251 42.75 3.46 35.69
CA GLY H 251 43.00 3.68 34.29
C GLY H 251 43.66 2.46 33.66
N PHE H 252 42.85 1.64 33.01
CA PHE H 252 43.28 0.56 32.16
C PHE H 252 42.75 0.76 30.75
N ALA H 253 43.01 1.93 30.16
CA ALA H 253 42.70 2.12 28.76
C ALA H 253 43.56 1.17 27.91
N MET H 254 43.01 0.73 26.79
CA MET H 254 43.68 -0.17 25.85
C MET H 254 43.26 0.19 24.43
N ILE H 255 44.00 -0.27 23.43
CA ILE H 255 43.53 -0.31 22.05
C ILE H 255 43.89 -1.68 21.52
N TYR H 256 43.00 -2.34 20.79
CA TYR H 256 43.18 -3.69 20.27
C TYR H 256 43.04 -3.72 18.75
N GLY H 257 43.84 -4.52 18.07
CA GLY H 257 43.70 -4.79 16.65
C GLY H 257 42.58 -5.78 16.34
N PRO H 258 42.19 -5.98 15.09
CA PRO H 258 41.10 -6.89 14.73
C PRO H 258 41.39 -8.38 14.98
N ASP H 259 42.64 -8.73 15.27
CA ASP H 259 43.07 -10.07 15.70
C ASP H 259 43.06 -10.21 17.23
N GLY H 260 42.71 -9.16 17.97
CA GLY H 260 42.72 -9.10 19.42
C GLY H 260 44.02 -8.60 20.03
N ALA H 261 45.10 -8.38 19.27
CA ALA H 261 46.39 -7.99 19.84
C ALA H 261 46.35 -6.58 20.42
N PRO H 262 46.84 -6.31 21.63
CA PRO H 262 46.93 -4.95 22.15
C PRO H 262 47.94 -4.12 21.36
N LEU H 263 47.50 -2.96 20.88
CA LEU H 263 48.26 -1.98 20.10
C LEU H 263 48.85 -0.85 20.93
N CYS H 264 48.31 -0.61 22.12
CA CYS H 264 48.73 0.46 23.00
C CYS H 264 50.07 0.17 23.70
N THR H 265 50.88 1.20 23.91
CA THR H 265 51.97 1.20 24.91
C THR H 265 51.37 1.29 26.31
N PRO H 266 51.80 0.50 27.31
CA PRO H 266 51.20 0.57 28.63
C PRO H 266 51.45 1.91 29.34
N LEU H 267 50.38 2.60 29.73
CA LEU H 267 50.35 3.57 30.83
C LEU H 267 50.30 2.84 32.17
N ALA H 268 50.55 3.54 33.28
CA ALA H 268 50.25 3.02 34.60
C ALA H 268 48.76 3.10 34.94
N GLU H 269 48.32 2.30 35.90
CA GLU H 269 46.94 2.25 36.42
C GLU H 269 46.43 3.60 36.93
N THR H 270 47.34 4.44 37.41
CA THR H 270 47.05 5.69 38.13
C THR H 270 47.73 6.90 37.49
N GLU H 271 48.00 6.82 36.20
CA GLU H 271 48.63 7.87 35.40
C GLU H 271 47.65 8.40 34.37
N GLU H 272 47.46 9.72 34.30
CA GLU H 272 46.71 10.31 33.20
C GLU H 272 47.56 10.36 31.92
N GLY H 273 46.93 10.16 30.78
CA GLY H 273 47.57 10.20 29.47
C GLY H 273 46.60 9.97 28.32
N ILE H 274 47.13 9.81 27.12
CA ILE H 274 46.38 9.39 25.93
C ILE H 274 47.17 8.28 25.27
N LEU H 275 46.52 7.16 24.99
CA LEU H 275 47.09 6.04 24.26
C LEU H 275 46.92 6.27 22.77
N TYR H 276 47.95 6.03 21.98
CA TYR H 276 47.92 6.21 20.52
C TYR H 276 48.22 4.89 19.82
N ALA H 277 47.49 4.59 18.75
CA ALA H 277 47.67 3.40 17.93
C ALA H 277 47.53 3.74 16.44
N ASP H 278 48.35 3.13 15.60
CA ASP H 278 48.32 3.33 14.16
C ASP H 278 47.38 2.31 13.52
N ILE H 279 46.19 2.75 13.15
CA ILE H 279 45.13 1.93 12.60
C ILE H 279 45.32 1.76 11.10
N ASP H 280 45.05 0.56 10.60
CA ASP H 280 45.11 0.23 9.18
C ASP H 280 43.92 -0.65 8.84
N LEU H 281 42.88 -0.09 8.24
CA LEU H 281 41.65 -0.81 7.88
C LEU H 281 41.86 -1.91 6.85
N GLY H 282 43.02 -1.96 6.19
CA GLY H 282 43.38 -3.08 5.33
C GLY H 282 43.63 -4.38 6.11
N VAL H 283 44.09 -4.30 7.36
CA VAL H 283 44.42 -5.45 8.22
C VAL H 283 43.19 -6.28 8.57
N ILE H 284 42.01 -5.68 8.60
CA ILE H 284 40.75 -6.36 8.93
C ILE H 284 40.48 -7.53 7.97
N GLY H 285 40.97 -7.51 6.74
CA GLY H 285 40.82 -8.62 5.81
C GLY H 285 41.66 -9.84 6.15
N VAL H 286 42.78 -9.65 6.86
CA VAL H 286 43.57 -10.76 7.38
C VAL H 286 42.89 -11.38 8.59
N ALA H 287 42.39 -10.55 9.50
CA ALA H 287 41.64 -11.00 10.66
C ALA H 287 40.37 -11.76 10.29
N LYS H 288 39.68 -11.31 9.23
CA LYS H 288 38.50 -11.99 8.70
C LYS H 288 38.79 -13.23 7.87
N ALA H 289 40.04 -13.63 7.69
CA ALA H 289 40.35 -14.95 7.17
C ALA H 289 39.93 -16.02 8.20
N ALA H 290 40.34 -15.85 9.46
CA ALA H 290 40.11 -16.81 10.53
C ALA H 290 38.65 -16.82 10.99
N TYR H 291 38.10 -15.67 11.33
CA TYR H 291 36.80 -15.52 11.98
C TYR H 291 35.95 -14.49 11.27
N ASP H 292 34.64 -14.68 11.16
CA ASP H 292 33.71 -13.64 10.69
C ASP H 292 32.28 -14.00 11.12
N PRO H 293 31.78 -13.50 12.26
CA PRO H 293 30.59 -14.04 12.93
C PRO H 293 29.32 -13.79 12.15
N VAL H 294 29.37 -12.99 11.10
CA VAL H 294 28.27 -12.51 10.26
C VAL H 294 28.42 -12.88 8.79
N GLY H 295 29.42 -13.68 8.47
CA GLY H 295 29.81 -14.07 7.14
C GLY H 295 30.18 -15.55 7.11
N HIS H 296 31.37 -15.90 6.68
CA HIS H 296 31.78 -17.30 6.47
C HIS H 296 31.72 -18.13 7.74
N TYR H 297 31.81 -17.54 8.93
CA TYR H 297 31.75 -18.28 10.18
C TYR H 297 30.36 -18.35 10.81
N SER H 298 29.40 -17.57 10.31
CA SER H 298 28.01 -17.64 10.72
C SER H 298 27.34 -18.92 10.25
N ARG H 299 26.15 -19.23 10.76
CA ARG H 299 25.26 -20.25 10.24
C ARG H 299 23.81 -19.78 10.30
N PRO H 300 23.34 -18.99 9.32
CA PRO H 300 22.03 -18.36 9.32
C PRO H 300 20.87 -19.32 9.06
N ASP H 301 21.16 -20.59 8.81
CA ASP H 301 20.22 -21.70 8.84
C ASP H 301 19.93 -22.24 10.26
N VAL H 302 20.77 -21.91 11.24
CA VAL H 302 20.64 -22.32 12.63
C VAL H 302 20.29 -21.15 13.54
N LEU H 303 20.94 -20.00 13.38
CA LEU H 303 20.83 -18.84 14.26
C LEU H 303 20.57 -17.55 13.50
N ARG H 304 19.67 -16.71 13.99
CA ARG H 304 19.47 -15.36 13.45
C ARG H 304 19.16 -14.39 14.58
N LEU H 305 19.47 -13.13 14.39
CA LEU H 305 19.10 -12.07 15.32
C LEU H 305 17.86 -11.36 14.79
N LEU H 306 16.84 -11.19 15.61
CA LEU H 306 15.72 -10.32 15.32
C LEU H 306 15.99 -9.02 16.03
N VAL H 307 15.94 -7.89 15.32
CA VAL H 307 16.24 -6.59 15.91
C VAL H 307 15.23 -5.53 15.50
N ASN H 308 14.72 -4.81 16.46
CA ASN H 308 13.87 -3.64 16.28
C ASN H 308 14.71 -2.35 16.41
N ARG H 309 15.09 -1.76 15.28
CA ARG H 309 15.90 -0.52 15.21
C ARG H 309 15.12 0.77 15.49
N GLU H 310 13.80 0.73 15.56
CA GLU H 310 13.00 1.93 15.69
C GLU H 310 13.12 2.56 17.10
N PRO H 311 13.35 3.88 17.21
CA PRO H 311 13.45 4.57 18.50
C PRO H 311 12.11 4.67 19.20
N MET H 312 12.09 4.56 20.53
CA MET H 312 10.86 4.43 21.33
C MET H 312 10.39 5.74 21.97
N THR H 313 9.65 6.52 21.19
CA THR H 313 8.79 7.61 21.66
C THR H 313 7.75 7.12 22.69
N ARG H 314 7.51 7.86 23.77
CA ARG H 314 6.44 7.51 24.74
C ARG H 314 5.05 7.94 24.29
N VAL H 315 5.00 8.96 23.43
CA VAL H 315 3.77 9.62 22.97
C VAL H 315 3.78 9.81 21.46
N HIS H 316 2.66 9.50 20.80
CA HIS H 316 2.41 9.66 19.38
C HIS H 316 1.37 10.74 19.13
N TYR H 317 1.69 11.69 18.28
CA TYR H 317 0.83 12.82 17.97
C TYR H 317 0.11 12.54 16.66
N VAL H 318 -1.22 12.46 16.68
CA VAL H 318 -2.05 12.32 15.47
C VAL H 318 -1.90 13.60 14.65
N GLN H 319 -1.59 13.46 13.35
CA GLN H 319 -1.36 14.56 12.41
C GLN H 319 -2.49 14.66 11.37
N PRO H 320 -3.07 15.86 11.14
CA PRO H 320 -4.33 16.03 10.41
C PRO H 320 -4.18 15.92 8.89
N LYS I 5 23.23 -32.12 43.17
CA LYS I 5 24.47 -31.78 43.91
C LYS I 5 24.94 -30.38 43.51
N LYS I 6 25.15 -29.47 44.48
CA LYS I 6 25.46 -28.05 44.24
C LYS I 6 26.92 -27.64 44.49
N GLN I 7 27.62 -28.27 45.43
CA GLN I 7 29.05 -28.08 45.64
C GLN I 7 29.79 -29.35 45.20
N TYR I 8 30.78 -29.22 44.32
CA TYR I 8 31.55 -30.37 43.85
C TYR I 8 32.91 -29.97 43.30
N LYS I 9 33.93 -30.81 43.38
CA LYS I 9 35.22 -30.55 42.71
C LYS I 9 35.08 -30.87 41.23
N VAL I 10 35.79 -30.15 40.37
CA VAL I 10 35.84 -30.41 38.92
C VAL I 10 37.26 -30.43 38.43
N ALA I 11 37.52 -31.17 37.37
CA ALA I 11 38.82 -31.42 36.78
C ALA I 11 38.85 -30.96 35.32
N ALA I 12 39.82 -30.14 34.94
CA ALA I 12 40.10 -29.82 33.53
C ALA I 12 41.46 -30.41 33.13
N VAL I 13 41.48 -31.27 32.13
CA VAL I 13 42.69 -31.96 31.68
C VAL I 13 43.61 -30.98 30.95
N GLN I 14 44.91 -31.06 31.21
CA GLN I 14 45.95 -30.50 30.38
C GLN I 14 46.99 -31.57 30.02
N ALA I 15 46.83 -32.29 28.92
CA ALA I 15 47.68 -33.42 28.56
C ALA I 15 47.80 -33.56 27.06
N ALA I 16 48.91 -34.10 26.58
CA ALA I 16 49.05 -34.38 25.16
C ALA I 16 48.21 -35.62 24.81
N PRO I 17 47.55 -35.68 23.64
CA PRO I 17 46.89 -36.88 23.18
C PRO I 17 47.92 -37.96 22.82
N ALA I 18 47.52 -39.23 22.78
CA ALA I 18 48.33 -40.25 22.09
C ALA I 18 48.10 -40.11 20.58
N PHE I 19 48.84 -39.20 19.98
CA PHE I 19 48.54 -38.61 18.69
C PHE I 19 48.44 -39.64 17.56
N LEU I 20 47.27 -39.69 16.91
CA LEU I 20 46.92 -40.63 15.84
C LEU I 20 47.06 -42.09 16.27
N ASP I 21 46.63 -42.42 17.48
CA ASP I 21 46.31 -43.79 17.87
C ASP I 21 45.11 -43.81 18.85
N LEU I 22 43.98 -44.35 18.42
CA LEU I 22 42.77 -44.37 19.24
C LEU I 22 42.90 -45.35 20.41
N GLU I 23 43.66 -46.43 20.29
CA GLU I 23 43.76 -47.42 21.37
C GLU I 23 44.68 -46.92 22.47
N ALA I 24 45.78 -46.30 22.12
CA ALA I 24 46.63 -45.58 23.07
C ALA I 24 45.98 -44.32 23.64
N GLY I 25 45.12 -43.66 22.86
CA GLY I 25 44.40 -42.45 23.25
C GLY I 25 43.30 -42.76 24.24
N VAL I 26 42.51 -43.82 24.00
CA VAL I 26 41.48 -44.29 24.92
C VAL I 26 42.08 -44.83 26.21
N ALA I 27 43.22 -45.53 26.18
CA ALA I 27 43.95 -45.88 27.39
C ALA I 27 44.40 -44.65 28.20
N LYS I 28 44.93 -43.62 27.54
CA LYS I 28 45.36 -42.39 28.21
C LYS I 28 44.17 -41.60 28.79
N ALA I 29 43.06 -41.54 28.07
CA ALA I 29 41.80 -41.01 28.58
C ALA I 29 41.32 -41.79 29.78
N ILE I 30 41.26 -43.12 29.72
CA ILE I 30 40.76 -43.93 30.82
C ILE I 30 41.65 -43.78 32.07
N GLY I 31 42.96 -43.56 31.88
CA GLY I 31 43.88 -43.19 32.96
C GLY I 31 43.63 -41.80 33.54
N LEU I 32 43.41 -40.77 32.73
CA LEU I 32 43.14 -39.40 33.20
C LEU I 32 41.74 -39.24 33.80
N ILE I 33 40.74 -39.96 33.28
CA ILE I 33 39.42 -40.14 33.91
C ILE I 33 39.61 -40.73 35.31
N ALA I 34 40.34 -41.85 35.44
CA ALA I 34 40.62 -42.44 36.75
C ALA I 34 41.42 -41.52 37.70
N GLN I 35 42.41 -40.79 37.17
CA GLN I 35 43.23 -39.84 37.94
C GLN I 35 42.43 -38.65 38.47
N ALA I 36 41.51 -38.10 37.67
CA ALA I 36 40.61 -37.04 38.10
C ALA I 36 39.63 -37.54 39.15
N ALA I 37 39.06 -38.73 38.96
CA ALA I 37 38.11 -39.32 39.89
C ALA I 37 38.73 -39.68 41.26
N ALA I 38 40.02 -40.03 41.29
CA ALA I 38 40.74 -40.26 42.54
C ALA I 38 40.92 -38.98 43.38
N GLU I 39 41.11 -37.81 42.75
CA GLU I 39 41.28 -36.52 43.44
C GLU I 39 39.96 -36.01 44.06
N GLY I 40 38.84 -36.63 43.71
CA GLY I 40 37.52 -36.24 44.17
C GLY I 40 36.70 -35.41 43.19
N ALA I 41 37.19 -35.22 41.95
CA ALA I 41 36.45 -34.50 40.92
C ALA I 41 35.20 -35.26 40.49
N SER I 42 34.05 -34.58 40.45
CA SER I 42 32.78 -35.16 39.99
C SER I 42 32.55 -34.95 38.49
N LEU I 43 33.39 -34.13 37.86
CA LEU I 43 33.41 -33.84 36.44
C LEU I 43 34.87 -33.81 35.96
N VAL I 44 35.18 -34.41 34.82
CA VAL I 44 36.45 -34.24 34.10
C VAL I 44 36.17 -33.79 32.67
N ALA I 45 36.84 -32.72 32.24
CA ALA I 45 36.75 -32.22 30.89
C ALA I 45 38.02 -32.49 30.13
N PHE I 46 37.88 -33.00 28.91
CA PHE I 46 38.97 -33.24 27.97
C PHE I 46 39.07 -32.17 26.85
N PRO I 47 40.27 -31.93 26.29
CA PRO I 47 40.53 -31.00 25.20
C PRO I 47 39.79 -31.27 23.90
N GLU I 48 39.89 -30.36 22.95
CA GLU I 48 39.30 -30.52 21.60
C GLU I 48 40.08 -31.53 20.74
N ALA I 49 39.36 -32.38 20.00
CA ALA I 49 39.91 -33.47 19.20
C ALA I 49 40.96 -34.34 19.89
N TRP I 50 40.85 -34.55 21.21
CA TRP I 50 41.89 -35.24 21.96
C TRP I 50 41.98 -36.74 21.64
N LEU I 51 40.89 -37.33 21.18
CA LEU I 51 40.90 -38.67 20.62
C LEU I 51 40.68 -38.57 19.11
N PRO I 52 41.59 -39.03 18.23
CA PRO I 52 42.93 -39.57 18.50
C PRO I 52 44.02 -38.49 18.60
N GLY I 53 43.66 -37.21 18.49
CA GLY I 53 44.58 -36.09 18.41
C GLY I 53 44.14 -35.03 17.40
N TYR I 54 44.34 -33.78 17.75
CA TYR I 54 43.94 -32.65 16.92
C TYR I 54 44.73 -32.57 15.61
N PRO I 55 44.12 -32.29 14.45
CA PRO I 55 44.74 -32.44 13.14
C PRO I 55 45.77 -31.37 12.74
N TRP I 56 46.89 -31.27 13.45
CA TRP I 56 47.88 -30.19 13.26
C TRP I 56 48.49 -30.08 11.86
N TRP I 57 48.45 -31.11 11.02
CA TRP I 57 49.00 -31.03 9.67
C TRP I 57 48.33 -29.95 8.81
N ILE I 58 47.06 -29.58 9.06
CA ILE I 58 46.39 -28.47 8.38
C ILE I 58 47.06 -27.12 8.64
N TRP I 59 47.65 -26.95 9.82
CA TRP I 59 48.34 -25.74 10.22
C TRP I 59 49.79 -25.70 9.75
N LEU I 60 50.31 -26.79 9.21
CA LEU I 60 51.75 -26.97 8.96
C LEU I 60 52.09 -27.22 7.50
N ASP I 61 51.14 -27.61 6.66
CA ASP I 61 51.39 -27.86 5.24
C ASP I 61 50.10 -27.71 4.44
N SER I 62 50.30 -27.67 3.13
CA SER I 62 49.31 -27.92 2.10
C SER I 62 48.53 -29.22 2.33
N PRO I 63 47.33 -29.36 1.77
CA PRO I 63 46.66 -30.65 1.63
C PRO I 63 47.55 -31.78 1.11
N ALA I 64 48.34 -31.58 0.05
CA ALA I 64 49.25 -32.59 -0.47
C ALA I 64 50.37 -33.01 0.50
N GLY I 65 50.80 -32.13 1.40
CA GLY I 65 51.67 -32.52 2.52
C GLY I 65 50.92 -33.21 3.65
N GLY I 66 49.61 -32.94 3.78
CA GLY I 66 48.75 -33.55 4.79
C GLY I 66 48.27 -34.95 4.45
N MET I 67 48.32 -35.37 3.18
CA MET I 67 47.79 -36.67 2.72
C MET I 67 48.31 -37.89 3.49
N ARG I 68 49.52 -37.84 4.07
CA ARG I 68 50.06 -38.94 4.87
C ARG I 68 49.34 -39.15 6.22
N PHE I 69 48.58 -38.18 6.68
CA PHE I 69 47.84 -38.25 7.95
C PHE I 69 46.34 -38.44 7.76
N VAL I 70 45.79 -38.19 6.57
CA VAL I 70 44.34 -38.21 6.32
C VAL I 70 43.74 -39.60 6.58
N GLN I 71 44.31 -40.67 6.02
CA GLN I 71 43.86 -42.04 6.30
C GLN I 71 44.08 -42.43 7.77
N ARG I 72 45.21 -42.05 8.38
CA ARG I 72 45.47 -42.32 9.81
C ARG I 72 44.48 -41.60 10.72
N ASN I 73 44.08 -40.40 10.35
CA ASN I 73 43.07 -39.66 11.12
C ASN I 73 41.67 -40.21 10.94
N PHE I 74 41.32 -40.62 9.73
CA PHE I 74 40.03 -41.25 9.45
C PHE I 74 39.91 -42.62 10.15
N ASP I 75 40.93 -43.47 10.01
CA ASP I 75 41.01 -44.80 10.62
C ASP I 75 41.10 -44.77 12.15
N ASN I 76 41.57 -43.69 12.77
CA ASN I 76 41.56 -43.50 14.24
C ASN I 76 40.48 -42.54 14.77
N ALA I 77 39.59 -42.05 13.93
CA ALA I 77 38.43 -41.28 14.35
C ALA I 77 37.42 -42.17 15.07
N LEU I 78 36.84 -41.65 16.14
CA LEU I 78 36.04 -42.37 17.12
C LEU I 78 34.56 -42.39 16.72
N GLU I 79 34.03 -43.53 16.27
CA GLU I 79 32.59 -43.71 16.10
C GLU I 79 31.89 -43.67 17.47
N VAL I 80 30.79 -42.94 17.57
CA VAL I 80 30.04 -42.84 18.82
C VAL I 80 29.17 -44.10 19.03
N GLY I 81 29.37 -44.80 20.16
CA GLY I 81 28.73 -46.08 20.45
C GLY I 81 29.47 -47.34 19.95
N SER I 82 30.64 -47.18 19.33
CA SER I 82 31.58 -48.26 19.03
C SER I 82 32.35 -48.74 20.28
N GLU I 83 33.05 -49.88 20.22
CA GLU I 83 33.75 -50.45 21.38
C GLU I 83 34.72 -49.49 22.09
N PRO I 84 35.61 -48.72 21.40
CA PRO I 84 36.50 -47.78 22.08
C PRO I 84 35.78 -46.58 22.69
N PHE I 85 34.56 -46.26 22.26
CA PHE I 85 33.70 -45.29 22.91
C PHE I 85 33.09 -45.88 24.17
N GLU I 86 32.52 -47.10 24.07
CA GLU I 86 31.96 -47.80 25.22
C GLU I 86 33.02 -48.07 26.30
N ARG I 87 34.30 -48.21 25.93
CA ARG I 87 35.42 -48.27 26.87
C ARG I 87 35.52 -47.01 27.74
N LEU I 88 35.34 -45.81 27.15
CA LEU I 88 35.33 -44.53 27.88
C LEU I 88 34.05 -44.37 28.71
N CYS I 89 32.94 -44.78 28.13
CA CYS I 89 31.61 -44.80 28.72
C CYS I 89 31.57 -45.64 30.01
N ARG I 90 32.14 -46.84 29.95
CA ARG I 90 32.33 -47.73 31.10
C ARG I 90 33.31 -47.15 32.13
N ALA I 91 34.41 -46.51 31.72
CA ALA I 91 35.33 -45.85 32.63
C ALA I 91 34.74 -44.69 33.43
N ALA I 92 33.68 -44.04 32.93
CA ALA I 92 32.95 -42.99 33.62
C ALA I 92 32.10 -43.56 34.78
N ALA I 93 31.29 -44.59 34.50
CA ALA I 93 30.60 -45.38 35.52
C ALA I 93 31.52 -46.03 36.54
N GLN I 94 32.61 -46.66 36.08
CA GLN I 94 33.60 -47.38 36.88
C GLN I 94 34.20 -46.49 37.96
N HIS I 95 34.34 -45.18 37.70
CA HIS I 95 34.90 -44.23 38.65
C HIS I 95 33.90 -43.20 39.23
N LYS I 96 32.62 -43.26 38.87
CA LYS I 96 31.57 -42.31 39.29
C LYS I 96 32.03 -40.87 39.01
N ILE I 97 32.32 -40.58 37.73
CA ILE I 97 32.68 -39.23 37.26
C ILE I 97 31.99 -38.89 35.94
N TYR I 98 31.46 -37.68 35.79
CA TYR I 98 31.03 -37.17 34.49
C TYR I 98 32.25 -36.94 33.61
N VAL I 99 32.24 -37.44 32.39
CA VAL I 99 33.34 -37.25 31.43
C VAL I 99 32.84 -36.43 30.27
N VAL I 100 33.44 -35.30 30.01
CA VAL I 100 33.23 -34.51 28.80
C VAL I 100 34.38 -34.75 27.87
N LEU I 101 34.23 -35.69 26.94
CA LEU I 101 35.24 -35.96 25.92
C LEU I 101 35.26 -34.86 24.86
N GLY I 102 36.41 -34.66 24.20
CA GLY I 102 36.48 -34.03 22.90
C GLY I 102 37.30 -34.91 21.95
N PHE I 103 36.78 -35.15 20.75
CA PHE I 103 37.29 -36.18 19.84
C PHE I 103 36.93 -35.88 18.39
N THR I 104 37.67 -36.46 17.45
CA THR I 104 37.33 -36.53 16.03
C THR I 104 36.30 -37.64 15.87
N GLU I 105 35.01 -37.31 15.80
CA GLU I 105 33.98 -38.29 15.45
C GLU I 105 34.12 -38.68 13.98
N ARG I 106 33.73 -39.92 13.61
CA ARG I 106 33.48 -40.33 12.23
C ARG I 106 32.07 -40.88 12.11
N SER I 107 31.24 -40.27 11.28
CA SER I 107 29.87 -40.73 11.03
C SER I 107 29.70 -40.88 9.54
N GLY I 108 29.50 -42.13 9.11
CA GLY I 108 29.56 -42.50 7.70
C GLY I 108 30.89 -42.07 7.11
N GLY I 109 30.82 -41.31 6.03
CA GLY I 109 32.01 -40.84 5.31
C GLY I 109 32.70 -39.58 5.81
N THR I 110 32.19 -38.92 6.85
CA THR I 110 32.67 -37.58 7.25
C THR I 110 33.13 -37.57 8.70
N LEU I 111 34.21 -36.84 8.93
CA LEU I 111 34.64 -36.50 10.28
C LEU I 111 33.84 -35.31 10.81
N TYR I 112 33.74 -35.25 12.11
CA TYR I 112 33.18 -34.12 12.86
C TYR I 112 34.05 -33.82 14.07
N LEU I 113 34.10 -32.56 14.43
CA LEU I 113 34.81 -32.10 15.59
C LEU I 113 33.83 -32.18 16.74
N ALA I 114 33.97 -33.15 17.63
CA ALA I 114 32.86 -33.61 18.44
C ALA I 114 33.18 -33.66 19.94
N GLN I 115 32.14 -33.65 20.75
CA GLN I 115 32.19 -33.68 22.20
C GLN I 115 31.08 -34.59 22.69
N ALA I 116 31.29 -35.24 23.82
CA ALA I 116 30.25 -36.05 24.42
C ALA I 116 30.30 -35.98 25.93
N ILE I 117 29.16 -35.69 26.56
CA ILE I 117 28.98 -35.68 28.00
C ILE I 117 28.49 -37.06 28.39
N ILE I 118 29.32 -37.80 29.10
CA ILE I 118 29.02 -39.10 29.67
C ILE I 118 28.68 -38.88 31.14
N ASP I 119 27.59 -39.47 31.55
CA ASP I 119 27.01 -39.41 32.90
C ASP I 119 27.86 -40.15 33.93
N ASP I 120 27.60 -39.86 35.20
CA ASP I 120 28.11 -40.60 36.37
C ASP I 120 27.79 -42.10 36.34
N CYS I 121 26.70 -42.49 35.69
CA CYS I 121 26.29 -43.88 35.51
C CYS I 121 26.67 -44.44 34.12
N GLY I 122 27.65 -43.83 33.46
CA GLY I 122 28.35 -44.41 32.29
C GLY I 122 27.49 -44.57 31.05
N ARG I 123 26.80 -43.50 30.68
CA ARG I 123 25.89 -43.38 29.54
C ARG I 123 25.88 -41.96 29.01
N VAL I 124 25.49 -41.78 27.76
CA VAL I 124 25.61 -40.46 27.12
C VAL I 124 24.47 -39.56 27.53
N VAL I 125 24.78 -38.48 28.23
CA VAL I 125 23.89 -37.32 28.38
C VAL I 125 23.77 -36.60 27.05
N ALA I 126 24.88 -36.42 26.34
CA ALA I 126 24.93 -35.84 25.01
C ALA I 126 26.09 -36.33 24.18
N THR I 127 25.90 -36.33 22.87
CA THR I 127 26.95 -36.40 21.87
C THR I 127 26.69 -35.30 20.85
N ARG I 128 27.71 -34.58 20.45
CA ARG I 128 27.57 -33.19 20.05
C ARG I 128 28.68 -32.78 19.10
N ARG I 129 28.35 -32.17 17.96
CA ARG I 129 29.29 -31.81 16.90
C ARG I 129 29.41 -30.30 16.77
N LYS I 130 30.61 -29.79 16.57
CA LYS I 130 30.88 -28.35 16.35
C LYS I 130 30.06 -27.78 15.19
N LEU I 131 29.35 -26.66 15.37
CA LEU I 131 28.43 -26.11 14.36
C LEU I 131 29.13 -25.67 13.09
N LYS I 132 30.34 -25.16 13.22
CA LYS I 132 31.17 -24.68 12.12
C LYS I 132 32.62 -24.87 12.54
N PRO I 133 33.40 -25.70 11.87
CA PRO I 133 34.83 -25.72 12.08
C PRO I 133 35.47 -24.38 11.75
N THR I 134 36.58 -24.07 12.40
CA THR I 134 37.36 -22.85 12.11
C THR I 134 37.97 -22.94 10.72
N HIS I 135 38.42 -21.84 10.12
CA HIS I 135 38.63 -21.73 8.69
C HIS I 135 39.36 -22.90 7.99
N VAL I 136 40.51 -23.36 8.48
CA VAL I 136 41.20 -24.49 7.86
C VAL I 136 40.85 -25.84 8.49
N GLU I 137 40.24 -25.87 9.68
CA GLU I 137 39.62 -27.09 10.23
C GLU I 137 38.50 -27.60 9.30
N ARG I 138 37.87 -26.72 8.53
CA ARG I 138 36.87 -27.08 7.51
C ARG I 138 37.40 -27.98 6.40
N SER I 139 38.72 -28.11 6.28
CA SER I 139 39.40 -29.02 5.36
C SER I 139 39.53 -30.43 5.91
N VAL I 140 39.01 -30.69 7.11
CA VAL I 140 39.00 -31.98 7.79
C VAL I 140 37.60 -32.36 8.21
N TYR I 141 36.76 -31.41 8.60
CA TYR I 141 35.50 -31.64 9.32
C TYR I 141 34.26 -31.12 8.62
N GLY I 142 33.13 -31.76 8.90
CA GLY I 142 31.79 -31.27 8.61
C GLY I 142 31.20 -30.42 9.72
N GLU I 143 30.08 -29.76 9.42
CA GLU I 143 29.32 -28.93 10.35
C GLU I 143 28.31 -29.73 11.17
N GLY I 144 28.10 -29.36 12.43
CA GLY I 144 26.99 -29.80 13.27
C GLY I 144 25.65 -29.19 12.85
N ASP I 145 24.74 -28.90 13.77
CA ASP I 145 23.51 -28.15 13.54
C ASP I 145 22.97 -27.58 14.87
N GLY I 146 21.74 -27.07 14.91
CA GLY I 146 21.20 -26.49 16.14
C GLY I 146 20.97 -27.49 17.27
N SER I 147 20.96 -28.79 17.02
CA SER I 147 20.86 -29.80 18.06
C SER I 147 22.17 -29.96 18.86
N ASP I 148 23.23 -29.29 18.43
CA ASP I 148 24.54 -29.23 19.07
C ASP I 148 24.74 -27.98 19.94
N LEU I 149 23.73 -27.12 20.05
CA LEU I 149 23.63 -25.98 20.96
C LEU I 149 22.72 -26.35 22.14
N ALA I 150 23.04 -27.43 22.84
CA ALA I 150 22.21 -27.97 23.90
C ALA I 150 22.90 -27.95 25.26
N VAL I 151 22.12 -27.66 26.30
CA VAL I 151 22.49 -27.63 27.72
C VAL I 151 21.60 -28.60 28.47
N HIS I 152 22.15 -29.41 29.36
CA HIS I 152 21.53 -30.59 29.94
C HIS I 152 21.39 -30.47 31.44
N ASP I 153 20.23 -30.78 32.02
CA ASP I 153 20.19 -31.04 33.47
C ASP I 153 20.92 -32.35 33.77
N THR I 154 21.64 -32.38 34.88
CA THR I 154 22.47 -33.49 35.33
C THR I 154 22.44 -33.55 36.86
N THR I 155 23.18 -34.49 37.45
CA THR I 155 23.50 -34.47 38.88
C THR I 155 24.30 -33.21 39.25
N LEU I 156 24.88 -32.53 38.28
CA LEU I 156 25.81 -31.41 38.41
C LEU I 156 25.22 -30.06 38.02
N GLY I 157 23.90 -29.94 37.90
CA GLY I 157 23.23 -28.72 37.41
C GLY I 157 23.18 -28.65 35.88
N ARG I 158 22.78 -27.50 35.35
CA ARG I 158 22.66 -27.28 33.89
C ARG I 158 24.06 -27.27 33.28
N LEU I 159 24.41 -28.31 32.54
CA LEU I 159 25.74 -28.57 32.02
C LEU I 159 25.79 -28.49 30.50
N GLY I 160 26.81 -27.86 29.92
CA GLY I 160 26.88 -27.68 28.46
C GLY I 160 28.29 -27.68 27.93
N ALA I 161 28.46 -27.83 26.61
CA ALA I 161 29.76 -27.72 25.97
C ALA I 161 29.71 -27.09 24.57
N LEU I 162 30.74 -26.34 24.25
CA LEU I 162 31.11 -25.75 22.96
C LEU I 162 32.62 -26.01 22.77
N CYS I 163 33.20 -25.86 21.58
CA CYS I 163 34.64 -26.01 21.40
C CYS I 163 35.29 -24.94 20.52
N CYS I 164 36.57 -24.70 20.82
CA CYS I 164 37.38 -23.52 20.55
C CYS I 164 36.64 -22.29 19.99
N ALA I 165 36.65 -22.07 18.69
CA ALA I 165 36.12 -20.84 18.13
C ALA I 165 34.57 -20.75 18.15
N GLU I 166 33.83 -21.62 18.83
CA GLU I 166 32.42 -21.37 19.19
C GLU I 166 32.26 -20.42 20.38
N HIS I 167 33.32 -20.09 21.13
CA HIS I 167 33.30 -19.01 22.14
C HIS I 167 33.37 -17.60 21.53
N ILE I 168 33.69 -17.54 20.25
CA ILE I 168 33.89 -16.37 19.39
C ILE I 168 32.65 -16.08 18.55
N GLN I 169 31.50 -16.71 18.86
CA GLN I 169 30.29 -16.69 18.04
C GLN I 169 29.09 -16.22 18.87
N PRO I 170 28.79 -14.91 18.94
CA PRO I 170 27.88 -14.35 19.93
C PRO I 170 26.49 -14.97 19.95
N LEU I 171 25.90 -15.29 18.80
CA LEU I 171 24.61 -15.98 18.76
C LEU I 171 24.71 -17.44 19.23
N SER I 172 25.82 -18.11 18.96
CA SER I 172 26.02 -19.50 19.36
C SER I 172 26.13 -19.65 20.85
N LYS I 173 26.65 -18.64 21.55
CA LYS I 173 26.69 -18.60 23.00
C LYS I 173 25.52 -17.93 23.65
N TYR I 174 24.81 -17.01 23.00
CA TYR I 174 23.47 -16.67 23.44
C TYR I 174 22.50 -17.84 23.41
N ALA I 175 22.57 -18.71 22.39
CA ALA I 175 21.80 -19.94 22.39
C ALA I 175 22.07 -20.82 23.63
N MET I 176 23.31 -20.86 24.13
CA MET I 176 23.67 -21.57 25.36
C MET I 176 23.18 -20.84 26.62
N TYR I 177 23.36 -19.53 26.71
CA TYR I 177 22.88 -18.73 27.83
C TYR I 177 21.37 -18.76 27.96
N ALA I 178 20.64 -18.81 26.85
CA ALA I 178 19.19 -18.90 26.82
C ALA I 178 18.63 -20.15 27.48
N GLN I 179 19.45 -21.19 27.64
CA GLN I 179 19.13 -22.41 28.35
C GLN I 179 19.56 -22.39 29.82
N HIS I 180 19.97 -21.25 30.36
CA HIS I 180 20.25 -21.02 31.79
C HIS I 180 21.35 -21.89 32.36
N GLU I 181 22.33 -22.24 31.52
CA GLU I 181 23.54 -22.98 31.82
C GLU I 181 24.29 -22.52 33.08
N GLN I 182 24.76 -23.48 33.86
CA GLN I 182 25.43 -23.29 35.14
C GLN I 182 26.91 -23.71 35.08
N VAL I 183 27.24 -24.75 34.33
CA VAL I 183 28.62 -25.19 34.12
C VAL I 183 28.84 -25.47 32.64
N HIS I 184 29.98 -25.03 32.14
CA HIS I 184 30.34 -25.05 30.75
C HIS I 184 31.69 -25.74 30.58
N ILE I 185 31.83 -26.49 29.51
CA ILE I 185 33.11 -27.04 29.06
C ILE I 185 33.46 -26.36 27.74
N ALA I 186 34.53 -25.60 27.79
CA ALA I 186 35.11 -24.86 26.68
C ALA I 186 36.33 -25.62 26.18
N ALA I 187 36.18 -26.62 25.35
CA ALA I 187 37.31 -27.43 24.93
C ALA I 187 38.21 -26.71 23.92
N TRP I 188 39.53 -26.70 24.14
CA TRP I 188 40.52 -26.07 23.26
C TRP I 188 41.58 -27.07 22.79
N PRO I 189 42.17 -26.90 21.61
CA PRO I 189 43.43 -27.52 21.27
C PRO I 189 44.57 -26.66 21.80
N SER I 190 45.79 -27.20 21.82
CA SER I 190 46.96 -26.51 22.35
C SER I 190 47.29 -25.21 21.62
N PHE I 191 47.58 -24.16 22.38
CA PHE I 191 47.93 -22.84 21.86
C PHE I 191 49.43 -22.66 21.61
N SER I 192 50.05 -23.52 20.82
CA SER I 192 51.46 -23.39 20.37
C SER I 192 51.61 -23.28 18.87
N VAL I 193 50.52 -23.25 18.12
CA VAL I 193 50.51 -22.95 16.70
C VAL I 193 50.69 -21.46 16.45
N TYR I 194 51.61 -21.11 15.54
CA TYR I 194 51.91 -19.74 15.10
C TYR I 194 52.24 -18.77 16.24
N ARG I 195 53.04 -19.20 17.23
CA ARG I 195 53.43 -18.39 18.38
C ARG I 195 53.96 -17.01 17.94
N GLY I 196 53.40 -15.94 18.52
CA GLY I 196 53.68 -14.55 18.16
C GLY I 196 53.02 -14.12 16.84
N ALA I 197 53.10 -14.94 15.80
CA ALA I 197 52.74 -14.60 14.43
C ALA I 197 51.22 -14.60 14.08
N ALA I 198 50.34 -15.18 14.90
CA ALA I 198 48.88 -15.04 14.74
C ALA I 198 48.17 -15.05 16.10
N PHE I 199 47.68 -13.90 16.53
CA PHE I 199 47.10 -13.72 17.86
C PHE I 199 45.77 -14.44 18.03
N GLN I 200 44.99 -14.60 16.96
CA GLN I 200 43.72 -15.31 17.04
C GLN I 200 43.88 -16.76 17.52
N LEU I 201 45.01 -17.39 17.23
CA LEU I 201 45.33 -18.76 17.65
C LEU I 201 46.02 -18.84 19.00
N SER I 202 46.28 -17.71 19.67
CA SER I 202 47.13 -17.61 20.86
C SER I 202 46.44 -18.00 22.17
N ALA I 203 47.25 -18.24 23.20
CA ALA I 203 46.73 -18.47 24.55
C ALA I 203 45.96 -17.26 25.09
N GLN I 204 46.52 -16.05 24.95
CA GLN I 204 45.95 -14.78 25.38
C GLN I 204 44.59 -14.48 24.72
N ALA I 205 44.41 -14.76 23.43
CA ALA I 205 43.12 -14.51 22.79
C ALA I 205 42.02 -15.45 23.31
N ASN I 206 42.35 -16.71 23.56
CA ASN I 206 41.35 -17.76 23.78
C ASN I 206 41.15 -18.08 25.26
N ASN I 207 42.11 -17.76 26.12
CA ASN I 207 41.89 -17.67 27.55
C ASN I 207 40.96 -16.51 27.86
N ALA I 208 41.09 -15.38 27.16
CA ALA I 208 40.13 -14.29 27.24
C ALA I 208 38.76 -14.67 26.69
N ALA I 209 38.66 -15.39 25.59
CA ALA I 209 37.39 -15.89 25.08
C ALA I 209 36.65 -16.80 26.06
N SER I 210 37.38 -17.66 26.78
CA SER I 210 36.83 -18.50 27.84
C SER I 210 36.46 -17.73 29.10
N GLN I 211 37.29 -16.78 29.51
CA GLN I 211 37.01 -15.89 30.61
C GLN I 211 35.76 -15.08 30.36
N VAL I 212 35.66 -14.51 29.17
CA VAL I 212 34.51 -13.70 28.75
C VAL I 212 33.27 -14.57 28.52
N TYR I 213 33.38 -15.82 28.11
CA TYR I 213 32.23 -16.72 28.15
C TYR I 213 31.68 -16.89 29.57
N ALA I 214 32.55 -17.12 30.56
CA ALA I 214 32.17 -17.27 31.96
C ALA I 214 31.53 -15.98 32.53
N LEU I 215 32.13 -14.85 32.19
CA LEU I 215 31.71 -13.51 32.56
C LEU I 215 30.39 -13.04 31.91
N GLU I 216 30.16 -13.36 30.64
CA GLU I 216 28.92 -13.11 29.92
C GLU I 216 27.78 -14.05 30.36
N GLY I 217 28.07 -15.32 30.61
CA GLY I 217 27.09 -16.36 30.88
C GLY I 217 26.70 -16.57 32.32
N GLN I 218 27.58 -16.18 33.26
CA GLN I 218 27.53 -16.51 34.68
C GLN I 218 27.38 -18.00 34.88
N CYS I 219 28.39 -18.71 34.41
CA CYS I 219 28.56 -20.14 34.56
C CYS I 219 30.02 -20.45 34.81
N PHE I 220 30.33 -21.57 35.45
CA PHE I 220 31.70 -22.02 35.61
C PHE I 220 32.21 -22.56 34.30
N VAL I 221 33.29 -22.02 33.74
CA VAL I 221 33.88 -22.51 32.48
C VAL I 221 35.11 -23.35 32.82
N LEU I 222 35.03 -24.66 32.65
CA LEU I 222 36.22 -25.49 32.55
C LEU I 222 36.77 -25.36 31.15
N ALA I 223 38.01 -24.93 30.98
CA ALA I 223 38.65 -24.81 29.69
C ALA I 223 39.86 -25.73 29.59
N PRO I 224 39.67 -27.04 29.39
CA PRO I 224 40.77 -27.96 29.12
C PRO I 224 41.40 -27.63 27.79
N CYS I 225 42.66 -27.98 27.68
CA CYS I 225 43.49 -27.55 26.57
C CYS I 225 44.51 -28.63 26.35
N ALA I 226 44.68 -29.11 25.13
CA ALA I 226 45.71 -30.08 24.82
C ALA I 226 47.08 -29.47 25.07
N THR I 227 48.13 -30.27 24.93
CA THR I 227 49.50 -29.78 24.78
C THR I 227 50.19 -30.59 23.70
N VAL I 228 51.11 -29.97 22.96
CA VAL I 228 52.01 -30.65 22.05
C VAL I 228 53.24 -31.16 22.80
N SER I 229 53.84 -32.27 22.38
CA SER I 229 54.98 -32.89 23.03
C SER I 229 56.07 -33.32 22.03
N LYS I 230 57.31 -33.57 22.47
CA LYS I 230 58.42 -34.01 21.61
C LYS I 230 58.00 -35.15 20.69
N GLU I 231 57.42 -36.20 21.25
CA GLU I 231 56.96 -37.38 20.51
C GLU I 231 55.85 -37.09 19.50
N MET I 232 55.10 -36.01 19.68
CA MET I 232 54.12 -35.52 18.71
C MET I 232 54.76 -34.72 17.58
N LEU I 233 55.75 -33.88 17.87
CA LEU I 233 56.49 -33.11 16.88
C LEU I 233 57.40 -33.96 16.00
N ASP I 234 57.99 -35.04 16.53
CA ASP I 234 58.84 -35.96 15.73
C ASP I 234 58.12 -36.59 14.54
N GLU I 235 56.79 -36.66 14.60
CA GLU I 235 55.90 -37.22 13.60
C GLU I 235 55.36 -36.19 12.59
N LEU I 236 55.46 -34.91 12.95
CA LEU I 236 54.61 -33.83 12.49
C LEU I 236 55.43 -32.61 12.00
N ILE I 237 56.70 -32.56 12.35
CA ILE I 237 57.75 -31.66 11.85
C ILE I 237 58.83 -32.52 11.19
N ASP I 238 59.19 -32.15 9.97
CA ASP I 238 60.21 -32.79 9.11
C ASP I 238 61.35 -31.83 8.77
N SER I 239 61.17 -30.54 9.07
CA SER I 239 62.02 -29.42 8.65
C SER I 239 61.74 -28.16 9.49
N PRO I 240 62.70 -27.24 9.69
CA PRO I 240 62.46 -25.90 10.21
C PRO I 240 61.44 -24.87 9.68
N ALA I 241 61.04 -24.93 8.40
CA ALA I 241 59.94 -24.10 7.88
C ALA I 241 58.59 -24.47 8.52
N LYS I 242 58.47 -25.72 8.99
CA LYS I 242 57.43 -26.16 9.92
C LYS I 242 57.84 -26.06 11.38
N ALA I 243 59.11 -26.25 11.73
CA ALA I 243 59.56 -26.24 13.12
C ALA I 243 59.20 -24.95 13.88
N GLU I 244 59.23 -23.81 13.20
CA GLU I 244 58.84 -22.53 13.78
C GLU I 244 57.30 -22.35 13.91
N LEU I 245 56.49 -23.13 13.20
CA LEU I 245 55.02 -22.98 13.15
C LEU I 245 54.25 -23.70 14.25
N LEU I 246 54.81 -24.72 14.90
CA LEU I 246 54.16 -25.42 16.02
C LEU I 246 55.20 -25.76 17.09
N LEU I 247 55.19 -25.01 18.18
CA LEU I 247 56.16 -25.22 19.27
C LEU I 247 55.69 -26.36 20.18
N GLU I 248 56.58 -26.98 20.95
CA GLU I 248 56.15 -27.87 22.06
C GLU I 248 55.44 -27.05 23.14
N GLY I 249 54.44 -27.63 23.83
CA GLY I 249 53.73 -26.98 24.91
C GLY I 249 52.37 -26.52 24.45
N GLY I 250 52.07 -25.23 24.58
CA GLY I 250 50.74 -24.72 24.27
C GLY I 250 49.64 -25.12 25.25
N GLY I 251 49.94 -25.76 26.37
CA GLY I 251 48.94 -26.07 27.38
C GLY I 251 48.61 -24.84 28.23
N PHE I 252 47.47 -24.21 27.97
CA PHE I 252 46.96 -23.10 28.76
C PHE I 252 45.53 -23.38 29.17
N ALA I 253 45.34 -24.52 29.81
CA ALA I 253 44.07 -24.84 30.44
C ALA I 253 43.83 -23.87 31.58
N MET I 254 42.54 -23.59 31.85
CA MET I 254 42.06 -22.70 32.90
C MET I 254 40.72 -23.21 33.42
N ILE I 255 40.32 -22.77 34.59
CA ILE I 255 38.93 -22.92 35.06
C ILE I 255 38.49 -21.58 35.60
N TYR I 256 37.29 -21.12 35.27
CA TYR I 256 36.77 -19.80 35.63
C TYR I 256 35.50 -19.88 36.46
N GLY I 257 35.32 -18.96 37.39
CA GLY I 257 34.07 -18.77 38.14
C GLY I 257 33.02 -18.04 37.33
N PRO I 258 31.76 -17.97 37.80
CA PRO I 258 30.69 -17.27 37.10
C PRO I 258 30.88 -15.74 37.02
N ASP I 259 31.85 -15.20 37.75
CA ASP I 259 32.28 -13.82 37.74
C ASP I 259 33.45 -13.58 36.76
N GLY I 260 33.94 -14.61 36.06
CA GLY I 260 35.10 -14.58 35.21
C GLY I 260 36.45 -14.77 35.90
N ALA I 261 36.50 -14.87 37.23
CA ALA I 261 37.77 -15.00 37.93
C ALA I 261 38.40 -16.39 37.76
N PRO I 262 39.71 -16.52 37.55
CA PRO I 262 40.35 -17.82 37.43
C PRO I 262 40.38 -18.58 38.76
N LEU I 263 39.73 -19.73 38.80
CA LEU I 263 39.68 -20.63 39.94
C LEU I 263 40.85 -21.62 40.00
N CYS I 264 41.52 -21.86 38.88
CA CYS I 264 42.63 -22.81 38.79
C CYS I 264 43.94 -22.24 39.35
N THR I 265 44.69 -23.07 40.07
CA THR I 265 46.14 -22.88 40.29
C THR I 265 46.90 -23.13 38.97
N PRO I 266 47.90 -22.32 38.59
CA PRO I 266 48.54 -22.49 37.29
C PRO I 266 49.40 -23.76 37.15
N LEU I 267 49.46 -24.28 35.93
CA LEU I 267 50.48 -25.20 35.40
C LEU I 267 51.49 -24.40 34.57
N ALA I 268 52.60 -25.01 34.17
CA ALA I 268 53.48 -24.48 33.14
C ALA I 268 53.01 -24.89 31.72
N GLU I 269 53.49 -24.18 30.70
CA GLU I 269 52.96 -24.31 29.33
C GLU I 269 53.13 -25.71 28.74
N THR I 270 54.28 -26.33 28.99
CA THR I 270 54.63 -27.67 28.54
C THR I 270 54.24 -28.76 29.53
N GLU I 271 53.78 -28.40 30.72
CA GLU I 271 53.47 -29.35 31.79
C GLU I 271 52.20 -30.15 31.49
N GLU I 272 52.21 -31.46 31.67
CA GLU I 272 50.95 -32.20 31.78
C GLU I 272 50.42 -32.12 33.21
N GLY I 273 49.13 -32.02 33.37
CA GLY I 273 48.47 -32.06 34.66
C GLY I 273 46.97 -32.14 34.53
N ILE I 274 46.28 -32.07 35.64
CA ILE I 274 44.85 -31.82 35.70
C ILE I 274 44.64 -30.66 36.66
N LEU I 275 43.95 -29.61 36.22
CA LEU I 275 43.56 -28.49 37.04
C LEU I 275 42.32 -28.89 37.83
N TYR I 276 42.27 -28.57 39.12
CA TYR I 276 41.13 -28.85 40.00
C TYR I 276 40.57 -27.56 40.61
N ALA I 277 39.25 -27.46 40.70
CA ALA I 277 38.56 -26.32 41.31
C ALA I 277 37.29 -26.72 42.07
N ASP I 278 37.12 -26.15 43.26
CA ASP I 278 35.91 -26.32 44.07
C ASP I 278 34.79 -25.46 43.45
N ILE I 279 33.78 -26.08 42.87
CA ILE I 279 32.64 -25.41 42.22
C ILE I 279 31.48 -25.31 43.21
N ASP I 280 30.80 -24.19 43.24
CA ASP I 280 29.61 -23.95 44.04
C ASP I 280 28.55 -23.23 43.21
N LEU I 281 27.55 -23.98 42.75
CA LEU I 281 26.47 -23.45 41.91
C LEU I 281 25.63 -22.38 42.60
N GLY I 282 25.70 -22.27 43.92
CA GLY I 282 25.10 -21.17 44.66
C GLY I 282 25.70 -19.81 44.31
N VAL I 283 26.98 -19.73 43.92
CA VAL I 283 27.67 -18.48 43.60
C VAL I 283 27.11 -17.82 42.34
N ILE I 284 26.50 -18.59 41.43
CA ILE I 284 25.88 -18.06 40.23
C ILE I 284 24.79 -17.05 40.54
N GLY I 285 24.10 -17.15 41.69
CA GLY I 285 23.13 -16.14 42.10
C GLY I 285 23.75 -14.78 42.41
N VAL I 286 25.01 -14.75 42.89
CA VAL I 286 25.74 -13.52 43.20
C VAL I 286 26.26 -12.86 41.94
N ALA I 287 26.90 -13.65 41.08
CA ALA I 287 27.39 -13.19 39.79
C ALA I 287 26.29 -12.68 38.86
N LYS I 288 25.10 -13.26 38.95
CA LYS I 288 23.91 -12.79 38.24
C LYS I 288 23.23 -11.57 38.85
N ALA I 289 23.73 -11.00 39.93
CA ALA I 289 23.32 -9.66 40.32
C ALA I 289 23.81 -8.64 39.28
N ALA I 290 25.06 -8.73 38.86
CA ALA I 290 25.62 -7.77 37.93
C ALA I 290 25.05 -7.91 36.52
N TYR I 291 25.12 -9.11 35.95
CA TYR I 291 24.85 -9.38 34.54
C TYR I 291 23.92 -10.58 34.41
N ASP I 292 22.99 -10.59 33.47
CA ASP I 292 22.26 -11.78 33.08
C ASP I 292 21.72 -11.60 31.65
N PRO I 293 22.38 -12.10 30.60
CA PRO I 293 22.09 -11.72 29.22
C PRO I 293 20.71 -12.19 28.74
N VAL I 294 20.06 -13.10 29.47
CA VAL I 294 18.76 -13.68 29.15
C VAL I 294 17.71 -13.37 30.21
N GLY I 295 18.01 -12.45 31.12
CA GLY I 295 17.16 -12.04 32.22
C GLY I 295 17.14 -10.54 32.36
N HIS I 296 17.43 -10.02 33.54
CA HIS I 296 17.31 -8.60 33.85
C HIS I 296 18.17 -7.71 32.97
N TYR I 297 19.27 -8.22 32.42
CA TYR I 297 20.15 -7.42 31.57
C TYR I 297 19.80 -7.48 30.08
N SER I 298 18.83 -8.29 29.69
CA SER I 298 18.35 -8.38 28.30
C SER I 298 17.36 -7.28 27.94
N ARG I 299 17.13 -7.09 26.64
CA ARG I 299 16.06 -6.24 26.12
C ARG I 299 15.30 -6.90 24.97
N PRO I 300 14.34 -7.78 25.26
CA PRO I 300 13.66 -8.57 24.23
C PRO I 300 12.69 -7.77 23.35
N ASP I 301 12.48 -6.50 23.63
CA ASP I 301 11.81 -5.54 22.76
C ASP I 301 12.72 -4.92 21.68
N VAL I 302 14.03 -5.02 21.86
CA VAL I 302 15.05 -4.57 20.90
C VAL I 302 15.70 -5.73 20.17
N LEU I 303 16.07 -6.80 20.88
CA LEU I 303 16.88 -7.91 20.37
C LEU I 303 16.33 -9.27 20.81
N ARG I 304 16.22 -10.21 19.89
CA ARG I 304 15.86 -11.62 20.18
C ARG I 304 16.68 -12.57 19.34
N LEU I 305 16.89 -13.78 19.79
CA LEU I 305 17.51 -14.83 19.01
C LEU I 305 16.44 -15.70 18.38
N LEU I 306 16.48 -15.90 17.06
CA LEU I 306 15.76 -16.96 16.36
C LEU I 306 16.70 -18.16 16.27
N VAL I 307 16.26 -19.34 16.70
CA VAL I 307 17.10 -20.55 16.62
C VAL I 307 16.35 -21.79 16.14
N ASN I 308 16.94 -22.49 15.18
CA ASN I 308 16.43 -23.75 14.64
C ASN I 308 17.17 -24.93 15.31
N ARG I 309 16.59 -25.58 16.31
CA ARG I 309 17.17 -26.72 17.04
C ARG I 309 17.11 -28.07 16.32
N GLU I 310 16.35 -28.18 15.27
CA GLU I 310 16.05 -29.47 14.65
C GLU I 310 17.31 -30.13 14.05
N PRO I 311 17.51 -31.45 14.22
CA PRO I 311 18.65 -32.14 13.64
C PRO I 311 18.53 -32.28 12.13
N MET I 312 19.62 -32.06 11.40
CA MET I 312 19.62 -31.96 9.93
C MET I 312 20.01 -33.25 9.19
N THR I 313 19.04 -34.13 9.04
CA THR I 313 19.10 -35.27 8.10
C THR I 313 19.18 -34.85 6.62
N ARG I 314 20.02 -35.52 5.84
CA ARG I 314 20.14 -35.31 4.37
C ARG I 314 19.01 -35.96 3.57
N VAL I 315 18.37 -36.97 4.13
CA VAL I 315 17.31 -37.74 3.49
C VAL I 315 16.12 -37.90 4.42
N HIS I 316 14.92 -37.76 3.86
CA HIS I 316 13.68 -38.08 4.52
C HIS I 316 13.09 -39.33 3.88
N TYR I 317 13.05 -40.40 4.66
CA TYR I 317 12.47 -41.67 4.27
C TYR I 317 10.96 -41.64 4.52
N VAL I 318 10.14 -41.75 3.48
CA VAL I 318 8.67 -41.67 3.55
C VAL I 318 8.11 -42.82 4.38
N GLN I 319 7.40 -42.53 5.48
CA GLN I 319 6.77 -43.55 6.31
C GLN I 319 5.54 -44.16 5.62
N PRO I 320 5.31 -45.49 5.69
CA PRO I 320 4.07 -46.13 5.24
C PRO I 320 2.90 -45.75 6.17
N LYS J 5 16.26 -16.27 -28.99
CA LYS J 5 17.30 -16.65 -30.01
C LYS J 5 17.77 -18.09 -29.80
N LYS J 6 17.57 -19.01 -30.76
CA LYS J 6 17.84 -20.46 -30.57
C LYS J 6 19.14 -20.97 -31.14
N GLN J 7 19.64 -20.43 -32.26
CA GLN J 7 20.96 -20.76 -32.79
C GLN J 7 21.95 -19.60 -32.55
N TYR J 8 23.08 -19.87 -31.92
CA TYR J 8 24.08 -18.85 -31.63
C TYR J 8 25.45 -19.48 -31.33
N LYS J 9 26.52 -18.74 -31.49
CA LYS J 9 27.86 -19.20 -31.09
C LYS J 9 28.07 -18.84 -29.63
N VAL J 10 28.79 -19.66 -28.90
CA VAL J 10 29.18 -19.40 -27.49
C VAL J 10 30.67 -19.55 -27.32
N ALA J 11 31.24 -18.81 -26.37
CA ALA J 11 32.66 -18.75 -26.07
C ALA J 11 32.96 -19.22 -24.65
N ALA J 12 33.87 -20.17 -24.50
CA ALA J 12 34.47 -20.52 -23.19
C ALA J 12 35.90 -20.01 -23.18
N VAL J 13 36.23 -19.13 -22.25
CA VAL J 13 37.61 -18.69 -22.06
C VAL J 13 38.47 -19.84 -21.53
N GLN J 14 39.67 -19.99 -22.10
CA GLN J 14 40.80 -20.71 -21.50
C GLN J 14 41.98 -19.74 -21.35
N ALA J 15 42.00 -18.93 -20.30
CA ALA J 15 42.98 -17.86 -20.14
C ALA J 15 43.50 -17.79 -18.71
N ALA J 16 44.76 -17.38 -18.57
CA ALA J 16 45.36 -17.21 -17.25
C ALA J 16 44.82 -15.94 -16.62
N PRO J 17 44.40 -15.94 -15.34
CA PRO J 17 44.02 -14.71 -14.67
C PRO J 17 45.22 -13.77 -14.54
N ALA J 18 45.01 -12.46 -14.57
CA ALA J 18 46.02 -11.49 -14.18
C ALA J 18 46.14 -11.52 -12.66
N PHE J 19 46.90 -12.50 -12.17
CA PHE J 19 46.79 -13.01 -10.80
C PHE J 19 47.00 -11.95 -9.72
N LEU J 20 46.00 -11.77 -8.87
CA LEU J 20 45.99 -10.89 -7.69
C LEU J 20 46.22 -9.42 -8.04
N ASP J 21 45.61 -8.95 -9.12
CA ASP J 21 45.50 -7.54 -9.48
C ASP J 21 44.19 -7.37 -10.23
N LEU J 22 43.19 -6.75 -9.58
CA LEU J 22 41.86 -6.65 -10.16
C LEU J 22 41.79 -5.70 -11.32
N GLU J 23 42.49 -4.57 -11.30
CA GLU J 23 42.47 -3.63 -12.43
C GLU J 23 43.09 -4.26 -13.70
N ALA J 24 44.11 -5.11 -13.56
CA ALA J 24 44.63 -5.91 -14.68
C ALA J 24 43.68 -7.05 -15.07
N GLY J 25 42.98 -7.64 -14.10
CA GLY J 25 41.99 -8.69 -14.36
C GLY J 25 40.82 -8.16 -15.18
N VAL J 26 40.21 -7.06 -14.73
CA VAL J 26 39.11 -6.41 -15.43
C VAL J 26 39.54 -5.94 -16.82
N ALA J 27 40.73 -5.36 -16.95
CA ALA J 27 41.24 -4.96 -18.26
C ALA J 27 41.36 -6.17 -19.20
N LYS J 28 41.89 -7.30 -18.74
CA LYS J 28 42.03 -8.52 -19.53
C LYS J 28 40.68 -9.16 -19.82
N ALA J 29 39.75 -9.14 -18.87
CA ALA J 29 38.39 -9.62 -19.08
C ALA J 29 37.68 -8.82 -20.17
N ILE J 30 37.76 -7.49 -20.17
CA ILE J 30 37.13 -6.64 -21.18
C ILE J 30 37.77 -6.87 -22.57
N GLY J 31 39.07 -7.18 -22.61
CA GLY J 31 39.74 -7.66 -23.81
C GLY J 31 39.18 -8.97 -24.35
N LEU J 32 39.01 -9.97 -23.49
CA LEU J 32 38.41 -11.27 -23.85
C LEU J 32 36.90 -11.17 -24.15
N ILE J 33 36.14 -10.30 -23.48
CA ILE J 33 34.72 -10.00 -23.78
C ILE J 33 34.62 -9.41 -25.19
N ALA J 34 35.53 -8.48 -25.56
CA ALA J 34 35.58 -7.97 -26.93
C ALA J 34 35.94 -9.05 -27.96
N GLN J 35 36.96 -9.86 -27.65
CA GLN J 35 37.45 -10.91 -28.54
C GLN J 35 36.44 -12.03 -28.78
N ALA J 36 35.59 -12.36 -27.80
CA ALA J 36 34.50 -13.30 -27.98
C ALA J 36 33.42 -12.75 -28.91
N ALA J 37 32.99 -11.50 -28.74
CA ALA J 37 32.01 -10.83 -29.59
C ALA J 37 32.53 -10.53 -31.00
N ALA J 38 33.81 -10.21 -31.15
CA ALA J 38 34.45 -10.05 -32.46
C ALA J 38 34.40 -11.35 -33.28
N GLU J 39 34.52 -12.50 -32.64
CA GLU J 39 34.30 -13.82 -33.23
C GLU J 39 32.81 -14.25 -33.28
N GLY J 40 31.88 -13.34 -32.98
CA GLY J 40 30.42 -13.53 -33.09
C GLY J 40 29.77 -14.41 -32.02
N ALA J 41 30.41 -14.64 -30.87
CA ALA J 41 29.80 -15.36 -29.75
C ALA J 41 28.74 -14.49 -29.08
N SER J 42 27.55 -15.03 -28.86
CA SER J 42 26.45 -14.34 -28.16
C SER J 42 26.57 -14.45 -26.64
N LEU J 43 27.34 -15.42 -26.13
CA LEU J 43 27.69 -15.57 -24.73
C LEU J 43 29.19 -15.84 -24.58
N VAL J 44 29.83 -15.28 -23.58
CA VAL J 44 31.17 -15.64 -23.12
C VAL J 44 31.15 -16.09 -21.67
N ALA J 45 31.81 -17.19 -21.38
CA ALA J 45 31.91 -17.76 -20.04
C ALA J 45 33.35 -17.73 -19.54
N PHE J 46 33.56 -17.29 -18.29
CA PHE J 46 34.86 -17.16 -17.67
C PHE J 46 35.11 -18.24 -16.60
N PRO J 47 36.38 -18.62 -16.37
CA PRO J 47 36.78 -19.60 -15.36
C PRO J 47 36.34 -19.26 -13.94
N GLU J 48 36.38 -20.25 -13.04
CA GLU J 48 36.07 -20.04 -11.63
C GLU J 48 37.15 -19.18 -10.95
N ALA J 49 36.72 -18.26 -10.08
CA ALA J 49 37.57 -17.29 -9.37
C ALA J 49 38.43 -16.37 -10.26
N TRP J 50 38.17 -16.26 -11.56
CA TRP J 50 39.08 -15.63 -12.53
C TRP J 50 39.43 -14.17 -12.22
N LEU J 51 38.54 -13.41 -11.59
CA LEU J 51 38.85 -12.09 -11.05
C LEU J 51 38.93 -12.16 -9.50
N PRO J 52 40.08 -11.93 -8.83
CA PRO J 52 41.38 -11.58 -9.38
C PRO J 52 42.25 -12.80 -9.76
N GLY J 53 41.74 -14.00 -9.61
CA GLY J 53 42.49 -15.24 -9.72
C GLY J 53 42.12 -16.22 -8.61
N TYR J 54 42.14 -17.48 -8.95
CA TYR J 54 41.90 -18.59 -8.02
C TYR J 54 43.01 -18.69 -6.96
N PRO J 55 42.69 -18.89 -5.67
CA PRO J 55 43.61 -18.68 -4.56
C PRO J 55 44.58 -19.85 -4.37
N TRP J 56 45.53 -20.02 -5.28
CA TRP J 56 46.38 -21.21 -5.32
C TRP J 56 47.25 -21.47 -4.10
N TRP J 57 47.53 -20.50 -3.26
CA TRP J 57 48.35 -20.74 -2.08
C TRP J 57 47.76 -21.79 -1.12
N ILE J 58 46.44 -21.93 -1.06
CA ILE J 58 45.77 -22.90 -0.19
C ILE J 58 46.12 -24.35 -0.55
N TRP J 59 46.48 -24.59 -1.81
CA TRP J 59 46.98 -25.87 -2.28
C TRP J 59 48.49 -26.04 -2.11
N LEU J 60 49.22 -24.99 -1.78
CA LEU J 60 50.67 -24.95 -1.85
C LEU J 60 51.39 -24.83 -0.49
N ASP J 61 50.71 -24.33 0.53
CA ASP J 61 51.29 -24.16 1.86
C ASP J 61 50.22 -24.19 2.97
N SER J 62 50.70 -24.20 4.21
CA SER J 62 49.96 -23.90 5.42
C SER J 62 49.25 -22.54 5.33
N PRO J 63 48.24 -22.25 6.18
CA PRO J 63 47.74 -20.90 6.34
C PRO J 63 48.85 -19.85 6.57
N ALA J 64 49.86 -20.14 7.39
CA ALA J 64 51.03 -19.25 7.58
C ALA J 64 51.79 -18.94 6.30
N GLY J 65 51.90 -19.87 5.36
CA GLY J 65 52.53 -19.61 4.07
C GLY J 65 51.61 -18.83 3.11
N GLY J 66 50.29 -19.00 3.26
CA GLY J 66 49.29 -18.24 2.52
C GLY J 66 49.11 -16.79 2.98
N MET J 67 49.55 -16.41 4.18
CA MET J 67 49.25 -15.06 4.72
C MET J 67 49.76 -13.88 3.91
N ARG J 68 50.80 -14.05 3.09
CA ARG J 68 51.27 -13.02 2.15
C ARG J 68 50.30 -12.71 0.99
N PHE J 69 49.29 -13.56 0.78
CA PHE J 69 48.28 -13.40 -0.27
C PHE J 69 46.88 -13.07 0.25
N VAL J 70 46.59 -13.15 1.54
CA VAL J 70 45.24 -12.97 2.08
C VAL J 70 44.76 -11.52 2.04
N GLN J 71 45.60 -10.52 2.35
CA GLN J 71 45.18 -9.14 2.17
C GLN J 71 45.11 -8.78 0.67
N ARG J 72 45.93 -9.40 -0.18
CA ARG J 72 45.90 -9.19 -1.62
C ARG J 72 44.66 -9.79 -2.28
N ASN J 73 44.25 -10.99 -1.85
CA ASN J 73 43.00 -11.59 -2.33
C ASN J 73 41.81 -10.74 -1.91
N PHE J 74 41.76 -10.30 -0.65
CA PHE J 74 40.70 -9.47 -0.11
C PHE J 74 40.61 -8.09 -0.75
N ASP J 75 41.74 -7.41 -0.94
CA ASP J 75 41.80 -6.05 -1.52
C ASP J 75 41.58 -6.05 -3.04
N ASN J 76 41.81 -7.18 -3.71
CA ASN J 76 41.46 -7.37 -5.13
C ASN J 76 40.21 -8.21 -5.36
N ALA J 77 39.43 -8.50 -4.33
CA ALA J 77 38.09 -9.06 -4.48
C ALA J 77 37.17 -8.07 -5.21
N LEU J 78 36.26 -8.62 -5.99
CA LEU J 78 35.34 -7.90 -6.84
C LEU J 78 33.95 -7.83 -6.19
N GLU J 79 33.69 -6.78 -5.43
CA GLU J 79 32.37 -6.52 -4.85
C GLU J 79 31.33 -6.26 -5.96
N VAL J 80 30.16 -6.90 -5.89
CA VAL J 80 29.11 -6.70 -6.92
C VAL J 80 28.57 -5.27 -6.88
N GLY J 81 28.52 -4.61 -8.05
CA GLY J 81 28.06 -3.22 -8.18
C GLY J 81 29.10 -2.16 -7.76
N SER J 82 30.33 -2.56 -7.42
CA SER J 82 31.48 -1.65 -7.30
C SER J 82 31.97 -1.21 -8.68
N GLU J 83 32.72 -0.11 -8.81
CA GLU J 83 33.11 0.42 -10.12
C GLU J 83 33.89 -0.57 -11.02
N PRO J 84 34.83 -1.41 -10.53
CA PRO J 84 35.47 -2.45 -11.31
C PRO J 84 34.49 -3.50 -11.85
N PHE J 85 33.36 -3.71 -11.20
CA PHE J 85 32.30 -4.60 -11.66
C PHE J 85 31.45 -3.89 -12.73
N GLU J 86 31.13 -2.61 -12.51
CA GLU J 86 30.36 -1.86 -13.50
C GLU J 86 31.17 -1.66 -14.80
N ARG J 87 32.50 -1.62 -14.73
CA ARG J 87 33.37 -1.69 -15.90
C ARG J 87 33.16 -2.96 -16.74
N LEU J 88 32.90 -4.11 -16.12
CA LEU J 88 32.53 -5.37 -16.78
C LEU J 88 31.06 -5.38 -17.22
N CYS J 89 30.19 -4.70 -16.49
CA CYS J 89 28.78 -4.56 -16.83
C CYS J 89 28.60 -3.72 -18.10
N ARG J 90 29.25 -2.54 -18.18
CA ARG J 90 29.36 -1.73 -19.39
C ARG J 90 30.05 -2.46 -20.52
N ALA J 91 31.04 -3.31 -20.28
CA ALA J 91 31.67 -4.09 -21.36
C ALA J 91 30.74 -5.13 -22.00
N ALA J 92 29.73 -5.66 -21.31
CA ALA J 92 28.72 -6.54 -21.90
C ALA J 92 27.76 -5.78 -22.82
N ALA J 93 27.37 -4.54 -22.48
CA ALA J 93 26.64 -3.64 -23.39
C ALA J 93 27.49 -3.15 -24.56
N GLN J 94 28.69 -2.65 -24.29
CA GLN J 94 29.65 -2.19 -25.30
C GLN J 94 29.96 -3.25 -26.38
N HIS J 95 29.81 -4.55 -26.11
CA HIS J 95 30.02 -5.62 -27.10
C HIS J 95 28.78 -6.50 -27.41
N LYS J 96 27.59 -6.20 -26.85
CA LYS J 96 26.33 -6.94 -27.08
C LYS J 96 26.51 -8.46 -27.02
N ILE J 97 27.03 -8.90 -25.88
CA ILE J 97 27.39 -10.28 -25.53
C ILE J 97 27.02 -10.54 -24.09
N TYR J 98 26.37 -11.68 -23.84
CA TYR J 98 26.12 -12.13 -22.48
C TYR J 98 27.46 -12.48 -21.84
N VAL J 99 27.78 -11.90 -20.69
CA VAL J 99 29.00 -12.24 -19.97
C VAL J 99 28.65 -13.05 -18.74
N VAL J 100 29.31 -14.20 -18.55
CA VAL J 100 29.19 -15.01 -17.34
C VAL J 100 30.54 -15.01 -16.64
N LEU J 101 30.75 -14.04 -15.75
CA LEU J 101 31.96 -13.90 -14.97
C LEU J 101 32.08 -15.00 -13.93
N GLY J 102 33.31 -15.39 -13.58
CA GLY J 102 33.65 -16.05 -12.34
C GLY J 102 34.67 -15.24 -11.57
N PHE J 103 34.48 -15.05 -10.27
CA PHE J 103 35.23 -14.08 -9.47
C PHE J 103 35.24 -14.40 -7.98
N THR J 104 36.15 -13.81 -7.21
CA THR J 104 35.97 -13.65 -5.77
C THR J 104 35.09 -12.44 -5.48
N GLU J 105 33.93 -12.63 -4.87
CA GLU J 105 33.14 -11.51 -4.32
C GLU J 105 33.64 -11.16 -2.90
N ARG J 106 33.44 -9.93 -2.44
CA ARG J 106 33.53 -9.59 -1.01
C ARG J 106 32.26 -8.94 -0.50
N SER J 107 31.87 -9.21 0.73
CA SER J 107 30.79 -8.52 1.43
C SER J 107 31.10 -8.36 2.91
N GLY J 108 31.25 -7.13 3.39
CA GLY J 108 31.80 -6.87 4.71
C GLY J 108 33.27 -7.26 4.80
N GLY J 109 33.53 -8.53 5.03
CA GLY J 109 34.87 -9.08 4.95
C GLY J 109 34.91 -10.58 4.69
N THR J 110 33.77 -11.26 4.63
CA THR J 110 33.72 -12.59 4.02
C THR J 110 33.91 -12.48 2.51
N LEU J 111 34.86 -13.24 2.00
CA LEU J 111 34.95 -13.49 0.58
C LEU J 111 33.94 -14.57 0.18
N TYR J 112 33.52 -14.60 -1.08
CA TYR J 112 32.69 -15.66 -1.62
C TYR J 112 33.21 -16.08 -2.98
N LEU J 113 33.02 -17.34 -3.34
CA LEU J 113 33.42 -17.88 -4.63
C LEU J 113 32.24 -17.73 -5.57
N ALA J 114 32.31 -16.81 -6.53
CA ALA J 114 31.14 -16.18 -7.13
C ALA J 114 31.10 -16.19 -8.65
N GLN J 115 29.92 -15.87 -9.18
CA GLN J 115 29.62 -15.75 -10.59
C GLN J 115 28.56 -14.69 -10.83
N ALA J 116 28.52 -14.13 -12.04
CA ALA J 116 27.48 -13.20 -12.45
C ALA J 116 27.18 -13.32 -13.93
N ILE J 117 25.91 -13.52 -14.26
CA ILE J 117 25.40 -13.53 -15.63
C ILE J 117 24.93 -12.12 -15.95
N ILE J 118 25.41 -11.56 -17.02
CA ILE J 118 25.17 -10.16 -17.43
C ILE J 118 24.53 -10.22 -18.82
N ASP J 119 23.42 -9.52 -19.02
CA ASP J 119 22.72 -9.35 -20.30
C ASP J 119 23.64 -8.70 -21.35
N ASP J 120 23.35 -8.93 -22.61
CA ASP J 120 23.85 -8.13 -23.73
C ASP J 120 23.32 -6.67 -23.73
N CYS J 121 22.26 -6.37 -22.98
CA CYS J 121 21.87 -5.01 -22.59
C CYS J 121 22.75 -4.44 -21.44
N GLY J 122 23.78 -5.16 -20.99
CA GLY J 122 24.72 -4.70 -19.96
C GLY J 122 24.12 -4.48 -18.57
N ARG J 123 23.40 -5.47 -18.06
CA ARG J 123 22.80 -5.46 -16.70
C ARG J 123 22.82 -6.87 -16.14
N VAL J 124 22.88 -7.04 -14.82
CA VAL J 124 22.97 -8.38 -14.23
C VAL J 124 21.62 -9.12 -14.31
N VAL J 125 21.67 -10.36 -14.81
CA VAL J 125 20.59 -11.33 -14.75
C VAL J 125 20.57 -11.96 -13.38
N ALA J 126 21.74 -12.30 -12.86
CA ALA J 126 21.96 -12.70 -11.48
C ALA J 126 23.45 -12.75 -11.17
N THR J 127 23.85 -12.18 -10.02
CA THR J 127 25.05 -12.61 -9.30
C THR J 127 24.69 -13.82 -8.43
N ARG J 128 25.68 -14.60 -8.03
CA ARG J 128 25.51 -15.99 -7.61
C ARG J 128 26.74 -16.45 -6.85
N ARG J 129 26.59 -17.09 -5.70
CA ARG J 129 27.69 -17.60 -4.85
C ARG J 129 27.66 -19.12 -4.79
N LYS J 130 28.82 -19.78 -4.79
CA LYS J 130 28.94 -21.24 -4.64
C LYS J 130 28.28 -21.73 -3.36
N LEU J 131 27.45 -22.78 -3.38
CA LEU J 131 26.79 -23.25 -2.17
C LEU J 131 27.76 -23.77 -1.13
N LYS J 132 28.85 -24.41 -1.55
CA LYS J 132 29.83 -25.01 -0.65
C LYS J 132 31.22 -24.98 -1.30
N PRO J 133 32.18 -24.20 -0.80
CA PRO J 133 33.55 -24.32 -1.22
C PRO J 133 34.13 -25.72 -0.99
N THR J 134 35.05 -26.13 -1.85
CA THR J 134 35.82 -27.40 -1.78
C THR J 134 36.71 -27.41 -0.55
N HIS J 135 37.22 -28.55 -0.09
CA HIS J 135 37.68 -28.69 1.30
C HIS J 135 38.62 -27.62 1.82
N VAL J 136 39.59 -27.16 1.05
CA VAL J 136 40.51 -26.09 1.48
C VAL J 136 40.10 -24.70 0.99
N GLU J 137 39.24 -24.59 -0.01
CA GLU J 137 38.61 -23.32 -0.39
C GLU J 137 37.72 -22.75 0.72
N ARG J 138 37.29 -23.58 1.66
CA ARG J 138 36.56 -23.19 2.86
C ARG J 138 37.38 -22.35 3.83
N SER J 139 38.71 -22.39 3.70
CA SER J 139 39.63 -21.53 4.43
C SER J 139 39.74 -20.12 3.83
N VAL J 140 39.01 -19.81 2.76
CA VAL J 140 39.03 -18.52 2.07
C VAL J 140 37.62 -17.96 2.00
N TYR J 141 36.67 -18.79 1.54
CA TYR J 141 35.34 -18.36 1.10
C TYR J 141 34.21 -18.78 2.03
N GLY J 142 33.15 -17.99 2.08
CA GLY J 142 31.90 -18.36 2.72
C GLY J 142 30.96 -19.11 1.79
N GLU J 143 29.84 -19.57 2.33
CA GLU J 143 28.79 -20.28 1.61
C GLU J 143 27.75 -19.38 0.91
N GLY J 144 27.24 -19.86 -0.23
CA GLY J 144 26.00 -19.40 -0.85
C GLY J 144 24.75 -19.92 -0.14
N ASP J 145 23.67 -20.15 -0.85
CA ASP J 145 22.43 -20.82 -0.35
C ASP J 145 21.52 -21.19 -1.53
N GLY J 146 20.27 -21.61 -1.29
CA GLY J 146 19.42 -22.06 -2.38
C GLY J 146 19.03 -20.99 -3.38
N SER J 147 19.23 -19.70 -3.07
CA SER J 147 18.97 -18.62 -4.01
C SER J 147 20.02 -18.60 -5.13
N ASP J 148 21.12 -19.34 -4.94
CA ASP J 148 22.22 -19.51 -5.88
C ASP J 148 22.11 -20.76 -6.75
N LEU J 149 21.08 -21.60 -6.56
CA LEU J 149 20.69 -22.71 -7.42
C LEU J 149 19.63 -22.24 -8.42
N ALA J 150 19.93 -21.18 -9.16
CA ALA J 150 18.95 -20.55 -10.05
C ALA J 150 19.33 -20.68 -11.53
N VAL J 151 18.38 -21.08 -12.35
CA VAL J 151 18.38 -20.98 -13.80
C VAL J 151 17.50 -19.81 -14.21
N HIS J 152 18.02 -18.98 -15.09
CA HIS J 152 17.45 -17.69 -15.46
C HIS J 152 16.90 -17.74 -16.87
N ASP J 153 15.68 -17.27 -17.10
CA ASP J 153 15.31 -16.93 -18.47
C ASP J 153 16.15 -15.76 -18.95
N THR J 154 16.70 -15.90 -20.14
CA THR J 154 17.51 -14.93 -20.86
C THR J 154 17.13 -14.99 -22.33
N THR J 155 17.56 -14.00 -23.15
CA THR J 155 17.33 -14.02 -24.61
C THR J 155 17.89 -15.31 -25.26
N LEU J 156 18.91 -15.89 -24.64
CA LEU J 156 19.57 -17.13 -25.05
C LEU J 156 18.91 -18.43 -24.54
N GLY J 157 17.78 -18.36 -23.85
CA GLY J 157 17.07 -19.50 -23.28
C GLY J 157 17.23 -19.59 -21.77
N ARG J 158 16.85 -20.72 -21.20
CA ARG J 158 16.99 -21.03 -19.76
C ARG J 158 18.46 -21.26 -19.40
N LEU J 159 19.14 -20.24 -18.89
CA LEU J 159 20.59 -20.17 -18.73
C LEU J 159 20.99 -20.22 -17.25
N GLY J 160 21.89 -21.11 -16.88
CA GLY J 160 22.32 -21.28 -15.49
C GLY J 160 23.82 -21.45 -15.33
N ALA J 161 24.30 -21.32 -14.10
CA ALA J 161 25.70 -21.51 -13.78
C ALA J 161 25.90 -22.13 -12.39
N LEU J 162 26.94 -22.94 -12.28
CA LEU J 162 27.51 -23.63 -11.11
C LEU J 162 29.05 -23.57 -11.24
N CYS J 163 29.85 -23.84 -10.20
CA CYS J 163 31.31 -23.94 -10.35
C CYS J 163 31.95 -25.10 -9.61
N CYS J 164 33.06 -25.58 -10.18
CA CYS J 164 33.73 -26.83 -9.93
C CYS J 164 32.94 -27.92 -9.17
N ALA J 165 33.14 -28.07 -7.86
CA ALA J 165 32.66 -29.23 -7.13
C ALA J 165 31.14 -29.32 -7.04
N GLU J 166 30.40 -28.26 -7.35
CA GLU J 166 28.96 -28.30 -7.51
C GLU J 166 28.49 -29.17 -8.68
N HIS J 167 29.37 -29.59 -9.59
CA HIS J 167 29.06 -30.60 -10.61
C HIS J 167 29.12 -32.05 -10.09
N ILE J 168 29.71 -32.22 -8.91
CA ILE J 168 29.94 -33.44 -8.15
C ILE J 168 28.95 -33.56 -6.96
N GLN J 169 27.96 -32.66 -6.88
CA GLN J 169 26.92 -32.69 -5.86
C GLN J 169 25.55 -32.94 -6.50
N PRO J 170 24.96 -34.16 -6.38
CA PRO J 170 23.81 -34.55 -7.18
C PRO J 170 22.53 -33.76 -6.90
N LEU J 171 22.21 -33.41 -5.65
CA LEU J 171 21.03 -32.63 -5.35
C LEU J 171 21.16 -31.19 -5.85
N SER J 172 22.38 -30.65 -5.84
CA SER J 172 22.66 -29.31 -6.31
C SER J 172 22.46 -29.18 -7.82
N LYS J 173 22.74 -30.23 -8.60
CA LYS J 173 22.45 -30.25 -10.04
C LYS J 173 21.07 -30.77 -10.38
N TYR J 174 20.43 -31.58 -9.54
CA TYR J 174 19.00 -31.82 -9.67
C TYR J 174 18.16 -30.54 -9.53
N ALA J 175 18.53 -29.63 -8.63
CA ALA J 175 17.90 -28.34 -8.54
C ALA J 175 18.02 -27.52 -9.84
N MET J 176 19.11 -27.65 -10.58
CA MET J 176 19.28 -26.99 -11.87
C MET J 176 18.51 -27.67 -12.99
N TYR J 177 18.43 -29.00 -13.00
CA TYR J 177 17.61 -29.75 -13.96
C TYR J 177 16.13 -29.51 -13.78
N ALA J 178 15.65 -29.38 -12.54
CA ALA J 178 14.26 -29.10 -12.23
C ALA J 178 13.76 -27.74 -12.73
N GLN J 179 14.69 -26.88 -13.08
CA GLN J 179 14.42 -25.58 -13.69
C GLN J 179 14.52 -25.60 -15.21
N HIS J 180 14.60 -26.77 -15.82
CA HIS J 180 14.50 -26.99 -17.27
C HIS J 180 15.52 -26.16 -18.04
N GLU J 181 16.73 -26.18 -17.53
CA GLU J 181 17.91 -25.57 -18.09
C GLU J 181 18.19 -26.02 -19.53
N GLN J 182 18.72 -25.11 -20.34
CA GLN J 182 19.07 -25.34 -21.73
C GLN J 182 20.57 -25.13 -22.01
N VAL J 183 21.21 -24.15 -21.37
CA VAL J 183 22.64 -23.86 -21.49
C VAL J 183 23.22 -23.62 -20.12
N HIS J 184 24.40 -24.14 -19.86
CA HIS J 184 25.02 -24.17 -18.56
C HIS J 184 26.46 -23.68 -18.60
N ILE J 185 26.86 -22.85 -17.66
CA ILE J 185 28.24 -22.43 -17.45
C ILE J 185 28.79 -23.17 -16.22
N ALA J 186 29.59 -24.20 -16.48
CA ALA J 186 30.36 -24.97 -15.52
C ALA J 186 31.77 -24.38 -15.34
N ALA J 187 31.95 -23.36 -14.51
CA ALA J 187 33.23 -22.68 -14.38
C ALA J 187 34.25 -23.52 -13.58
N TRP J 188 35.50 -23.63 -14.05
CA TRP J 188 36.59 -24.39 -13.40
C TRP J 188 37.89 -23.59 -13.23
N PRO J 189 38.77 -23.94 -12.27
CA PRO J 189 40.15 -23.46 -12.18
C PRO J 189 41.13 -24.30 -13.02
N SER J 190 42.42 -23.98 -12.97
CA SER J 190 43.48 -24.68 -13.69
C SER J 190 43.76 -26.07 -13.12
N PHE J 191 43.64 -27.12 -13.92
CA PHE J 191 43.89 -28.51 -13.48
C PHE J 191 45.38 -28.89 -13.45
N SER J 192 46.28 -27.94 -13.22
CA SER J 192 47.72 -28.18 -13.08
C SER J 192 48.14 -28.53 -11.66
N VAL J 193 47.22 -28.47 -10.70
CA VAL J 193 47.47 -28.73 -9.29
C VAL J 193 47.50 -30.24 -9.01
N TYR J 194 48.44 -30.67 -8.18
CA TYR J 194 48.62 -32.06 -7.71
C TYR J 194 48.62 -33.11 -8.83
N ARG J 195 49.22 -32.78 -9.97
CA ARG J 195 49.28 -33.65 -11.15
C ARG J 195 49.78 -35.04 -10.78
N GLY J 196 48.96 -36.05 -11.02
CA GLY J 196 49.21 -37.45 -10.71
C GLY J 196 49.12 -37.84 -9.23
N ALA J 197 49.40 -36.91 -8.30
CA ALA J 197 49.32 -37.12 -6.86
C ALA J 197 47.88 -37.17 -6.33
N ALA J 198 46.92 -36.47 -6.93
CA ALA J 198 45.51 -36.51 -6.52
C ALA J 198 44.56 -36.34 -7.73
N PHE J 199 43.74 -37.35 -8.01
CA PHE J 199 42.92 -37.43 -9.23
C PHE J 199 41.65 -36.55 -9.19
N GLN J 200 41.13 -36.24 -8.02
CA GLN J 200 39.92 -35.40 -7.85
C GLN J 200 40.11 -33.97 -8.36
N LEU J 201 41.35 -33.49 -8.47
CA LEU J 201 41.68 -32.19 -9.04
C LEU J 201 42.07 -32.24 -10.53
N SER J 202 41.99 -33.41 -11.17
CA SER J 202 42.53 -33.61 -12.51
C SER J 202 41.61 -33.14 -13.61
N ALA J 203 42.18 -32.96 -14.80
CA ALA J 203 41.43 -32.73 -16.02
C ALA J 203 40.42 -33.86 -16.26
N GLN J 204 40.84 -35.13 -16.17
CA GLN J 204 40.06 -36.30 -16.48
C GLN J 204 38.89 -36.52 -15.52
N ALA J 205 39.06 -36.25 -14.23
CA ALA J 205 37.96 -36.25 -13.30
C ALA J 205 36.93 -35.15 -13.62
N ASN J 206 37.37 -33.89 -13.81
CA ASN J 206 36.46 -32.75 -13.85
C ASN J 206 35.93 -32.41 -15.25
N ASN J 207 36.59 -32.88 -16.31
CA ASN J 207 36.00 -32.98 -17.63
C ASN J 207 34.94 -34.10 -17.68
N ALA J 208 35.14 -35.25 -17.04
CA ALA J 208 34.06 -36.22 -16.89
C ALA J 208 32.89 -35.62 -16.10
N ALA J 209 33.13 -34.92 -14.97
CA ALA J 209 32.09 -34.23 -14.24
C ALA J 209 31.30 -33.21 -15.06
N SER J 210 31.92 -32.50 -15.99
CA SER J 210 31.26 -31.57 -16.90
C SER J 210 30.52 -32.29 -18.03
N GLN J 211 31.13 -33.30 -18.64
CA GLN J 211 30.51 -34.14 -19.65
C GLN J 211 29.27 -34.86 -19.12
N VAL J 212 29.32 -35.40 -17.91
CA VAL J 212 28.19 -36.03 -17.25
C VAL J 212 27.14 -35.01 -16.85
N TYR J 213 27.50 -33.81 -16.41
CA TYR J 213 26.49 -32.77 -16.17
C TYR J 213 25.69 -32.49 -17.45
N ALA J 214 26.34 -32.43 -18.62
CA ALA J 214 25.68 -32.22 -19.91
C ALA J 214 24.73 -33.37 -20.27
N LEU J 215 25.20 -34.60 -20.14
CA LEU J 215 24.48 -35.84 -20.37
C LEU J 215 23.30 -36.07 -19.43
N GLU J 216 23.41 -35.66 -18.16
CA GLU J 216 22.34 -35.69 -17.14
C GLU J 216 21.32 -34.59 -17.32
N GLY J 217 21.71 -33.37 -17.69
CA GLY J 217 20.78 -32.25 -17.83
C GLY J 217 20.11 -32.12 -19.18
N GLN J 218 20.77 -32.66 -20.21
CA GLN J 218 20.48 -32.41 -21.61
C GLN J 218 20.49 -30.92 -21.89
N CYS J 219 21.63 -30.30 -21.62
CA CYS J 219 21.87 -28.87 -21.79
C CYS J 219 23.32 -28.66 -22.24
N PHE J 220 23.60 -27.56 -22.94
CA PHE J 220 24.96 -27.31 -23.44
C PHE J 220 25.85 -26.81 -22.33
N VAL J 221 26.83 -27.59 -21.92
CA VAL J 221 27.79 -27.19 -20.88
C VAL J 221 28.97 -26.47 -21.50
N LEU J 222 29.07 -25.17 -21.33
CA LEU J 222 30.32 -24.44 -21.43
C LEU J 222 31.13 -24.68 -20.18
N ALA J 223 32.31 -25.27 -20.30
CA ALA J 223 33.23 -25.46 -19.19
C ALA J 223 34.50 -24.61 -19.38
N PRO J 224 34.48 -23.29 -19.12
CA PRO J 224 35.68 -22.48 -19.13
C PRO J 224 36.59 -22.90 -18.01
N CYS J 225 37.88 -22.80 -18.25
CA CYS J 225 38.90 -23.30 -17.35
C CYS J 225 40.05 -22.30 -17.30
N ALA J 226 40.59 -21.99 -16.14
CA ALA J 226 41.76 -21.11 -16.07
C ALA J 226 43.00 -21.82 -16.62
N THR J 227 44.14 -21.15 -16.57
CA THR J 227 45.44 -21.76 -16.83
C THR J 227 46.47 -21.00 -16.02
N VAL J 228 47.56 -21.68 -15.62
CA VAL J 228 48.67 -21.09 -14.85
C VAL J 228 49.84 -20.71 -15.76
N SER J 229 50.50 -19.59 -15.49
CA SER J 229 51.52 -19.01 -16.38
C SER J 229 52.89 -18.87 -15.70
N LYS J 230 53.99 -18.82 -16.46
CA LYS J 230 55.36 -18.66 -15.91
C LYS J 230 55.43 -17.51 -14.90
N GLU J 231 54.93 -16.32 -15.24
CA GLU J 231 54.99 -15.16 -14.31
C GLU J 231 54.03 -15.28 -13.11
N MET J 232 53.01 -16.15 -13.19
CA MET J 232 52.20 -16.54 -12.03
C MET J 232 52.93 -17.53 -11.12
N LEU J 233 53.69 -18.49 -11.65
CA LEU J 233 54.56 -19.34 -10.85
C LEU J 233 55.64 -18.51 -10.13
N ASP J 234 56.20 -17.49 -10.76
CA ASP J 234 57.17 -16.57 -10.13
C ASP J 234 56.62 -15.84 -8.88
N GLU J 235 55.31 -15.62 -8.79
CA GLU J 235 54.63 -15.03 -7.63
C GLU J 235 54.34 -16.04 -6.50
N LEU J 236 54.17 -17.31 -6.88
CA LEU J 236 53.36 -18.31 -6.18
C LEU J 236 54.14 -19.57 -5.77
N ILE J 237 55.31 -19.78 -6.36
CA ILE J 237 56.27 -20.86 -6.10
C ILE J 237 57.54 -20.21 -5.50
N ASP J 238 58.10 -20.82 -4.47
CA ASP J 238 59.30 -20.29 -3.77
C ASP J 238 60.45 -21.31 -3.63
N SER J 239 60.16 -22.59 -3.85
CA SER J 239 61.02 -23.73 -3.49
C SER J 239 60.68 -24.93 -4.36
N PRO J 240 61.59 -25.89 -4.56
CA PRO J 240 61.32 -27.08 -5.37
C PRO J 240 60.24 -27.99 -4.75
N ALA J 241 60.05 -27.97 -3.42
CA ALA J 241 59.02 -28.73 -2.74
C ALA J 241 57.60 -28.32 -3.14
N LYS J 242 57.39 -27.02 -3.38
CA LYS J 242 56.16 -26.44 -3.95
C LYS J 242 56.12 -26.55 -5.46
N ALA J 243 57.25 -26.59 -6.15
CA ALA J 243 57.29 -26.59 -7.61
C ALA J 243 56.67 -27.85 -8.24
N GLU J 244 56.68 -28.98 -7.56
CA GLU J 244 55.97 -30.19 -8.02
C GLU J 244 54.43 -30.11 -7.87
N LEU J 245 53.90 -29.23 -7.01
CA LEU J 245 52.49 -29.20 -6.62
C LEU J 245 51.60 -28.45 -7.60
N LEU J 246 52.14 -27.53 -8.42
CA LEU J 246 51.38 -26.74 -9.40
C LEU J 246 52.24 -26.45 -10.62
N LEU J 247 51.81 -26.96 -11.78
CA LEU J 247 52.52 -26.82 -13.05
C LEU J 247 52.07 -25.59 -13.85
N GLU J 248 52.86 -25.18 -14.82
CA GLU J 248 52.41 -24.28 -15.87
C GLU J 248 51.33 -24.96 -16.72
N GLY J 249 50.27 -24.24 -17.08
CA GLY J 249 49.14 -24.76 -17.83
C GLY J 249 48.01 -25.21 -16.92
N GLY J 250 47.46 -26.37 -17.21
CA GLY J 250 46.21 -26.81 -16.61
C GLY J 250 44.96 -26.26 -17.30
N GLY J 251 45.08 -25.67 -18.49
CA GLY J 251 43.97 -25.26 -19.31
C GLY J 251 43.37 -26.45 -20.06
N PHE J 252 42.23 -26.91 -19.57
CA PHE J 252 41.43 -27.95 -20.21
C PHE J 252 39.98 -27.47 -20.33
N ALA J 253 39.73 -26.29 -20.88
CA ALA J 253 38.36 -25.85 -21.12
C ALA J 253 37.70 -26.73 -22.17
N MET J 254 36.38 -26.90 -22.08
CA MET J 254 35.60 -27.76 -22.95
C MET J 254 34.23 -27.16 -23.19
N ILE J 255 33.55 -27.58 -24.25
CA ILE J 255 32.14 -27.28 -24.45
C ILE J 255 31.47 -28.57 -24.88
N TYR J 256 30.30 -28.89 -24.32
CA TYR J 256 29.59 -30.14 -24.57
C TYR J 256 28.15 -29.88 -25.02
N GLY J 257 27.66 -30.72 -25.92
CA GLY J 257 26.26 -30.71 -26.37
C GLY J 257 25.32 -31.38 -25.36
N PRO J 258 24.00 -31.30 -25.53
CA PRO J 258 23.06 -31.94 -24.61
C PRO J 258 23.07 -33.48 -24.68
N ASP J 259 23.66 -34.07 -25.72
CA ASP J 259 23.91 -35.50 -25.79
C ASP J 259 25.22 -35.90 -25.10
N GLY J 260 25.97 -34.97 -24.53
CA GLY J 260 27.28 -35.19 -23.90
C GLY J 260 28.48 -35.11 -24.83
N ALA J 261 28.32 -34.97 -26.13
CA ALA J 261 29.44 -34.93 -27.08
C ALA J 261 30.25 -33.63 -26.94
N PRO J 262 31.60 -33.66 -26.92
CA PRO J 262 32.39 -32.43 -26.92
C PRO J 262 32.33 -31.69 -28.25
N LEU J 263 31.82 -30.46 -28.25
CA LEU J 263 31.69 -29.58 -29.40
C LEU J 263 32.93 -28.72 -29.70
N CYS J 264 33.86 -28.59 -28.76
CA CYS J 264 35.03 -27.71 -28.89
C CYS J 264 36.15 -28.28 -29.80
N THR J 265 36.95 -27.41 -30.40
CA THR J 265 38.31 -27.76 -30.84
C THR J 265 39.21 -28.00 -29.62
N PRO J 266 40.27 -28.81 -29.73
CA PRO J 266 41.29 -28.89 -28.68
C PRO J 266 42.03 -27.54 -28.46
N LEU J 267 42.55 -27.33 -27.27
CA LEU J 267 43.64 -26.39 -26.97
C LEU J 267 44.68 -27.12 -26.14
N ALA J 268 45.95 -26.82 -26.33
CA ALA J 268 47.00 -27.41 -25.50
C ALA J 268 46.87 -26.95 -24.04
N GLU J 269 47.38 -27.76 -23.11
CA GLU J 269 47.22 -27.53 -21.67
C GLU J 269 47.80 -26.18 -21.22
N THR J 270 48.81 -25.69 -21.94
CA THR J 270 49.58 -24.47 -21.70
C THR J 270 49.16 -23.30 -22.58
N GLU J 271 48.17 -23.45 -23.47
CA GLU J 271 47.81 -22.45 -24.48
C GLU J 271 46.67 -21.59 -23.94
N GLU J 272 46.83 -20.26 -23.96
CA GLU J 272 45.68 -19.35 -23.74
C GLU J 272 44.86 -19.19 -25.02
N GLY J 273 43.54 -19.13 -24.88
CA GLY J 273 42.62 -18.95 -26.00
C GLY J 273 41.17 -18.84 -25.56
N ILE J 274 40.25 -18.80 -26.52
CA ILE J 274 38.80 -18.91 -26.29
C ILE J 274 38.30 -20.03 -27.20
N LEU J 275 37.55 -21.00 -26.66
CA LEU J 275 36.88 -22.02 -27.44
C LEU J 275 35.53 -21.52 -27.90
N TYR J 276 35.16 -21.90 -29.11
CA TYR J 276 33.87 -21.53 -29.68
C TYR J 276 33.08 -22.76 -30.12
N ALA J 277 31.77 -22.71 -29.99
CA ALA J 277 30.89 -23.79 -30.42
C ALA J 277 29.54 -23.23 -30.89
N ASP J 278 28.90 -23.86 -31.86
CA ASP J 278 27.60 -23.43 -32.37
C ASP J 278 26.50 -24.16 -31.59
N ILE J 279 25.69 -23.40 -30.86
CA ILE J 279 24.57 -23.89 -30.06
C ILE J 279 23.29 -23.89 -30.90
N ASP J 280 22.45 -24.89 -30.69
CA ASP J 280 21.11 -24.96 -31.25
C ASP J 280 20.20 -25.56 -30.19
N LEU J 281 19.40 -24.72 -29.52
CA LEU J 281 18.44 -25.15 -28.52
C LEU J 281 17.41 -26.13 -29.09
N GLY J 282 17.28 -26.25 -30.41
CA GLY J 282 16.52 -27.30 -31.07
C GLY J 282 17.08 -28.71 -30.88
N VAL J 283 18.39 -28.90 -30.72
CA VAL J 283 19.02 -30.24 -30.54
C VAL J 283 18.64 -30.85 -29.20
N ILE J 284 18.32 -30.03 -28.19
CA ILE J 284 17.93 -30.49 -26.86
C ILE J 284 16.74 -31.45 -26.94
N GLY J 285 15.84 -31.29 -27.91
CA GLY J 285 14.73 -32.22 -28.13
C GLY J 285 15.16 -33.65 -28.46
N VAL J 286 16.28 -33.84 -29.17
CA VAL J 286 16.79 -35.16 -29.53
C VAL J 286 17.53 -35.79 -28.36
N ALA J 287 18.35 -35.02 -27.66
CA ALA J 287 19.00 -35.46 -26.44
C ALA J 287 18.02 -35.87 -25.37
N LYS J 288 16.95 -35.09 -25.17
CA LYS J 288 15.87 -35.42 -24.26
C LYS J 288 14.98 -36.56 -24.68
N ALA J 289 15.12 -37.13 -25.88
CA ALA J 289 14.38 -38.34 -26.23
C ALA J 289 14.90 -39.56 -25.47
N ALA J 290 16.20 -39.58 -25.12
CA ALA J 290 16.83 -40.68 -24.40
C ALA J 290 16.70 -40.58 -22.88
N TYR J 291 17.05 -39.44 -22.29
CA TYR J 291 16.96 -39.20 -20.85
C TYR J 291 16.33 -37.83 -20.59
N ASP J 292 15.53 -37.71 -19.54
CA ASP J 292 15.11 -36.43 -18.96
C ASP J 292 14.86 -36.62 -17.47
N PRO J 293 15.79 -36.27 -16.58
CA PRO J 293 15.78 -36.69 -15.18
C PRO J 293 14.66 -36.05 -14.36
N VAL J 294 13.91 -35.11 -14.92
CA VAL J 294 12.85 -34.34 -14.28
C VAL J 294 11.53 -34.46 -15.04
N GLY J 295 11.45 -35.46 -15.92
CA GLY J 295 10.36 -35.68 -16.84
C GLY J 295 10.13 -37.17 -17.00
N HIS J 296 10.14 -37.69 -18.23
CA HIS J 296 9.89 -39.12 -18.47
C HIS J 296 10.86 -40.03 -17.74
N TYR J 297 12.10 -39.61 -17.54
CA TYR J 297 13.11 -40.43 -16.88
C TYR J 297 13.27 -40.06 -15.42
N SER J 298 12.18 -40.14 -14.68
CA SER J 298 12.11 -39.82 -13.26
C SER J 298 11.08 -40.70 -12.57
N ARG J 299 11.10 -40.69 -11.24
CA ARG J 299 10.18 -41.46 -10.40
C ARG J 299 9.71 -40.61 -9.22
N PRO J 300 8.80 -39.65 -9.42
CA PRO J 300 8.30 -38.81 -8.35
C PRO J 300 7.47 -39.57 -7.29
N ASP J 301 7.12 -40.82 -7.54
CA ASP J 301 6.56 -41.77 -6.59
C ASP J 301 7.61 -42.41 -5.66
N VAL J 302 8.90 -42.27 -5.99
CA VAL J 302 10.02 -42.92 -5.32
C VAL J 302 11.00 -41.88 -4.77
N LEU J 303 11.28 -40.80 -5.50
CA LEU J 303 12.29 -39.81 -5.21
C LEU J 303 11.70 -38.42 -5.42
N ARG J 304 11.98 -37.47 -4.53
CA ARG J 304 11.75 -36.03 -4.76
C ARG J 304 12.87 -35.21 -4.13
N LEU J 305 13.10 -34.02 -4.63
CA LEU J 305 14.01 -33.05 -4.00
C LEU J 305 13.20 -32.11 -3.11
N LEU J 306 13.64 -31.81 -1.90
CA LEU J 306 13.21 -30.64 -1.14
C LEU J 306 14.24 -29.56 -1.36
N VAL J 307 13.84 -28.35 -1.69
CA VAL J 307 14.79 -27.24 -1.81
C VAL J 307 14.30 -25.96 -1.16
N ASN J 308 15.15 -25.35 -0.37
CA ASN J 308 14.94 -24.05 0.25
C ASN J 308 15.64 -22.97 -0.59
N ARG J 309 14.93 -22.40 -1.57
CA ARG J 309 15.41 -21.37 -2.49
C ARG J 309 15.69 -20.02 -1.82
N GLU J 310 15.30 -19.82 -0.58
CA GLU J 310 15.22 -18.48 0.01
C GLU J 310 16.57 -17.98 0.55
N PRO J 311 16.96 -16.73 0.20
CA PRO J 311 18.26 -16.21 0.60
C PRO J 311 18.34 -16.07 2.12
N MET J 312 19.38 -16.63 2.71
CA MET J 312 19.60 -16.57 4.15
C MET J 312 20.21 -15.24 4.54
N THR J 313 19.81 -14.73 5.70
CA THR J 313 20.20 -13.41 6.23
C THR J 313 20.55 -13.59 7.67
N ARG J 314 21.64 -12.98 8.16
CA ARG J 314 22.06 -13.22 9.55
C ARG J 314 21.15 -12.48 10.54
N VAL J 315 20.59 -11.35 10.12
CA VAL J 315 19.82 -10.43 10.96
C VAL J 315 18.56 -9.96 10.25
N HIS J 316 17.45 -9.97 10.97
CA HIS J 316 16.13 -9.57 10.53
C HIS J 316 15.74 -8.30 11.25
N TYR J 317 15.32 -7.30 10.50
CA TYR J 317 14.87 -6.03 11.03
C TYR J 317 13.35 -6.02 11.10
N VAL J 318 12.86 -5.80 12.31
CA VAL J 318 11.45 -5.57 12.61
C VAL J 318 11.01 -4.23 12.02
N GLN J 319 10.00 -4.24 11.14
CA GLN J 319 9.51 -3.05 10.44
C GLN J 319 8.18 -2.57 11.01
N PRO J 320 8.02 -1.28 11.36
CA PRO J 320 6.93 -0.83 12.24
C PRO J 320 5.58 -0.85 11.51
N LYS K 5 36.04 -57.70 5.94
CA LYS K 5 37.27 -57.74 5.11
C LYS K 5 37.47 -56.40 4.39
N LYS K 6 38.53 -55.63 4.73
CA LYS K 6 38.77 -54.28 4.17
C LYS K 6 39.60 -54.23 2.88
N GLN K 7 40.42 -55.24 2.61
CA GLN K 7 41.27 -55.32 1.41
C GLN K 7 41.01 -56.62 0.66
N TYR K 8 40.75 -56.56 -0.66
CA TYR K 8 40.44 -57.75 -1.46
C TYR K 8 40.63 -57.49 -2.96
N LYS K 9 40.82 -58.53 -3.80
CA LYS K 9 40.76 -58.39 -5.27
C LYS K 9 39.29 -58.44 -5.73
N VAL K 10 38.94 -57.72 -6.79
CA VAL K 10 37.59 -57.72 -7.38
C VAL K 10 37.63 -57.91 -8.88
N ALA K 11 36.58 -58.47 -9.46
CA ALA K 11 36.44 -58.75 -10.88
C ALA K 11 35.25 -58.02 -11.51
N ALA K 12 35.44 -57.44 -12.70
CA ALA K 12 34.38 -57.04 -13.59
C ALA K 12 34.45 -57.88 -14.88
N VAL K 13 33.38 -58.60 -15.20
CA VAL K 13 33.28 -59.42 -16.41
C VAL K 13 33.20 -58.49 -17.63
N GLN K 14 33.97 -58.81 -18.66
CA GLN K 14 33.72 -58.34 -20.01
C GLN K 14 33.46 -59.54 -20.91
N ALA K 15 32.21 -59.83 -21.25
CA ALA K 15 31.89 -61.03 -22.02
C ALA K 15 30.62 -60.87 -22.84
N ALA K 16 30.55 -61.53 -23.99
CA ALA K 16 29.30 -61.68 -24.72
C ALA K 16 28.43 -62.71 -24.00
N PRO K 17 27.13 -62.46 -23.80
CA PRO K 17 26.22 -63.48 -23.30
C PRO K 17 25.98 -64.58 -24.36
N ALA K 18 25.59 -65.77 -23.92
CA ALA K 18 25.11 -66.82 -24.81
C ALA K 18 23.68 -66.51 -25.30
N PHE K 19 23.58 -65.45 -26.11
CA PHE K 19 22.41 -64.67 -26.46
C PHE K 19 21.15 -65.48 -26.74
N LEU K 20 20.14 -65.30 -25.88
CA LEU K 20 18.88 -66.03 -25.88
C LEU K 20 19.03 -67.56 -25.86
N ASP K 21 19.86 -68.04 -24.94
CA ASP K 21 19.81 -69.37 -24.35
C ASP K 21 20.20 -69.23 -22.89
N LEU K 22 19.25 -69.45 -21.96
CA LEU K 22 19.55 -69.32 -20.54
C LEU K 22 20.49 -70.43 -20.02
N GLU K 23 20.43 -71.62 -20.59
CA GLU K 23 21.21 -72.79 -20.12
C GLU K 23 22.67 -72.76 -20.56
N ALA K 24 22.96 -72.12 -21.69
CA ALA K 24 24.31 -71.73 -22.07
C ALA K 24 24.76 -70.45 -21.33
N GLY K 25 23.86 -69.50 -21.10
CA GLY K 25 24.17 -68.29 -20.37
C GLY K 25 24.61 -68.56 -18.93
N VAL K 26 23.88 -69.40 -18.22
CA VAL K 26 24.17 -69.85 -16.85
C VAL K 26 25.44 -70.70 -16.80
N ALA K 27 25.67 -71.59 -17.76
CA ALA K 27 26.90 -72.36 -17.85
C ALA K 27 28.13 -71.43 -17.97
N LYS K 28 28.01 -70.40 -18.81
CA LYS K 28 29.03 -69.36 -18.98
C LYS K 28 29.19 -68.46 -17.77
N ALA K 29 28.10 -68.09 -17.11
CA ALA K 29 28.13 -67.34 -15.85
C ALA K 29 28.96 -68.09 -14.81
N ILE K 30 28.64 -69.36 -14.57
CA ILE K 30 29.32 -70.25 -13.62
C ILE K 30 30.79 -70.43 -13.98
N GLY K 31 31.12 -70.50 -15.29
CA GLY K 31 32.50 -70.51 -15.79
C GLY K 31 33.31 -69.25 -15.48
N LEU K 32 32.68 -68.08 -15.44
CA LEU K 32 33.29 -66.82 -15.08
C LEU K 32 33.29 -66.57 -13.55
N ILE K 33 32.27 -67.03 -12.81
CA ILE K 33 32.30 -67.15 -11.35
C ILE K 33 33.52 -67.97 -10.95
N ALA K 34 33.85 -69.06 -11.67
CA ALA K 34 35.06 -69.83 -11.46
C ALA K 34 36.32 -69.06 -11.85
N GLN K 35 36.38 -68.42 -13.03
CA GLN K 35 37.59 -67.70 -13.45
C GLN K 35 37.96 -66.55 -12.50
N ALA K 36 36.96 -65.86 -11.94
CA ALA K 36 37.17 -64.80 -10.98
C ALA K 36 37.74 -65.34 -9.66
N ALA K 37 37.09 -66.36 -9.10
CA ALA K 37 37.54 -67.02 -7.88
C ALA K 37 38.91 -67.70 -8.00
N ALA K 38 39.24 -68.23 -9.18
CA ALA K 38 40.54 -68.79 -9.54
C ALA K 38 41.67 -67.75 -9.62
N GLU K 39 41.36 -66.51 -9.99
CA GLU K 39 42.32 -65.39 -9.92
C GLU K 39 42.43 -64.81 -8.50
N GLY K 40 41.55 -65.22 -7.59
CA GLY K 40 41.52 -64.81 -6.18
C GLY K 40 40.61 -63.60 -5.88
N ALA K 41 39.75 -63.19 -6.82
CA ALA K 41 38.80 -62.11 -6.58
C ALA K 41 37.72 -62.52 -5.55
N SER K 42 37.40 -61.67 -4.59
CA SER K 42 36.33 -61.89 -3.60
C SER K 42 34.94 -61.51 -4.12
N LEU K 43 34.86 -60.89 -5.28
CA LEU K 43 33.66 -60.31 -5.87
C LEU K 43 33.76 -60.40 -7.39
N VAL K 44 32.74 -60.91 -8.08
CA VAL K 44 32.63 -60.86 -9.53
C VAL K 44 31.33 -60.19 -9.94
N ALA K 45 31.43 -59.24 -10.86
CA ALA K 45 30.33 -58.42 -11.33
C ALA K 45 30.04 -58.71 -12.80
N PHE K 46 28.77 -58.86 -13.14
CA PHE K 46 28.29 -59.19 -14.48
C PHE K 46 27.58 -58.01 -15.15
N PRO K 47 27.64 -57.92 -16.48
CA PRO K 47 26.96 -56.88 -17.26
C PRO K 47 25.44 -56.82 -17.13
N GLU K 48 24.82 -55.77 -17.65
CA GLU K 48 23.38 -55.61 -17.63
C GLU K 48 22.68 -56.60 -18.59
N ALA K 49 21.59 -57.21 -18.12
CA ALA K 49 20.77 -58.21 -18.83
C ALA K 49 21.57 -59.41 -19.39
N TRP K 50 22.72 -59.72 -18.82
CA TRP K 50 23.63 -60.73 -19.35
C TRP K 50 23.03 -62.15 -19.37
N LEU K 51 22.08 -62.46 -18.47
CA LEU K 51 21.27 -63.66 -18.58
C LEU K 51 19.86 -63.29 -19.01
N PRO K 52 19.33 -63.74 -20.15
CA PRO K 52 19.98 -64.54 -21.21
C PRO K 52 20.73 -63.72 -22.28
N GLY K 53 20.79 -62.41 -22.14
CA GLY K 53 21.28 -61.46 -23.12
C GLY K 53 20.42 -60.20 -23.20
N TYR K 54 21.05 -59.06 -23.43
CA TYR K 54 20.37 -57.77 -23.57
C TYR K 54 19.52 -57.72 -24.85
N PRO K 55 18.28 -57.16 -24.81
CA PRO K 55 17.34 -57.22 -25.91
C PRO K 55 17.66 -56.26 -27.08
N TRP K 56 18.75 -56.47 -27.79
CA TRP K 56 19.25 -55.60 -28.86
C TRP K 56 18.29 -55.30 -30.00
N TRP K 57 17.29 -56.14 -30.27
CA TRP K 57 16.30 -55.87 -31.32
C TRP K 57 15.55 -54.57 -31.11
N ILE K 58 15.40 -54.09 -29.87
CA ILE K 58 14.76 -52.79 -29.55
C ILE K 58 15.48 -51.62 -30.23
N TRP K 59 16.79 -51.74 -30.43
CA TRP K 59 17.66 -50.78 -31.07
C TRP K 59 17.83 -51.04 -32.57
N LEU K 60 17.49 -52.21 -33.09
CA LEU K 60 17.77 -52.61 -34.46
C LEU K 60 16.53 -52.67 -35.35
N ASP K 61 15.35 -52.73 -34.75
CA ASP K 61 14.10 -52.80 -35.50
C ASP K 61 12.90 -52.27 -34.70
N SER K 62 11.82 -52.06 -35.43
CA SER K 62 10.46 -51.95 -34.95
C SER K 62 10.04 -53.12 -34.03
N PRO K 63 9.01 -52.98 -33.18
CA PRO K 63 8.43 -54.12 -32.49
C PRO K 63 8.07 -55.31 -33.40
N ALA K 64 7.48 -55.08 -34.57
CA ALA K 64 7.14 -56.15 -35.53
C ALA K 64 8.37 -56.88 -36.13
N GLY K 65 9.53 -56.22 -36.19
CA GLY K 65 10.77 -56.93 -36.47
C GLY K 65 11.32 -57.66 -35.24
N GLY K 66 11.06 -57.11 -34.05
CA GLY K 66 11.44 -57.68 -32.75
C GLY K 66 10.65 -58.91 -32.33
N MET K 67 9.42 -59.10 -32.83
CA MET K 67 8.51 -60.21 -32.45
C MET K 67 9.15 -61.59 -32.40
N ARG K 68 10.07 -61.94 -33.31
CA ARG K 68 10.74 -63.27 -33.30
C ARG K 68 11.64 -63.52 -32.07
N PHE K 69 12.10 -62.48 -31.42
CA PHE K 69 12.92 -62.54 -30.21
C PHE K 69 12.14 -62.42 -28.91
N VAL K 70 10.91 -61.90 -28.93
CA VAL K 70 10.14 -61.56 -27.72
C VAL K 70 9.76 -62.81 -26.93
N GLN K 71 9.17 -63.82 -27.57
CA GLN K 71 8.85 -65.10 -26.95
C GLN K 71 10.11 -65.81 -26.44
N ARG K 72 11.23 -65.69 -27.16
CA ARG K 72 12.50 -66.30 -26.76
C ARG K 72 13.15 -65.57 -25.60
N ASN K 73 13.03 -64.25 -25.53
CA ASN K 73 13.49 -63.47 -24.40
C ASN K 73 12.66 -63.79 -23.15
N PHE K 74 11.33 -63.93 -23.26
CA PHE K 74 10.46 -64.32 -22.17
C PHE K 74 10.74 -65.74 -21.66
N ASP K 75 10.89 -66.71 -22.56
CA ASP K 75 11.20 -68.09 -22.21
C ASP K 75 12.60 -68.27 -21.59
N ASN K 76 13.58 -67.47 -22.02
CA ASN K 76 14.93 -67.45 -21.47
C ASN K 76 15.15 -66.38 -20.40
N ALA K 77 14.13 -65.65 -19.98
CA ALA K 77 14.20 -64.82 -18.79
C ALA K 77 14.43 -65.72 -17.55
N LEU K 78 15.13 -65.20 -16.56
CA LEU K 78 15.56 -65.93 -15.38
C LEU K 78 14.69 -65.56 -14.18
N GLU K 79 13.92 -66.48 -13.59
CA GLU K 79 13.06 -66.20 -12.43
C GLU K 79 13.84 -66.34 -11.12
N VAL K 80 13.54 -65.54 -10.09
CA VAL K 80 14.27 -65.61 -8.81
C VAL K 80 13.96 -66.90 -8.06
N GLY K 81 15.00 -67.68 -7.72
CA GLY K 81 14.85 -69.03 -7.15
C GLY K 81 14.43 -70.13 -8.15
N SER K 82 14.42 -69.83 -9.45
CA SER K 82 14.36 -70.81 -10.53
C SER K 82 15.54 -71.79 -10.45
N GLU K 83 15.44 -73.02 -10.96
CA GLU K 83 16.58 -73.94 -10.92
C GLU K 83 17.85 -73.35 -11.60
N PRO K 84 17.77 -72.68 -12.77
CA PRO K 84 18.93 -71.96 -13.29
C PRO K 84 19.45 -70.85 -12.38
N PHE K 85 18.63 -70.27 -11.53
CA PHE K 85 19.05 -69.26 -10.56
C PHE K 85 19.79 -69.88 -9.37
N GLU K 86 19.26 -70.97 -8.82
CA GLU K 86 19.91 -71.71 -7.72
C GLU K 86 21.26 -72.29 -8.16
N ARG K 87 21.42 -72.64 -9.45
CA ARG K 87 22.68 -73.06 -10.05
C ARG K 87 23.76 -71.98 -9.85
N LEU K 88 23.41 -70.72 -10.13
CA LEU K 88 24.31 -69.56 -9.94
C LEU K 88 24.60 -69.33 -8.46
N CYS K 89 23.56 -69.45 -7.63
CA CYS K 89 23.65 -69.32 -6.18
C CYS K 89 24.62 -70.33 -5.54
N ARG K 90 24.47 -71.61 -5.86
CA ARG K 90 25.41 -72.68 -5.51
C ARG K 90 26.82 -72.42 -6.05
N ALA K 91 26.99 -71.86 -7.25
CA ALA K 91 28.31 -71.54 -7.80
C ALA K 91 29.06 -70.48 -7.00
N ALA K 92 28.37 -69.49 -6.41
CA ALA K 92 28.99 -68.53 -5.49
C ALA K 92 29.48 -69.19 -4.20
N ALA K 93 28.63 -70.03 -3.57
CA ALA K 93 28.98 -70.82 -2.39
C ALA K 93 30.13 -71.79 -2.64
N GLN K 94 30.09 -72.51 -3.76
CA GLN K 94 31.10 -73.47 -4.18
C GLN K 94 32.50 -72.84 -4.29
N HIS K 95 32.60 -71.56 -4.66
CA HIS K 95 33.84 -70.84 -4.92
C HIS K 95 34.14 -69.72 -3.91
N LYS K 96 33.31 -69.51 -2.86
CA LYS K 96 33.50 -68.51 -1.79
C LYS K 96 33.77 -67.09 -2.34
N ILE K 97 32.89 -66.61 -3.21
CA ILE K 97 32.96 -65.34 -3.95
C ILE K 97 31.59 -64.65 -4.00
N TYR K 98 31.52 -63.33 -3.80
CA TYR K 98 30.29 -62.57 -4.02
C TYR K 98 30.01 -62.45 -5.52
N VAL K 99 28.79 -62.78 -5.97
CA VAL K 99 28.45 -62.73 -7.40
C VAL K 99 27.37 -61.68 -7.61
N VAL K 100 27.60 -60.66 -8.43
CA VAL K 100 26.61 -59.65 -8.80
C VAL K 100 26.15 -59.86 -10.23
N LEU K 101 25.04 -60.56 -10.41
CA LEU K 101 24.43 -60.85 -11.69
C LEU K 101 23.73 -59.62 -12.27
N GLY K 102 23.63 -59.55 -13.58
CA GLY K 102 22.62 -58.78 -14.28
C GLY K 102 21.82 -59.74 -15.17
N PHE K 103 20.49 -59.72 -15.07
CA PHE K 103 19.57 -60.63 -15.78
C PHE K 103 18.24 -59.99 -16.13
N THR K 104 17.56 -60.55 -17.13
CA THR K 104 16.12 -60.37 -17.33
C THR K 104 15.39 -61.19 -16.28
N GLU K 105 14.79 -60.59 -15.27
CA GLU K 105 13.84 -61.27 -14.39
C GLU K 105 12.52 -61.47 -15.15
N ARG K 106 11.80 -62.55 -14.86
CA ARG K 106 10.38 -62.68 -15.20
C ARG K 106 9.54 -62.94 -13.96
N SER K 107 8.49 -62.15 -13.75
CA SER K 107 7.65 -62.19 -12.55
C SER K 107 6.25 -61.76 -12.91
N GLY K 108 5.39 -62.75 -13.18
CA GLY K 108 4.13 -62.55 -13.90
C GLY K 108 4.36 -62.37 -15.41
N GLY K 109 3.48 -61.65 -16.10
CA GLY K 109 3.62 -61.35 -17.52
C GLY K 109 4.71 -60.37 -17.86
N THR K 110 5.34 -59.78 -16.86
CA THR K 110 6.31 -58.69 -17.01
C THR K 110 7.74 -59.14 -16.74
N LEU K 111 8.62 -58.76 -17.63
CA LEU K 111 10.05 -58.84 -17.49
C LEU K 111 10.57 -57.64 -16.69
N TYR K 112 11.64 -57.81 -15.91
CA TYR K 112 12.32 -56.69 -15.24
C TYR K 112 13.81 -56.73 -15.49
N LEU K 113 14.41 -55.55 -15.55
CA LEU K 113 15.83 -55.40 -15.81
C LEU K 113 16.58 -55.47 -14.50
N ALA K 114 16.95 -56.66 -14.10
CA ALA K 114 17.26 -57.01 -12.73
C ALA K 114 18.73 -57.31 -12.49
N GLN K 115 19.09 -57.33 -11.22
CA GLN K 115 20.41 -57.65 -10.69
C GLN K 115 20.28 -58.43 -9.38
N ALA K 116 21.22 -59.30 -9.08
CA ALA K 116 21.24 -59.99 -7.80
C ALA K 116 22.64 -60.08 -7.24
N ILE K 117 22.80 -59.60 -6.01
CA ILE K 117 24.01 -59.77 -5.21
C ILE K 117 23.86 -61.07 -4.44
N ILE K 118 24.74 -62.02 -4.67
CA ILE K 118 24.79 -63.33 -4.01
C ILE K 118 25.99 -63.34 -3.07
N ASP K 119 25.74 -63.66 -1.81
CA ASP K 119 26.66 -63.75 -0.68
C ASP K 119 27.74 -64.84 -0.93
N ASP K 120 28.90 -64.75 -0.31
CA ASP K 120 29.95 -65.76 -0.50
C ASP K 120 29.58 -67.18 -0.02
N CYS K 121 28.59 -67.31 0.87
CA CYS K 121 27.95 -68.56 1.29
C CYS K 121 26.66 -68.86 0.52
N GLY K 122 26.51 -68.33 -0.69
CA GLY K 122 25.44 -68.63 -1.67
C GLY K 122 24.04 -68.42 -1.15
N ARG K 123 23.69 -67.16 -0.87
CA ARG K 123 22.30 -66.70 -0.74
C ARG K 123 22.18 -65.31 -1.33
N VAL K 124 20.99 -64.90 -1.76
CA VAL K 124 20.78 -63.49 -2.14
C VAL K 124 20.96 -62.57 -0.94
N VAL K 125 21.89 -61.63 -1.06
CA VAL K 125 21.92 -60.39 -0.27
C VAL K 125 20.75 -59.52 -0.75
N ALA K 126 20.63 -59.42 -2.06
CA ALA K 126 19.54 -58.72 -2.73
C ALA K 126 19.22 -59.26 -4.12
N THR K 127 17.99 -59.12 -4.53
CA THR K 127 17.48 -59.22 -5.89
C THR K 127 16.77 -57.90 -6.16
N ARG K 128 17.05 -57.28 -7.28
CA ARG K 128 16.91 -55.84 -7.43
C ARG K 128 16.56 -55.45 -8.87
N ARG K 129 15.54 -54.64 -9.09
CA ARG K 129 15.00 -54.26 -10.41
C ARG K 129 15.34 -52.80 -10.74
N LYS K 130 15.72 -52.50 -11.98
CA LYS K 130 16.01 -51.13 -12.46
C LYS K 130 14.79 -50.25 -12.26
N LEU K 131 14.91 -49.05 -11.68
CA LEU K 131 13.75 -48.21 -11.33
C LEU K 131 13.05 -47.59 -12.53
N LYS K 132 13.75 -47.47 -13.65
CA LYS K 132 13.23 -46.90 -14.89
C LYS K 132 14.09 -47.44 -16.03
N PRO K 133 13.57 -48.31 -16.90
CA PRO K 133 14.24 -48.61 -18.16
C PRO K 133 14.47 -47.34 -19.01
N THR K 134 15.58 -47.32 -19.74
CA THR K 134 15.92 -46.30 -20.74
C THR K 134 14.87 -46.27 -21.83
N HIS K 135 14.73 -45.21 -22.61
CA HIS K 135 13.52 -44.93 -23.37
C HIS K 135 12.96 -46.10 -24.18
N VAL K 136 13.72 -46.81 -25.01
CA VAL K 136 13.19 -47.98 -25.73
C VAL K 136 13.25 -49.30 -24.95
N GLU K 137 14.00 -49.37 -23.85
CA GLU K 137 13.96 -50.54 -22.97
C GLU K 137 12.61 -50.65 -22.28
N ARG K 138 11.86 -49.55 -22.16
CA ARG K 138 10.51 -49.52 -21.60
C ARG K 138 9.51 -50.31 -22.45
N SER K 139 9.83 -50.57 -23.70
CA SER K 139 9.06 -51.44 -24.59
C SER K 139 9.24 -52.94 -24.28
N VAL K 140 10.20 -53.30 -23.43
CA VAL K 140 10.46 -54.67 -22.98
C VAL K 140 10.21 -54.85 -21.49
N TYR K 141 10.68 -53.92 -20.66
CA TYR K 141 10.81 -54.09 -19.22
C TYR K 141 9.85 -53.24 -18.39
N GLY K 142 9.44 -53.78 -17.24
CA GLY K 142 8.82 -53.04 -16.13
C GLY K 142 9.83 -52.30 -15.25
N GLU K 143 9.32 -51.75 -14.15
CA GLU K 143 10.03 -50.87 -13.23
C GLU K 143 10.15 -51.45 -11.83
N GLY K 144 11.30 -51.23 -11.19
CA GLY K 144 11.48 -51.43 -9.74
C GLY K 144 10.83 -50.32 -8.89
N ASP K 145 11.21 -50.24 -7.63
CA ASP K 145 10.76 -49.23 -6.66
C ASP K 145 11.93 -48.69 -5.82
N GLY K 146 11.67 -47.88 -4.79
CA GLY K 146 12.70 -47.50 -3.82
C GLY K 146 13.17 -48.64 -2.94
N SER K 147 12.53 -49.81 -3.00
CA SER K 147 13.09 -51.06 -2.49
C SER K 147 14.38 -51.46 -3.22
N ASP K 148 14.56 -51.00 -4.44
CA ASP K 148 15.64 -51.37 -5.35
C ASP K 148 16.78 -50.34 -5.43
N LEU K 149 16.70 -49.22 -4.71
CA LEU K 149 17.82 -48.32 -4.43
C LEU K 149 18.39 -48.67 -3.07
N ALA K 150 19.01 -49.85 -2.93
CA ALA K 150 19.46 -50.36 -1.65
C ALA K 150 20.93 -50.78 -1.66
N VAL K 151 21.62 -50.40 -0.59
CA VAL K 151 22.99 -50.77 -0.23
C VAL K 151 22.96 -51.72 0.96
N HIS K 152 23.87 -52.69 0.98
CA HIS K 152 23.82 -53.80 1.92
C HIS K 152 25.14 -53.92 2.68
N ASP K 153 25.09 -54.12 4.00
CA ASP K 153 26.25 -54.61 4.76
C ASP K 153 26.54 -56.07 4.39
N THR K 154 27.81 -56.31 4.04
CA THR K 154 28.34 -57.60 3.61
C THR K 154 29.75 -57.80 4.13
N THR K 155 30.32 -58.99 3.94
CA THR K 155 31.72 -59.25 4.24
C THR K 155 32.67 -58.30 3.47
N LEU K 156 32.21 -57.66 2.38
CA LEU K 156 32.99 -56.78 1.53
C LEU K 156 32.70 -55.29 1.77
N GLY K 157 32.20 -54.92 2.93
CA GLY K 157 31.72 -53.56 3.24
C GLY K 157 30.31 -53.29 2.71
N ARG K 158 29.92 -52.01 2.69
CA ARG K 158 28.63 -51.51 2.19
C ARG K 158 28.63 -51.60 0.67
N LEU K 159 27.82 -52.48 0.13
CA LEU K 159 27.84 -52.93 -1.25
C LEU K 159 26.53 -52.59 -1.96
N GLY K 160 26.58 -52.02 -3.17
CA GLY K 160 25.37 -51.64 -3.91
C GLY K 160 25.44 -51.87 -5.43
N ALA K 161 24.31 -51.73 -6.12
CA ALA K 161 24.23 -51.91 -7.56
C ALA K 161 23.12 -51.07 -8.19
N LEU K 162 23.34 -50.62 -9.43
CA LEU K 162 22.48 -49.85 -10.34
C LEU K 162 22.88 -50.27 -11.77
N CYS K 163 22.11 -49.97 -12.82
CA CYS K 163 22.56 -50.25 -14.18
C CYS K 163 22.18 -49.24 -15.26
N CYS K 164 23.02 -49.24 -16.29
CA CYS K 164 23.23 -48.18 -17.25
C CYS K 164 22.68 -46.80 -16.88
N ALA K 165 21.55 -46.39 -17.42
CA ALA K 165 21.03 -45.03 -17.29
C ALA K 165 20.71 -44.59 -15.85
N GLU K 166 20.68 -45.48 -14.86
CA GLU K 166 20.57 -45.09 -13.45
C GLU K 166 21.78 -44.33 -12.87
N HIS K 167 22.89 -44.20 -13.60
CA HIS K 167 23.98 -43.27 -13.26
C HIS K 167 23.74 -41.84 -13.76
N ILE K 168 22.74 -41.66 -14.65
CA ILE K 168 22.31 -40.43 -15.29
C ILE K 168 21.05 -39.87 -14.57
N GLN K 169 21.02 -40.00 -13.23
CA GLN K 169 19.86 -39.83 -12.37
C GLN K 169 20.30 -39.27 -11.02
N PRO K 170 20.46 -37.93 -10.86
CA PRO K 170 21.08 -37.39 -9.67
C PRO K 170 20.42 -37.77 -8.35
N LEU K 171 19.08 -37.79 -8.28
CA LEU K 171 18.38 -38.26 -7.09
C LEU K 171 18.61 -39.74 -6.84
N SER K 172 18.55 -40.58 -7.88
CA SER K 172 18.70 -42.05 -7.77
C SER K 172 20.06 -42.46 -7.27
N LYS K 173 21.12 -41.69 -7.54
CA LYS K 173 22.46 -41.95 -7.01
C LYS K 173 22.70 -41.24 -5.68
N TYR K 174 22.06 -40.11 -5.41
CA TYR K 174 22.04 -39.58 -4.05
C TYR K 174 21.34 -40.51 -3.05
N ALA K 175 20.28 -41.21 -3.47
CA ALA K 175 19.62 -42.21 -2.65
C ALA K 175 20.57 -43.34 -2.23
N MET K 176 21.52 -43.70 -3.11
CA MET K 176 22.59 -44.65 -2.83
C MET K 176 23.69 -44.04 -1.98
N TYR K 177 24.14 -42.83 -2.24
CA TYR K 177 25.18 -42.15 -1.46
C TYR K 177 24.79 -41.93 -0.01
N ALA K 178 23.52 -41.62 0.24
CA ALA K 178 22.98 -41.43 1.56
C ALA K 178 23.02 -42.67 2.45
N GLN K 179 23.21 -43.84 1.84
CA GLN K 179 23.40 -45.12 2.52
C GLN K 179 24.89 -45.46 2.81
N HIS K 180 25.80 -44.51 2.55
CA HIS K 180 27.24 -44.60 2.87
C HIS K 180 27.96 -45.77 2.22
N GLU K 181 27.55 -46.09 1.01
CA GLU K 181 28.10 -47.10 0.13
C GLU K 181 29.63 -47.02 -0.04
N GLN K 182 30.33 -48.17 0.03
CA GLN K 182 31.77 -48.30 -0.14
C GLN K 182 32.15 -48.90 -1.50
N VAL K 183 31.40 -49.89 -2.00
CA VAL K 183 31.65 -50.55 -3.28
C VAL K 183 30.38 -50.68 -4.10
N HIS K 184 30.48 -50.46 -5.41
CA HIS K 184 29.35 -50.33 -6.33
C HIS K 184 29.55 -51.15 -7.60
N ILE K 185 28.50 -51.79 -8.09
CA ILE K 185 28.52 -52.45 -9.40
C ILE K 185 27.62 -51.64 -10.33
N ALA K 186 28.26 -50.97 -11.27
CA ALA K 186 27.64 -50.16 -12.30
C ALA K 186 27.48 -51.01 -13.54
N ALA K 187 26.48 -51.89 -13.63
CA ALA K 187 26.38 -52.82 -14.75
C ALA K 187 25.93 -52.16 -16.06
N TRP K 188 26.58 -52.48 -17.18
CA TRP K 188 26.29 -51.89 -18.50
C TRP K 188 26.09 -52.94 -19.59
N PRO K 189 25.35 -52.62 -20.67
CA PRO K 189 25.29 -53.42 -21.88
C PRO K 189 26.48 -53.06 -22.79
N SER K 190 26.58 -53.63 -23.98
CA SER K 190 27.67 -53.29 -24.91
C SER K 190 27.56 -51.84 -25.39
N PHE K 191 28.68 -51.14 -25.59
CA PHE K 191 28.71 -49.77 -26.12
C PHE K 191 29.00 -49.69 -27.64
N SER K 192 28.54 -50.67 -28.42
CA SER K 192 28.66 -50.70 -29.89
C SER K 192 27.37 -50.42 -30.63
N VAL K 193 26.27 -50.09 -29.93
CA VAL K 193 25.01 -49.67 -30.54
C VAL K 193 25.15 -48.21 -30.97
N TYR K 194 24.73 -47.91 -32.21
CA TYR K 194 24.72 -46.57 -32.80
C TYR K 194 26.07 -45.85 -32.67
N ARG K 195 27.17 -46.57 -32.93
CA ARG K 195 28.54 -46.02 -32.89
C ARG K 195 28.64 -44.71 -33.67
N GLY K 196 29.10 -43.66 -33.01
CA GLY K 196 29.16 -42.28 -33.50
C GLY K 196 27.81 -41.58 -33.65
N ALA K 197 26.78 -42.28 -34.12
CA ALA K 197 25.47 -41.75 -34.46
C ALA K 197 24.61 -41.33 -33.24
N ALA K 198 24.81 -41.88 -32.04
CA ALA K 198 24.14 -41.45 -30.83
C ALA K 198 25.07 -41.50 -29.61
N PHE K 199 25.70 -40.38 -29.28
CA PHE K 199 26.74 -40.30 -28.26
C PHE K 199 26.28 -40.73 -26.88
N GLN K 200 25.01 -40.52 -26.53
CA GLN K 200 24.45 -40.93 -25.23
C GLN K 200 24.62 -42.42 -24.93
N LEU K 201 24.64 -43.27 -25.98
CA LEU K 201 24.79 -44.73 -25.88
C LEU K 201 26.24 -45.20 -25.98
N SER K 202 27.20 -44.28 -26.14
CA SER K 202 28.60 -44.58 -26.42
C SER K 202 29.41 -44.98 -25.20
N ALA K 203 30.65 -45.43 -25.38
CA ALA K 203 31.53 -45.71 -24.28
C ALA K 203 31.94 -44.42 -23.54
N GLN K 204 32.22 -43.33 -24.23
CA GLN K 204 32.71 -42.07 -23.62
C GLN K 204 31.64 -41.45 -22.72
N ALA K 205 30.37 -41.52 -23.07
CA ALA K 205 29.28 -41.02 -22.24
C ALA K 205 29.11 -41.82 -20.94
N ASN K 206 29.30 -43.14 -21.02
CA ASN K 206 28.92 -44.05 -19.95
C ASN K 206 30.10 -44.58 -19.13
N ASN K 207 31.31 -44.50 -19.66
CA ASN K 207 32.54 -44.51 -18.87
C ASN K 207 32.66 -43.24 -18.04
N ALA K 208 32.31 -42.06 -18.58
CA ALA K 208 32.23 -40.83 -17.80
C ALA K 208 31.21 -40.98 -16.67
N ALA K 209 29.98 -41.43 -16.94
CA ALA K 209 28.98 -41.64 -15.89
C ALA K 209 29.39 -42.61 -14.79
N SER K 210 30.10 -43.69 -15.12
CA SER K 210 30.65 -44.64 -14.14
C SER K 210 31.79 -44.02 -13.35
N GLN K 211 32.67 -43.27 -13.98
CA GLN K 211 33.78 -42.59 -13.33
C GLN K 211 33.29 -41.47 -12.40
N VAL K 212 32.29 -40.70 -12.84
CA VAL K 212 31.63 -39.66 -12.06
C VAL K 212 30.80 -40.24 -10.94
N TYR K 213 30.28 -41.47 -11.01
CA TYR K 213 29.69 -42.11 -9.86
C TYR K 213 30.73 -42.45 -8.78
N ALA K 214 31.91 -42.95 -9.18
CA ALA K 214 33.01 -43.22 -8.26
C ALA K 214 33.52 -41.94 -7.56
N LEU K 215 33.52 -40.83 -8.30
CA LEU K 215 33.98 -39.51 -7.90
C LEU K 215 32.94 -38.72 -7.08
N GLU K 216 31.65 -38.81 -7.39
CA GLU K 216 30.56 -38.26 -6.61
C GLU K 216 30.30 -39.04 -5.32
N GLY K 217 30.41 -40.37 -5.36
CA GLY K 217 30.08 -41.29 -4.28
C GLY K 217 31.21 -41.64 -3.32
N GLN K 218 32.45 -41.49 -3.78
CA GLN K 218 33.68 -41.96 -3.15
C GLN K 218 33.54 -43.42 -2.69
N CYS K 219 33.21 -44.23 -3.67
CA CYS K 219 33.07 -45.66 -3.57
C CYS K 219 33.76 -46.29 -4.76
N PHE K 220 34.33 -47.48 -4.62
CA PHE K 220 34.93 -48.18 -5.75
C PHE K 220 33.83 -48.61 -6.72
N VAL K 221 33.89 -48.25 -8.00
CA VAL K 221 32.89 -48.67 -8.99
C VAL K 221 33.48 -49.73 -9.89
N LEU K 222 32.90 -50.93 -9.87
CA LEU K 222 33.12 -51.97 -10.85
C LEU K 222 32.10 -51.76 -11.96
N ALA K 223 32.52 -51.41 -13.17
CA ALA K 223 31.62 -51.27 -14.31
C ALA K 223 31.79 -52.47 -15.26
N PRO K 224 31.19 -53.64 -15.01
CA PRO K 224 31.21 -54.72 -15.97
C PRO K 224 30.37 -54.36 -17.19
N CYS K 225 30.78 -54.82 -18.35
CA CYS K 225 30.18 -54.41 -19.62
C CYS K 225 30.09 -55.60 -20.54
N ALA K 226 28.96 -55.75 -21.21
CA ALA K 226 28.80 -56.81 -22.21
C ALA K 226 29.66 -56.51 -23.43
N THR K 227 29.72 -57.46 -24.34
CA THR K 227 30.23 -57.24 -25.68
C THR K 227 29.33 -57.97 -26.67
N VAL K 228 29.25 -57.47 -27.89
CA VAL K 228 28.58 -58.11 -29.01
C VAL K 228 29.59 -58.96 -29.77
N SER K 229 29.17 -60.09 -30.35
CA SER K 229 30.07 -61.09 -30.92
C SER K 229 29.62 -61.52 -32.32
N LYS K 230 30.52 -62.11 -33.12
CA LYS K 230 30.23 -62.50 -34.51
C LYS K 230 28.94 -63.31 -34.62
N GLU K 231 28.86 -64.38 -33.82
CA GLU K 231 27.75 -65.32 -33.80
C GLU K 231 26.50 -64.80 -33.07
N MET K 232 26.59 -63.68 -32.38
CA MET K 232 25.41 -62.93 -31.90
C MET K 232 24.84 -62.06 -33.01
N LEU K 233 25.68 -61.44 -33.84
CA LEU K 233 25.24 -60.64 -34.97
C LEU K 233 24.62 -61.48 -36.09
N ASP K 234 25.13 -62.69 -36.33
CA ASP K 234 24.59 -63.64 -37.32
C ASP K 234 23.14 -64.09 -37.06
N GLU K 235 22.56 -63.70 -35.94
CA GLU K 235 21.17 -63.95 -35.52
C GLU K 235 20.33 -62.65 -35.47
N LEU K 236 20.98 -61.49 -35.53
CA LEU K 236 20.50 -60.21 -35.03
C LEU K 236 20.59 -59.10 -36.08
N ILE K 237 21.41 -59.30 -37.11
CA ILE K 237 21.59 -58.46 -38.29
C ILE K 237 21.27 -59.31 -39.54
N ASP K 238 20.65 -58.70 -40.53
CA ASP K 238 20.10 -59.36 -41.72
C ASP K 238 20.23 -58.52 -43.02
N SER K 239 20.72 -57.28 -42.92
CA SER K 239 20.71 -56.24 -43.96
C SER K 239 21.67 -55.09 -43.62
N PRO K 240 22.14 -54.27 -44.57
CA PRO K 240 23.01 -53.13 -44.28
C PRO K 240 22.29 -52.03 -43.47
N ALA K 241 20.96 -51.90 -43.59
CA ALA K 241 20.15 -50.99 -42.77
C ALA K 241 20.24 -51.26 -41.25
N LYS K 242 20.64 -52.49 -40.86
CA LYS K 242 20.97 -52.81 -39.46
C LYS K 242 22.48 -52.85 -39.20
N ALA K 243 23.31 -53.06 -40.22
CA ALA K 243 24.69 -53.50 -40.03
C ALA K 243 25.53 -52.54 -39.19
N GLU K 244 25.58 -51.25 -39.54
CA GLU K 244 26.25 -50.22 -38.74
C GLU K 244 25.48 -49.78 -37.46
N LEU K 245 24.25 -50.26 -37.23
CA LEU K 245 23.53 -49.95 -36.01
C LEU K 245 24.01 -50.74 -34.77
N LEU K 246 24.74 -51.85 -34.93
CA LEU K 246 25.34 -52.60 -33.81
C LEU K 246 26.59 -53.36 -34.27
N LEU K 247 27.75 -52.90 -33.83
CA LEU K 247 29.04 -53.41 -34.29
C LEU K 247 29.55 -54.56 -33.40
N GLU K 248 30.41 -55.44 -33.92
CA GLU K 248 31.09 -56.41 -33.07
C GLU K 248 32.03 -55.71 -32.08
N GLY K 249 32.15 -56.21 -30.85
CA GLY K 249 32.92 -55.61 -29.78
C GLY K 249 32.03 -54.82 -28.81
N GLY K 250 32.28 -53.54 -28.64
CA GLY K 250 31.54 -52.75 -27.66
C GLY K 250 31.87 -53.04 -26.21
N GLY K 251 32.94 -53.77 -25.88
CA GLY K 251 33.33 -54.06 -24.51
C GLY K 251 34.21 -52.95 -23.92
N PHE K 252 33.64 -52.14 -23.03
CA PHE K 252 34.35 -51.07 -22.30
C PHE K 252 34.10 -51.18 -20.80
N ALA K 253 34.27 -52.38 -20.27
CA ALA K 253 34.30 -52.53 -18.83
C ALA K 253 35.47 -51.71 -18.25
N MET K 254 35.29 -51.18 -17.05
CA MET K 254 36.29 -50.45 -16.29
C MET K 254 36.13 -50.72 -14.80
N ILE K 255 37.15 -50.43 -14.00
CA ILE K 255 37.04 -50.39 -12.54
C ILE K 255 37.63 -49.07 -12.08
N TYR K 256 36.97 -48.36 -11.18
CA TYR K 256 37.39 -47.06 -10.66
C TYR K 256 37.58 -47.08 -9.13
N GLY K 257 38.51 -46.28 -8.63
CA GLY K 257 38.75 -46.04 -7.22
C GLY K 257 37.84 -44.91 -6.69
N PRO K 258 37.81 -44.66 -5.37
CA PRO K 258 36.89 -43.69 -4.80
C PRO K 258 37.25 -42.23 -5.12
N ASP K 259 38.44 -41.96 -5.67
CA ASP K 259 38.83 -40.66 -6.20
C ASP K 259 38.50 -40.53 -7.71
N GLY K 260 37.96 -41.59 -8.30
CA GLY K 260 37.60 -41.68 -9.70
C GLY K 260 38.69 -42.25 -10.59
N ALA K 261 39.90 -42.53 -10.11
CA ALA K 261 40.97 -43.01 -11.01
C ALA K 261 40.67 -44.42 -11.54
N PRO K 262 40.90 -44.74 -12.83
CA PRO K 262 40.73 -46.08 -13.37
C PRO K 262 41.80 -47.05 -12.84
N LEU K 263 41.36 -48.04 -12.06
CA LEU K 263 42.17 -49.10 -11.45
C LEU K 263 42.40 -50.29 -12.35
N CYS K 264 41.58 -50.48 -13.38
CA CYS K 264 41.72 -51.61 -14.30
C CYS K 264 42.86 -51.39 -15.31
N THR K 265 43.58 -52.46 -15.62
CA THR K 265 44.38 -52.56 -16.84
C THR K 265 43.47 -52.74 -18.06
N PRO K 266 43.77 -52.18 -19.24
CA PRO K 266 42.86 -52.19 -20.37
C PRO K 266 42.56 -53.61 -20.92
N LEU K 267 41.57 -53.66 -21.81
CA LEU K 267 41.30 -54.77 -22.75
C LEU K 267 41.02 -54.17 -24.12
N ALA K 268 41.13 -54.96 -25.19
CA ALA K 268 40.59 -54.49 -26.46
C ALA K 268 39.05 -54.41 -26.41
N GLU K 269 38.45 -53.61 -27.29
CA GLU K 269 36.99 -53.43 -27.35
C GLU K 269 36.28 -54.71 -27.77
N THR K 270 36.92 -55.49 -28.64
CA THR K 270 36.43 -56.77 -29.14
C THR K 270 36.73 -57.95 -28.21
N GLU K 271 37.54 -57.75 -27.17
CA GLU K 271 38.08 -58.83 -26.35
C GLU K 271 37.18 -59.19 -25.17
N GLU K 272 36.86 -60.47 -25.01
CA GLU K 272 36.29 -60.99 -23.79
C GLU K 272 37.38 -61.28 -22.74
N GLY K 273 37.02 -61.25 -21.47
CA GLY K 273 37.96 -61.43 -20.36
C GLY K 273 37.33 -61.04 -19.04
N ILE K 274 38.14 -61.01 -17.99
CA ILE K 274 37.75 -60.45 -16.70
C ILE K 274 38.78 -59.36 -16.35
N LEU K 275 38.30 -58.16 -16.03
CA LEU K 275 39.12 -57.10 -15.46
C LEU K 275 39.26 -57.33 -13.97
N TYR K 276 40.41 -56.97 -13.39
CA TYR K 276 40.63 -57.08 -11.95
C TYR K 276 41.24 -55.83 -11.35
N ALA K 277 40.96 -55.57 -10.08
CA ALA K 277 41.64 -54.53 -9.31
C ALA K 277 41.79 -54.91 -7.84
N ASP K 278 42.87 -54.45 -7.20
CA ASP K 278 43.05 -54.59 -5.76
C ASP K 278 42.34 -53.42 -5.07
N ILE K 279 41.44 -53.75 -4.14
CA ILE K 279 40.54 -52.83 -3.45
C ILE K 279 40.97 -52.67 -2.00
N ASP K 280 40.89 -51.45 -1.48
CA ASP K 280 41.25 -51.09 -0.13
C ASP K 280 40.26 -50.08 0.41
N LEU K 281 39.30 -50.51 1.23
CA LEU K 281 38.26 -49.65 1.80
C LEU K 281 38.81 -48.58 2.78
N GLY K 282 40.10 -48.64 3.13
CA GLY K 282 40.79 -47.53 3.79
C GLY K 282 40.90 -46.28 2.90
N VAL K 283 41.03 -46.44 1.58
CA VAL K 283 41.28 -45.32 0.64
C VAL K 283 40.07 -44.40 0.49
N ILE K 284 38.87 -44.88 0.82
CA ILE K 284 37.66 -44.08 0.86
C ILE K 284 37.80 -42.90 1.84
N GLY K 285 38.45 -43.07 2.99
CA GLY K 285 38.74 -41.96 3.88
C GLY K 285 39.63 -40.86 3.28
N VAL K 286 40.50 -41.20 2.33
CA VAL K 286 41.32 -40.23 1.62
C VAL K 286 40.48 -39.48 0.60
N ALA K 287 39.75 -40.18 -0.25
CA ALA K 287 38.85 -39.57 -1.22
C ALA K 287 37.76 -38.71 -0.57
N LYS K 288 37.17 -39.17 0.52
CA LYS K 288 36.16 -38.45 1.30
C LYS K 288 36.68 -37.34 2.17
N ALA K 289 37.98 -37.08 2.19
CA ALA K 289 38.50 -35.81 2.66
C ALA K 289 38.20 -34.65 1.68
N ALA K 290 38.04 -34.94 0.37
CA ALA K 290 37.78 -33.92 -0.65
C ALA K 290 36.29 -33.62 -0.83
N TYR K 291 35.48 -34.65 -1.11
CA TYR K 291 34.04 -34.57 -1.36
C TYR K 291 33.31 -35.61 -0.51
N ASP K 292 32.14 -35.28 0.01
CA ASP K 292 31.21 -36.24 0.60
C ASP K 292 29.80 -35.66 0.48
N PRO K 293 29.02 -36.00 -0.54
CA PRO K 293 27.77 -35.31 -0.87
C PRO K 293 26.67 -35.52 0.16
N VAL K 294 26.93 -36.35 1.16
CA VAL K 294 26.05 -36.72 2.27
C VAL K 294 26.71 -36.45 3.63
N GLY K 295 27.73 -35.62 3.64
CA GLY K 295 28.55 -35.28 4.80
C GLY K 295 28.98 -33.83 4.73
N HIS K 296 30.28 -33.57 4.72
CA HIS K 296 30.80 -32.20 4.71
C HIS K 296 30.56 -31.47 3.39
N TYR K 297 30.28 -32.15 2.27
CA TYR K 297 29.99 -31.52 0.98
C TYR K 297 28.47 -31.51 0.72
N SER K 298 27.69 -31.22 1.77
CA SER K 298 26.22 -31.26 1.70
C SER K 298 25.56 -30.21 2.59
N ARG K 299 24.39 -29.73 2.14
CA ARG K 299 23.70 -28.58 2.73
C ARG K 299 22.23 -28.86 2.99
N PRO K 300 21.87 -29.59 4.07
CA PRO K 300 20.50 -29.97 4.40
C PRO K 300 19.59 -28.81 4.73
N ASP K 301 20.15 -27.63 5.01
CA ASP K 301 19.42 -26.38 5.10
C ASP K 301 18.87 -25.91 3.75
N VAL K 302 19.47 -26.35 2.64
CA VAL K 302 19.14 -25.93 1.30
C VAL K 302 18.51 -27.05 0.48
N LEU K 303 19.01 -28.28 0.59
CA LEU K 303 18.63 -29.45 -0.23
C LEU K 303 18.45 -30.72 0.59
N ARG K 304 17.43 -31.49 0.33
CA ARG K 304 17.24 -32.83 0.90
C ARG K 304 16.59 -33.77 -0.10
N LEU K 305 16.75 -35.07 0.08
CA LEU K 305 16.08 -36.07 -0.73
C LEU K 305 14.91 -36.62 0.05
N LEU K 306 13.71 -36.62 -0.51
CA LEU K 306 12.55 -37.39 -0.07
C LEU K 306 12.57 -38.71 -0.82
N VAL K 307 12.57 -39.84 -0.13
CA VAL K 307 12.63 -41.16 -0.76
C VAL K 307 11.65 -42.13 -0.16
N ASN K 308 10.93 -42.87 -1.01
CA ASN K 308 9.96 -43.87 -0.63
C ASN K 308 10.55 -45.27 -0.80
N ARG K 309 11.00 -45.90 0.29
CA ARG K 309 11.65 -47.25 0.29
C ARG K 309 10.68 -48.44 0.17
N GLU K 310 9.39 -48.23 0.29
CA GLU K 310 8.40 -49.30 0.32
C GLU K 310 8.28 -49.97 -1.06
N PRO K 311 8.25 -51.31 -1.17
CA PRO K 311 7.96 -52.01 -2.39
C PRO K 311 6.47 -51.85 -2.76
N MET K 312 6.17 -51.66 -4.04
CA MET K 312 4.83 -51.40 -4.55
C MET K 312 4.16 -52.66 -5.06
N THR K 313 3.22 -53.18 -4.29
CA THR K 313 2.27 -54.24 -4.63
C THR K 313 1.11 -53.67 -5.46
N ARG K 314 0.55 -54.48 -6.36
CA ARG K 314 -0.63 -54.08 -7.16
C ARG K 314 -1.94 -54.37 -6.41
N VAL K 315 -1.99 -55.43 -5.61
CA VAL K 315 -3.13 -55.83 -4.77
C VAL K 315 -2.74 -55.83 -3.28
N HIS K 316 -3.62 -55.36 -2.41
CA HIS K 316 -3.49 -55.44 -0.96
C HIS K 316 -4.63 -56.28 -0.39
N TYR K 317 -4.38 -57.59 -0.26
CA TYR K 317 -5.33 -58.53 0.32
C TYR K 317 -5.68 -58.11 1.77
N VAL K 318 -6.97 -58.07 2.10
CA VAL K 318 -7.46 -57.62 3.43
C VAL K 318 -7.16 -58.67 4.48
N GLN K 319 -6.15 -58.44 5.33
CA GLN K 319 -5.67 -59.46 6.27
C GLN K 319 -6.73 -59.76 7.34
N PRO K 320 -7.07 -61.04 7.59
CA PRO K 320 -8.24 -61.44 8.38
C PRO K 320 -8.07 -61.10 9.86
N LYS L 5 -27.53 -29.34 -19.28
CA LYS L 5 -28.20 -29.60 -20.59
C LYS L 5 -28.47 -31.10 -20.74
N LYS L 6 -29.74 -31.53 -20.67
CA LYS L 6 -30.11 -32.95 -20.50
C LYS L 6 -30.09 -33.79 -21.80
N GLN L 7 -30.20 -33.17 -22.98
CA GLN L 7 -30.05 -33.83 -24.28
C GLN L 7 -29.24 -32.96 -25.26
N TYR L 8 -28.42 -33.55 -26.12
CA TYR L 8 -27.60 -32.83 -27.10
C TYR L 8 -27.05 -33.75 -28.20
N LYS L 9 -26.43 -33.18 -29.24
CA LYS L 9 -25.70 -33.92 -30.28
C LYS L 9 -24.20 -33.93 -29.96
N VAL L 10 -23.52 -35.03 -30.23
CA VAL L 10 -22.06 -35.15 -30.04
C VAL L 10 -21.35 -35.61 -31.29
N ALA L 11 -20.11 -35.18 -31.45
CA ALA L 11 -19.27 -35.43 -32.60
C ALA L 11 -17.98 -36.17 -32.22
N ALA L 12 -17.66 -37.28 -32.88
CA ALA L 12 -16.33 -37.91 -32.84
C ALA L 12 -15.64 -37.71 -34.19
N VAL L 13 -14.48 -37.08 -34.18
CA VAL L 13 -13.67 -36.82 -35.39
C VAL L 13 -13.03 -38.11 -35.92
N GLN L 14 -13.19 -38.40 -37.21
CA GLN L 14 -12.45 -39.42 -37.93
C GLN L 14 -11.61 -38.77 -39.04
N ALA L 15 -10.46 -38.19 -38.71
CA ALA L 15 -9.69 -37.34 -39.63
C ALA L 15 -8.18 -37.60 -39.56
N ALA L 16 -7.48 -37.40 -40.68
CA ALA L 16 -6.03 -37.49 -40.74
C ALA L 16 -5.37 -36.21 -40.20
N PRO L 17 -4.43 -36.29 -39.26
CA PRO L 17 -3.73 -35.14 -38.72
C PRO L 17 -2.79 -34.53 -39.77
N ALA L 18 -2.51 -33.23 -39.68
CA ALA L 18 -1.52 -32.57 -40.53
C ALA L 18 -0.09 -32.91 -40.07
N PHE L 19 0.29 -34.16 -40.34
CA PHE L 19 1.36 -34.91 -39.66
C PHE L 19 2.66 -34.12 -39.58
N LEU L 20 3.08 -33.82 -38.35
CA LEU L 20 4.30 -33.09 -38.01
C LEU L 20 4.43 -31.72 -38.69
N ASP L 21 3.38 -30.93 -38.53
CA ASP L 21 3.37 -29.48 -38.54
C ASP L 21 2.27 -29.07 -37.55
N LEU L 22 2.60 -28.30 -36.51
CA LEU L 22 1.57 -27.99 -35.51
C LEU L 22 0.48 -27.08 -36.09
N GLU L 23 0.85 -26.13 -36.94
CA GLU L 23 -0.06 -25.04 -37.35
C GLU L 23 -1.15 -25.51 -38.31
N ALA L 24 -0.81 -26.33 -39.32
CA ALA L 24 -1.80 -27.01 -40.14
C ALA L 24 -2.70 -27.96 -39.33
N GLY L 25 -2.18 -28.59 -38.28
CA GLY L 25 -2.96 -29.40 -37.34
C GLY L 25 -4.00 -28.55 -36.63
N VAL L 26 -3.56 -27.41 -36.09
CA VAL L 26 -4.41 -26.44 -35.42
C VAL L 26 -5.47 -25.86 -36.36
N ALA L 27 -5.11 -25.50 -37.58
CA ALA L 27 -6.02 -24.97 -38.60
C ALA L 27 -7.09 -25.98 -39.01
N LYS L 28 -6.74 -27.28 -39.10
CA LYS L 28 -7.70 -28.34 -39.41
C LYS L 28 -8.58 -28.68 -38.21
N ALA L 29 -8.06 -28.66 -36.98
CA ALA L 29 -8.85 -28.76 -35.77
C ALA L 29 -9.85 -27.63 -35.70
N ILE L 30 -9.48 -26.38 -35.98
CA ILE L 30 -10.39 -25.22 -36.04
C ILE L 30 -11.51 -25.46 -37.07
N GLY L 31 -11.19 -25.99 -38.26
CA GLY L 31 -12.19 -26.28 -39.28
C GLY L 31 -13.15 -27.40 -38.90
N LEU L 32 -12.67 -28.43 -38.20
CA LEU L 32 -13.49 -29.50 -37.66
C LEU L 32 -14.31 -29.07 -36.42
N ILE L 33 -13.80 -28.16 -35.59
CA ILE L 33 -14.53 -27.55 -34.47
C ILE L 33 -15.71 -26.75 -35.02
N ALA L 34 -15.47 -25.97 -36.08
CA ALA L 34 -16.50 -25.23 -36.79
C ALA L 34 -17.54 -26.14 -37.44
N GLN L 35 -17.07 -27.21 -38.10
CA GLN L 35 -17.92 -28.17 -38.80
C GLN L 35 -18.80 -28.97 -37.83
N ALA L 36 -18.32 -29.29 -36.63
CA ALA L 36 -19.09 -29.97 -35.60
C ALA L 36 -20.27 -29.12 -35.12
N ALA L 37 -20.05 -27.85 -34.82
CA ALA L 37 -21.08 -26.90 -34.43
C ALA L 37 -22.03 -26.53 -35.61
N ALA L 38 -21.54 -26.47 -36.84
CA ALA L 38 -22.33 -26.28 -38.04
C ALA L 38 -23.34 -27.44 -38.25
N GLU L 39 -22.97 -28.69 -37.95
CA GLU L 39 -23.92 -29.81 -37.88
C GLU L 39 -24.72 -29.90 -36.55
N GLY L 40 -24.40 -29.03 -35.58
CA GLY L 40 -25.16 -28.80 -34.36
C GLY L 40 -24.63 -29.48 -33.10
N ALA L 41 -23.46 -30.11 -33.13
CA ALA L 41 -22.89 -30.80 -31.98
C ALA L 41 -22.58 -29.84 -30.83
N SER L 42 -22.89 -30.24 -29.61
CA SER L 42 -22.50 -29.53 -28.37
C SER L 42 -21.15 -29.97 -27.83
N LEU L 43 -20.62 -31.09 -28.31
CA LEU L 43 -19.30 -31.65 -28.01
C LEU L 43 -18.65 -32.15 -29.30
N VAL L 44 -17.37 -31.87 -29.49
CA VAL L 44 -16.52 -32.53 -30.48
C VAL L 44 -15.31 -33.17 -29.80
N ALA L 45 -14.95 -34.38 -30.19
CA ALA L 45 -13.83 -35.10 -29.60
C ALA L 45 -12.82 -35.53 -30.66
N PHE L 46 -11.54 -35.24 -30.44
CA PHE L 46 -10.44 -35.52 -31.34
C PHE L 46 -9.68 -36.82 -31.00
N PRO L 47 -9.09 -37.49 -32.00
CA PRO L 47 -8.28 -38.68 -31.84
C PRO L 47 -7.04 -38.54 -30.93
N GLU L 48 -6.40 -39.64 -30.61
CA GLU L 48 -5.17 -39.62 -29.80
C GLU L 48 -4.00 -38.91 -30.50
N ALA L 49 -3.21 -38.13 -29.76
CA ALA L 49 -2.01 -37.42 -30.22
C ALA L 49 -2.21 -36.47 -31.43
N TRP L 50 -3.44 -36.09 -31.75
CA TRP L 50 -3.81 -35.54 -33.05
C TRP L 50 -3.16 -34.20 -33.42
N LEU L 51 -2.71 -33.40 -32.45
CA LEU L 51 -1.78 -32.28 -32.65
C LEU L 51 -0.39 -32.69 -32.10
N PRO L 52 0.68 -32.79 -32.90
CA PRO L 52 0.79 -32.61 -34.35
C PRO L 52 0.46 -33.89 -35.15
N GLY L 53 -0.04 -34.92 -34.51
CA GLY L 53 -0.30 -36.24 -35.09
C GLY L 53 0.47 -37.34 -34.37
N TYR L 54 -0.10 -38.55 -34.34
CA TYR L 54 0.45 -39.68 -33.62
C TYR L 54 1.85 -40.07 -34.13
N PRO L 55 2.82 -40.39 -33.25
CA PRO L 55 4.22 -40.56 -33.60
C PRO L 55 4.52 -41.90 -34.27
N TRP L 56 4.05 -42.09 -35.50
CA TRP L 56 4.04 -43.40 -36.15
C TRP L 56 5.38 -44.11 -36.37
N TRP L 57 6.51 -43.42 -36.43
CA TRP L 57 7.80 -44.07 -36.67
C TRP L 57 8.17 -45.10 -35.60
N ILE L 58 7.69 -44.96 -34.37
CA ILE L 58 7.99 -45.90 -33.28
C ILE L 58 7.55 -47.34 -33.61
N TRP L 59 6.50 -47.50 -34.43
CA TRP L 59 6.04 -48.79 -34.90
C TRP L 59 6.73 -49.25 -36.18
N LEU L 60 7.34 -48.35 -36.94
CA LEU L 60 7.90 -48.65 -38.26
C LEU L 60 9.39 -48.91 -38.26
N ASP L 61 10.13 -48.38 -37.29
CA ASP L 61 11.59 -48.27 -37.31
C ASP L 61 12.24 -48.53 -35.95
N SER L 62 13.53 -48.82 -35.94
CA SER L 62 14.37 -48.64 -34.77
C SER L 62 14.41 -47.19 -34.28
N PRO L 63 14.80 -46.90 -33.03
CA PRO L 63 15.01 -45.53 -32.56
C PRO L 63 15.87 -44.66 -33.51
N ALA L 64 16.94 -45.20 -34.10
CA ALA L 64 17.75 -44.53 -35.10
C ALA L 64 16.92 -44.09 -36.32
N GLY L 65 16.06 -44.93 -36.87
CA GLY L 65 15.16 -44.57 -37.95
C GLY L 65 14.11 -43.52 -37.55
N GLY L 66 13.76 -43.42 -36.27
CA GLY L 66 12.91 -42.36 -35.74
C GLY L 66 13.59 -40.99 -35.63
N MET L 67 14.92 -40.90 -35.52
CA MET L 67 15.58 -39.64 -35.16
C MET L 67 15.30 -38.43 -36.06
N ARG L 68 14.94 -38.63 -37.33
CA ARG L 68 14.53 -37.53 -38.23
C ARG L 68 13.17 -36.91 -37.87
N PHE L 69 12.34 -37.63 -37.11
CA PHE L 69 11.04 -37.18 -36.61
C PHE L 69 11.07 -36.67 -35.18
N VAL L 70 12.07 -37.04 -34.39
CA VAL L 70 12.13 -36.70 -32.96
C VAL L 70 12.20 -35.18 -32.74
N GLN L 71 13.11 -34.50 -33.43
CA GLN L 71 13.22 -33.05 -33.33
C GLN L 71 11.93 -32.35 -33.79
N ARG L 72 11.33 -32.86 -34.87
CA ARG L 72 10.11 -32.33 -35.47
C ARG L 72 8.90 -32.50 -34.56
N ASN L 73 8.76 -33.67 -33.93
CA ASN L 73 7.70 -33.95 -32.97
C ASN L 73 7.83 -33.10 -31.69
N PHE L 74 9.05 -32.91 -31.19
CA PHE L 74 9.32 -32.02 -30.07
C PHE L 74 9.09 -30.53 -30.40
N ASP L 75 9.54 -30.06 -31.57
CA ASP L 75 9.36 -28.67 -32.02
C ASP L 75 7.90 -28.37 -32.46
N ASN L 76 7.07 -29.39 -32.62
CA ASN L 76 5.64 -29.30 -32.99
C ASN L 76 4.70 -29.86 -31.91
N ALA L 77 5.20 -30.09 -30.69
CA ALA L 77 4.39 -30.40 -29.53
C ALA L 77 3.61 -29.16 -29.09
N LEU L 78 2.39 -29.39 -28.62
CA LEU L 78 1.43 -28.37 -28.23
C LEU L 78 1.49 -28.11 -26.71
N GLU L 79 2.21 -27.08 -26.26
CA GLU L 79 2.18 -26.69 -24.85
C GLU L 79 0.83 -26.09 -24.44
N VAL L 80 0.30 -26.49 -23.29
CA VAL L 80 -0.95 -25.93 -22.74
C VAL L 80 -0.78 -24.45 -22.43
N GLY L 81 -1.65 -23.61 -22.98
CA GLY L 81 -1.57 -22.16 -22.85
C GLY L 81 -0.61 -21.45 -23.82
N SER L 82 -0.01 -22.16 -24.78
CA SER L 82 0.73 -21.54 -25.89
C SER L 82 -0.19 -20.90 -26.92
N GLU L 83 0.31 -19.99 -27.76
CA GLU L 83 -0.50 -19.36 -28.82
C GLU L 83 -1.18 -20.37 -29.78
N PRO L 84 -0.55 -21.45 -30.27
CA PRO L 84 -1.25 -22.53 -30.97
C PRO L 84 -2.24 -23.33 -30.12
N PHE L 85 -2.21 -23.24 -28.79
CA PHE L 85 -3.23 -23.82 -27.92
C PHE L 85 -4.41 -22.87 -27.74
N GLU L 86 -4.17 -21.56 -27.60
CA GLU L 86 -5.22 -20.55 -27.56
C GLU L 86 -6.02 -20.48 -28.88
N ARG L 87 -5.39 -20.73 -30.02
CA ARG L 87 -6.10 -20.85 -31.31
C ARG L 87 -7.21 -21.92 -31.26
N LEU L 88 -7.00 -23.02 -30.54
CA LEU L 88 -7.99 -24.08 -30.32
C LEU L 88 -8.98 -23.71 -29.22
N CYS L 89 -8.51 -22.99 -28.20
CA CYS L 89 -9.27 -22.59 -27.03
C CYS L 89 -10.33 -21.53 -27.38
N ARG L 90 -9.93 -20.48 -28.11
CA ARG L 90 -10.85 -19.47 -28.64
C ARG L 90 -11.80 -20.07 -29.66
N ALA L 91 -11.34 -20.96 -30.55
CA ALA L 91 -12.24 -21.61 -31.50
C ALA L 91 -13.39 -22.41 -30.87
N ALA L 92 -13.27 -22.88 -29.62
CA ALA L 92 -14.35 -23.50 -28.87
C ALA L 92 -15.41 -22.50 -28.37
N ALA L 93 -15.02 -21.26 -28.04
CA ALA L 93 -15.95 -20.16 -27.76
C ALA L 93 -16.57 -19.58 -29.04
N GLN L 94 -15.75 -19.30 -30.04
CA GLN L 94 -16.14 -18.80 -31.35
C GLN L 94 -17.13 -19.74 -32.08
N HIS L 95 -17.31 -20.99 -31.65
CA HIS L 95 -18.36 -21.89 -32.12
C HIS L 95 -19.30 -22.46 -31.05
N LYS L 96 -19.19 -22.01 -29.78
CA LYS L 96 -19.97 -22.43 -28.59
C LYS L 96 -20.14 -23.96 -28.49
N ILE L 97 -19.03 -24.68 -28.43
CA ILE L 97 -18.95 -26.15 -28.45
C ILE L 97 -17.88 -26.64 -27.48
N TYR L 98 -18.16 -27.71 -26.71
CA TYR L 98 -17.14 -28.37 -25.90
C TYR L 98 -16.15 -29.09 -26.83
N VAL L 99 -14.86 -28.81 -26.71
CA VAL L 99 -13.83 -29.46 -27.52
C VAL L 99 -13.02 -30.38 -26.62
N VAL L 100 -12.89 -31.65 -26.97
CA VAL L 100 -11.94 -32.56 -26.34
C VAL L 100 -10.81 -32.79 -27.31
N LEU L 101 -9.72 -32.04 -27.15
CA LEU L 101 -8.51 -32.25 -27.92
C LEU L 101 -7.84 -33.55 -27.52
N GLY L 102 -7.10 -34.14 -28.45
CA GLY L 102 -6.02 -35.09 -28.20
C GLY L 102 -4.74 -34.57 -28.82
N PHE L 103 -3.62 -34.60 -28.10
CA PHE L 103 -2.38 -33.94 -28.53
C PHE L 103 -1.12 -34.55 -27.90
N THR L 104 0.03 -34.25 -28.48
CA THR L 104 1.32 -34.32 -27.80
C THR L 104 1.52 -33.01 -27.05
N GLU L 105 1.54 -33.04 -25.71
CA GLU L 105 2.02 -31.93 -24.91
C GLU L 105 3.54 -31.96 -24.82
N ARG L 106 4.20 -30.84 -24.53
CA ARG L 106 5.53 -30.84 -23.90
C ARG L 106 5.56 -30.00 -22.63
N SER L 107 6.33 -30.41 -21.63
CA SER L 107 6.70 -29.57 -20.48
C SER L 107 8.19 -29.55 -20.28
N GLY L 108 8.83 -28.43 -20.64
CA GLY L 108 10.27 -28.21 -20.55
C GLY L 108 11.12 -29.05 -21.52
N GLY L 109 10.97 -30.36 -21.42
CA GLY L 109 11.81 -31.33 -22.06
C GLY L 109 11.26 -32.72 -22.22
N THR L 110 10.08 -32.99 -21.68
CA THR L 110 9.38 -34.28 -21.78
C THR L 110 8.10 -34.11 -22.56
N LEU L 111 7.83 -35.00 -23.51
CA LEU L 111 6.55 -35.07 -24.18
C LEU L 111 5.56 -35.86 -23.33
N TYR L 112 4.30 -35.50 -23.35
CA TYR L 112 3.23 -36.25 -22.71
C TYR L 112 2.08 -36.47 -23.68
N LEU L 113 1.45 -37.63 -23.60
CA LEU L 113 0.33 -37.95 -24.46
C LEU L 113 -0.95 -37.43 -23.82
N ALA L 114 -1.50 -36.34 -24.32
CA ALA L 114 -2.36 -35.44 -23.59
C ALA L 114 -3.75 -35.28 -24.22
N GLN L 115 -4.69 -34.80 -23.41
CA GLN L 115 -6.04 -34.44 -23.81
C GLN L 115 -6.52 -33.22 -23.02
N ALA L 116 -7.42 -32.41 -23.57
CA ALA L 116 -7.97 -31.25 -22.88
C ALA L 116 -9.43 -31.03 -23.23
N ILE L 117 -10.29 -31.06 -22.22
CA ILE L 117 -11.69 -30.67 -22.35
C ILE L 117 -11.76 -29.16 -22.23
N ILE L 118 -12.25 -28.50 -23.27
CA ILE L 118 -12.39 -27.06 -23.38
C ILE L 118 -13.89 -26.74 -23.31
N ASP L 119 -14.26 -25.78 -22.46
CA ASP L 119 -15.60 -25.31 -22.17
C ASP L 119 -16.26 -24.57 -23.36
N ASP L 120 -17.57 -24.36 -23.30
CA ASP L 120 -18.33 -23.49 -24.22
C ASP L 120 -17.85 -22.04 -24.23
N CYS L 121 -17.36 -21.56 -23.08
CA CYS L 121 -16.69 -20.27 -22.94
C CYS L 121 -15.22 -20.28 -23.39
N GLY L 122 -14.73 -21.35 -24.03
CA GLY L 122 -13.41 -21.40 -24.64
C GLY L 122 -12.25 -21.26 -23.65
N ARG L 123 -12.28 -22.09 -22.61
CA ARG L 123 -11.33 -22.18 -21.50
C ARG L 123 -11.19 -23.64 -21.09
N VAL L 124 -10.06 -24.04 -20.51
CA VAL L 124 -9.84 -25.41 -20.06
C VAL L 124 -10.78 -25.73 -18.89
N VAL L 125 -11.58 -26.81 -19.03
CA VAL L 125 -12.25 -27.47 -17.92
C VAL L 125 -11.21 -28.28 -17.14
N ALA L 126 -10.42 -29.06 -17.86
CA ALA L 126 -9.17 -29.65 -17.41
C ALA L 126 -8.35 -30.15 -18.59
N THR L 127 -7.05 -29.91 -18.56
CA THR L 127 -6.07 -30.67 -19.35
C THR L 127 -5.69 -31.97 -18.64
N ARG L 128 -4.99 -32.86 -19.34
CA ARG L 128 -4.77 -34.26 -18.94
C ARG L 128 -3.52 -34.82 -19.60
N ARG L 129 -2.94 -35.86 -19.02
CA ARG L 129 -1.89 -36.71 -19.59
C ARG L 129 -2.23 -38.19 -19.39
N LYS L 130 -1.79 -39.06 -20.29
CA LYS L 130 -1.95 -40.52 -20.19
C LYS L 130 -1.15 -41.07 -19.01
N LEU L 131 -1.73 -41.91 -18.15
CA LEU L 131 -1.00 -42.45 -17.00
C LEU L 131 0.17 -43.32 -17.43
N LYS L 132 -0.07 -44.33 -18.25
CA LYS L 132 0.98 -45.19 -18.81
C LYS L 132 0.85 -45.20 -20.32
N PRO L 133 1.85 -44.74 -21.10
CA PRO L 133 1.89 -44.99 -22.52
C PRO L 133 2.03 -46.48 -22.83
N THR L 134 1.60 -46.89 -24.01
CA THR L 134 1.70 -48.27 -24.50
C THR L 134 3.13 -48.60 -24.89
N HIS L 135 3.51 -49.87 -24.94
CA HIS L 135 4.92 -50.29 -24.76
C HIS L 135 5.98 -49.51 -25.53
N VAL L 136 5.87 -49.27 -26.83
CA VAL L 136 6.86 -48.46 -27.56
C VAL L 136 6.58 -46.94 -27.54
N GLU L 137 5.36 -46.52 -27.24
CA GLU L 137 5.05 -45.11 -26.96
C GLU L 137 5.78 -44.60 -25.71
N ARG L 138 6.15 -45.50 -24.79
CA ARG L 138 6.95 -45.16 -23.60
C ARG L 138 8.33 -44.61 -23.94
N SER L 139 8.80 -44.82 -25.17
CA SER L 139 10.03 -44.22 -25.68
C SER L 139 9.85 -42.76 -26.12
N VAL L 140 8.63 -42.29 -26.37
CA VAL L 140 8.33 -40.92 -26.77
C VAL L 140 7.87 -40.10 -25.58
N TYR L 141 6.98 -40.66 -24.77
CA TYR L 141 6.23 -39.93 -23.76
C TYR L 141 6.58 -40.30 -22.32
N GLY L 142 6.33 -39.35 -21.41
CA GLY L 142 6.26 -39.57 -19.98
C GLY L 142 4.88 -40.00 -19.49
N GLU L 143 4.69 -39.96 -18.18
CA GLU L 143 3.56 -40.53 -17.46
C GLU L 143 2.70 -39.46 -16.76
N GLY L 144 1.41 -39.70 -16.70
CA GLY L 144 0.45 -38.96 -15.88
C GLY L 144 0.40 -39.48 -14.45
N ASP L 145 -0.54 -38.94 -13.68
CA ASP L 145 -0.77 -39.27 -12.26
C ASP L 145 -2.23 -39.68 -12.04
N GLY L 146 -2.61 -40.05 -10.82
CA GLY L 146 -4.04 -40.21 -10.49
C GLY L 146 -4.88 -38.95 -10.67
N SER L 147 -4.26 -37.77 -10.78
CA SER L 147 -4.95 -36.52 -11.12
C SER L 147 -5.49 -36.49 -12.55
N ASP L 148 -5.02 -37.39 -13.41
CA ASP L 148 -5.50 -37.63 -14.78
C ASP L 148 -6.58 -38.71 -14.87
N LEU L 149 -6.99 -39.30 -13.74
CA LEU L 149 -8.18 -40.13 -13.60
C LEU L 149 -9.29 -39.23 -13.05
N ALA L 150 -9.77 -38.31 -13.89
CA ALA L 150 -10.70 -37.25 -13.50
C ALA L 150 -11.88 -37.16 -14.47
N VAL L 151 -13.09 -37.14 -13.91
CA VAL L 151 -14.36 -36.91 -14.58
C VAL L 151 -14.95 -35.59 -14.07
N HIS L 152 -15.26 -34.67 -14.96
CA HIS L 152 -15.57 -33.27 -14.61
C HIS L 152 -17.04 -32.96 -14.76
N ASP L 153 -17.62 -32.20 -13.83
CA ASP L 153 -18.86 -31.48 -14.10
C ASP L 153 -18.68 -30.49 -15.24
N THR L 154 -19.54 -30.58 -16.24
CA THR L 154 -19.67 -29.66 -17.38
C THR L 154 -21.15 -29.43 -17.66
N THR L 155 -21.48 -28.45 -18.51
CA THR L 155 -22.87 -28.22 -18.96
C THR L 155 -23.44 -29.45 -19.69
N LEU L 156 -22.60 -30.37 -20.16
CA LEU L 156 -22.98 -31.64 -20.77
C LEU L 156 -23.06 -32.81 -19.76
N GLY L 157 -22.98 -32.53 -18.46
CA GLY L 157 -22.94 -33.53 -17.41
C GLY L 157 -21.53 -33.96 -17.02
N ARG L 158 -21.38 -35.18 -16.51
CA ARG L 158 -20.16 -35.75 -15.99
C ARG L 158 -19.28 -36.27 -17.13
N LEU L 159 -18.33 -35.46 -17.55
CA LEU L 159 -17.55 -35.63 -18.78
C LEU L 159 -16.12 -36.06 -18.49
N GLY L 160 -15.66 -37.16 -19.06
CA GLY L 160 -14.31 -37.66 -18.84
C GLY L 160 -13.63 -38.19 -20.10
N ALA L 161 -12.32 -38.43 -20.01
CA ALA L 161 -11.53 -38.90 -21.13
C ALA L 161 -10.35 -39.76 -20.69
N LEU L 162 -9.95 -40.68 -21.55
CA LEU L 162 -8.83 -41.63 -21.45
C LEU L 162 -8.32 -41.88 -22.88
N CYS L 163 -7.15 -42.50 -23.11
CA CYS L 163 -6.75 -42.88 -24.47
C CYS L 163 -6.08 -44.23 -24.62
N CYS L 164 -6.41 -44.87 -25.75
CA CYS L 164 -6.19 -46.26 -26.07
C CYS L 164 -6.04 -47.25 -24.90
N ALA L 165 -4.83 -47.66 -24.52
CA ALA L 165 -4.57 -48.68 -23.51
C ALA L 165 -5.23 -48.42 -22.15
N GLU L 166 -5.55 -47.18 -21.79
CA GLU L 166 -6.25 -46.87 -20.55
C GLU L 166 -7.68 -47.42 -20.49
N HIS L 167 -8.22 -47.89 -21.62
CA HIS L 167 -9.45 -48.68 -21.70
C HIS L 167 -9.26 -50.16 -21.41
N ILE L 168 -8.05 -50.67 -21.57
CA ILE L 168 -7.65 -52.03 -21.23
C ILE L 168 -7.37 -52.16 -19.74
N GLN L 169 -6.79 -51.13 -19.13
CA GLN L 169 -6.42 -51.05 -17.71
C GLN L 169 -7.64 -51.03 -16.77
N PRO L 170 -7.93 -52.08 -15.98
CA PRO L 170 -9.16 -52.17 -15.18
C PRO L 170 -9.25 -51.16 -14.04
N LEU L 171 -8.22 -51.00 -13.20
CA LEU L 171 -8.28 -50.02 -12.12
C LEU L 171 -8.32 -48.58 -12.62
N SER L 172 -7.74 -48.32 -13.79
CA SER L 172 -7.72 -46.99 -14.41
C SER L 172 -9.13 -46.61 -14.87
N LYS L 173 -9.88 -47.51 -15.50
CA LYS L 173 -11.28 -47.24 -15.83
C LYS L 173 -12.21 -47.34 -14.64
N TYR L 174 -11.98 -48.19 -13.64
CA TYR L 174 -12.81 -48.19 -12.45
C TYR L 174 -12.70 -46.88 -11.67
N ALA L 175 -11.52 -46.25 -11.65
CA ALA L 175 -11.33 -44.91 -11.10
C ALA L 175 -12.19 -43.84 -11.80
N MET L 176 -12.57 -44.05 -13.06
CA MET L 176 -13.48 -43.18 -13.81
C MET L 176 -14.93 -43.55 -13.52
N TYR L 177 -15.27 -44.86 -13.42
CA TYR L 177 -16.61 -45.25 -12.97
C TYR L 177 -16.92 -44.72 -11.57
N ALA L 178 -15.93 -44.67 -10.67
CA ALA L 178 -16.05 -44.18 -9.30
C ALA L 178 -16.54 -42.74 -9.16
N GLN L 179 -16.46 -41.97 -10.25
CA GLN L 179 -16.84 -40.57 -10.33
C GLN L 179 -18.21 -40.38 -11.00
N HIS L 180 -18.95 -41.47 -11.22
CA HIS L 180 -20.33 -41.50 -11.73
C HIS L 180 -20.46 -40.78 -13.07
N GLU L 181 -19.59 -41.17 -13.98
CA GLU L 181 -19.46 -40.66 -15.35
C GLU L 181 -20.70 -40.84 -16.21
N GLN L 182 -20.95 -39.90 -17.12
CA GLN L 182 -22.10 -39.90 -18.04
C GLN L 182 -21.69 -39.90 -19.52
N VAL L 183 -20.64 -39.16 -19.88
CA VAL L 183 -20.09 -39.10 -21.26
C VAL L 183 -18.58 -39.23 -21.21
N HIS L 184 -18.04 -40.01 -22.13
CA HIS L 184 -16.65 -40.40 -22.17
C HIS L 184 -16.06 -40.17 -23.57
N ILE L 185 -14.80 -39.72 -23.62
CA ILE L 185 -14.00 -39.63 -24.83
C ILE L 185 -12.82 -40.60 -24.77
N ALA L 186 -12.94 -41.68 -25.52
CA ALA L 186 -11.95 -42.71 -25.73
C ALA L 186 -11.10 -42.38 -26.96
N ALA L 187 -10.00 -41.63 -26.83
CA ALA L 187 -9.22 -41.24 -28.00
C ALA L 187 -8.36 -42.40 -28.52
N TRP L 188 -8.40 -42.66 -29.83
CA TRP L 188 -7.63 -43.71 -30.51
C TRP L 188 -6.77 -43.19 -31.68
N PRO L 189 -5.63 -43.79 -31.98
CA PRO L 189 -4.91 -43.54 -33.21
C PRO L 189 -5.56 -44.35 -34.36
N SER L 190 -4.93 -44.37 -35.53
CA SER L 190 -5.39 -45.18 -36.65
C SER L 190 -5.13 -46.67 -36.42
N PHE L 191 -6.09 -47.54 -36.70
CA PHE L 191 -5.93 -48.99 -36.61
C PHE L 191 -5.42 -49.61 -37.93
N SER L 192 -4.54 -48.94 -38.63
CA SER L 192 -3.87 -49.41 -39.84
C SER L 192 -2.45 -49.93 -39.58
N VAL L 193 -1.96 -49.81 -38.35
CA VAL L 193 -0.64 -50.30 -37.96
C VAL L 193 -0.68 -51.81 -37.75
N TYR L 194 0.31 -52.53 -38.29
CA TYR L 194 0.47 -53.97 -38.17
C TYR L 194 -0.82 -54.76 -38.51
N ARG L 195 -1.49 -54.38 -39.61
CA ARG L 195 -2.76 -54.99 -40.03
C ARG L 195 -2.64 -56.50 -40.16
N GLY L 196 -3.38 -57.24 -39.34
CA GLY L 196 -3.38 -58.70 -39.35
C GLY L 196 -2.11 -59.38 -38.80
N ALA L 197 -1.12 -58.62 -38.32
CA ALA L 197 0.11 -59.16 -37.73
C ALA L 197 0.11 -59.16 -36.18
N ALA L 198 -0.61 -58.25 -35.53
CA ALA L 198 -0.71 -58.14 -34.06
C ALA L 198 -2.10 -57.66 -33.62
N PHE L 199 -2.91 -58.53 -33.03
CA PHE L 199 -4.35 -58.26 -32.81
C PHE L 199 -4.61 -57.11 -31.84
N GLN L 200 -3.71 -56.84 -30.89
CA GLN L 200 -3.89 -55.80 -29.86
C GLN L 200 -3.95 -54.37 -30.42
N LEU L 201 -3.44 -54.15 -31.65
CA LEU L 201 -3.50 -52.89 -32.37
C LEU L 201 -4.65 -52.83 -33.40
N SER L 202 -5.47 -53.88 -33.50
CA SER L 202 -6.55 -53.99 -34.49
C SER L 202 -7.80 -53.21 -34.12
N ALA L 203 -8.59 -52.80 -35.11
CA ALA L 203 -9.87 -52.15 -34.81
C ALA L 203 -10.83 -53.07 -34.06
N GLN L 204 -10.82 -54.36 -34.39
CA GLN L 204 -11.62 -55.42 -33.75
C GLN L 204 -11.40 -55.45 -32.24
N ALA L 205 -10.15 -55.51 -31.80
CA ALA L 205 -9.80 -55.46 -30.38
C ALA L 205 -10.21 -54.15 -29.70
N ASN L 206 -9.92 -53.03 -30.33
CA ASN L 206 -9.99 -51.70 -29.69
C ASN L 206 -11.37 -51.01 -29.77
N ASN L 207 -12.20 -51.41 -30.73
CA ASN L 207 -13.63 -51.13 -30.68
C ASN L 207 -14.34 -52.00 -29.64
N ALA L 208 -13.94 -53.24 -29.41
CA ALA L 208 -14.42 -54.01 -28.27
C ALA L 208 -14.00 -53.38 -26.93
N ALA L 209 -12.77 -52.86 -26.79
CA ALA L 209 -12.34 -52.15 -25.58
C ALA L 209 -13.24 -50.95 -25.29
N SER L 210 -13.60 -50.17 -26.31
CA SER L 210 -14.46 -48.99 -26.18
C SER L 210 -15.93 -49.36 -25.95
N GLN L 211 -16.42 -50.40 -26.63
CA GLN L 211 -17.77 -50.91 -26.46
C GLN L 211 -17.97 -51.47 -25.06
N VAL L 212 -17.00 -52.20 -24.54
CA VAL L 212 -17.00 -52.74 -23.18
C VAL L 212 -16.84 -51.62 -22.16
N TYR L 213 -16.14 -50.52 -22.44
CA TYR L 213 -16.12 -49.36 -21.54
C TYR L 213 -17.53 -48.72 -21.42
N ALA L 214 -18.25 -48.58 -22.53
CA ALA L 214 -19.61 -48.06 -22.54
C ALA L 214 -20.57 -48.92 -21.73
N LEU L 215 -20.39 -50.24 -21.79
CA LEU L 215 -21.18 -51.25 -21.08
C LEU L 215 -20.82 -51.44 -19.59
N GLU L 216 -19.54 -51.36 -19.23
CA GLU L 216 -19.08 -51.43 -17.86
C GLU L 216 -19.32 -50.15 -17.06
N GLY L 217 -19.13 -48.98 -17.66
CA GLY L 217 -19.32 -47.70 -16.98
C GLY L 217 -20.70 -47.06 -17.08
N GLN L 218 -21.54 -47.55 -18.00
CA GLN L 218 -22.83 -47.00 -18.38
C GLN L 218 -22.77 -45.50 -18.71
N CYS L 219 -21.99 -45.17 -19.73
CA CYS L 219 -21.82 -43.83 -20.25
C CYS L 219 -21.70 -43.85 -21.78
N PHE L 220 -22.00 -42.72 -22.43
CA PHE L 220 -21.87 -42.65 -23.88
C PHE L 220 -20.39 -42.52 -24.23
N VAL L 221 -19.83 -43.43 -25.02
CA VAL L 221 -18.40 -43.45 -25.37
C VAL L 221 -18.20 -42.97 -26.78
N LEU L 222 -17.77 -41.72 -26.95
CA LEU L 222 -17.15 -41.27 -28.17
C LEU L 222 -15.80 -41.97 -28.32
N ALA L 223 -15.55 -42.61 -29.45
CA ALA L 223 -14.30 -43.25 -29.81
C ALA L 223 -13.75 -42.62 -31.10
N PRO L 224 -13.29 -41.35 -31.08
CA PRO L 224 -12.62 -40.74 -32.23
C PRO L 224 -11.33 -41.48 -32.53
N CYS L 225 -11.11 -41.74 -33.81
CA CYS L 225 -10.00 -42.54 -34.30
C CYS L 225 -9.39 -41.82 -35.50
N ALA L 226 -8.07 -41.67 -35.51
CA ALA L 226 -7.38 -41.00 -36.58
C ALA L 226 -7.47 -41.84 -37.87
N THR L 227 -7.00 -41.29 -38.99
CA THR L 227 -6.74 -42.09 -40.18
C THR L 227 -5.40 -41.69 -40.78
N VAL L 228 -4.66 -42.66 -41.31
CA VAL L 228 -3.44 -42.39 -42.07
C VAL L 228 -3.81 -42.10 -43.52
N SER L 229 -3.46 -40.92 -44.03
CA SER L 229 -3.74 -40.47 -45.41
C SER L 229 -2.62 -40.77 -46.43
N LYS L 230 -2.97 -40.76 -47.73
CA LYS L 230 -2.08 -41.05 -48.87
C LYS L 230 -0.75 -40.29 -48.82
N GLU L 231 -0.77 -38.99 -48.54
CA GLU L 231 0.42 -38.13 -48.57
C GLU L 231 1.27 -38.25 -47.28
N MET L 232 0.66 -38.66 -46.18
CA MET L 232 1.36 -38.91 -44.91
C MET L 232 2.31 -40.12 -45.00
N LEU L 233 1.93 -41.16 -45.75
CA LEU L 233 2.78 -42.32 -45.99
C LEU L 233 4.02 -41.98 -46.82
N ASP L 234 3.99 -41.00 -47.71
CA ASP L 234 5.17 -40.57 -48.48
C ASP L 234 6.25 -39.89 -47.64
N GLU L 235 5.92 -39.47 -46.42
CA GLU L 235 6.83 -38.89 -45.44
C GLU L 235 7.44 -39.93 -44.48
N LEU L 236 6.85 -41.13 -44.45
CA LEU L 236 6.83 -42.03 -43.30
C LEU L 236 7.16 -43.50 -43.65
N ILE L 237 7.04 -43.89 -44.91
CA ILE L 237 7.49 -45.17 -45.49
C ILE L 237 8.74 -44.90 -46.36
N ASP L 238 9.85 -45.60 -46.15
CA ASP L 238 11.10 -45.40 -46.93
C ASP L 238 11.44 -46.58 -47.86
N SER L 239 10.71 -47.68 -47.76
CA SER L 239 11.01 -48.97 -48.39
C SER L 239 9.80 -49.91 -48.41
N PRO L 240 9.78 -50.93 -49.29
CA PRO L 240 8.65 -51.85 -49.41
C PRO L 240 8.50 -52.77 -48.19
N ALA L 241 9.57 -53.04 -47.44
CA ALA L 241 9.54 -53.83 -46.19
C ALA L 241 8.76 -53.16 -45.04
N LYS L 242 8.44 -51.87 -45.14
CA LYS L 242 7.64 -51.11 -44.16
C LYS L 242 6.22 -50.84 -44.66
N ALA L 243 5.89 -51.17 -45.91
CA ALA L 243 4.60 -50.83 -46.48
C ALA L 243 3.42 -51.48 -45.76
N GLU L 244 3.50 -52.77 -45.46
CA GLU L 244 2.47 -53.53 -44.74
C GLU L 244 2.52 -53.34 -43.22
N LEU L 245 3.48 -52.56 -42.70
CA LEU L 245 3.53 -52.20 -41.30
C LEU L 245 2.58 -51.05 -40.97
N LEU L 246 2.22 -50.19 -41.93
CA LEU L 246 1.25 -49.12 -41.72
C LEU L 246 0.49 -48.82 -43.02
N LEU L 247 -0.80 -49.19 -43.06
CA LEU L 247 -1.65 -49.00 -44.24
C LEU L 247 -2.30 -47.61 -44.30
N GLU L 248 -2.78 -47.25 -45.48
CA GLU L 248 -3.66 -46.10 -45.64
C GLU L 248 -5.06 -46.43 -45.13
N GLY L 249 -5.69 -45.46 -44.46
CA GLY L 249 -6.95 -45.66 -43.77
C GLY L 249 -6.74 -45.87 -42.30
N GLY L 250 -7.16 -47.00 -41.77
CA GLY L 250 -7.19 -47.26 -40.32
C GLY L 250 -8.24 -46.49 -39.54
N GLY L 251 -9.11 -45.70 -40.17
CA GLY L 251 -10.16 -44.96 -39.48
C GLY L 251 -11.35 -45.85 -39.13
N PHE L 252 -11.43 -46.27 -37.88
CA PHE L 252 -12.54 -47.04 -37.34
C PHE L 252 -13.12 -46.35 -36.10
N ALA L 253 -13.39 -45.05 -36.21
CA ALA L 253 -14.07 -44.29 -35.18
C ALA L 253 -15.47 -44.84 -34.97
N MET L 254 -16.00 -44.69 -33.77
CA MET L 254 -17.31 -45.17 -33.34
C MET L 254 -17.87 -44.29 -32.23
N ILE L 255 -19.19 -44.36 -31.99
CA ILE L 255 -19.81 -43.80 -30.80
C ILE L 255 -20.74 -44.87 -30.22
N TYR L 256 -20.68 -45.11 -28.91
CA TYR L 256 -21.46 -46.12 -28.21
C TYR L 256 -22.34 -45.53 -27.14
N GLY L 257 -23.52 -46.08 -26.93
CA GLY L 257 -24.41 -45.71 -25.83
C GLY L 257 -24.07 -46.45 -24.54
N PRO L 258 -24.71 -46.09 -23.41
CA PRO L 258 -24.41 -46.61 -22.07
C PRO L 258 -24.71 -48.10 -21.85
N ASP L 259 -25.13 -48.81 -22.88
CA ASP L 259 -25.43 -50.23 -22.89
C ASP L 259 -24.62 -50.95 -23.99
N GLY L 260 -23.58 -50.31 -24.51
CA GLY L 260 -22.69 -50.89 -25.52
C GLY L 260 -23.28 -50.97 -26.93
N ALA L 261 -24.46 -50.42 -27.18
CA ALA L 261 -25.01 -50.32 -28.52
C ALA L 261 -24.29 -49.20 -29.30
N PRO L 262 -23.81 -49.40 -30.53
CA PRO L 262 -23.28 -48.33 -31.35
C PRO L 262 -24.39 -47.38 -31.82
N LEU L 263 -24.15 -46.09 -31.64
CA LEU L 263 -25.09 -45.02 -32.00
C LEU L 263 -24.74 -44.35 -33.32
N CYS L 264 -23.53 -44.55 -33.85
CA CYS L 264 -23.04 -43.86 -35.04
C CYS L 264 -23.48 -44.53 -36.35
N THR L 265 -23.79 -43.71 -37.36
CA THR L 265 -23.85 -44.13 -38.77
C THR L 265 -22.42 -44.30 -39.31
N PRO L 266 -22.10 -45.40 -40.00
CA PRO L 266 -20.72 -45.77 -40.35
C PRO L 266 -19.96 -44.80 -41.25
N LEU L 267 -18.63 -44.97 -41.26
CA LEU L 267 -17.70 -44.41 -42.25
C LEU L 267 -16.83 -45.57 -42.75
N ALA L 268 -16.36 -45.49 -44.00
CA ALA L 268 -15.35 -46.42 -44.49
C ALA L 268 -13.99 -46.19 -43.81
N GLU L 269 -13.09 -47.16 -43.91
CA GLU L 269 -11.79 -47.15 -43.24
C GLU L 269 -10.87 -46.01 -43.70
N THR L 270 -10.90 -45.67 -44.99
CA THR L 270 -10.11 -44.59 -45.58
C THR L 270 -10.81 -43.23 -45.56
N GLU L 271 -12.09 -43.18 -45.18
CA GLU L 271 -12.94 -41.98 -45.25
C GLU L 271 -12.63 -40.97 -44.14
N GLU L 272 -12.23 -39.76 -44.48
CA GLU L 272 -12.22 -38.68 -43.48
C GLU L 272 -13.64 -38.17 -43.24
N GLY L 273 -13.97 -37.81 -42.01
CA GLY L 273 -15.31 -37.34 -41.64
C GLY L 273 -15.46 -37.00 -40.16
N ILE L 274 -16.68 -36.70 -39.74
CA ILE L 274 -17.07 -36.61 -38.34
C ILE L 274 -18.32 -37.48 -38.17
N LEU L 275 -18.32 -38.37 -37.16
CA LEU L 275 -19.50 -39.14 -36.76
C LEU L 275 -20.36 -38.28 -35.82
N TYR L 276 -21.69 -38.32 -35.96
CA TYR L 276 -22.62 -37.62 -35.08
C TYR L 276 -23.61 -38.59 -34.45
N ALA L 277 -24.02 -38.33 -33.21
CA ALA L 277 -25.03 -39.11 -32.50
C ALA L 277 -25.83 -38.25 -31.51
N ASP L 278 -27.04 -38.72 -31.17
CA ASP L 278 -27.97 -38.07 -30.25
C ASP L 278 -27.81 -38.63 -28.84
N ILE L 279 -27.57 -37.76 -27.86
CA ILE L 279 -27.25 -38.10 -26.47
C ILE L 279 -28.37 -37.66 -25.55
N ASP L 280 -28.97 -38.60 -24.85
CA ASP L 280 -29.96 -38.37 -23.80
C ASP L 280 -29.47 -38.95 -22.49
N LEU L 281 -29.11 -38.09 -21.54
CA LEU L 281 -28.56 -38.56 -20.27
C LEU L 281 -29.57 -39.37 -19.44
N GLY L 282 -30.87 -39.22 -19.68
CA GLY L 282 -31.90 -40.07 -19.09
C GLY L 282 -31.86 -41.53 -19.53
N VAL L 283 -31.18 -41.90 -20.63
CA VAL L 283 -31.01 -43.33 -20.99
C VAL L 283 -30.04 -44.05 -20.05
N ILE L 284 -29.13 -43.33 -19.39
CA ILE L 284 -28.21 -43.91 -18.41
C ILE L 284 -28.96 -44.50 -17.24
N GLY L 285 -30.11 -43.94 -16.84
CA GLY L 285 -30.99 -44.55 -15.82
C GLY L 285 -31.50 -45.94 -16.20
N VAL L 286 -31.83 -46.18 -17.47
CA VAL L 286 -32.23 -47.50 -17.96
C VAL L 286 -31.00 -48.41 -18.05
N ALA L 287 -29.89 -47.92 -18.58
CA ALA L 287 -28.68 -48.71 -18.79
C ALA L 287 -28.07 -49.20 -17.48
N LYS L 288 -28.17 -48.38 -16.43
CA LYS L 288 -27.82 -48.73 -15.05
C LYS L 288 -28.83 -49.61 -14.33
N ALA L 289 -29.92 -50.06 -14.94
CA ALA L 289 -30.77 -51.09 -14.33
C ALA L 289 -30.11 -52.46 -14.34
N ALA L 290 -29.29 -52.75 -15.35
CA ALA L 290 -28.57 -54.02 -15.51
C ALA L 290 -27.28 -54.09 -14.69
N TYR L 291 -26.39 -53.12 -14.89
CA TYR L 291 -25.04 -53.09 -14.34
C TYR L 291 -24.76 -51.74 -13.66
N ASP L 292 -23.98 -51.73 -12.59
CA ASP L 292 -23.45 -50.50 -11.98
C ASP L 292 -22.25 -50.85 -11.07
N PRO L 293 -21.00 -50.79 -11.56
CA PRO L 293 -19.86 -51.44 -10.90
C PRO L 293 -19.42 -50.72 -9.62
N VAL L 294 -20.00 -49.55 -9.33
CA VAL L 294 -19.75 -48.70 -8.17
C VAL L 294 -21.02 -48.41 -7.36
N GLY L 295 -22.11 -49.11 -7.66
CA GLY L 295 -23.39 -49.06 -6.96
C GLY L 295 -23.88 -50.46 -6.67
N HIS L 296 -25.05 -50.83 -7.20
CA HIS L 296 -25.72 -52.08 -6.85
C HIS L 296 -24.97 -53.34 -7.23
N TYR L 297 -24.05 -53.27 -8.20
CA TYR L 297 -23.22 -54.42 -8.58
C TYR L 297 -21.96 -54.58 -7.72
N SER L 298 -21.59 -53.54 -6.99
CA SER L 298 -20.35 -53.53 -6.20
C SER L 298 -20.46 -54.36 -4.92
N ARG L 299 -19.33 -54.97 -4.54
CA ARG L 299 -19.13 -55.62 -3.25
C ARG L 299 -17.94 -55.01 -2.52
N PRO L 300 -18.12 -53.85 -1.85
CA PRO L 300 -17.08 -53.23 -1.05
C PRO L 300 -16.68 -54.07 0.17
N ASP L 301 -17.39 -55.16 0.47
CA ASP L 301 -16.97 -56.21 1.41
C ASP L 301 -15.91 -57.16 0.83
N VAL L 302 -15.58 -57.08 -0.45
CA VAL L 302 -14.64 -57.97 -1.15
C VAL L 302 -13.57 -57.19 -1.89
N LEU L 303 -13.94 -56.14 -2.62
CA LEU L 303 -13.05 -55.35 -3.47
C LEU L 303 -13.30 -53.84 -3.25
N ARG L 304 -12.25 -53.07 -3.05
CA ARG L 304 -12.23 -51.60 -3.02
C ARG L 304 -11.08 -51.09 -3.89
N LEU L 305 -11.18 -49.85 -4.36
CA LEU L 305 -10.09 -49.17 -5.04
C LEU L 305 -9.34 -48.30 -4.04
N LEU L 306 -8.03 -48.47 -3.95
CA LEU L 306 -7.11 -47.53 -3.30
C LEU L 306 -6.53 -46.63 -4.42
N VAL L 307 -6.67 -45.31 -4.31
CA VAL L 307 -6.29 -44.40 -5.40
C VAL L 307 -5.60 -43.14 -4.86
N ASN L 308 -4.37 -42.92 -5.27
CA ASN L 308 -3.68 -41.67 -5.01
C ASN L 308 -4.14 -40.65 -6.05
N ARG L 309 -5.04 -39.76 -5.63
CA ARG L 309 -5.66 -38.73 -6.46
C ARG L 309 -4.75 -37.53 -6.74
N GLU L 310 -3.66 -37.37 -6.00
CA GLU L 310 -2.86 -36.15 -5.99
C GLU L 310 -1.91 -36.02 -7.20
N PRO L 311 -1.70 -34.81 -7.73
CA PRO L 311 -0.70 -34.55 -8.76
C PRO L 311 0.70 -34.67 -8.16
N MET L 312 1.59 -35.42 -8.80
CA MET L 312 2.96 -35.62 -8.33
C MET L 312 3.91 -34.56 -8.87
N THR L 313 5.02 -34.32 -8.16
CA THR L 313 6.00 -33.30 -8.53
C THR L 313 7.42 -33.78 -8.22
N ARG L 314 8.42 -33.43 -9.05
CA ARG L 314 9.81 -33.88 -8.80
C ARG L 314 10.50 -33.10 -7.69
N VAL L 315 10.11 -31.84 -7.48
CA VAL L 315 10.71 -30.93 -6.50
C VAL L 315 9.63 -30.22 -5.67
N HIS L 316 9.83 -30.19 -4.36
CA HIS L 316 9.08 -29.42 -3.41
C HIS L 316 9.90 -28.23 -3.01
N TYR L 317 9.31 -27.05 -3.00
CA TYR L 317 9.95 -25.83 -2.58
C TYR L 317 9.44 -25.45 -1.19
N VAL L 318 10.37 -25.27 -0.25
CA VAL L 318 10.11 -24.85 1.12
C VAL L 318 9.61 -23.40 1.13
N GLN L 319 8.53 -23.12 1.85
CA GLN L 319 7.89 -21.81 1.96
C GLN L 319 8.12 -21.24 3.38
N PRO L 320 8.44 -19.93 3.53
CA PRO L 320 8.89 -19.39 4.82
C PRO L 320 7.76 -19.24 5.84
#